data_9M67
#
_entry.id   9M67
#
_cell.length_a   1.00
_cell.length_b   1.00
_cell.length_c   1.00
_cell.angle_alpha   90.00
_cell.angle_beta   90.00
_cell.angle_gamma   90.00
#
_symmetry.space_group_name_H-M   'P 1'
#
_entity_poly.entity_id   1
_entity_poly.type   'polypeptide(L)'
_entity_poly.pdbx_seq_one_letter_code
;MHHHHHHHHHHENLYFQGGSMAQVINTNSLSLLTQNNLNKSQSALGTAIERLSSGLRINSAKDDAAGQAIANRFTANIKG
LTQASRNANDGISIAQTTEGALNEINNNLQRVRELAVQSANSTNSQSDLDSIQAEITQRLNEIDRVSGQTQFNGVKVLAQ
DNTLTIQVGANDGETIDIDLKQINSQTLGLDTLNVQQKYKVSDTAATVTGYADTTIALDNSTFKASATGLGGTDQKIDGD
LKFDDTTGKYYAKVTVTGGTGKDGYYEVSVDKTNGEVTLAGGATSPLTGGLPATATEDVKNVQVANADLTEAKAALTAAG
VTGTASVVKMSYTDNNGKTIDGGLAVKVGDDYYSATQNKDGSISINTTKYTADDGTSKTALNKLGGADGKTEVVSIGGKT
YAASKAEGHNFKAQPDLAEAAATTTENPLQKIDAALAQVDTLRSDLGAVQNRFNSAITNLGNTVNNLTSARSRIEDSDYA
TEVSNMSRAQILQQAGTSVLAQANQVPQNVLSLLRGSGAGGSEGGMASISSLGVGSNLPLDQLLTDLTKNEKGRLTPITK
QQSANSAKLTAYGTLKSALEKFQTANTALNKADLFKSTVASSTTEDLKVSTTAGACAGTYKINVTQLAAAQSLATKTTFA
TTKEQLGDTSVTSRTIKIEQPGRKEPLEIKLDKGDTSMEAIRDAINDADSGICASIVKVKENEFQLVLTANSGTDNTMKI
TVEGDTKLNDLLAYDSTTNTGNMQELVKAENAKLNVNGIDIERQSNTVTDAPQGITLTLTKKVTDATVTVTKDDTKAKEA
IKSWVDAYNSLVDTFSSLTKYTAVEPGEEASDKNGALLGDSVVRTIQTGIRAQFANSGSNSAFKTMAEIGITQDGTSGKL
KIDDDKLTKVLKDNTAAARELLVGDGKETGITTKIATEVKSYLADDGIIDNAQDNVNATLKSLTKQYLSVSNSIDETVAR
YKAQFTQLDTMMSKLNNTSSYLTQQFTAMNKS
;
_entity_poly.pdbx_strand_id   A,B,C,D,E,F,G,H,I,J
#
# COMPACT_ATOMS: atom_id res chain seq x y z
N THR A 545 37.21 -46.01 27.50
CA THR A 545 35.83 -45.89 27.03
C THR A 545 34.85 -46.32 28.12
N ASP A 546 35.13 -47.46 28.75
CA ASP A 546 34.25 -47.94 29.82
C ASP A 546 34.24 -46.97 31.00
N LEU A 547 35.41 -46.49 31.41
CA LEU A 547 35.44 -45.45 32.44
C LEU A 547 35.04 -44.10 31.88
N THR A 548 35.22 -43.90 30.57
CA THR A 548 34.64 -42.71 29.94
C THR A 548 33.12 -42.74 30.04
N LYS A 549 32.52 -43.91 29.80
CA LYS A 549 31.07 -44.04 29.97
C LYS A 549 30.67 -43.91 31.43
N ASN A 550 31.49 -44.43 32.35
CA ASN A 550 31.19 -44.30 33.77
C ASN A 550 31.22 -42.84 34.21
N GLU A 551 32.21 -42.07 33.74
CA GLU A 551 32.27 -40.65 34.03
C GLU A 551 31.16 -39.87 33.33
N LYS A 552 30.70 -40.34 32.17
CA LYS A 552 29.52 -39.71 31.56
C LYS A 552 28.27 -39.97 32.37
N GLY A 553 28.15 -41.18 32.93
CA GLY A 553 27.05 -41.46 33.85
C GLY A 553 27.14 -40.62 35.11
N ARG A 554 28.37 -40.38 35.58
CA ARG A 554 28.58 -39.45 36.68
C ARG A 554 28.18 -38.03 36.27
N LEU A 555 28.45 -37.67 35.02
CA LEU A 555 28.07 -36.36 34.50
C LEU A 555 26.56 -36.22 34.35
N THR A 556 25.85 -37.32 34.16
CA THR A 556 24.41 -37.27 33.87
C THR A 556 23.65 -36.31 34.77
N PRO A 557 23.64 -36.44 36.11
CA PRO A 557 23.10 -35.36 36.92
C PRO A 557 24.00 -34.13 37.01
N ILE A 558 25.33 -34.28 36.91
CA ILE A 558 26.21 -33.12 36.89
C ILE A 558 26.02 -32.29 35.63
N THR A 559 26.02 -32.94 34.46
CA THR A 559 25.78 -32.19 33.22
C THR A 559 24.33 -31.73 33.15
N LYS A 560 23.41 -32.51 33.71
CA LYS A 560 22.02 -32.06 33.80
C LYS A 560 21.92 -30.78 34.61
N GLN A 561 22.63 -30.71 35.74
CA GLN A 561 22.63 -29.51 36.57
C GLN A 561 23.37 -28.36 35.90
N GLN A 562 24.40 -28.66 35.11
CA GLN A 562 25.11 -27.60 34.39
C GLN A 562 24.23 -26.98 33.32
N SER A 563 23.55 -27.82 32.53
CA SER A 563 22.61 -27.32 31.54
C SER A 563 21.43 -26.63 32.22
N ALA A 564 20.99 -27.15 33.37
CA ALA A 564 19.93 -26.50 34.13
C ALA A 564 20.38 -25.14 34.62
N ASN A 565 21.65 -25.00 35.02
CA ASN A 565 22.17 -23.71 35.46
C ASN A 565 22.31 -22.74 34.31
N SER A 566 22.69 -23.24 33.12
CA SER A 566 22.71 -22.39 31.94
C SER A 566 21.31 -21.89 31.60
N ALA A 567 20.34 -22.80 31.56
CA ALA A 567 18.96 -22.40 31.32
C ALA A 567 18.42 -21.55 32.45
N LYS A 568 18.98 -21.69 33.66
CA LYS A 568 18.54 -20.88 34.78
C LYS A 568 19.09 -19.46 34.69
N LEU A 569 20.32 -19.31 34.19
CA LEU A 569 20.84 -17.98 33.89
C LEU A 569 20.03 -17.33 32.78
N THR A 570 19.68 -18.11 31.75
CA THR A 570 18.80 -17.60 30.69
C THR A 570 17.44 -17.20 31.26
N ALA A 571 16.88 -18.02 32.15
CA ALA A 571 15.60 -17.72 32.77
C ALA A 571 15.68 -16.48 33.64
N TYR A 572 16.78 -16.32 34.36
CA TYR A 572 16.97 -15.11 35.17
C TYR A 572 17.06 -13.88 34.28
N GLY A 573 17.76 -13.98 33.15
CA GLY A 573 17.80 -12.86 32.23
C GLY A 573 16.43 -12.51 31.67
N THR A 574 15.67 -13.53 31.26
CA THR A 574 14.33 -13.29 30.73
C THR A 574 13.41 -12.72 31.81
N LEU A 575 13.51 -13.23 33.03
CA LEU A 575 12.73 -12.73 34.15
C LEU A 575 13.07 -11.27 34.45
N LYS A 576 14.36 -10.93 34.44
CA LYS A 576 14.74 -9.54 34.67
C LYS A 576 14.23 -8.64 33.56
N SER A 577 14.28 -9.12 32.30
CA SER A 577 13.75 -8.32 31.20
C SER A 577 12.25 -8.11 31.33
N ALA A 578 11.51 -9.16 31.69
CA ALA A 578 10.06 -9.04 31.83
C ALA A 578 9.71 -8.10 32.98
N LEU A 579 10.41 -8.23 34.12
CA LEU A 579 10.16 -7.31 35.22
C LEU A 579 10.57 -5.89 34.87
N GLU A 580 11.60 -5.72 34.03
CA GLU A 580 11.98 -4.38 33.61
C GLU A 580 10.90 -3.74 32.76
N LYS A 581 10.34 -4.49 31.81
CA LYS A 581 9.26 -3.97 30.99
C LYS A 581 8.02 -3.67 31.85
N PHE A 582 7.70 -4.57 32.79
CA PHE A 582 6.57 -4.34 33.67
C PHE A 582 6.78 -3.12 34.55
N GLN A 583 8.00 -2.94 35.05
CA GLN A 583 8.30 -1.76 35.86
C GLN A 583 8.18 -0.48 35.04
N THR A 584 8.64 -0.53 33.79
CA THR A 584 8.50 0.64 32.92
C THR A 584 7.03 1.00 32.72
N ALA A 585 6.20 0.02 32.37
CA ALA A 585 4.79 0.30 32.16
C ALA A 585 4.11 0.76 33.44
N ASN A 586 4.43 0.12 34.56
CA ASN A 586 3.82 0.47 35.84
C ASN A 586 4.20 1.88 36.27
N THR A 587 5.46 2.28 36.06
CA THR A 587 5.86 3.65 36.36
C THR A 587 5.22 4.64 35.40
N ALA A 588 5.03 4.24 34.14
CA ALA A 588 4.30 5.10 33.21
C ALA A 588 2.87 5.34 33.69
N LEU A 589 2.25 4.31 34.29
CA LEU A 589 0.92 4.49 34.85
C LEU A 589 0.92 5.33 36.13
N ASN A 590 2.06 5.41 36.83
CA ASN A 590 2.10 6.04 38.13
C ASN A 590 1.96 7.55 38.09
N LYS A 591 1.69 8.15 36.93
CA LYS A 591 1.51 9.60 36.85
C LYS A 591 0.03 9.94 37.02
N ALA A 592 -0.26 10.80 37.99
CA ALA A 592 -1.65 11.19 38.27
C ALA A 592 -2.21 12.16 37.24
N ASP A 593 -1.35 12.84 36.48
CA ASP A 593 -1.80 13.85 35.54
C ASP A 593 -2.60 13.29 34.37
N LEU A 594 -2.61 11.96 34.19
CA LEU A 594 -3.38 11.39 33.10
C LEU A 594 -4.87 11.48 33.36
N PHE A 595 -5.28 11.36 34.63
CA PHE A 595 -6.69 11.41 34.96
C PHE A 595 -7.24 12.83 34.94
N LYS A 596 -6.40 13.83 35.18
CA LYS A 596 -6.79 15.23 35.03
C LYS A 596 -6.36 15.73 33.66
N SER A 597 -7.12 15.33 32.64
CA SER A 597 -6.83 15.72 31.27
C SER A 597 -8.12 16.16 30.59
N THR A 598 -8.01 17.22 29.78
CA THR A 598 -9.15 17.76 29.06
C THR A 598 -8.71 18.09 27.63
N VAL A 599 -9.69 18.48 26.82
CA VAL A 599 -9.45 18.90 25.44
C VAL A 599 -10.31 20.13 25.17
N ALA A 600 -9.74 21.10 24.46
CA ALA A 600 -10.38 22.38 24.24
C ALA A 600 -10.57 22.65 22.76
N SER A 601 -11.66 23.35 22.44
CA SER A 601 -11.96 23.73 21.07
C SER A 601 -12.43 25.18 21.04
N SER A 602 -12.21 25.84 19.92
CA SER A 602 -12.56 27.25 19.75
C SER A 602 -13.41 27.42 18.50
N THR A 603 -14.37 28.34 18.56
CA THR A 603 -15.23 28.59 17.41
C THR A 603 -14.53 29.40 16.34
N THR A 604 -13.69 30.35 16.74
CA THR A 604 -13.05 31.25 15.80
C THR A 604 -11.69 30.69 15.38
N GLU A 605 -11.36 30.89 14.11
CA GLU A 605 -10.05 30.45 13.60
C GLU A 605 -8.93 31.39 14.02
N ASP A 606 -9.27 32.61 14.46
CA ASP A 606 -8.24 33.54 14.90
C ASP A 606 -7.65 33.12 16.24
N LEU A 607 -8.50 33.00 17.26
CA LEU A 607 -8.04 32.58 18.57
C LEU A 607 -7.64 31.11 18.55
N LYS A 608 -6.45 30.81 19.04
CA LYS A 608 -5.97 29.44 19.12
C LYS A 608 -5.92 29.01 20.58
N VAL A 609 -6.34 27.78 20.85
CA VAL A 609 -6.49 27.30 22.21
C VAL A 609 -5.78 25.96 22.37
N SER A 610 -5.11 25.80 23.50
CA SER A 610 -4.48 24.54 23.87
C SER A 610 -4.70 24.31 25.36
N THR A 611 -4.58 23.07 25.79
CA THR A 611 -4.88 22.71 27.17
C THR A 611 -3.75 21.89 27.77
N THR A 612 -3.27 22.31 28.94
CA THR A 612 -2.28 21.57 29.69
C THR A 612 -2.99 20.67 30.71
N ALA A 613 -2.23 20.13 31.66
CA ALA A 613 -2.80 19.26 32.68
C ALA A 613 -3.34 20.07 33.85
N GLY A 614 -4.50 19.68 34.34
CA GLY A 614 -5.12 20.34 35.47
C GLY A 614 -6.24 21.30 35.12
N ALA A 615 -6.64 21.39 33.86
CA ALA A 615 -7.68 22.31 33.47
C ALA A 615 -9.04 21.88 34.00
N CYS A 616 -10.02 22.77 33.91
CA CYS A 616 -11.38 22.51 34.35
C CYS A 616 -12.33 22.67 33.17
N ALA A 617 -13.30 21.76 33.08
CA ALA A 617 -14.26 21.79 31.98
C ALA A 617 -15.21 22.97 32.12
N GLY A 618 -15.66 23.48 30.98
CA GLY A 618 -16.60 24.59 30.98
C GLY A 618 -16.60 25.29 29.64
N THR A 619 -17.20 26.48 29.64
CA THR A 619 -17.28 27.33 28.46
C THR A 619 -16.86 28.73 28.84
N TYR A 620 -15.96 29.32 28.05
CA TYR A 620 -15.41 30.63 28.32
C TYR A 620 -15.70 31.56 27.14
N LYS A 621 -16.05 32.81 27.45
CA LYS A 621 -16.32 33.83 26.45
C LYS A 621 -15.15 34.81 26.46
N ILE A 622 -14.36 34.80 25.40
CA ILE A 622 -13.15 35.61 25.28
C ILE A 622 -13.43 36.78 24.36
N ASN A 623 -13.11 37.98 24.84
CA ASN A 623 -13.17 39.20 24.02
C ASN A 623 -11.80 39.86 24.06
N VAL A 624 -11.13 39.92 22.91
CA VAL A 624 -9.79 40.49 22.82
C VAL A 624 -9.92 41.94 22.41
N THR A 625 -9.35 42.84 23.22
CA THR A 625 -9.43 44.28 22.99
C THR A 625 -8.17 44.84 22.35
N GLN A 626 -6.99 44.34 22.72
CA GLN A 626 -5.73 44.86 22.21
C GLN A 626 -4.80 43.69 21.90
N LEU A 627 -3.77 43.99 21.11
CA LEU A 627 -2.75 43.02 20.76
C LEU A 627 -1.38 43.59 21.10
N ALA A 628 -0.51 42.75 21.64
CA ALA A 628 0.81 43.20 22.05
C ALA A 628 1.66 43.56 20.85
N ALA A 629 2.52 44.56 21.03
CA ALA A 629 3.41 45.02 19.98
C ALA A 629 4.80 45.24 20.55
N ALA A 630 5.80 45.19 19.68
CA ALA A 630 7.20 45.28 20.06
C ALA A 630 7.80 46.55 19.50
N GLN A 631 8.49 47.30 20.34
CA GLN A 631 9.08 48.57 19.92
C GLN A 631 10.15 48.35 18.86
N SER A 632 10.14 49.19 17.84
CA SER A 632 11.14 49.16 16.78
C SER A 632 11.72 50.55 16.63
N LEU A 633 13.05 50.63 16.60
CA LEU A 633 13.75 51.89 16.43
C LEU A 633 14.54 51.85 15.14
N ALA A 634 14.42 52.89 14.33
CA ALA A 634 15.13 52.97 13.07
C ALA A 634 16.02 54.19 13.05
N THR A 635 17.24 54.02 12.51
CA THR A 635 18.13 55.16 12.40
C THR A 635 17.55 56.22 11.47
N LYS A 636 17.98 57.46 11.66
CA LYS A 636 17.47 58.56 10.84
C LYS A 636 18.26 58.72 9.55
N THR A 637 19.59 58.64 9.62
CA THR A 637 20.44 58.89 8.47
C THR A 637 20.63 57.59 7.69
N THR A 638 20.10 57.54 6.48
CA THR A 638 20.31 56.41 5.60
C THR A 638 21.76 56.38 5.11
N PHE A 639 22.28 55.17 4.91
CA PHE A 639 23.68 54.97 4.56
C PHE A 639 23.81 54.40 3.16
N ALA A 640 24.96 54.67 2.55
CA ALA A 640 25.17 54.29 1.14
C ALA A 640 25.29 52.78 0.99
N THR A 641 26.09 52.14 1.83
CA THR A 641 26.33 50.71 1.72
C THR A 641 26.35 50.07 3.11
N THR A 642 26.14 48.75 3.13
CA THR A 642 26.14 48.03 4.39
C THR A 642 27.56 47.72 4.86
N LYS A 643 28.57 48.02 4.06
CA LYS A 643 29.96 47.84 4.46
C LYS A 643 30.67 49.15 4.76
N GLU A 644 30.03 50.29 4.52
CA GLU A 644 30.62 51.58 4.86
C GLU A 644 30.74 51.72 6.37
N GLN A 645 31.82 52.33 6.82
CA GLN A 645 32.04 52.51 8.25
C GLN A 645 31.02 53.48 8.83
N LEU A 646 30.48 53.14 10.00
CA LEU A 646 29.50 53.95 10.69
C LEU A 646 30.08 54.77 11.83
N GLY A 647 30.99 54.18 12.62
CA GLY A 647 31.57 54.85 13.75
C GLY A 647 32.99 55.31 13.46
N ASP A 648 33.58 55.98 14.45
CA ASP A 648 34.94 56.47 14.31
C ASP A 648 35.94 55.32 14.43
N THR A 649 36.97 55.36 13.59
CA THR A 649 37.99 54.32 13.55
C THR A 649 39.14 54.59 14.50
N SER A 650 39.13 55.70 15.23
CA SER A 650 40.22 55.99 16.15
C SER A 650 40.16 55.13 17.39
N VAL A 651 38.95 54.84 17.87
CA VAL A 651 38.77 54.06 19.10
C VAL A 651 38.64 52.59 18.72
N THR A 652 39.52 51.75 19.27
CA THR A 652 39.57 50.35 18.89
C THR A 652 38.55 49.51 19.65
N SER A 653 37.96 50.03 20.72
CA SER A 653 37.02 49.28 21.54
C SER A 653 35.86 50.16 21.95
N ARG A 654 34.64 49.70 21.68
CA ARG A 654 33.43 50.42 22.03
C ARG A 654 32.40 49.44 22.54
N THR A 655 31.38 49.97 23.22
CA THR A 655 30.36 49.12 23.81
C THR A 655 28.98 49.72 23.58
N ILE A 656 28.03 48.86 23.24
CA ILE A 656 26.62 49.22 23.11
C ILE A 656 25.92 48.72 24.37
N LYS A 657 25.24 49.64 25.07
CA LYS A 657 24.61 49.35 26.35
C LYS A 657 23.11 49.53 26.20
N ILE A 658 22.37 48.43 26.31
CA ILE A 658 20.93 48.43 26.15
C ILE A 658 20.30 48.10 27.50
N GLU A 659 19.40 48.95 27.97
CA GLU A 659 18.77 48.81 29.27
C GLU A 659 17.26 48.77 29.09
N GLN A 660 16.60 47.82 29.75
CA GLN A 660 15.16 47.68 29.69
C GLN A 660 14.60 47.56 31.09
N PRO A 661 13.33 47.91 31.29
CA PRO A 661 12.68 47.59 32.58
C PRO A 661 12.66 46.11 32.87
N GLY A 662 12.59 45.27 31.83
CA GLY A 662 12.53 43.84 32.06
C GLY A 662 13.81 43.29 32.66
N ARG A 663 14.91 43.35 31.91
CA ARG A 663 16.16 42.77 32.37
C ARG A 663 16.72 43.61 33.52
N LYS A 664 17.38 42.95 34.46
CA LYS A 664 17.95 43.61 35.63
C LYS A 664 19.38 44.06 35.39
N GLU A 665 20.18 43.25 34.70
CA GLU A 665 21.54 43.62 34.35
C GLU A 665 21.56 44.16 32.93
N PRO A 666 21.97 45.41 32.71
CA PRO A 666 21.95 45.96 31.35
C PRO A 666 22.83 45.15 30.41
N LEU A 667 22.39 45.02 29.17
CA LEU A 667 23.10 44.21 28.18
C LEU A 667 24.20 45.02 27.52
N GLU A 668 25.42 44.52 27.59
CA GLU A 668 26.57 45.15 26.95
C GLU A 668 27.04 44.29 25.80
N ILE A 669 27.17 44.89 24.62
CA ILE A 669 27.66 44.22 23.42
C ILE A 669 28.91 44.96 22.96
N LYS A 670 30.02 44.25 22.88
CA LYS A 670 31.33 44.87 22.68
C LYS A 670 31.74 44.77 21.23
N LEU A 671 32.08 45.92 20.64
CA LEU A 671 32.59 45.99 19.27
C LEU A 671 34.05 46.38 19.31
N ASP A 672 34.92 45.50 18.81
CA ASP A 672 36.35 45.79 18.71
C ASP A 672 36.62 46.52 17.40
N LYS A 673 37.90 46.66 17.04
CA LYS A 673 38.26 47.38 15.83
C LYS A 673 37.75 46.66 14.59
N GLY A 674 37.23 47.44 13.64
CA GLY A 674 36.70 46.90 12.41
C GLY A 674 35.25 46.45 12.48
N ASP A 675 34.63 46.50 13.66
CA ASP A 675 33.24 46.10 13.82
C ASP A 675 32.28 47.28 13.81
N THR A 676 32.67 48.40 13.20
CA THR A 676 31.80 49.57 13.13
C THR A 676 30.94 49.59 11.87
N SER A 677 31.02 48.57 11.03
CA SER A 677 30.15 48.51 9.87
C SER A 677 28.74 48.11 10.28
N MET A 678 27.78 48.41 9.40
CA MET A 678 26.39 48.07 9.68
C MET A 678 26.20 46.56 9.82
N GLU A 679 26.85 45.79 8.94
CA GLU A 679 26.77 44.34 9.03
C GLU A 679 27.39 43.84 10.33
N ALA A 680 28.49 44.45 10.76
CA ALA A 680 29.13 44.03 12.00
C ALA A 680 28.24 44.29 13.20
N ILE A 681 27.57 45.45 13.25
CA ILE A 681 26.65 45.75 14.34
C ILE A 681 25.48 44.78 14.33
N ARG A 682 24.94 44.50 13.15
CA ARG A 682 23.85 43.53 13.05
C ARG A 682 24.28 42.17 13.58
N ASP A 683 25.48 41.71 13.19
CA ASP A 683 25.95 40.41 13.62
C ASP A 683 26.22 40.37 15.12
N ALA A 684 26.77 41.44 15.68
CA ALA A 684 27.01 41.47 17.12
C ALA A 684 25.71 41.38 17.90
N ILE A 685 24.73 42.22 17.53
CA ILE A 685 23.47 42.25 18.27
C ILE A 685 22.71 40.94 18.09
N ASN A 686 22.80 40.31 16.92
CA ASN A 686 22.14 39.03 16.74
C ASN A 686 22.87 37.88 17.42
N ASP A 687 24.19 37.98 17.59
CA ASP A 687 24.93 36.93 18.28
C ASP A 687 24.79 37.01 19.78
N ALA A 688 24.55 38.20 20.33
CA ALA A 688 24.30 38.31 21.75
C ALA A 688 23.09 37.47 22.17
N ASP A 689 22.07 37.40 21.32
CA ASP A 689 20.90 36.55 21.54
C ASP A 689 20.20 36.87 22.86
N SER A 690 20.01 38.16 23.13
CA SER A 690 19.40 38.60 24.38
C SER A 690 18.04 39.26 24.19
N GLY A 691 17.42 39.10 23.02
CA GLY A 691 16.10 39.65 22.79
C GLY A 691 16.03 40.69 21.70
N ILE A 692 17.01 41.59 21.65
CA ILE A 692 17.05 42.61 20.62
C ILE A 692 17.47 41.98 19.30
N CYS A 693 16.79 42.36 18.22
CA CYS A 693 17.01 41.76 16.91
C CYS A 693 17.23 42.84 15.87
N ALA A 694 18.48 43.03 15.46
CA ALA A 694 18.84 44.03 14.47
C ALA A 694 18.57 43.54 13.07
N SER A 695 18.04 44.43 12.23
CA SER A 695 17.74 44.14 10.83
C SER A 695 18.35 45.24 9.97
N ILE A 696 18.21 45.07 8.65
CA ILE A 696 18.60 46.10 7.69
C ILE A 696 17.48 46.21 6.66
N VAL A 697 17.18 47.43 6.24
CA VAL A 697 16.12 47.71 5.28
C VAL A 697 16.73 48.51 4.13
N LYS A 698 16.49 48.06 2.91
CA LYS A 698 16.90 48.79 1.72
C LYS A 698 15.70 49.60 1.22
N VAL A 699 15.63 50.87 1.63
CA VAL A 699 14.52 51.71 1.20
C VAL A 699 14.53 51.89 -0.30
N LYS A 700 15.70 52.17 -0.87
CA LYS A 700 15.87 52.19 -2.31
C LYS A 700 17.37 52.09 -2.59
N GLU A 701 17.70 51.99 -3.88
CA GLU A 701 19.07 51.74 -4.30
C GLU A 701 20.03 52.74 -3.66
N ASN A 702 21.05 52.19 -3.00
CA ASN A 702 22.13 52.96 -2.36
C ASN A 702 21.67 53.71 -1.12
N GLU A 703 20.60 53.29 -0.46
CA GLU A 703 20.32 53.82 0.87
C GLU A 703 19.74 52.72 1.75
N PHE A 704 20.24 52.64 2.98
CA PHE A 704 19.90 51.58 3.91
C PHE A 704 19.59 52.17 5.28
N GLN A 705 18.87 51.42 6.10
CA GLN A 705 18.64 51.80 7.50
C GLN A 705 18.91 50.62 8.42
N LEU A 706 19.09 50.95 9.70
CA LEU A 706 19.29 49.97 10.75
C LEU A 706 18.09 50.01 11.68
N VAL A 707 17.51 48.84 11.94
CA VAL A 707 16.29 48.69 12.72
C VAL A 707 16.56 47.75 13.87
N LEU A 708 16.28 48.19 15.09
CA LEU A 708 16.42 47.38 16.31
C LEU A 708 15.04 47.14 16.89
N THR A 709 14.66 45.88 17.05
CA THR A 709 13.34 45.50 17.52
C THR A 709 13.46 44.72 18.81
N ALA A 710 12.71 45.13 19.82
CA ALA A 710 12.68 44.42 21.10
C ALA A 710 11.59 43.35 21.06
N ASN A 711 11.27 42.79 22.22
CA ASN A 711 10.20 41.80 22.32
C ASN A 711 8.88 42.50 22.64
N SER A 712 7.80 41.70 22.70
CA SER A 712 6.48 42.25 22.96
C SER A 712 6.37 42.75 24.39
N GLY A 713 5.60 43.81 24.58
CA GLY A 713 5.30 44.29 25.90
C GLY A 713 5.81 45.70 26.19
N THR A 714 5.31 46.31 27.25
CA THR A 714 5.73 47.65 27.67
C THR A 714 6.88 47.61 28.66
N ASP A 715 7.30 46.43 29.10
CA ASP A 715 8.45 46.29 29.97
C ASP A 715 9.75 46.07 29.20
N ASN A 716 9.68 46.03 27.87
CA ASN A 716 10.85 45.80 27.03
C ASN A 716 11.21 47.03 26.20
N THR A 717 10.86 48.22 26.67
CA THR A 717 11.28 49.44 26.01
C THR A 717 12.77 49.67 26.23
N MET A 718 13.47 50.02 25.15
CA MET A 718 14.92 50.12 25.16
C MET A 718 15.37 51.53 25.52
N LYS A 719 16.53 51.61 26.17
CA LYS A 719 17.23 52.86 26.45
C LYS A 719 18.68 52.65 26.02
N ILE A 720 18.95 52.86 24.75
CA ILE A 720 20.24 52.50 24.16
C ILE A 720 21.26 53.58 24.42
N THR A 721 22.52 53.18 24.53
CA THR A 721 23.64 54.09 24.74
C THR A 721 24.87 53.47 24.11
N VAL A 722 25.84 54.31 23.75
CA VAL A 722 27.11 53.85 23.18
C VAL A 722 28.23 54.51 23.96
N GLU A 723 29.10 53.70 24.56
CA GLU A 723 30.20 54.20 25.37
C GLU A 723 31.52 53.82 24.73
N GLY A 724 32.43 54.79 24.66
CA GLY A 724 33.71 54.64 24.01
C GLY A 724 33.80 55.28 22.64
N ASP A 725 32.68 55.66 22.06
CA ASP A 725 32.65 56.27 20.73
C ASP A 725 31.72 57.48 20.78
N THR A 726 31.94 58.43 19.87
CA THR A 726 31.11 59.62 19.82
C THR A 726 30.18 59.64 18.61
N LYS A 727 30.71 59.35 17.42
CA LYS A 727 29.88 59.34 16.22
C LYS A 727 28.82 58.24 16.31
N LEU A 728 29.21 57.04 16.76
CA LEU A 728 28.23 55.98 16.94
C LEU A 728 27.20 56.37 18.00
N ASN A 729 27.65 57.01 19.09
CA ASN A 729 26.72 57.51 20.09
C ASN A 729 25.76 58.52 19.47
N ASP A 730 26.25 59.35 18.55
CA ASP A 730 25.35 60.25 17.84
C ASP A 730 24.39 59.49 16.95
N LEU A 731 24.77 58.29 16.50
CA LEU A 731 23.92 57.53 15.59
C LEU A 731 22.94 56.62 16.32
N LEU A 732 23.39 55.97 17.39
CA LEU A 732 22.59 54.99 18.13
C LEU A 732 22.46 55.48 19.57
N ALA A 733 21.42 56.26 19.84
CA ALA A 733 21.18 56.74 21.20
C ALA A 733 19.70 57.06 21.36
N TYR A 734 19.00 56.28 22.17
CA TYR A 734 17.59 56.50 22.44
C TYR A 734 17.39 56.57 23.94
N ASP A 735 16.20 57.02 24.34
CA ASP A 735 15.85 57.11 25.75
C ASP A 735 14.32 57.05 25.83
N SER A 736 13.78 55.88 26.17
CA SER A 736 12.35 55.69 26.15
C SER A 736 11.65 56.26 27.37
N THR A 737 12.39 56.69 28.39
CA THR A 737 11.76 57.33 29.53
C THR A 737 11.23 58.71 29.17
N THR A 738 12.03 59.51 28.47
CA THR A 738 11.61 60.81 27.98
C THR A 738 11.21 60.79 26.51
N ASN A 739 11.31 59.63 25.85
CA ASN A 739 10.96 59.47 24.44
C ASN A 739 11.75 60.41 23.53
N THR A 740 13.02 60.64 23.86
CA THR A 740 13.88 61.53 23.09
C THR A 740 15.17 60.80 22.74
N GLY A 741 15.54 60.81 21.47
CA GLY A 741 16.77 60.17 21.06
C GLY A 741 17.14 60.52 19.64
N ASN A 742 18.16 59.85 19.14
CA ASN A 742 18.65 60.05 17.78
C ASN A 742 18.11 59.02 16.80
N MET A 743 17.17 58.18 17.22
CA MET A 743 16.55 57.19 16.37
C MET A 743 15.04 57.34 16.44
N GLN A 744 14.38 57.23 15.30
CA GLN A 744 12.93 57.37 15.32
C GLN A 744 12.30 56.06 15.76
N GLU A 745 11.09 56.15 16.31
CA GLU A 745 10.36 55.01 16.83
C GLU A 745 9.27 54.64 15.84
N LEU A 746 9.47 53.54 15.11
CA LEU A 746 8.51 53.15 14.08
C LEU A 746 7.26 52.53 14.68
N VAL A 747 7.41 51.71 15.73
CA VAL A 747 6.30 51.01 16.35
C VAL A 747 6.34 51.31 17.85
N LYS A 748 5.17 51.29 18.47
CA LYS A 748 5.01 51.62 19.87
C LYS A 748 4.67 50.35 20.66
N ALA A 749 5.27 50.21 21.84
CA ALA A 749 5.09 49.02 22.65
C ALA A 749 3.72 49.02 23.32
N GLU A 750 3.03 47.87 23.24
CA GLU A 750 1.70 47.75 23.81
C GLU A 750 1.55 46.40 24.52
N ASN A 751 0.67 46.37 25.50
CA ASN A 751 0.32 45.16 26.22
C ASN A 751 -0.91 44.51 25.62
N ALA A 752 -1.09 43.22 25.90
CA ALA A 752 -2.25 42.50 25.38
C ALA A 752 -3.35 42.49 26.43
N LYS A 753 -4.47 43.15 26.13
CA LYS A 753 -5.62 43.20 27.01
C LYS A 753 -6.71 42.31 26.46
N LEU A 754 -7.37 41.58 27.35
CA LEU A 754 -8.51 40.76 26.95
C LEU A 754 -9.45 40.59 28.13
N ASN A 755 -10.58 39.96 27.85
CA ASN A 755 -11.66 39.78 28.83
C ASN A 755 -12.08 38.32 28.76
N VAL A 756 -11.94 37.62 29.88
CA VAL A 756 -12.33 36.21 29.97
C VAL A 756 -13.39 36.10 31.05
N ASN A 757 -14.63 35.79 30.64
CA ASN A 757 -15.76 35.60 31.54
C ASN A 757 -15.88 36.76 32.52
N GLY A 758 -15.75 37.99 32.02
CA GLY A 758 -15.91 39.16 32.85
C GLY A 758 -14.72 39.56 33.68
N ILE A 759 -13.57 38.89 33.53
CA ILE A 759 -12.35 39.25 34.23
C ILE A 759 -11.40 39.87 33.22
N ASP A 760 -10.81 41.01 33.58
CA ASP A 760 -9.93 41.76 32.70
C ASP A 760 -8.49 41.31 32.90
N ILE A 761 -7.91 40.75 31.84
CA ILE A 761 -6.57 40.17 31.87
C ILE A 761 -5.66 41.06 31.03
N GLU A 762 -4.43 41.29 31.49
CA GLU A 762 -3.46 42.10 30.76
C GLU A 762 -2.10 41.44 30.83
N ARG A 763 -1.67 40.86 29.71
CA ARG A 763 -0.39 40.18 29.61
C ARG A 763 0.58 41.02 28.79
N GLN A 764 1.83 40.54 28.73
CA GLN A 764 2.88 41.19 27.97
C GLN A 764 2.91 40.73 26.52
N SER A 765 2.72 39.44 26.29
CA SER A 765 2.80 38.85 24.95
C SER A 765 1.43 38.38 24.49
N ASN A 766 1.39 37.85 23.28
CA ASN A 766 0.16 37.36 22.68
C ASN A 766 -0.10 35.90 23.00
N THR A 767 0.59 35.33 23.97
CA THR A 767 0.38 33.96 24.42
C THR A 767 -0.02 34.02 25.88
N VAL A 768 -1.32 33.93 26.14
CA VAL A 768 -1.86 34.03 27.49
C VAL A 768 -1.91 32.64 28.09
N THR A 769 -1.39 32.50 29.32
CA THR A 769 -1.22 31.18 29.93
C THR A 769 -2.13 30.95 31.13
N ASP A 770 -2.08 31.82 32.14
CA ASP A 770 -2.78 31.59 33.40
C ASP A 770 -4.09 32.36 33.47
N ALA A 771 -4.81 32.51 32.37
CA ALA A 771 -6.06 33.24 32.44
C ALA A 771 -7.11 32.37 33.13
N PRO A 772 -7.35 31.11 32.72
CA PRO A 772 -8.00 30.15 33.61
C PRO A 772 -7.06 29.18 34.33
N GLN A 773 -5.74 29.37 34.23
CA GLN A 773 -4.69 28.60 34.92
C GLN A 773 -4.47 27.22 34.32
N GLY A 774 -5.29 26.79 33.36
CA GLY A 774 -5.05 25.49 32.76
C GLY A 774 -5.11 25.49 31.25
N ILE A 775 -5.44 26.64 30.67
CA ILE A 775 -5.68 26.78 29.24
C ILE A 775 -4.77 27.87 28.69
N THR A 776 -4.10 27.59 27.58
CA THR A 776 -3.19 28.51 26.92
C THR A 776 -3.84 29.06 25.67
N LEU A 777 -3.84 30.38 25.52
CA LEU A 777 -4.51 31.06 24.43
C LEU A 777 -3.47 31.82 23.61
N THR A 778 -3.54 31.68 22.30
CA THR A 778 -2.72 32.43 21.36
C THR A 778 -3.62 33.37 20.58
N LEU A 779 -3.38 34.67 20.71
CA LEU A 779 -4.19 35.70 20.09
C LEU A 779 -3.62 36.06 18.72
N THR A 780 -4.49 36.21 17.74
CA THR A 780 -4.09 36.61 16.40
C THR A 780 -4.78 37.88 15.92
N LYS A 781 -6.07 38.04 16.22
CA LYS A 781 -6.82 39.23 15.83
C LYS A 781 -7.74 39.62 16.98
N LYS A 782 -8.34 40.80 16.84
CA LYS A 782 -9.29 41.32 17.85
C LYS A 782 -10.64 40.64 17.64
N VAL A 783 -10.80 39.48 18.26
CA VAL A 783 -12.08 38.80 18.23
C VAL A 783 -13.05 39.47 19.19
N THR A 784 -14.33 39.19 19.00
CA THR A 784 -15.39 39.69 19.87
C THR A 784 -16.38 38.58 20.15
N ASP A 785 -16.56 38.25 21.42
CA ASP A 785 -17.45 37.18 21.85
C ASP A 785 -17.10 35.87 21.18
N ALA A 786 -15.85 35.44 21.37
CA ALA A 786 -15.47 34.10 20.95
C ALA A 786 -15.74 33.12 22.08
N THR A 787 -15.91 31.85 21.71
CA THR A 787 -16.26 30.81 22.67
C THR A 787 -15.18 29.74 22.67
N VAL A 788 -14.77 29.33 23.86
CA VAL A 788 -13.83 28.22 24.05
C VAL A 788 -14.50 27.18 24.93
N THR A 789 -14.54 25.94 24.46
CA THR A 789 -15.18 24.85 25.18
C THR A 789 -14.12 23.86 25.63
N VAL A 790 -14.09 23.56 26.92
CA VAL A 790 -13.13 22.63 27.51
C VAL A 790 -13.92 21.44 28.05
N THR A 791 -13.59 20.23 27.59
CA THR A 791 -14.31 19.03 27.97
C THR A 791 -13.35 17.98 28.50
N LYS A 792 -13.80 17.24 29.51
CA LYS A 792 -12.96 16.23 30.14
C LYS A 792 -12.62 15.12 29.15
N ASP A 793 -11.46 14.47 29.37
CA ASP A 793 -10.99 13.40 28.51
C ASP A 793 -10.43 12.28 29.35
N ASP A 794 -10.50 11.05 28.83
CA ASP A 794 -9.99 9.88 29.52
C ASP A 794 -9.15 8.99 28.62
N THR A 795 -8.84 9.45 27.39
CA THR A 795 -8.14 8.60 26.44
C THR A 795 -6.77 8.18 26.96
N LYS A 796 -6.00 9.13 27.51
CA LYS A 796 -4.66 8.82 27.97
C LYS A 796 -4.68 7.80 29.11
N ALA A 797 -5.61 7.97 30.06
CA ALA A 797 -5.73 7.00 31.14
C ALA A 797 -6.14 5.64 30.61
N LYS A 798 -7.05 5.61 29.63
CA LYS A 798 -7.47 4.33 29.06
C LYS A 798 -6.31 3.60 28.40
N GLU A 799 -5.50 4.33 27.62
CA GLU A 799 -4.36 3.69 26.97
C GLU A 799 -3.31 3.26 27.98
N ALA A 800 -3.12 4.03 29.05
CA ALA A 800 -2.21 3.60 30.11
C ALA A 800 -2.68 2.31 30.76
N ILE A 801 -4.00 2.20 31.01
CA ILE A 801 -4.53 0.98 31.59
C ILE A 801 -4.34 -0.20 30.63
N LYS A 802 -4.58 0.02 29.34
CA LYS A 802 -4.39 -1.06 28.36
C LYS A 802 -2.94 -1.52 28.35
N SER A 803 -1.99 -0.57 28.33
CA SER A 803 -0.59 -0.94 28.32
C SER A 803 -0.20 -1.67 29.61
N TRP A 804 -0.73 -1.23 30.74
CA TRP A 804 -0.40 -1.87 32.02
C TRP A 804 -0.91 -3.32 32.06
N VAL A 805 -2.16 -3.54 31.64
CA VAL A 805 -2.69 -4.89 31.68
C VAL A 805 -1.97 -5.78 30.67
N ASP A 806 -1.60 -5.21 29.51
CA ASP A 806 -0.81 -5.99 28.55
C ASP A 806 0.54 -6.38 29.11
N ALA A 807 1.21 -5.46 29.81
CA ALA A 807 2.49 -5.78 30.40
C ALA A 807 2.35 -6.86 31.47
N TYR A 808 1.33 -6.76 32.32
CA TYR A 808 1.14 -7.80 33.34
C TYR A 808 0.81 -9.14 32.70
N ASN A 809 -0.01 -9.15 31.65
CA ASN A 809 -0.33 -10.40 30.97
C ASN A 809 0.91 -11.03 30.35
N SER A 810 1.78 -10.20 29.75
CA SER A 810 3.01 -10.73 29.20
C SER A 810 3.91 -11.30 30.29
N LEU A 811 3.98 -10.63 31.44
CA LEU A 811 4.77 -11.16 32.55
C LEU A 811 4.23 -12.50 33.01
N VAL A 812 2.90 -12.61 33.14
CA VAL A 812 2.30 -13.86 33.59
C VAL A 812 2.52 -14.97 32.55
N ASP A 813 2.43 -14.63 31.27
CA ASP A 813 2.69 -15.61 30.23
C ASP A 813 4.13 -16.11 30.27
N THR A 814 5.08 -15.20 30.46
CA THR A 814 6.49 -15.60 30.57
C THR A 814 6.71 -16.51 31.77
N PHE A 815 6.11 -16.15 32.92
CA PHE A 815 6.27 -16.99 34.10
C PHE A 815 5.63 -18.36 33.91
N SER A 816 4.46 -18.42 33.27
CA SER A 816 3.81 -19.69 33.01
C SER A 816 4.63 -20.56 32.07
N SER A 817 5.20 -19.96 31.03
CA SER A 817 6.05 -20.71 30.12
C SER A 817 7.33 -21.18 30.80
N LEU A 818 7.84 -20.41 31.76
CA LEU A 818 9.05 -20.82 32.45
C LEU A 818 8.76 -21.93 33.45
N THR A 819 7.53 -22.03 33.95
CA THR A 819 7.12 -23.10 34.83
C THR A 819 6.48 -24.26 34.06
N LYS A 820 6.87 -24.43 32.79
CA LYS A 820 6.28 -25.45 31.95
C LYS A 820 6.69 -26.85 32.41
N TYR A 821 5.79 -27.80 32.21
CA TYR A 821 6.04 -29.20 32.54
C TYR A 821 5.27 -30.08 31.57
N THR A 822 5.72 -31.32 31.45
CA THR A 822 5.07 -32.33 30.63
C THR A 822 4.94 -33.61 31.45
N ALA A 823 3.74 -34.18 31.48
CA ALA A 823 3.50 -35.40 32.24
C ALA A 823 3.88 -36.62 31.41
N VAL A 824 4.66 -37.52 32.00
CA VAL A 824 5.06 -38.76 31.35
C VAL A 824 4.45 -39.92 32.12
N GLU A 825 3.74 -40.80 31.40
CA GLU A 825 3.08 -41.93 32.05
C GLU A 825 4.06 -42.91 32.69
N PRO A 826 5.13 -43.38 32.03
CA PRO A 826 6.05 -44.30 32.70
C PRO A 826 6.68 -43.72 33.96
N GLY A 827 7.01 -42.43 33.95
CA GLY A 827 7.62 -41.81 35.11
C GLY A 827 9.01 -42.33 35.43
N GLU A 828 9.71 -42.91 34.46
CA GLU A 828 11.06 -43.40 34.71
C GLU A 828 12.01 -42.26 35.02
N GLU A 829 11.91 -41.15 34.30
CA GLU A 829 12.80 -40.02 34.49
C GLU A 829 12.05 -38.74 34.12
N ALA A 830 12.60 -37.61 34.55
CA ALA A 830 11.97 -36.32 34.30
C ALA A 830 11.92 -36.05 32.80
N SER A 831 10.80 -35.46 32.37
CA SER A 831 10.59 -35.18 30.95
C SER A 831 11.56 -34.12 30.46
N ASP A 832 11.86 -34.18 29.16
CA ASP A 832 12.78 -33.20 28.56
C ASP A 832 12.20 -31.79 28.61
N LYS A 833 10.90 -31.65 28.35
CA LYS A 833 10.24 -30.34 28.33
C LYS A 833 9.89 -29.94 29.75
N ASN A 834 10.91 -29.49 30.48
CA ASN A 834 10.75 -29.05 31.86
C ASN A 834 11.30 -27.64 32.01
N GLY A 835 10.59 -26.82 32.76
CA GLY A 835 11.08 -25.48 33.06
C GLY A 835 12.20 -25.52 34.09
N ALA A 836 13.25 -24.74 33.83
CA ALA A 836 14.38 -24.71 34.76
C ALA A 836 13.96 -24.17 36.12
N LEU A 837 13.15 -23.12 36.13
CA LEU A 837 12.66 -22.53 37.38
C LEU A 837 11.28 -23.08 37.71
N LEU A 838 11.26 -24.39 37.94
CA LEU A 838 10.04 -25.11 38.32
C LEU A 838 10.19 -25.57 39.76
N GLY A 839 9.25 -25.17 40.61
CA GLY A 839 9.32 -25.46 42.02
C GLY A 839 10.18 -24.50 42.82
N ASP A 840 10.85 -23.56 42.16
CA ASP A 840 11.68 -22.59 42.86
C ASP A 840 10.82 -21.52 43.51
N SER A 841 11.30 -20.98 44.63
CA SER A 841 10.59 -19.94 45.35
C SER A 841 10.55 -18.62 44.60
N VAL A 842 11.35 -18.46 43.54
CA VAL A 842 11.47 -17.18 42.85
C VAL A 842 10.13 -16.79 42.21
N VAL A 843 9.65 -17.61 41.27
CA VAL A 843 8.44 -17.26 40.54
C VAL A 843 7.24 -17.22 41.46
N ARG A 844 7.15 -18.20 42.38
CA ARG A 844 6.01 -18.24 43.29
C ARG A 844 5.97 -17.02 44.19
N THR A 845 7.13 -16.63 44.74
CA THR A 845 7.19 -15.46 45.60
C THR A 845 6.87 -14.18 44.84
N ILE A 846 7.38 -14.06 43.60
CA ILE A 846 7.08 -12.89 42.80
C ILE A 846 5.58 -12.79 42.53
N GLN A 847 4.97 -13.91 42.14
CA GLN A 847 3.54 -13.89 41.86
C GLN A 847 2.73 -13.55 43.09
N THR A 848 3.05 -14.16 44.24
CA THR A 848 2.32 -13.87 45.46
C THR A 848 2.46 -12.41 45.84
N GLY A 849 3.69 -11.88 45.80
CA GLY A 849 3.92 -10.50 46.18
C GLY A 849 3.21 -9.51 45.27
N ILE A 850 3.23 -9.77 43.96
CA ILE A 850 2.57 -8.85 43.04
C ILE A 850 1.05 -8.92 43.17
N ARG A 851 0.49 -10.12 43.26
CA ARG A 851 -0.96 -10.22 43.29
C ARG A 851 -1.54 -9.88 44.66
N ALA A 852 -0.70 -9.82 45.70
CA ALA A 852 -1.20 -9.40 47.00
C ALA A 852 -1.46 -7.91 47.05
N GLN A 853 -0.83 -7.13 46.16
CA GLN A 853 -1.01 -5.68 46.17
C GLN A 853 -2.31 -5.23 45.54
N PHE A 854 -3.04 -6.13 44.86
CA PHE A 854 -4.31 -5.74 44.26
C PHE A 854 -5.37 -5.44 45.31
N ALA A 855 -5.17 -5.89 46.54
CA ALA A 855 -5.99 -5.51 47.69
C ALA A 855 -5.11 -4.65 48.59
N ASN A 856 -5.20 -3.33 48.41
CA ASN A 856 -4.33 -2.39 49.09
C ASN A 856 -5.10 -1.68 50.19
N SER A 857 -4.57 -1.75 51.42
CA SER A 857 -5.16 -1.02 52.54
C SER A 857 -4.70 0.42 52.59
N GLY A 858 -3.65 0.79 51.86
CA GLY A 858 -3.17 2.16 51.88
C GLY A 858 -4.16 3.13 51.28
N SER A 859 -4.80 2.74 50.17
CA SER A 859 -5.75 3.62 49.49
C SER A 859 -6.95 3.90 50.38
N ASN A 860 -7.35 5.16 50.46
CA ASN A 860 -8.51 5.58 51.24
C ASN A 860 -9.70 5.93 50.35
N SER A 861 -9.63 5.62 49.06
CA SER A 861 -10.73 5.91 48.16
C SER A 861 -11.94 5.03 48.48
N ALA A 862 -13.05 5.32 47.80
CA ALA A 862 -14.26 4.52 47.97
C ALA A 862 -14.01 3.08 47.52
N PHE A 863 -13.34 2.90 46.40
CA PHE A 863 -13.01 1.55 45.92
C PHE A 863 -11.86 0.99 46.74
N LYS A 864 -12.02 -0.24 47.21
CA LYS A 864 -10.95 -0.93 47.93
C LYS A 864 -10.35 -2.09 47.14
N THR A 865 -11.07 -2.62 46.15
CA THR A 865 -10.57 -3.70 45.32
C THR A 865 -10.50 -3.22 43.88
N MET A 866 -9.40 -3.55 43.20
CA MET A 866 -9.16 -3.05 41.85
C MET A 866 -10.21 -3.53 40.87
N ALA A 867 -10.84 -4.68 41.16
CA ALA A 867 -11.84 -5.23 40.25
C ALA A 867 -13.00 -4.25 40.03
N GLU A 868 -13.29 -3.42 41.03
CA GLU A 868 -14.38 -2.45 40.90
C GLU A 868 -14.12 -1.43 39.81
N ILE A 869 -12.87 -1.25 39.38
CA ILE A 869 -12.59 -0.35 38.28
C ILE A 869 -13.17 -0.90 36.98
N GLY A 870 -13.16 -2.21 36.82
CA GLY A 870 -13.65 -2.83 35.60
C GLY A 870 -12.65 -3.78 34.99
N ILE A 871 -11.68 -4.22 35.79
CA ILE A 871 -10.67 -5.18 35.36
C ILE A 871 -10.78 -6.40 36.25
N THR A 872 -10.99 -7.56 35.65
CA THR A 872 -11.22 -8.80 36.37
C THR A 872 -10.12 -9.80 36.05
N GLN A 873 -9.68 -10.54 37.05
CA GLN A 873 -8.66 -11.56 36.88
C GLN A 873 -9.34 -12.87 36.51
N ASP A 874 -8.89 -13.48 35.41
CA ASP A 874 -9.55 -14.67 34.89
C ASP A 874 -9.39 -15.85 35.84
N GLY A 875 -10.40 -16.72 35.85
CA GLY A 875 -10.34 -17.90 36.70
C GLY A 875 -9.29 -18.91 36.27
N THR A 876 -9.16 -19.13 34.96
CA THR A 876 -8.27 -20.16 34.47
C THR A 876 -6.81 -19.87 34.82
N SER A 877 -6.34 -18.66 34.50
CA SER A 877 -4.97 -18.28 34.77
C SER A 877 -4.94 -16.88 35.36
N GLY A 878 -3.81 -16.53 35.95
CA GLY A 878 -3.66 -15.22 36.55
C GLY A 878 -3.50 -14.12 35.52
N LYS A 879 -4.52 -13.93 34.69
CA LYS A 879 -4.51 -12.90 33.66
C LYS A 879 -5.67 -11.95 33.90
N LEU A 880 -5.48 -10.70 33.46
CA LEU A 880 -6.44 -9.63 33.69
C LEU A 880 -7.11 -9.26 32.38
N LYS A 881 -8.42 -9.04 32.43
CA LYS A 881 -9.17 -8.60 31.25
C LYS A 881 -10.14 -7.49 31.64
N ILE A 882 -10.41 -6.62 30.68
CA ILE A 882 -11.15 -5.38 30.92
C ILE A 882 -12.40 -5.37 30.06
N ASP A 883 -13.53 -5.05 30.67
CA ASP A 883 -14.77 -4.78 29.94
C ASP A 883 -14.92 -3.28 29.75
N ASP A 884 -15.20 -2.86 28.51
CA ASP A 884 -15.14 -1.44 28.18
C ASP A 884 -16.19 -0.63 28.92
N ASP A 885 -17.39 -1.17 29.10
CA ASP A 885 -18.48 -0.37 29.66
C ASP A 885 -18.18 0.06 31.08
N LYS A 886 -17.81 -0.88 31.95
CA LYS A 886 -17.58 -0.54 33.35
C LYS A 886 -16.40 0.40 33.51
N LEU A 887 -15.29 0.12 32.81
CA LEU A 887 -14.12 1.00 32.90
C LEU A 887 -14.43 2.40 32.40
N THR A 888 -15.16 2.50 31.27
CA THR A 888 -15.52 3.80 30.73
C THR A 888 -16.41 4.57 31.69
N LYS A 889 -17.39 3.89 32.30
CA LYS A 889 -18.27 4.57 33.25
C LYS A 889 -17.50 5.04 34.47
N VAL A 890 -16.58 4.21 34.98
CA VAL A 890 -15.80 4.60 36.15
C VAL A 890 -14.91 5.79 35.83
N LEU A 891 -14.27 5.78 34.66
CA LEU A 891 -13.42 6.90 34.28
C LEU A 891 -14.23 8.17 34.05
N LYS A 892 -15.48 8.02 33.56
CA LYS A 892 -16.29 9.19 33.29
C LYS A 892 -16.83 9.81 34.58
N ASP A 893 -17.24 8.99 35.53
CA ASP A 893 -17.88 9.49 36.74
C ASP A 893 -16.91 9.58 37.93
N ASN A 894 -16.38 8.44 38.37
CA ASN A 894 -15.51 8.40 39.53
C ASN A 894 -14.05 8.46 39.11
N THR A 895 -13.68 9.52 38.40
CA THR A 895 -12.28 9.69 38.00
C THR A 895 -11.40 9.92 39.22
N ALA A 896 -11.87 10.71 40.19
CA ALA A 896 -11.09 10.95 41.39
C ALA A 896 -10.88 9.67 42.19
N ALA A 897 -11.92 8.85 42.32
CA ALA A 897 -11.79 7.61 43.06
C ALA A 897 -10.83 6.65 42.39
N ALA A 898 -10.92 6.53 41.06
CA ALA A 898 -9.98 5.67 40.32
C ALA A 898 -8.56 6.18 40.44
N ARG A 899 -8.37 7.50 40.35
CA ARG A 899 -7.04 8.07 40.47
C ARG A 899 -6.46 7.82 41.86
N GLU A 900 -7.28 7.93 42.90
CA GLU A 900 -6.78 7.65 44.24
C GLU A 900 -6.47 6.17 44.42
N LEU A 901 -7.28 5.30 43.81
CA LEU A 901 -7.04 3.86 43.95
C LEU A 901 -5.74 3.45 43.26
N LEU A 902 -5.57 3.84 42.01
CA LEU A 902 -4.38 3.42 41.28
C LEU A 902 -3.15 4.22 41.69
N VAL A 903 -3.17 5.53 41.42
CA VAL A 903 -1.97 6.34 41.61
C VAL A 903 -1.68 6.56 43.10
N GLY A 904 -2.70 6.84 43.89
CA GLY A 904 -2.48 7.12 45.29
C GLY A 904 -1.78 8.45 45.48
N ASP A 905 -1.32 8.68 46.71
CA ASP A 905 -0.60 9.90 47.01
C ASP A 905 0.80 9.93 46.39
N GLY A 906 1.27 8.81 45.85
CA GLY A 906 2.56 8.74 45.21
C GLY A 906 3.69 8.28 46.12
N LYS A 907 3.48 8.21 47.43
CA LYS A 907 4.53 7.82 48.37
C LYS A 907 4.21 6.51 49.08
N GLU A 908 3.09 6.43 49.79
CA GLU A 908 2.74 5.26 50.59
C GLU A 908 1.28 4.85 50.40
N THR A 909 0.73 5.07 49.21
CA THR A 909 -0.69 4.85 48.99
C THR A 909 -0.91 4.52 47.52
N GLY A 910 -1.89 3.66 47.27
CA GLY A 910 -2.25 3.32 45.91
C GLY A 910 -1.71 1.96 45.51
N ILE A 911 -2.42 1.29 44.60
CA ILE A 911 -1.98 0.01 44.10
C ILE A 911 -0.67 0.15 43.33
N THR A 912 -0.61 1.15 42.45
CA THR A 912 0.55 1.31 41.58
C THR A 912 1.81 1.61 42.38
N THR A 913 1.70 2.43 43.43
CA THR A 913 2.87 2.74 44.25
C THR A 913 3.40 1.50 44.96
N LYS A 914 2.51 0.70 45.56
CA LYS A 914 2.93 -0.52 46.23
C LYS A 914 3.55 -1.51 45.25
N ILE A 915 2.95 -1.65 44.07
CA ILE A 915 3.52 -2.55 43.06
C ILE A 915 4.90 -2.07 42.65
N ALA A 916 5.06 -0.75 42.48
CA ALA A 916 6.35 -0.19 42.08
C ALA A 916 7.42 -0.47 43.13
N THR A 917 7.10 -0.22 44.41
CA THR A 917 8.11 -0.42 45.43
C THR A 917 8.45 -1.90 45.60
N GLU A 918 7.45 -2.78 45.49
CA GLU A 918 7.71 -4.21 45.61
C GLU A 918 8.57 -4.71 44.45
N VAL A 919 8.26 -4.27 43.23
CA VAL A 919 9.06 -4.69 42.08
C VAL A 919 10.47 -4.13 42.17
N LYS A 920 10.62 -2.91 42.69
CA LYS A 920 11.96 -2.36 42.91
C LYS A 920 12.74 -3.19 43.92
N SER A 921 12.08 -3.60 45.01
CA SER A 921 12.77 -4.39 46.03
C SER A 921 13.15 -5.78 45.50
N TYR A 922 12.26 -6.40 44.71
CA TYR A 922 12.54 -7.73 44.18
C TYR A 922 13.64 -7.68 43.12
N LEU A 923 13.56 -6.70 42.21
CA LEU A 923 14.51 -6.61 41.11
C LEU A 923 15.89 -6.16 41.58
N ALA A 924 16.00 -5.63 42.79
CA ALA A 924 17.29 -5.20 43.31
C ALA A 924 18.12 -6.41 43.70
N ASP A 925 19.45 -6.20 43.73
CA ASP A 925 20.37 -7.29 44.04
C ASP A 925 20.20 -7.80 45.46
N ASP A 926 19.92 -6.91 46.40
CA ASP A 926 19.70 -7.33 47.78
C ASP A 926 18.36 -8.06 47.96
N GLY A 927 17.51 -8.06 46.94
CA GLY A 927 16.24 -8.75 47.04
C GLY A 927 16.39 -10.26 47.07
N ILE A 928 15.29 -10.92 47.47
CA ILE A 928 15.32 -12.37 47.67
C ILE A 928 15.58 -13.10 46.36
N ILE A 929 15.15 -12.53 45.23
CA ILE A 929 15.33 -13.21 43.95
C ILE A 929 16.81 -13.29 43.59
N ASP A 930 17.50 -12.16 43.69
CA ASP A 930 18.93 -12.15 43.40
C ASP A 930 19.72 -12.84 44.51
N ASN A 931 19.19 -12.87 45.74
CA ASN A 931 19.82 -13.65 46.79
C ASN A 931 19.79 -15.14 46.47
N ALA A 932 18.64 -15.64 45.99
CA ALA A 932 18.56 -17.04 45.56
C ALA A 932 19.46 -17.29 44.37
N GLN A 933 19.52 -16.33 43.44
CA GLN A 933 20.42 -16.48 42.29
C GLN A 933 21.88 -16.57 42.75
N ASP A 934 22.27 -15.75 43.71
CA ASP A 934 23.64 -15.80 44.23
C ASP A 934 23.91 -17.10 44.97
N ASN A 935 22.92 -17.61 45.71
CA ASN A 935 23.09 -18.90 46.35
C ASN A 935 23.29 -20.01 45.32
N VAL A 936 22.51 -19.96 44.23
CA VAL A 936 22.67 -20.94 43.16
C VAL A 936 24.04 -20.81 42.52
N ASN A 937 24.52 -19.58 42.34
CA ASN A 937 25.84 -19.37 41.75
C ASN A 937 26.95 -19.88 42.66
N ALA A 938 26.82 -19.69 43.97
CA ALA A 938 27.81 -20.23 44.90
C ALA A 938 27.80 -21.75 44.89
N THR A 939 26.62 -22.35 44.84
CA THR A 939 26.53 -23.80 44.71
C THR A 939 27.16 -24.26 43.41
N LEU A 940 26.98 -23.50 42.33
CA LEU A 940 27.58 -23.85 41.05
C LEU A 940 29.10 -23.73 41.08
N LYS A 941 29.63 -22.76 41.83
CA LYS A 941 31.07 -22.64 41.95
C LYS A 941 31.66 -23.80 42.75
N SER A 942 31.00 -24.17 43.86
CA SER A 942 31.42 -25.36 44.59
C SER A 942 31.34 -26.59 43.71
N LEU A 943 30.29 -26.69 42.90
CA LEU A 943 30.17 -27.78 41.95
C LEU A 943 31.29 -27.76 40.94
N THR A 944 31.72 -26.57 40.51
CA THR A 944 32.82 -26.47 39.55
C THR A 944 34.13 -26.99 40.15
N LYS A 945 34.39 -26.65 41.41
CA LYS A 945 35.54 -27.22 42.10
C LYS A 945 35.42 -28.74 42.19
N GLN A 946 34.22 -29.24 42.48
CA GLN A 946 33.98 -30.67 42.49
C GLN A 946 34.23 -31.28 41.12
N TYR A 947 33.86 -30.56 40.06
CA TYR A 947 34.10 -31.03 38.69
C TYR A 947 35.60 -31.14 38.41
N LEU A 948 36.37 -30.15 38.86
CA LEU A 948 37.82 -30.22 38.67
C LEU A 948 38.43 -31.41 39.41
N SER A 949 38.00 -31.63 40.66
CA SER A 949 38.50 -32.77 41.42
C SER A 949 38.13 -34.08 40.74
N VAL A 950 36.88 -34.19 40.28
CA VAL A 950 36.46 -35.42 39.62
C VAL A 950 37.14 -35.58 38.28
N SER A 951 37.54 -34.48 37.63
CA SER A 951 38.29 -34.59 36.39
C SER A 951 39.70 -35.12 36.64
N ASN A 952 40.32 -34.68 37.75
CA ASN A 952 41.55 -35.32 38.18
C ASN A 952 41.34 -36.81 38.43
N SER A 953 40.20 -37.15 39.03
CA SER A 953 39.85 -38.56 39.21
C SER A 953 39.70 -39.28 37.86
N ILE A 954 39.15 -38.58 36.87
CA ILE A 954 39.02 -39.16 35.53
C ILE A 954 40.40 -39.48 34.97
N ASP A 955 41.34 -38.55 35.13
CA ASP A 955 42.70 -38.80 34.66
C ASP A 955 43.31 -40.01 35.37
N GLU A 956 43.15 -40.09 36.69
CA GLU A 956 43.69 -41.21 37.44
C GLU A 956 43.08 -42.53 37.00
N THR A 957 41.76 -42.56 36.82
CA THR A 957 41.08 -43.80 36.44
C THR A 957 41.41 -44.21 35.01
N VAL A 958 41.56 -43.22 34.11
CA VAL A 958 41.96 -43.51 32.74
C VAL A 958 43.35 -44.13 32.73
N ALA A 959 44.27 -43.57 33.50
CA ALA A 959 45.61 -44.16 33.61
C ALA A 959 45.52 -45.58 34.19
N ARG A 960 44.66 -45.78 35.19
CA ARG A 960 44.53 -47.09 35.81
C ARG A 960 44.07 -48.14 34.80
N TYR A 961 43.00 -47.84 34.05
CA TYR A 961 42.50 -48.82 33.09
C TYR A 961 43.41 -48.94 31.88
N LYS A 962 44.16 -47.90 31.52
CA LYS A 962 45.17 -48.04 30.49
C LYS A 962 46.26 -49.01 30.92
N ALA A 963 46.68 -48.92 32.19
CA ALA A 963 47.62 -49.90 32.71
C ALA A 963 47.03 -51.30 32.73
N GLN A 964 45.75 -51.42 33.12
CA GLN A 964 45.10 -52.72 33.14
C GLN A 964 44.90 -53.25 31.72
N PHE A 965 44.46 -52.39 30.80
CA PHE A 965 44.28 -52.78 29.40
C PHE A 965 45.38 -52.20 28.52
N ALA B 66 29.28 -61.39 42.80
CA ALA B 66 28.53 -62.26 41.90
C ALA B 66 27.85 -61.45 40.80
N GLY B 67 27.89 -61.96 39.57
CA GLY B 67 27.27 -61.26 38.46
C GLY B 67 25.77 -61.15 38.62
N GLN B 68 25.12 -62.24 39.03
CA GLN B 68 23.67 -62.20 39.23
C GLN B 68 23.29 -61.29 40.39
N ALA B 69 24.06 -61.29 41.48
CA ALA B 69 23.75 -60.45 42.62
C ALA B 69 23.83 -58.97 42.25
N ILE B 70 24.91 -58.57 41.58
CA ILE B 70 25.06 -57.17 41.18
C ILE B 70 24.03 -56.80 40.12
N ALA B 71 23.70 -57.74 39.21
CA ALA B 71 22.67 -57.46 38.22
C ALA B 71 21.32 -57.22 38.87
N ASN B 72 20.96 -58.05 39.86
CA ASN B 72 19.73 -57.85 40.60
C ASN B 72 19.73 -56.54 41.37
N ARG B 73 20.87 -56.19 41.98
CA ARG B 73 20.95 -54.93 42.71
C ARG B 73 20.75 -53.74 41.77
N PHE B 74 21.37 -53.78 40.60
CA PHE B 74 21.24 -52.67 39.65
C PHE B 74 19.83 -52.60 39.07
N THR B 75 19.20 -53.75 38.82
CA THR B 75 17.80 -53.73 38.37
C THR B 75 16.90 -53.17 39.46
N ALA B 76 17.17 -53.50 40.73
CA ALA B 76 16.44 -52.91 41.83
C ALA B 76 16.64 -51.39 41.89
N ASN B 77 17.86 -50.92 41.65
CA ASN B 77 18.10 -49.48 41.60
C ASN B 77 17.34 -48.83 40.46
N ILE B 78 17.29 -49.49 39.30
CA ILE B 78 16.54 -48.93 38.16
C ILE B 78 15.04 -48.86 38.48
N LYS B 79 14.49 -49.93 39.06
CA LYS B 79 13.08 -49.92 39.43
C LYS B 79 12.80 -48.87 40.49
N GLY B 80 13.69 -48.72 41.46
CA GLY B 80 13.53 -47.67 42.45
C GLY B 80 13.62 -46.29 41.85
N LEU B 81 14.48 -46.11 40.85
CA LEU B 81 14.53 -44.84 40.12
C LEU B 81 13.21 -44.57 39.44
N THR B 82 12.64 -45.58 38.78
CA THR B 82 11.33 -45.41 38.13
C THR B 82 10.26 -45.03 39.14
N GLN B 83 10.21 -45.71 40.28
CA GLN B 83 9.17 -45.43 41.27
C GLN B 83 9.36 -44.06 41.91
N ALA B 84 10.60 -43.72 42.27
CA ALA B 84 10.89 -42.43 42.89
C ALA B 84 10.62 -41.29 41.92
N SER B 85 10.96 -41.47 40.65
CA SER B 85 10.65 -40.44 39.66
C SER B 85 9.17 -40.36 39.34
N ARG B 86 8.44 -41.48 39.44
CA ARG B 86 6.98 -41.42 39.32
C ARG B 86 6.38 -40.63 40.48
N ASN B 87 6.89 -40.83 41.70
CA ASN B 87 6.41 -40.06 42.83
C ASN B 87 6.81 -38.59 42.71
N ALA B 88 8.00 -38.32 42.13
CA ALA B 88 8.41 -36.95 41.91
C ALA B 88 7.53 -36.26 40.87
N ASN B 89 7.15 -36.98 39.81
CA ASN B 89 6.22 -36.44 38.83
C ASN B 89 4.83 -36.26 39.43
N ASP B 90 4.44 -37.15 40.35
CA ASP B 90 3.20 -36.95 41.09
C ASP B 90 3.26 -35.67 41.92
N GLY B 91 4.40 -35.41 42.55
CA GLY B 91 4.58 -34.16 43.27
C GLY B 91 4.59 -32.93 42.38
N ILE B 92 5.16 -33.04 41.19
CA ILE B 92 5.12 -31.93 40.24
C ILE B 92 3.69 -31.68 39.79
N SER B 93 2.92 -32.74 39.55
CA SER B 93 1.51 -32.57 39.25
C SER B 93 0.75 -32.02 40.44
N ILE B 94 1.17 -32.36 41.66
CA ILE B 94 0.61 -31.74 42.86
C ILE B 94 0.86 -30.24 42.82
N ALA B 95 2.08 -29.84 42.46
CA ALA B 95 2.42 -28.43 42.37
C ALA B 95 1.56 -27.74 41.31
N GLN B 96 1.33 -28.40 40.18
CA GLN B 96 0.53 -27.78 39.11
C GLN B 96 -0.94 -27.66 39.51
N THR B 97 -1.52 -28.73 40.06
CA THR B 97 -2.91 -28.66 40.49
C THR B 97 -3.10 -27.68 41.64
N THR B 98 -2.11 -27.57 42.53
CA THR B 98 -2.21 -26.60 43.61
C THR B 98 -1.96 -25.19 43.09
N GLU B 99 -1.20 -25.04 42.01
CA GLU B 99 -1.12 -23.75 41.33
C GLU B 99 -2.48 -23.35 40.78
N GLY B 100 -3.19 -24.29 40.15
CA GLY B 100 -4.54 -24.02 39.72
C GLY B 100 -5.46 -23.67 40.87
N ALA B 101 -5.35 -24.41 41.97
CA ALA B 101 -6.16 -24.14 43.15
C ALA B 101 -5.85 -22.76 43.74
N LEU B 102 -4.58 -22.38 43.74
CA LEU B 102 -4.18 -21.08 44.25
C LEU B 102 -4.72 -19.96 43.36
N ASN B 103 -4.67 -20.16 42.04
CA ASN B 103 -5.27 -19.17 41.14
C ASN B 103 -6.76 -19.02 41.44
N GLU B 104 -7.46 -20.14 41.58
CA GLU B 104 -8.90 -20.08 41.85
C GLU B 104 -9.17 -19.41 43.19
N ILE B 105 -8.36 -19.72 44.21
CA ILE B 105 -8.65 -19.18 45.54
C ILE B 105 -8.27 -17.71 45.65
N ASN B 106 -7.25 -17.25 44.91
CA ASN B 106 -6.97 -15.82 44.87
C ASN B 106 -8.04 -15.06 44.08
N ASN B 107 -8.56 -15.66 43.00
CA ASN B 107 -9.71 -15.07 42.33
C ASN B 107 -10.88 -14.97 43.31
N ASN B 108 -11.08 -16.00 44.12
CA ASN B 108 -12.11 -15.96 45.15
C ASN B 108 -11.84 -14.86 46.17
N LEU B 109 -10.56 -14.66 46.53
CA LEU B 109 -10.23 -13.59 47.46
C LEU B 109 -10.61 -12.23 46.90
N GLN B 110 -10.24 -11.98 45.65
CA GLN B 110 -10.62 -10.70 45.04
C GLN B 110 -12.13 -10.56 44.96
N ARG B 111 -12.82 -11.66 44.62
CA ARG B 111 -14.28 -11.63 44.61
C ARG B 111 -14.84 -11.25 45.97
N VAL B 112 -14.39 -11.90 47.04
CA VAL B 112 -14.99 -11.67 48.35
C VAL B 112 -14.62 -10.29 48.88
N ARG B 113 -13.43 -9.79 48.55
CA ARG B 113 -13.08 -8.42 48.91
C ARG B 113 -14.03 -7.43 48.23
N GLU B 114 -14.27 -7.61 46.93
CA GLU B 114 -15.25 -6.78 46.24
C GLU B 114 -16.62 -6.91 46.90
N LEU B 115 -16.98 -8.15 47.29
CA LEU B 115 -18.29 -8.41 47.87
C LEU B 115 -18.47 -7.62 49.16
N ALA B 116 -17.49 -7.72 50.06
CA ALA B 116 -17.58 -7.00 51.34
C ALA B 116 -17.57 -5.50 51.14
N VAL B 117 -16.71 -5.00 50.26
CA VAL B 117 -16.61 -3.55 50.05
C VAL B 117 -17.92 -3.01 49.49
N GLN B 118 -18.52 -3.71 48.52
CA GLN B 118 -19.74 -3.22 47.91
C GLN B 118 -20.96 -3.41 48.81
N SER B 119 -20.95 -4.45 49.66
CA SER B 119 -22.08 -4.67 50.55
C SER B 119 -22.05 -3.71 51.73
N ALA B 120 -20.85 -3.35 52.20
CA ALA B 120 -20.73 -2.44 53.33
C ALA B 120 -21.31 -1.06 52.98
N ASN B 121 -21.04 -0.58 51.77
CA ASN B 121 -21.51 0.73 51.36
C ASN B 121 -22.72 0.61 50.44
N SER B 122 -23.21 1.76 49.98
CA SER B 122 -24.41 1.84 49.16
C SER B 122 -24.12 1.83 47.66
N THR B 123 -22.86 1.63 47.26
CA THR B 123 -22.54 1.60 45.84
C THR B 123 -23.25 0.45 45.12
N ASN B 124 -23.30 -0.72 45.76
CA ASN B 124 -23.97 -1.87 45.17
C ASN B 124 -25.41 -1.93 45.64
N SER B 125 -26.36 -1.72 44.73
CA SER B 125 -27.77 -1.74 45.06
C SER B 125 -28.24 -3.17 45.24
N GLN B 126 -29.48 -3.33 45.71
CA GLN B 126 -30.02 -4.65 45.99
C GLN B 126 -30.39 -5.44 44.75
N SER B 127 -30.74 -4.77 43.64
CA SER B 127 -30.76 -5.47 42.35
C SER B 127 -29.35 -5.84 41.93
N ASP B 128 -28.40 -4.93 42.14
CA ASP B 128 -27.00 -5.29 41.98
C ASP B 128 -26.63 -6.42 42.93
N LEU B 129 -27.23 -6.44 44.12
CA LEU B 129 -26.96 -7.54 45.06
C LEU B 129 -27.59 -8.86 44.58
N ASP B 130 -28.69 -8.80 43.82
CA ASP B 130 -29.20 -10.02 43.21
C ASP B 130 -28.27 -10.51 42.12
N SER B 131 -27.72 -9.59 41.33
CA SER B 131 -26.66 -9.96 40.41
C SER B 131 -25.46 -10.54 41.16
N ILE B 132 -25.20 -10.03 42.36
CA ILE B 132 -24.13 -10.57 43.21
C ILE B 132 -24.47 -11.97 43.69
N GLN B 133 -25.75 -12.24 43.95
CA GLN B 133 -26.15 -13.61 44.28
C GLN B 133 -25.92 -14.54 43.10
N ALA B 134 -26.20 -14.06 41.89
CA ALA B 134 -25.85 -14.82 40.69
C ALA B 134 -24.35 -15.07 40.61
N GLU B 135 -23.56 -14.05 40.92
CA GLU B 135 -22.11 -14.21 41.02
C GLU B 135 -21.71 -15.18 42.12
N ILE B 136 -22.47 -15.26 43.21
CA ILE B 136 -22.19 -16.22 44.28
C ILE B 136 -22.41 -17.64 43.76
N THR B 137 -23.49 -17.85 43.01
CA THR B 137 -23.68 -19.14 42.36
C THR B 137 -22.55 -19.45 41.39
N GLN B 138 -22.10 -18.43 40.65
CA GLN B 138 -21.02 -18.61 39.69
C GLN B 138 -19.72 -18.98 40.39
N ARG B 139 -19.43 -18.35 41.53
CA ARG B 139 -18.20 -18.68 42.24
C ARG B 139 -18.32 -20.02 42.98
N LEU B 140 -19.54 -20.41 43.34
CA LEU B 140 -19.74 -21.78 43.81
C LEU B 140 -19.41 -22.78 42.72
N ASN B 141 -19.82 -22.47 41.48
CA ASN B 141 -19.44 -23.29 40.34
C ASN B 141 -17.92 -23.23 40.11
N GLU B 142 -17.31 -22.09 40.41
CA GLU B 142 -15.85 -21.98 40.36
C GLU B 142 -15.20 -22.94 41.34
N ILE B 143 -15.72 -23.01 42.56
CA ILE B 143 -15.21 -23.97 43.55
C ILE B 143 -15.43 -25.39 43.06
N ASP B 144 -16.60 -25.67 42.48
CA ASP B 144 -16.87 -26.99 41.94
C ASP B 144 -15.90 -27.33 40.82
N ARG B 145 -15.48 -26.33 40.04
CA ARG B 145 -14.52 -26.57 38.96
C ARG B 145 -13.13 -26.83 39.50
N VAL B 146 -12.72 -26.08 40.52
CA VAL B 146 -11.41 -26.32 41.09
C VAL B 146 -11.36 -27.67 41.81
N SER B 147 -12.50 -28.13 42.32
CA SER B 147 -12.53 -29.42 43.02
C SER B 147 -12.63 -30.59 42.04
N GLY B 148 -13.67 -30.62 41.22
CA GLY B 148 -13.95 -31.77 40.37
C GLY B 148 -13.28 -31.76 39.01
N GLN B 149 -13.31 -30.62 38.31
CA GLN B 149 -12.80 -30.59 36.94
C GLN B 149 -11.32 -30.94 36.89
N THR B 150 -10.53 -30.41 37.82
CA THR B 150 -9.13 -30.77 37.90
C THR B 150 -8.96 -32.18 38.46
N GLN B 151 -7.90 -32.85 38.05
CA GLN B 151 -7.68 -34.24 38.44
C GLN B 151 -6.20 -34.44 38.77
N PHE B 152 -5.94 -35.43 39.63
CA PHE B 152 -4.60 -35.78 40.05
C PHE B 152 -4.35 -37.26 39.78
N ASN B 153 -3.30 -37.54 39.01
CA ASN B 153 -2.87 -38.91 38.70
C ASN B 153 -4.03 -39.72 38.12
N GLY B 154 -4.82 -39.08 37.27
CA GLY B 154 -5.98 -39.69 36.69
C GLY B 154 -7.19 -39.79 37.59
N VAL B 155 -7.12 -39.22 38.80
CA VAL B 155 -8.19 -39.28 39.78
C VAL B 155 -8.49 -37.86 40.27
N LYS B 156 -9.74 -37.61 40.61
CA LYS B 156 -10.13 -36.30 41.13
C LYS B 156 -9.75 -36.17 42.59
N VAL B 157 -8.46 -36.16 42.89
CA VAL B 157 -8.00 -36.00 44.27
C VAL B 157 -8.38 -34.63 44.81
N LEU B 158 -8.55 -33.64 43.94
CA LEU B 158 -9.09 -32.36 44.38
C LEU B 158 -10.58 -32.44 44.68
N ALA B 159 -11.23 -33.53 44.30
CA ALA B 159 -12.63 -33.76 44.63
C ALA B 159 -12.81 -34.81 45.73
N GLN B 160 -11.86 -35.71 45.90
CA GLN B 160 -11.88 -36.69 47.00
C GLN B 160 -10.53 -36.66 47.72
N ASP B 161 -10.58 -36.58 49.05
CA ASP B 161 -9.39 -36.43 49.87
C ASP B 161 -8.92 -37.79 50.37
N ASN B 162 -7.63 -38.06 50.18
CA ASN B 162 -6.97 -39.27 50.69
C ASN B 162 -5.71 -38.84 51.41
N THR B 163 -5.83 -38.52 52.69
CA THR B 163 -4.71 -38.04 53.50
C THR B 163 -3.89 -39.25 53.95
N LEU B 164 -3.11 -39.78 53.01
CA LEU B 164 -2.28 -40.96 53.26
C LEU B 164 -0.90 -40.75 52.64
N THR B 165 0.11 -41.31 53.28
CA THR B 165 1.45 -41.24 52.75
C THR B 165 1.57 -42.08 51.48
N ILE B 166 2.31 -41.56 50.50
CA ILE B 166 2.44 -42.25 49.23
C ILE B 166 3.40 -43.42 49.38
N GLN B 167 3.29 -44.38 48.45
CA GLN B 167 4.12 -45.57 48.47
C GLN B 167 5.59 -45.21 48.26
N VAL B 168 6.46 -45.97 48.91
CA VAL B 168 7.89 -45.68 48.91
C VAL B 168 8.46 -45.90 47.51
N GLY B 169 9.27 -44.96 47.04
CA GLY B 169 9.90 -45.09 45.74
C GLY B 169 11.08 -46.05 45.70
N ALA B 170 11.42 -46.67 46.83
CA ALA B 170 12.45 -47.69 46.94
C ALA B 170 13.86 -47.11 46.74
N ASN B 171 13.94 -45.81 46.46
CA ASN B 171 15.25 -45.16 46.37
C ASN B 171 15.73 -44.66 47.72
N ASP B 172 14.82 -44.47 48.68
CA ASP B 172 15.16 -43.99 50.00
C ASP B 172 14.42 -44.81 51.05
N GLY B 173 15.02 -44.88 52.24
CA GLY B 173 14.39 -45.64 53.32
C GLY B 173 13.09 -45.01 53.80
N GLU B 174 13.09 -43.69 53.96
CA GLU B 174 11.90 -42.99 54.45
C GLU B 174 10.85 -42.87 53.34
N THR B 175 9.59 -42.74 53.76
CA THR B 175 8.48 -42.62 52.84
C THR B 175 8.01 -41.17 52.76
N ILE B 176 7.57 -40.77 51.56
CA ILE B 176 7.10 -39.41 51.36
C ILE B 176 5.74 -39.24 52.02
N ASP B 177 5.65 -38.27 52.93
CA ASP B 177 4.42 -38.03 53.70
C ASP B 177 3.70 -36.84 53.07
N ILE B 178 2.86 -37.12 52.09
CA ILE B 178 2.07 -36.10 51.41
C ILE B 178 0.66 -36.09 52.01
N ASP B 179 0.34 -35.00 52.72
CA ASP B 179 -1.00 -34.82 53.27
C ASP B 179 -1.83 -34.06 52.23
N LEU B 180 -2.42 -34.82 51.31
CA LEU B 180 -3.19 -34.24 50.21
C LEU B 180 -4.38 -33.46 50.73
N LYS B 181 -4.33 -32.13 50.60
CA LYS B 181 -5.41 -31.25 51.05
C LYS B 181 -6.17 -30.78 49.82
N GLN B 182 -7.29 -31.47 49.54
CA GLN B 182 -8.14 -31.08 48.43
C GLN B 182 -8.78 -29.72 48.71
N ILE B 183 -9.12 -29.01 47.63
CA ILE B 183 -9.85 -27.74 47.75
C ILE B 183 -11.33 -28.12 47.74
N ASN B 184 -11.84 -28.43 48.92
CA ASN B 184 -13.24 -28.81 49.08
C ASN B 184 -14.05 -27.65 49.65
N SER B 185 -15.35 -27.68 49.39
CA SER B 185 -16.23 -26.68 49.97
C SER B 185 -16.50 -26.96 51.46
N GLN B 186 -16.62 -28.23 51.83
CA GLN B 186 -17.08 -28.57 53.18
C GLN B 186 -15.95 -28.55 54.19
N THR B 187 -14.94 -29.41 54.02
CA THR B 187 -13.94 -29.61 55.05
C THR B 187 -13.16 -28.33 55.34
N LEU B 188 -12.84 -27.56 54.31
CA LEU B 188 -12.12 -26.31 54.52
C LEU B 188 -13.03 -25.15 54.89
N GLY B 189 -14.33 -25.38 55.01
CA GLY B 189 -15.25 -24.34 55.43
C GLY B 189 -15.63 -23.36 54.35
N LEU B 190 -15.25 -23.60 53.11
CA LEU B 190 -15.58 -22.68 52.02
C LEU B 190 -17.06 -22.73 51.64
N ASP B 191 -17.73 -23.86 51.86
CA ASP B 191 -19.14 -23.96 51.54
C ASP B 191 -19.97 -22.98 52.35
N THR B 192 -19.54 -22.67 53.57
CA THR B 192 -20.28 -21.75 54.43
C THR B 192 -20.23 -20.32 53.90
N LEU B 193 -19.37 -20.03 52.94
CA LEU B 193 -19.25 -18.69 52.39
C LEU B 193 -20.48 -18.31 51.58
N ASN B 194 -21.28 -17.36 52.09
CA ASN B 194 -22.43 -16.85 51.35
C ASN B 194 -22.75 -15.47 51.91
N VAL B 195 -22.48 -14.43 51.13
CA VAL B 195 -22.58 -13.06 51.59
C VAL B 195 -23.89 -12.40 51.16
N GLN B 196 -24.89 -13.19 50.77
CA GLN B 196 -26.16 -12.61 50.36
C GLN B 196 -26.88 -12.01 51.56
N GLN B 197 -27.32 -10.76 51.42
CA GLN B 197 -27.98 -10.06 52.52
C GLN B 197 -29.49 -10.28 52.47
N LYS B 198 -30.17 -9.74 53.47
CA LYS B 198 -31.56 -10.10 53.74
C LYS B 198 -32.53 -9.37 52.80
N TYR B 199 -33.42 -10.14 52.18
CA TYR B 199 -34.60 -9.61 51.50
C TYR B 199 -35.83 -10.11 52.24
N LYS B 200 -36.70 -9.19 52.63
CA LYS B 200 -37.87 -9.57 53.40
C LYS B 200 -38.83 -10.39 52.55
N VAL B 201 -39.44 -11.40 53.16
CA VAL B 201 -40.37 -12.29 52.47
C VAL B 201 -41.78 -11.95 52.95
N SER B 202 -42.65 -11.60 52.01
CA SER B 202 -44.00 -11.17 52.32
C SER B 202 -45.02 -12.07 51.61
N ASP B 203 -46.20 -12.17 52.20
CA ASP B 203 -47.26 -13.05 51.70
C ASP B 203 -48.37 -12.21 51.11
N THR B 204 -48.94 -12.69 50.01
CA THR B 204 -50.04 -12.02 49.33
C THR B 204 -51.20 -12.99 49.20
N ALA B 205 -52.39 -12.57 49.65
CA ALA B 205 -53.57 -13.38 49.51
C ALA B 205 -54.08 -13.33 48.07
N ALA B 206 -54.43 -14.49 47.53
CA ALA B 206 -54.91 -14.57 46.16
C ALA B 206 -55.97 -15.65 46.06
N THR B 207 -56.85 -15.50 45.08
CA THR B 207 -57.92 -16.46 44.89
C THR B 207 -57.38 -17.72 44.19
N VAL B 208 -58.27 -18.69 43.99
CA VAL B 208 -57.89 -19.94 43.35
C VAL B 208 -57.62 -19.70 41.88
N THR B 209 -56.48 -20.20 41.39
CA THR B 209 -56.11 -20.11 39.98
C THR B 209 -56.65 -21.36 39.29
N GLY B 210 -57.81 -21.25 38.67
CA GLY B 210 -58.47 -22.40 38.11
C GLY B 210 -59.09 -23.26 39.19
N TYR B 211 -59.16 -24.57 38.89
CA TYR B 211 -59.68 -25.52 39.86
C TYR B 211 -58.74 -25.64 41.07
N ALA B 212 -57.47 -25.30 40.88
CA ALA B 212 -56.45 -25.42 41.93
C ALA B 212 -56.41 -26.85 42.49
N ASP B 213 -55.98 -27.77 41.63
CA ASP B 213 -56.05 -29.19 41.96
C ASP B 213 -54.98 -29.56 42.99
N THR B 214 -55.01 -30.83 43.40
CA THR B 214 -54.04 -31.42 44.31
C THR B 214 -53.58 -32.77 43.77
N THR B 215 -52.49 -33.28 44.34
CA THR B 215 -51.83 -34.43 43.75
C THR B 215 -52.59 -35.73 43.98
N ILE B 216 -52.68 -36.16 45.24
CA ILE B 216 -53.36 -37.43 45.52
C ILE B 216 -54.87 -37.29 45.45
N ALA B 217 -55.43 -36.22 46.02
CA ALA B 217 -56.86 -35.91 45.91
C ALA B 217 -57.74 -37.05 46.41
N LEU B 218 -59.02 -37.00 46.06
CA LEU B 218 -59.98 -38.05 46.39
C LEU B 218 -59.85 -39.17 45.37
N ASP B 219 -60.20 -40.39 45.78
CA ASP B 219 -60.13 -41.54 44.89
C ASP B 219 -61.02 -41.33 43.66
N ASN B 220 -60.50 -41.69 42.50
CA ASN B 220 -61.20 -41.43 41.23
C ASN B 220 -61.99 -42.63 40.73
N SER B 221 -61.54 -43.86 41.00
CA SER B 221 -62.28 -45.03 40.53
C SER B 221 -63.65 -45.12 41.18
N THR B 222 -63.69 -45.05 42.51
CA THR B 222 -64.96 -45.02 43.22
C THR B 222 -65.75 -43.74 42.93
N PHE B 223 -65.06 -42.66 42.58
CA PHE B 223 -65.73 -41.43 42.19
C PHE B 223 -66.53 -41.62 40.91
N LYS B 224 -65.92 -42.25 39.90
CA LYS B 224 -66.64 -42.61 38.68
C LYS B 224 -67.73 -43.64 38.97
N ALA B 225 -67.46 -44.59 39.87
CA ALA B 225 -68.48 -45.57 40.23
C ALA B 225 -69.71 -44.91 40.84
N SER B 226 -69.48 -43.94 41.73
CA SER B 226 -70.59 -43.18 42.32
C SER B 226 -71.32 -42.36 41.28
N ALA B 227 -70.57 -41.75 40.35
CA ALA B 227 -71.20 -41.03 39.25
C ALA B 227 -72.08 -41.94 38.42
N THR B 228 -71.69 -43.20 38.26
CA THR B 228 -72.50 -44.14 37.49
C THR B 228 -73.57 -44.81 38.34
N GLY B 229 -73.54 -44.62 39.66
CA GLY B 229 -74.46 -45.32 40.55
C GLY B 229 -75.85 -44.73 40.63
N LEU B 230 -76.11 -43.61 39.94
CA LEU B 230 -77.42 -42.98 40.02
C LEU B 230 -78.51 -43.89 39.46
N GLY B 231 -78.26 -44.52 38.32
CA GLY B 231 -79.22 -45.42 37.73
C GLY B 231 -79.20 -45.31 36.22
N GLY B 232 -80.24 -45.82 35.60
CA GLY B 232 -80.36 -45.81 34.16
C GLY B 232 -79.78 -47.05 33.51
N THR B 233 -79.94 -47.15 32.19
CA THR B 233 -79.41 -48.30 31.46
C THR B 233 -77.89 -48.23 31.37
N ASP B 234 -77.37 -47.13 30.82
CA ASP B 234 -75.93 -46.90 30.70
C ASP B 234 -75.65 -45.47 31.13
N GLN B 235 -74.75 -45.30 32.08
CA GLN B 235 -74.39 -43.98 32.60
C GLN B 235 -72.88 -43.79 32.70
N LYS B 236 -72.08 -44.66 32.08
CA LYS B 236 -70.64 -44.53 32.16
C LYS B 236 -70.18 -43.27 31.44
N ILE B 237 -69.19 -42.59 32.02
CA ILE B 237 -68.73 -41.30 31.55
C ILE B 237 -67.55 -41.52 30.60
N ASP B 238 -67.62 -40.89 29.42
CA ASP B 238 -66.47 -40.83 28.55
C ASP B 238 -65.47 -39.82 29.10
N GLY B 239 -64.21 -40.24 29.23
CA GLY B 239 -63.25 -39.37 29.86
C GLY B 239 -63.40 -39.37 31.37
N ASP B 240 -63.12 -38.23 31.97
CA ASP B 240 -63.19 -38.08 33.41
C ASP B 240 -64.36 -37.16 33.79
N LEU B 241 -64.68 -37.15 35.08
CA LEU B 241 -65.77 -36.33 35.60
C LEU B 241 -65.22 -35.07 36.26
N LYS B 242 -65.73 -33.92 35.83
CA LYS B 242 -65.30 -32.61 36.31
C LYS B 242 -66.51 -31.83 36.85
N PHE B 243 -66.28 -30.54 37.14
CA PHE B 243 -67.25 -29.71 37.83
C PHE B 243 -67.81 -28.67 36.87
N ASP B 244 -69.12 -28.41 37.00
CA ASP B 244 -69.83 -27.46 36.15
C ASP B 244 -70.49 -26.40 37.02
N ASP B 245 -70.74 -25.24 36.42
CA ASP B 245 -71.39 -24.12 37.10
C ASP B 245 -72.88 -24.03 36.82
N THR B 246 -73.31 -24.25 35.58
CA THR B 246 -74.73 -24.16 35.25
C THR B 246 -75.53 -25.24 35.96
N THR B 247 -75.01 -26.47 35.98
CA THR B 247 -75.70 -27.56 36.67
C THR B 247 -75.75 -27.31 38.18
N GLY B 248 -74.63 -26.86 38.77
CA GLY B 248 -74.53 -26.63 40.20
C GLY B 248 -73.38 -27.38 40.84
N LYS B 249 -73.10 -28.58 40.38
CA LYS B 249 -71.96 -29.38 40.86
C LYS B 249 -71.61 -30.35 39.72
N TYR B 250 -70.85 -31.41 40.05
CA TYR B 250 -70.10 -32.12 39.01
C TYR B 250 -70.99 -32.57 37.86
N TYR B 251 -70.49 -32.42 36.64
CA TYR B 251 -71.23 -32.71 35.43
C TYR B 251 -70.76 -34.06 34.87
N ALA B 252 -71.69 -35.01 34.76
CA ALA B 252 -71.36 -36.36 34.36
C ALA B 252 -71.86 -36.59 32.94
N LYS B 253 -70.95 -36.93 32.04
CA LYS B 253 -71.32 -37.27 30.67
C LYS B 253 -71.97 -38.64 30.64
N VAL B 254 -73.08 -38.74 29.93
CA VAL B 254 -73.86 -39.97 29.86
C VAL B 254 -73.97 -40.40 28.40
N THR B 255 -73.65 -41.66 28.14
CA THR B 255 -73.77 -42.25 26.81
C THR B 255 -74.67 -43.48 26.93
N VAL B 256 -75.85 -43.40 26.34
CA VAL B 256 -76.88 -44.44 26.47
C VAL B 256 -76.98 -45.20 25.16
N THR B 257 -76.91 -46.53 25.23
CA THR B 257 -77.06 -47.38 24.07
C THR B 257 -78.49 -47.92 24.02
N GLY B 258 -79.17 -47.68 22.90
CA GLY B 258 -80.54 -48.10 22.74
C GLY B 258 -81.57 -47.18 23.36
N GLY B 259 -81.15 -46.06 23.94
CA GLY B 259 -82.09 -45.12 24.55
C GLY B 259 -81.82 -43.71 24.09
N THR B 260 -82.89 -42.92 24.00
CA THR B 260 -82.81 -41.54 23.56
C THR B 260 -83.36 -40.61 24.65
N GLY B 261 -82.76 -39.43 24.75
CA GLY B 261 -83.19 -38.44 25.72
C GLY B 261 -82.55 -38.54 27.08
N LYS B 262 -81.77 -39.59 27.34
CA LYS B 262 -81.07 -39.74 28.61
C LYS B 262 -79.63 -39.28 28.56
N ASP B 263 -79.19 -38.71 27.44
CA ASP B 263 -77.83 -38.23 27.28
C ASP B 263 -77.72 -36.79 27.76
N GLY B 264 -76.69 -36.50 28.55
CA GLY B 264 -76.48 -35.16 29.05
C GLY B 264 -75.61 -35.11 30.29
N TYR B 265 -75.15 -33.92 30.65
CA TYR B 265 -74.31 -33.75 31.84
C TYR B 265 -75.20 -33.77 33.08
N TYR B 266 -75.31 -34.92 33.72
CA TYR B 266 -76.07 -35.02 34.96
C TYR B 266 -75.35 -34.28 36.08
N GLU B 267 -76.11 -33.60 36.92
CA GLU B 267 -75.57 -32.92 38.09
C GLU B 267 -75.42 -33.94 39.22
N VAL B 268 -74.20 -34.14 39.69
CA VAL B 268 -73.89 -35.11 40.73
C VAL B 268 -73.13 -34.42 41.85
N SER B 269 -73.46 -34.80 43.08
CA SER B 269 -72.79 -34.34 44.30
C SER B 269 -72.18 -35.55 44.98
N VAL B 270 -70.87 -35.54 45.18
CA VAL B 270 -70.12 -36.72 45.61
C VAL B 270 -69.51 -36.43 46.97
N ASP B 271 -69.79 -37.32 47.93
CA ASP B 271 -69.12 -37.34 49.22
C ASP B 271 -68.38 -38.68 49.29
N LYS B 272 -67.06 -38.64 49.16
CA LYS B 272 -66.28 -39.86 48.98
C LYS B 272 -66.22 -40.75 50.22
N THR B 273 -66.52 -40.20 51.40
CA THR B 273 -66.56 -41.05 52.59
C THR B 273 -67.64 -42.13 52.45
N ASN B 274 -68.81 -41.76 51.96
CA ASN B 274 -69.86 -42.75 51.69
C ASN B 274 -69.57 -43.53 50.42
N GLY B 275 -69.05 -42.87 49.39
CA GLY B 275 -68.80 -43.50 48.12
C GLY B 275 -69.96 -43.48 47.15
N GLU B 276 -70.96 -42.62 47.37
CA GLU B 276 -72.13 -42.53 46.51
C GLU B 276 -72.36 -41.08 46.13
N VAL B 277 -73.44 -40.85 45.38
CA VAL B 277 -73.80 -39.53 44.88
C VAL B 277 -75.18 -39.18 45.38
N THR B 278 -75.33 -37.98 45.94
CA THR B 278 -76.63 -37.46 46.34
C THR B 278 -77.36 -36.95 45.10
N LEU B 279 -78.61 -37.38 44.92
CA LEU B 279 -79.38 -36.99 43.75
C LEU B 279 -79.71 -35.50 43.80
N ALA B 280 -79.63 -34.85 42.65
CA ALA B 280 -79.95 -33.43 42.52
C ALA B 280 -81.46 -33.31 42.29
N GLY B 281 -82.17 -32.85 43.32
CA GLY B 281 -83.62 -32.78 43.24
C GLY B 281 -84.34 -34.07 43.49
N GLY B 282 -83.64 -35.10 43.96
CA GLY B 282 -84.25 -36.40 44.19
C GLY B 282 -84.71 -37.11 42.94
N ALA B 283 -83.96 -36.98 41.85
CA ALA B 283 -84.31 -37.63 40.60
C ALA B 283 -83.06 -37.73 39.73
N THR B 284 -83.14 -38.61 38.73
CA THR B 284 -82.07 -38.80 37.76
C THR B 284 -82.41 -38.21 36.39
N SER B 285 -83.32 -37.25 36.35
CA SER B 285 -83.74 -36.67 35.09
C SER B 285 -82.59 -35.90 34.44
N PRO B 286 -82.46 -35.96 33.12
CA PRO B 286 -81.37 -35.25 32.45
C PRO B 286 -81.52 -33.74 32.57
N LEU B 287 -80.37 -33.06 32.56
CA LEU B 287 -80.35 -31.60 32.62
C LEU B 287 -80.18 -31.00 31.23
N THR B 288 -80.20 -29.68 31.18
CA THR B 288 -80.07 -28.96 29.93
C THR B 288 -78.63 -28.48 29.72
N GLY B 289 -78.44 -27.66 28.68
CA GLY B 289 -77.14 -27.11 28.40
C GLY B 289 -76.29 -27.92 27.45
N GLY B 290 -76.72 -29.12 27.08
CA GLY B 290 -75.96 -29.96 26.17
C GLY B 290 -74.65 -30.42 26.78
N LEU B 291 -73.54 -30.03 26.17
CA LEU B 291 -72.19 -30.40 26.63
C LEU B 291 -71.33 -29.14 26.75
N PRO B 292 -71.57 -28.31 27.78
CA PRO B 292 -70.74 -27.12 27.98
C PRO B 292 -69.54 -27.39 28.88
N ALA B 293 -68.38 -26.85 28.51
CA ALA B 293 -67.16 -26.98 29.29
C ALA B 293 -66.74 -25.59 29.78
N THR B 294 -66.51 -25.47 31.08
CA THR B 294 -66.14 -24.18 31.65
C THR B 294 -64.64 -23.96 31.65
N ALA B 295 -63.89 -24.85 32.29
CA ALA B 295 -62.45 -24.70 32.43
C ALA B 295 -61.75 -25.49 31.33
N THR B 296 -60.89 -24.81 30.57
CA THR B 296 -60.11 -25.47 29.52
C THR B 296 -59.04 -26.39 30.11
N GLU B 297 -58.41 -26.01 31.21
CA GLU B 297 -57.33 -26.80 31.78
C GLU B 297 -57.86 -28.14 32.28
N ASP B 298 -57.14 -29.21 31.92
CA ASP B 298 -57.43 -30.56 32.39
C ASP B 298 -56.14 -31.20 32.87
N VAL B 299 -56.24 -32.00 33.92
CA VAL B 299 -55.09 -32.62 34.56
C VAL B 299 -55.16 -34.12 34.39
N LYS B 300 -54.02 -34.74 34.09
CA LYS B 300 -53.96 -36.19 34.03
C LYS B 300 -54.25 -36.82 35.39
N ASN B 301 -53.91 -36.12 36.47
CA ASN B 301 -54.20 -36.58 37.81
C ASN B 301 -55.63 -36.19 38.22
N VAL B 302 -56.13 -36.86 39.27
CA VAL B 302 -57.43 -36.52 39.81
C VAL B 302 -57.36 -35.17 40.52
N GLN B 303 -58.39 -34.35 40.32
CA GLN B 303 -58.35 -32.95 40.73
C GLN B 303 -59.30 -32.69 41.89
N VAL B 304 -58.78 -32.09 42.96
CA VAL B 304 -59.57 -31.59 44.06
C VAL B 304 -59.04 -30.21 44.44
N ALA B 305 -59.95 -29.28 44.70
CA ALA B 305 -59.57 -27.89 44.93
C ALA B 305 -58.66 -27.76 46.16
N ASN B 306 -57.91 -26.64 46.19
CA ASN B 306 -57.00 -26.38 47.30
C ASN B 306 -57.73 -26.05 48.60
N ALA B 307 -59.06 -26.13 48.63
CA ALA B 307 -59.77 -26.04 49.89
C ALA B 307 -59.36 -27.15 50.84
N ASP B 308 -59.07 -28.33 50.30
CA ASP B 308 -58.57 -29.44 51.11
C ASP B 308 -57.05 -29.53 51.09
N LEU B 309 -56.42 -29.33 49.93
CA LEU B 309 -54.96 -29.39 49.79
C LEU B 309 -54.41 -30.74 50.26
N THR B 310 -54.80 -31.81 49.57
CA THR B 310 -54.42 -33.15 50.02
C THR B 310 -52.93 -33.42 49.84
N GLU B 311 -52.23 -32.62 49.03
CA GLU B 311 -50.77 -32.77 48.95
C GLU B 311 -50.10 -32.35 50.25
N ALA B 312 -50.43 -31.17 50.76
CA ALA B 312 -49.86 -30.71 52.03
C ALA B 312 -50.28 -31.63 53.17
N LYS B 313 -51.56 -32.00 53.22
CA LYS B 313 -52.03 -32.92 54.25
C LYS B 313 -51.27 -34.24 54.18
N ALA B 314 -51.15 -34.83 52.98
CA ALA B 314 -50.44 -36.08 52.84
C ALA B 314 -49.00 -35.96 53.34
N ALA B 315 -48.26 -34.99 52.80
CA ALA B 315 -46.85 -34.84 53.16
C ALA B 315 -46.68 -34.65 54.66
N LEU B 316 -47.39 -33.67 55.25
CA LEU B 316 -47.17 -33.33 56.64
C LEU B 316 -47.65 -34.44 57.58
N THR B 317 -48.85 -34.96 57.36
CA THR B 317 -49.40 -35.97 58.26
C THR B 317 -48.63 -37.29 58.14
N ALA B 318 -48.35 -37.75 56.92
CA ALA B 318 -47.57 -38.96 56.76
C ALA B 318 -46.18 -38.80 57.36
N ALA B 319 -45.56 -37.64 57.17
CA ALA B 319 -44.35 -37.34 57.93
C ALA B 319 -44.65 -37.22 59.41
N GLY B 320 -45.77 -36.59 59.77
CA GLY B 320 -46.16 -36.42 61.15
C GLY B 320 -45.53 -35.20 61.79
N VAL B 321 -45.65 -34.05 61.14
CA VAL B 321 -44.97 -32.82 61.55
C VAL B 321 -45.96 -31.68 61.80
N THR B 322 -46.86 -31.44 60.85
CA THR B 322 -47.75 -30.28 60.94
C THR B 322 -49.05 -30.65 60.23
N GLY B 323 -49.96 -29.67 60.11
CA GLY B 323 -51.26 -29.90 59.48
C GLY B 323 -51.67 -28.85 58.46
N THR B 324 -52.96 -28.53 58.43
CA THR B 324 -53.51 -27.63 57.42
C THR B 324 -52.91 -26.23 57.54
N ALA B 325 -52.59 -25.63 56.39
CA ALA B 325 -52.14 -24.26 56.33
C ALA B 325 -52.53 -23.66 54.99
N SER B 326 -52.62 -22.33 54.97
CA SER B 326 -53.05 -21.63 53.77
C SER B 326 -51.93 -21.57 52.73
N VAL B 327 -52.31 -21.19 51.52
CA VAL B 327 -51.39 -21.03 50.39
C VAL B 327 -51.48 -19.60 49.90
N VAL B 328 -50.34 -18.93 49.78
CA VAL B 328 -50.30 -17.52 49.40
C VAL B 328 -49.24 -17.32 48.33
N LYS B 329 -49.36 -16.22 47.59
CA LYS B 329 -48.31 -15.82 46.67
C LYS B 329 -47.17 -15.19 47.45
N MET B 330 -45.95 -15.35 46.94
CA MET B 330 -44.76 -14.85 47.61
C MET B 330 -44.29 -13.56 46.96
N SER B 331 -43.81 -12.62 47.78
CA SER B 331 -43.26 -11.37 47.30
C SER B 331 -42.00 -11.04 48.09
N TYR B 332 -41.15 -10.22 47.49
CA TYR B 332 -39.87 -9.83 48.08
C TYR B 332 -39.92 -8.35 48.44
N THR B 333 -40.17 -8.08 49.72
CA THR B 333 -40.07 -6.71 50.23
C THR B 333 -38.61 -6.32 50.34
N ASP B 334 -38.27 -5.18 49.73
CA ASP B 334 -36.89 -4.72 49.66
C ASP B 334 -36.91 -3.21 49.57
N ASN B 335 -35.79 -2.58 49.97
CA ASN B 335 -35.69 -1.14 49.85
C ASN B 335 -35.71 -0.69 48.39
N ASN B 336 -35.01 -1.41 47.52
CA ASN B 336 -35.08 -1.11 46.09
C ASN B 336 -36.45 -1.42 45.50
N GLY B 337 -37.17 -2.36 46.10
CA GLY B 337 -38.51 -2.69 45.66
C GLY B 337 -38.63 -3.77 44.62
N LYS B 338 -37.51 -4.35 44.18
CA LYS B 338 -37.58 -5.44 43.21
C LYS B 338 -38.27 -6.65 43.81
N THR B 339 -39.18 -7.24 43.04
CA THR B 339 -39.97 -8.37 43.53
C THR B 339 -40.22 -9.34 42.38
N ILE B 340 -39.94 -10.62 42.60
CA ILE B 340 -40.19 -11.66 41.63
C ILE B 340 -41.17 -12.66 42.21
N ASP B 341 -42.23 -12.94 41.46
CA ASP B 341 -43.28 -13.85 41.89
C ASP B 341 -42.90 -15.27 41.48
N GLY B 342 -42.37 -16.04 42.42
CA GLY B 342 -42.04 -17.42 42.13
C GLY B 342 -43.27 -18.27 41.87
N GLY B 343 -44.30 -18.10 42.67
CA GLY B 343 -45.53 -18.86 42.51
C GLY B 343 -46.30 -18.93 43.80
N LEU B 344 -47.54 -19.41 43.68
CA LEU B 344 -48.44 -19.55 44.83
C LEU B 344 -47.96 -20.73 45.67
N ALA B 345 -47.28 -20.43 46.77
CA ALA B 345 -46.63 -21.45 47.59
C ALA B 345 -47.28 -21.54 48.96
N VAL B 346 -47.01 -22.64 49.65
CA VAL B 346 -47.64 -22.92 50.94
C VAL B 346 -46.87 -22.20 52.05
N LYS B 347 -47.61 -21.54 52.94
CA LYS B 347 -47.03 -20.86 54.09
C LYS B 347 -47.54 -21.52 55.36
N VAL B 348 -46.70 -22.30 56.01
CA VAL B 348 -47.00 -22.91 57.30
C VAL B 348 -46.31 -22.09 58.37
N GLY B 349 -47.07 -21.17 58.98
CA GLY B 349 -46.47 -20.29 59.97
C GLY B 349 -45.35 -19.47 59.35
N ASP B 350 -44.18 -19.52 60.00
CA ASP B 350 -43.01 -18.85 59.44
C ASP B 350 -42.44 -19.63 58.26
N ASP B 351 -42.54 -20.95 58.30
CA ASP B 351 -42.01 -21.77 57.21
C ASP B 351 -42.77 -21.52 55.93
N TYR B 352 -42.05 -21.58 54.80
CA TYR B 352 -42.61 -21.32 53.49
C TYR B 352 -42.06 -22.33 52.50
N TYR B 353 -42.92 -23.19 51.99
CA TYR B 353 -42.54 -24.24 51.04
C TYR B 353 -43.07 -23.90 49.65
N SER B 354 -42.17 -23.93 48.67
CA SER B 354 -42.52 -23.52 47.31
C SER B 354 -43.53 -24.47 46.69
N ALA B 355 -44.54 -23.91 46.04
CA ALA B 355 -45.53 -24.67 45.29
C ALA B 355 -45.73 -23.99 43.95
N THR B 356 -45.72 -24.79 42.89
CA THR B 356 -45.77 -24.27 41.52
C THR B 356 -46.98 -24.84 40.77
N GLN B 357 -47.44 -24.06 39.80
CA GLN B 357 -48.50 -24.50 38.90
C GLN B 357 -47.88 -25.13 37.65
N ASN B 358 -48.30 -26.36 37.35
CA ASN B 358 -47.73 -27.09 36.24
C ASN B 358 -48.45 -26.74 34.93
N LYS B 359 -47.92 -27.30 33.84
CA LYS B 359 -48.49 -27.02 32.52
C LYS B 359 -49.92 -27.54 32.40
N ASP B 360 -50.19 -28.73 32.93
CA ASP B 360 -51.52 -29.32 32.87
C ASP B 360 -52.48 -28.68 33.87
N GLY B 361 -52.05 -27.66 34.60
CA GLY B 361 -52.88 -27.04 35.62
C GLY B 361 -52.64 -27.54 37.02
N SER B 362 -51.58 -28.32 37.25
CA SER B 362 -51.33 -28.86 38.58
C SER B 362 -50.62 -27.84 39.46
N ILE B 363 -51.33 -27.37 40.48
CA ILE B 363 -50.77 -26.51 41.51
C ILE B 363 -50.33 -27.41 42.66
N SER B 364 -49.06 -27.76 42.67
CA SER B 364 -48.54 -28.76 43.59
C SER B 364 -47.29 -28.24 44.28
N ILE B 365 -47.08 -28.69 45.52
CA ILE B 365 -45.90 -28.29 46.28
C ILE B 365 -44.66 -28.80 45.57
N ASN B 366 -43.64 -27.96 45.48
CA ASN B 366 -42.38 -28.33 44.86
C ASN B 366 -41.66 -29.32 45.78
N THR B 367 -41.99 -30.60 45.64
CA THR B 367 -41.44 -31.66 46.47
C THR B 367 -40.34 -32.35 45.67
N THR B 368 -39.09 -32.12 46.07
CA THR B 368 -37.95 -32.74 45.39
C THR B 368 -37.90 -34.22 45.72
N LYS B 369 -37.80 -35.05 44.69
CA LYS B 369 -37.66 -36.50 44.84
C LYS B 369 -36.18 -36.83 44.76
N TYR B 370 -35.50 -36.73 45.90
CA TYR B 370 -34.06 -36.95 45.97
C TYR B 370 -33.78 -38.38 46.42
N THR B 371 -32.89 -39.06 45.71
CA THR B 371 -32.54 -40.42 46.10
C THR B 371 -31.75 -40.41 47.40
N ALA B 372 -32.15 -41.24 48.34
CA ALA B 372 -31.56 -41.29 49.67
C ALA B 372 -30.79 -42.59 49.85
N ASP B 373 -30.26 -42.77 51.07
CA ASP B 373 -29.47 -43.96 51.37
C ASP B 373 -30.34 -45.19 51.61
N ASP B 374 -31.65 -45.01 51.76
CA ASP B 374 -32.54 -46.14 51.96
C ASP B 374 -32.80 -46.92 50.68
N GLY B 375 -32.36 -46.43 49.54
CA GLY B 375 -32.61 -47.06 48.26
C GLY B 375 -33.86 -46.60 47.54
N THR B 376 -34.69 -45.78 48.19
CA THR B 376 -35.90 -45.24 47.58
C THR B 376 -35.78 -43.73 47.52
N SER B 377 -36.25 -43.14 46.42
CA SER B 377 -36.19 -41.69 46.24
C SER B 377 -37.16 -41.02 47.19
N LYS B 378 -36.64 -40.43 48.25
CA LYS B 378 -37.48 -39.73 49.22
C LYS B 378 -38.01 -38.44 48.60
N THR B 379 -39.33 -38.25 48.67
CA THR B 379 -39.99 -37.07 48.14
C THR B 379 -40.21 -36.09 49.29
N ALA B 380 -39.32 -35.11 49.42
CA ALA B 380 -39.36 -34.14 50.50
C ALA B 380 -39.69 -32.76 49.96
N LEU B 381 -40.61 -32.08 50.62
CA LEU B 381 -41.01 -30.74 50.20
C LEU B 381 -39.85 -29.75 50.40
N ASN B 382 -39.74 -28.81 49.46
CA ASN B 382 -38.64 -27.86 49.45
C ASN B 382 -38.95 -26.64 50.29
N LYS B 383 -37.92 -25.84 50.55
CA LYS B 383 -38.05 -24.61 51.31
C LYS B 383 -37.25 -23.52 50.60
N LEU B 384 -37.26 -22.33 51.20
CA LEU B 384 -36.45 -21.22 50.71
C LEU B 384 -35.05 -21.29 51.30
N GLY B 385 -34.09 -20.77 50.55
CA GLY B 385 -32.71 -20.78 51.00
C GLY B 385 -32.08 -19.42 50.84
N GLY B 386 -31.11 -19.15 51.70
CA GLY B 386 -30.42 -17.88 51.69
C GLY B 386 -31.25 -16.76 52.31
N ALA B 387 -30.57 -15.64 52.59
CA ALA B 387 -31.27 -14.48 53.10
C ALA B 387 -32.16 -13.84 52.05
N ASP B 388 -31.83 -14.04 50.77
CA ASP B 388 -32.68 -13.52 49.70
C ASP B 388 -34.02 -14.24 49.66
N GLY B 389 -34.04 -15.55 49.87
CA GLY B 389 -35.24 -16.34 49.76
C GLY B 389 -35.62 -16.69 48.34
N LYS B 390 -34.90 -16.17 47.34
CA LYS B 390 -35.19 -16.48 45.96
C LYS B 390 -34.78 -17.91 45.62
N THR B 391 -33.69 -18.39 46.21
CA THR B 391 -33.20 -19.72 45.92
C THR B 391 -34.08 -20.77 46.58
N GLU B 392 -34.25 -21.90 45.89
CA GLU B 392 -35.05 -23.01 46.39
C GLU B 392 -34.11 -24.13 46.83
N VAL B 393 -34.33 -24.65 48.04
CA VAL B 393 -33.43 -25.60 48.67
C VAL B 393 -34.24 -26.81 49.14
N VAL B 394 -33.53 -27.90 49.38
CA VAL B 394 -34.13 -29.18 49.72
C VAL B 394 -33.85 -29.50 51.19
N SER B 395 -34.88 -29.97 51.88
CA SER B 395 -34.74 -30.38 53.28
C SER B 395 -34.34 -31.85 53.34
N ILE B 396 -33.07 -32.10 53.66
CA ILE B 396 -32.51 -33.44 53.72
C ILE B 396 -31.95 -33.67 55.11
N GLY B 397 -32.18 -34.86 55.65
CA GLY B 397 -31.64 -35.19 56.96
C GLY B 397 -32.12 -34.28 58.07
N GLY B 398 -33.24 -33.60 57.87
CA GLY B 398 -33.75 -32.67 58.86
C GLY B 398 -33.19 -31.27 58.78
N LYS B 399 -32.39 -30.95 57.77
CA LYS B 399 -31.82 -29.61 57.64
C LYS B 399 -31.72 -29.22 56.17
N THR B 400 -31.55 -27.92 55.94
CA THR B 400 -31.56 -27.39 54.59
C THR B 400 -30.25 -27.73 53.85
N TYR B 401 -30.37 -27.89 52.53
CA TYR B 401 -29.23 -28.13 51.67
C TYR B 401 -29.52 -27.56 50.29
N ALA B 402 -28.45 -27.26 49.56
CA ALA B 402 -28.57 -26.98 48.13
C ALA B 402 -28.74 -28.29 47.37
N ALA B 403 -29.73 -28.33 46.49
CA ALA B 403 -30.15 -29.56 45.81
C ALA B 403 -29.21 -29.99 44.67
N SER B 404 -28.02 -29.41 44.49
CA SER B 404 -27.18 -29.73 43.35
C SER B 404 -26.71 -31.18 43.32
N LYS B 405 -25.93 -31.60 44.33
CA LYS B 405 -25.23 -32.88 44.24
C LYS B 405 -26.11 -34.06 44.66
N ALA B 406 -26.51 -34.09 45.93
CA ALA B 406 -27.07 -35.32 46.50
C ALA B 406 -28.44 -35.66 45.94
N GLU B 407 -29.11 -34.71 45.30
CA GLU B 407 -30.41 -35.01 44.71
C GLU B 407 -30.26 -35.92 43.51
N GLY B 408 -31.02 -37.01 43.50
CA GLY B 408 -31.06 -37.89 42.34
C GLY B 408 -30.07 -39.03 42.33
N HIS B 409 -29.37 -39.26 43.44
CA HIS B 409 -28.46 -40.40 43.51
C HIS B 409 -28.26 -40.78 44.97
N ASN B 410 -27.83 -42.03 45.17
CA ASN B 410 -27.73 -42.60 46.51
C ASN B 410 -26.67 -41.90 47.34
N PHE B 411 -26.92 -41.84 48.66
CA PHE B 411 -25.94 -41.30 49.58
C PHE B 411 -24.68 -42.14 49.68
N LYS B 412 -24.71 -43.39 49.20
CA LYS B 412 -23.51 -44.21 49.19
C LYS B 412 -22.42 -43.58 48.32
N ALA B 413 -22.82 -42.85 47.27
CA ALA B 413 -21.85 -42.17 46.43
C ALA B 413 -21.36 -40.89 47.09
N GLN B 414 -22.28 -39.96 47.38
CA GLN B 414 -21.96 -38.71 48.05
C GLN B 414 -22.53 -38.74 49.47
N PRO B 415 -21.70 -38.81 50.50
CA PRO B 415 -22.24 -38.91 51.87
C PRO B 415 -22.93 -37.64 52.35
N ASP B 416 -22.26 -36.49 52.21
CA ASP B 416 -22.74 -35.23 52.74
C ASP B 416 -22.98 -34.24 51.60
N LEU B 417 -24.08 -33.49 51.71
CA LEU B 417 -24.46 -32.50 50.73
C LEU B 417 -24.09 -31.10 51.22
N ALA B 418 -23.80 -30.22 50.27
CA ALA B 418 -23.51 -28.83 50.58
C ALA B 418 -24.80 -28.10 50.95
N GLU B 419 -24.70 -27.21 51.93
CA GLU B 419 -25.85 -26.46 52.43
C GLU B 419 -25.67 -24.97 52.16
N ALA B 420 -26.79 -24.27 52.01
CA ALA B 420 -26.81 -22.83 51.87
C ALA B 420 -27.34 -22.22 53.16
N ALA B 421 -26.57 -21.28 53.72
CA ALA B 421 -26.98 -20.65 54.98
C ALA B 421 -28.26 -19.86 54.78
N ALA B 422 -29.14 -19.91 55.78
CA ALA B 422 -30.43 -19.21 55.71
C ALA B 422 -30.25 -17.70 55.70
N THR B 423 -29.08 -17.20 56.07
CA THR B 423 -28.80 -15.77 56.04
C THR B 423 -27.43 -15.52 55.46
N THR B 424 -26.93 -14.29 55.58
CA THR B 424 -25.57 -13.99 55.15
C THR B 424 -24.59 -14.77 56.02
N THR B 425 -23.42 -15.07 55.46
CA THR B 425 -22.44 -15.88 56.16
C THR B 425 -21.99 -15.18 57.45
N GLU B 426 -21.68 -15.98 58.46
CA GLU B 426 -21.28 -15.44 59.75
C GLU B 426 -19.98 -14.66 59.62
N ASN B 427 -19.86 -13.58 60.43
CA ASN B 427 -18.67 -12.75 60.64
C ASN B 427 -17.88 -12.54 59.36
N PRO B 428 -18.41 -11.73 58.43
CA PRO B 428 -17.80 -11.65 57.09
C PRO B 428 -16.35 -11.20 57.09
N LEU B 429 -15.96 -10.36 58.05
CA LEU B 429 -14.53 -10.04 58.19
C LEU B 429 -13.73 -11.30 58.49
N GLN B 430 -14.18 -12.08 59.48
CA GLN B 430 -13.57 -13.38 59.72
C GLN B 430 -13.83 -14.37 58.60
N LYS B 431 -14.83 -14.13 57.75
CA LYS B 431 -15.01 -15.00 56.58
C LYS B 431 -13.93 -14.74 55.54
N ILE B 432 -13.59 -13.48 55.29
CA ILE B 432 -12.42 -13.18 54.46
C ILE B 432 -11.16 -13.70 55.13
N ASP B 433 -11.09 -13.61 56.46
CA ASP B 433 -9.97 -14.20 57.17
C ASP B 433 -9.88 -15.70 56.94
N ALA B 434 -11.01 -16.39 56.87
CA ALA B 434 -11.03 -17.82 56.60
C ALA B 434 -10.68 -18.13 55.15
N ALA B 435 -11.06 -17.26 54.22
CA ALA B 435 -10.61 -17.43 52.84
C ALA B 435 -9.10 -17.31 52.76
N LEU B 436 -8.53 -16.31 53.43
CA LEU B 436 -7.08 -16.23 53.55
C LEU B 436 -6.49 -17.41 54.30
N ALA B 437 -7.23 -18.00 55.23
CA ALA B 437 -6.75 -19.20 55.91
C ALA B 437 -6.69 -20.39 54.96
N GLN B 438 -7.67 -20.50 54.06
CA GLN B 438 -7.59 -21.51 53.00
C GLN B 438 -6.40 -21.25 52.08
N VAL B 439 -6.16 -19.97 51.75
CA VAL B 439 -4.99 -19.63 50.96
C VAL B 439 -3.71 -20.02 51.70
N ASP B 440 -3.70 -19.83 53.02
CA ASP B 440 -2.53 -20.20 53.82
C ASP B 440 -2.36 -21.71 53.94
N THR B 441 -3.47 -22.46 53.96
CA THR B 441 -3.37 -23.91 53.92
C THR B 441 -2.78 -24.39 52.60
N LEU B 442 -3.23 -23.80 51.48
CA LEU B 442 -2.63 -24.09 50.20
C LEU B 442 -1.16 -23.66 50.17
N ARG B 443 -0.83 -22.56 50.84
CA ARG B 443 0.56 -22.12 50.96
C ARG B 443 1.39 -23.12 51.74
N SER B 444 0.86 -23.65 52.84
CA SER B 444 1.58 -24.65 53.60
C SER B 444 1.80 -25.92 52.79
N ASP B 445 0.77 -26.36 52.07
CA ASP B 445 0.91 -27.54 51.22
C ASP B 445 1.94 -27.30 50.12
N LEU B 446 1.88 -26.13 49.47
CA LEU B 446 2.86 -25.80 48.44
C LEU B 446 4.27 -25.78 49.01
N GLY B 447 4.47 -25.11 50.15
CA GLY B 447 5.80 -25.04 50.73
C GLY B 447 6.33 -26.42 51.07
N ALA B 448 5.51 -27.22 51.76
CA ALA B 448 5.96 -28.56 52.16
C ALA B 448 6.32 -29.40 50.94
N VAL B 449 5.38 -29.51 49.98
CA VAL B 449 5.61 -30.37 48.82
C VAL B 449 6.80 -29.87 48.01
N GLN B 450 6.85 -28.56 47.75
CA GLN B 450 7.86 -28.02 46.86
C GLN B 450 9.25 -28.06 47.47
N ASN B 451 9.40 -27.67 48.74
CA ASN B 451 10.74 -27.72 49.34
C ASN B 451 11.16 -29.15 49.59
N ARG B 452 10.24 -30.03 50.00
CA ARG B 452 10.59 -31.41 50.21
C ARG B 452 11.02 -32.05 48.90
N PHE B 453 10.35 -31.75 47.78
CA PHE B 453 10.72 -32.35 46.53
C PHE B 453 11.89 -31.66 45.84
N ASN B 454 12.22 -30.43 46.22
CA ASN B 454 13.51 -29.87 45.80
C ASN B 454 14.66 -30.56 46.52
N SER B 455 14.53 -30.72 47.84
CA SER B 455 15.50 -31.52 48.58
C SER B 455 15.51 -32.96 48.09
N ALA B 456 14.39 -33.44 47.55
CA ALA B 456 14.32 -34.80 47.03
C ALA B 456 14.93 -34.90 45.64
N ILE B 457 14.90 -33.81 44.86
CA ILE B 457 15.67 -33.78 43.61
C ILE B 457 17.16 -33.79 43.92
N THR B 458 17.56 -33.03 44.94
CA THR B 458 18.95 -33.12 45.41
C THR B 458 19.28 -34.52 45.90
N ASN B 459 18.33 -35.17 46.59
CA ASN B 459 18.55 -36.52 47.06
C ASN B 459 18.57 -37.53 45.91
N LEU B 460 17.83 -37.25 44.83
CA LEU B 460 17.91 -38.08 43.65
C LEU B 460 19.27 -37.94 42.98
N GLY B 461 19.80 -36.72 42.95
CA GLY B 461 21.18 -36.54 42.50
C GLY B 461 22.16 -37.29 43.37
N ASN B 462 21.92 -37.28 44.70
CA ASN B 462 22.76 -38.05 45.61
C ASN B 462 22.65 -39.55 45.35
N THR B 463 21.44 -40.03 45.08
CA THR B 463 21.24 -41.45 44.79
C THR B 463 21.92 -41.85 43.48
N VAL B 464 21.86 -40.97 42.47
CA VAL B 464 22.57 -41.25 41.23
C VAL B 464 24.07 -41.20 41.47
N ASN B 465 24.54 -40.36 42.39
CA ASN B 465 25.94 -40.36 42.78
C ASN B 465 26.33 -41.70 43.42
N ASN B 466 25.45 -42.23 44.28
CA ASN B 466 25.70 -43.55 44.87
C ASN B 466 25.73 -44.62 43.78
N LEU B 467 24.83 -44.52 42.81
CA LEU B 467 24.82 -45.47 41.69
C LEU B 467 26.08 -45.36 40.87
N THR B 468 26.60 -44.14 40.70
CA THR B 468 27.88 -43.95 40.01
C THR B 468 29.02 -44.56 40.81
N SER B 469 28.99 -44.43 42.13
CA SER B 469 29.99 -45.09 42.97
C SER B 469 29.91 -46.60 42.82
N ALA B 470 28.69 -47.14 42.72
CA ALA B 470 28.53 -48.57 42.47
C ALA B 470 29.08 -48.97 41.11
N ARG B 471 28.87 -48.11 40.09
CA ARG B 471 29.42 -48.36 38.77
C ARG B 471 30.95 -48.37 38.81
N SER B 472 31.54 -47.49 39.61
CA SER B 472 32.97 -47.55 39.85
C SER B 472 33.35 -48.85 40.54
N ARG B 473 32.50 -49.31 41.46
CA ARG B 473 32.74 -50.57 42.14
C ARG B 473 32.57 -51.77 41.21
N ILE B 474 31.58 -51.72 40.33
CA ILE B 474 31.32 -52.82 39.41
C ILE B 474 32.42 -52.89 38.33
N THR C 545 2.11 -62.67 17.42
CA THR C 545 1.76 -62.11 16.12
C THR C 545 0.39 -62.61 15.67
N ASP C 546 0.22 -63.93 15.62
CA ASP C 546 -1.07 -64.49 15.23
C ASP C 546 -2.16 -64.08 16.21
N LEU C 547 -1.87 -64.14 17.52
CA LEU C 547 -2.80 -63.59 18.50
C LEU C 547 -2.96 -62.09 18.31
N THR C 548 -1.86 -61.39 18.02
CA THR C 548 -1.94 -59.95 17.77
C THR C 548 -2.75 -59.67 16.51
N LYS C 549 -2.60 -60.50 15.47
CA LYS C 549 -3.40 -60.32 14.26
C LYS C 549 -4.88 -60.56 14.52
N ASN C 550 -5.21 -61.59 15.31
CA ASN C 550 -6.60 -61.84 15.66
C ASN C 550 -7.17 -60.69 16.47
N GLU C 551 -6.38 -60.15 17.41
CA GLU C 551 -6.79 -58.97 18.16
C GLU C 551 -6.98 -57.75 17.29
N LYS C 552 -6.12 -57.51 16.31
CA LYS C 552 -6.31 -56.39 15.40
C LYS C 552 -7.56 -56.59 14.55
N GLY C 553 -7.85 -57.83 14.15
CA GLY C 553 -9.10 -58.10 13.46
C GLY C 553 -10.32 -57.82 14.31
N ARG C 554 -10.26 -58.18 15.59
CA ARG C 554 -11.33 -57.85 16.52
C ARG C 554 -11.44 -56.33 16.70
N LEU C 555 -10.28 -55.65 16.72
CA LEU C 555 -10.23 -54.22 16.93
C LEU C 555 -10.80 -53.45 15.75
N THR C 556 -10.62 -53.97 14.54
CA THR C 556 -10.99 -53.25 13.32
C THR C 556 -12.40 -52.65 13.39
N PRO C 557 -13.45 -53.39 13.76
CA PRO C 557 -14.74 -52.70 13.96
C PRO C 557 -14.75 -51.84 15.22
N ILE C 558 -14.14 -52.32 16.30
CA ILE C 558 -14.20 -51.58 17.57
C ILE C 558 -13.28 -50.36 17.52
N THR C 559 -12.07 -50.51 16.99
CA THR C 559 -11.21 -49.33 16.84
C THR C 559 -11.68 -48.44 15.68
N LYS C 560 -12.36 -49.02 14.69
CA LYS C 560 -13.03 -48.17 13.70
C LYS C 560 -14.08 -47.30 14.37
N GLN C 561 -14.85 -47.89 15.28
CA GLN C 561 -15.83 -47.12 16.06
C GLN C 561 -15.15 -46.16 17.03
N GLN C 562 -13.94 -46.49 17.48
CA GLN C 562 -13.21 -45.57 18.37
C GLN C 562 -12.71 -44.35 17.63
N SER C 563 -12.12 -44.55 16.45
CA SER C 563 -11.76 -43.42 15.60
C SER C 563 -13.00 -42.65 15.18
N ALA C 564 -14.11 -43.36 14.96
CA ALA C 564 -15.38 -42.70 14.69
C ALA C 564 -15.83 -41.86 15.87
N ASN C 565 -15.59 -42.34 17.10
CA ASN C 565 -15.93 -41.58 18.29
C ASN C 565 -15.06 -40.34 18.42
N SER C 566 -13.78 -40.44 18.11
CA SER C 566 -12.90 -39.28 18.12
C SER C 566 -13.36 -38.25 17.10
N ALA C 567 -13.58 -38.70 15.85
CA ALA C 567 -14.08 -37.80 14.83
C ALA C 567 -15.47 -37.28 15.16
N LYS C 568 -16.25 -38.03 15.95
CA LYS C 568 -17.57 -37.60 16.34
C LYS C 568 -17.51 -36.53 17.42
N LEU C 569 -16.55 -36.64 18.33
CA LEU C 569 -16.31 -35.55 19.27
C LEU C 569 -15.86 -34.30 18.53
N THR C 570 -14.98 -34.47 17.55
CA THR C 570 -14.57 -33.33 16.71
C THR C 570 -15.77 -32.74 15.97
N ALA C 571 -16.63 -33.61 15.42
CA ALA C 571 -17.82 -33.15 14.71
C ALA C 571 -18.78 -32.43 15.64
N TYR C 572 -18.95 -32.93 16.86
CA TYR C 572 -19.81 -32.27 17.82
C TYR C 572 -19.25 -30.89 18.17
N GLY C 573 -17.93 -30.80 18.35
CA GLY C 573 -17.33 -29.50 18.59
C GLY C 573 -17.55 -28.52 17.45
N THR C 574 -17.33 -28.97 16.22
CA THR C 574 -17.53 -28.11 15.06
C THR C 574 -19.00 -27.71 14.91
N LEU C 575 -19.91 -28.66 15.13
CA LEU C 575 -21.34 -28.38 15.06
C LEU C 575 -21.77 -27.38 16.12
N LYS C 576 -21.26 -27.53 17.34
CA LYS C 576 -21.58 -26.58 18.40
C LYS C 576 -21.02 -25.21 18.07
N SER C 577 -19.81 -25.14 17.50
CA SER C 577 -19.25 -23.85 17.12
C SER C 577 -20.08 -23.19 16.02
N ALA C 578 -20.50 -23.96 15.01
CA ALA C 578 -21.31 -23.41 13.93
C ALA C 578 -22.65 -22.92 14.45
N LEU C 579 -23.29 -23.71 15.32
CA LEU C 579 -24.55 -23.26 15.90
C LEU C 579 -24.36 -22.06 16.80
N GLU C 580 -23.21 -21.95 17.47
CA GLU C 580 -22.95 -20.78 18.29
C GLU C 580 -22.82 -19.52 17.44
N LYS C 581 -22.08 -19.61 16.33
CA LYS C 581 -21.98 -18.46 15.44
C LYS C 581 -23.33 -18.10 14.82
N PHE C 582 -24.10 -19.11 14.43
CA PHE C 582 -25.43 -18.86 13.87
C PHE C 582 -26.34 -18.23 14.91
N GLN C 583 -26.28 -18.69 16.15
CA GLN C 583 -27.09 -18.11 17.21
C GLN C 583 -26.69 -16.66 17.47
N THR C 584 -25.39 -16.37 17.44
CA THR C 584 -24.95 -15.00 17.61
C THR C 584 -25.50 -14.09 16.51
N ALA C 585 -25.37 -14.52 15.26
CA ALA C 585 -25.87 -13.70 14.15
C ALA C 585 -27.40 -13.56 14.21
N ASN C 586 -28.09 -14.65 14.52
CA ASN C 586 -29.55 -14.62 14.60
C ASN C 586 -30.04 -13.70 15.71
N THR C 587 -29.37 -13.73 16.86
CA THR C 587 -29.72 -12.81 17.94
C THR C 587 -29.39 -11.37 17.57
N ALA C 588 -28.30 -11.15 16.84
CA ALA C 588 -27.99 -9.81 16.35
C ALA C 588 -29.10 -9.30 15.43
N LEU C 589 -29.70 -10.21 14.64
CA LEU C 589 -30.82 -9.82 13.80
C LEU C 589 -32.10 -9.57 14.60
N ASN C 590 -32.22 -10.16 15.79
CA ASN C 590 -33.48 -10.13 16.53
C ASN C 590 -33.82 -8.76 17.12
N LYS C 591 -33.06 -7.71 16.80
CA LYS C 591 -33.37 -6.39 17.31
C LYS C 591 -34.24 -5.63 16.32
N ALA C 592 -35.42 -5.19 16.77
CA ALA C 592 -36.35 -4.47 15.91
C ALA C 592 -35.90 -3.06 15.59
N ASP C 593 -34.98 -2.49 16.39
CA ASP C 593 -34.57 -1.10 16.21
C ASP C 593 -33.81 -0.86 14.91
N LEU C 594 -33.37 -1.92 14.23
CA LEU C 594 -32.66 -1.72 12.97
C LEU C 594 -33.58 -1.23 11.87
N PHE C 595 -34.84 -1.68 11.88
CA PHE C 595 -35.77 -1.27 10.84
C PHE C 595 -36.30 0.14 11.05
N LYS C 596 -36.33 0.62 12.30
CA LYS C 596 -36.66 2.01 12.58
C LYS C 596 -35.37 2.81 12.76
N SER C 597 -34.75 3.12 11.63
CA SER C 597 -33.52 3.88 11.62
C SER C 597 -33.58 4.97 10.57
N THR C 598 -33.05 6.14 10.90
CA THR C 598 -33.04 7.28 10.00
C THR C 598 -31.68 7.96 10.07
N VAL C 599 -31.49 8.95 9.20
CA VAL C 599 -30.27 9.75 9.16
C VAL C 599 -30.67 11.20 8.95
N ALA C 600 -30.01 12.10 9.66
CA ALA C 600 -30.38 13.51 9.66
C ALA C 600 -29.22 14.37 9.15
N SER C 601 -29.58 15.47 8.49
CA SER C 601 -28.62 16.43 7.99
C SER C 601 -29.09 17.84 8.29
N SER C 602 -28.14 18.76 8.43
CA SER C 602 -28.43 20.14 8.75
C SER C 602 -27.77 21.07 7.74
N THR C 603 -28.44 22.17 7.42
CA THR C 603 -27.88 23.12 6.46
C THR C 603 -26.80 23.99 7.09
N THR C 604 -26.96 24.35 8.36
CA THR C 604 -26.03 25.25 9.01
C THR C 604 -24.95 24.46 9.75
N GLU C 605 -23.73 24.99 9.71
CA GLU C 605 -22.62 24.36 10.41
C GLU C 605 -22.67 24.62 11.91
N ASP C 606 -23.46 25.62 12.34
CA ASP C 606 -23.58 25.89 13.77
C ASP C 606 -24.40 24.82 14.47
N LEU C 607 -25.63 24.60 14.02
CA LEU C 607 -26.49 23.59 14.61
C LEU C 607 -25.98 22.21 14.24
N LYS C 608 -25.83 21.34 15.23
CA LYS C 608 -25.40 19.97 15.01
C LYS C 608 -26.55 19.02 15.30
N VAL C 609 -26.72 18.01 14.46
CA VAL C 609 -27.88 17.12 14.54
C VAL C 609 -27.42 15.67 14.54
N SER C 610 -28.07 14.86 15.37
CA SER C 610 -27.84 13.42 15.41
C SER C 610 -29.18 12.74 15.59
N THR C 611 -29.23 11.46 15.25
CA THR C 611 -30.49 10.71 15.24
C THR C 611 -30.33 9.41 16.01
N THR C 612 -31.25 9.17 16.95
CA THR C 612 -31.31 7.92 17.67
C THR C 612 -32.32 6.98 16.98
N ALA C 613 -32.71 5.92 17.65
CA ALA C 613 -33.66 4.97 17.08
C ALA C 613 -35.09 5.41 17.38
N GLY C 614 -35.96 5.27 16.37
CA GLY C 614 -37.35 5.63 16.51
C GLY C 614 -37.75 6.98 15.96
N ALA C 615 -36.85 7.66 15.26
CA ALA C 615 -37.17 8.98 14.73
C ALA C 615 -38.16 8.87 13.58
N CYS C 616 -38.67 10.01 13.15
CA CYS C 616 -39.61 10.10 12.05
C CYS C 616 -39.06 11.02 10.96
N ALA C 617 -39.24 10.62 9.71
CA ALA C 617 -38.72 11.39 8.59
C ALA C 617 -39.50 12.68 8.41
N GLY C 618 -38.82 13.70 7.89
CA GLY C 618 -39.47 14.97 7.64
C GLY C 618 -38.45 16.08 7.56
N THR C 619 -38.97 17.31 7.64
CA THR C 619 -38.15 18.52 7.62
C THR C 619 -38.59 19.43 8.76
N TYR C 620 -37.62 19.91 9.52
CA TYR C 620 -37.87 20.75 10.68
C TYR C 620 -37.18 22.10 10.51
N LYS C 621 -37.84 23.16 10.93
CA LYS C 621 -37.31 24.52 10.88
C LYS C 621 -36.99 24.95 12.31
N ILE C 622 -35.70 25.08 12.61
CA ILE C 622 -35.24 25.40 13.96
C ILE C 622 -34.80 26.85 13.99
N ASN C 623 -35.31 27.60 14.97
CA ASN C 623 -34.89 28.96 15.25
C ASN C 623 -34.44 29.03 16.70
N VAL C 624 -33.15 29.28 16.93
CA VAL C 624 -32.59 29.34 18.27
C VAL C 624 -32.59 30.80 18.72
N THR C 625 -33.22 31.06 19.87
CA THR C 625 -33.36 32.40 20.41
C THR C 625 -32.35 32.71 21.51
N GLN C 626 -32.02 31.72 22.33
CA GLN C 626 -31.13 31.92 23.47
C GLN C 626 -30.20 30.71 23.60
N LEU C 627 -29.10 30.91 24.32
CA LEU C 627 -28.14 29.86 24.60
C LEU C 627 -27.94 29.76 26.10
N ALA C 628 -27.86 28.52 26.60
CA ALA C 628 -27.72 28.29 28.02
C ALA C 628 -26.36 28.77 28.53
N ALA C 629 -26.34 29.26 29.76
CA ALA C 629 -25.12 29.75 30.38
C ALA C 629 -25.04 29.22 31.80
N ALA C 630 -23.82 29.18 32.33
CA ALA C 630 -23.54 28.62 33.65
C ALA C 630 -23.06 29.72 34.57
N GLN C 631 -23.64 29.79 35.77
CA GLN C 631 -23.25 30.83 36.71
C GLN C 631 -21.81 30.68 37.16
N SER C 632 -21.11 31.80 37.23
CA SER C 632 -19.73 31.83 37.72
C SER C 632 -19.62 32.86 38.82
N LEU C 633 -19.02 32.48 39.93
CA LEU C 633 -18.82 33.38 41.06
C LEU C 633 -17.33 33.55 41.29
N ALA C 634 -16.89 34.79 41.42
CA ALA C 634 -15.48 35.09 41.64
C ALA C 634 -15.32 35.84 42.96
N THR C 635 -14.29 35.49 43.70
CA THR C 635 -14.01 36.20 44.95
C THR C 635 -13.70 37.66 44.68
N LYS C 636 -13.95 38.51 45.67
CA LYS C 636 -13.71 39.94 45.50
C LYS C 636 -12.26 40.31 45.82
N THR C 637 -11.70 39.75 46.89
CA THR C 637 -10.37 40.11 47.35
C THR C 637 -9.33 39.23 46.66
N THR C 638 -8.51 39.84 45.82
CA THR C 638 -7.41 39.12 45.20
C THR C 638 -6.33 38.79 46.22
N PHE C 639 -5.69 37.63 46.02
CA PHE C 639 -4.71 37.11 46.97
C PHE C 639 -3.32 37.12 46.36
N ALA C 640 -2.32 37.18 47.24
CA ALA C 640 -0.93 37.32 46.79
C ALA C 640 -0.43 36.04 46.13
N THR C 641 -0.66 34.90 46.75
CA THR C 641 -0.15 33.63 46.25
C THR C 641 -1.21 32.55 46.40
N THR C 642 -1.04 31.48 45.62
CA THR C 642 -1.99 30.36 45.67
C THR C 642 -1.70 29.43 46.84
N LYS C 643 -0.60 29.67 47.57
CA LYS C 643 -0.30 28.87 48.75
C LYS C 643 -0.50 29.64 50.05
N GLU C 644 -0.79 30.93 49.98
CA GLU C 644 -1.10 31.70 51.18
C GLU C 644 -2.40 31.21 51.80
N GLN C 645 -2.45 31.17 53.14
CA GLN C 645 -3.63 30.70 53.83
C GLN C 645 -4.79 31.67 53.64
N LEU C 646 -5.98 31.11 53.39
CA LEU C 646 -7.19 31.90 53.18
C LEU C 646 -8.09 31.95 54.41
N GLY C 647 -8.24 30.84 55.11
CA GLY C 647 -9.11 30.77 56.28
C GLY C 647 -8.31 30.77 57.56
N ASP C 648 -9.05 30.78 58.68
CA ASP C 648 -8.42 30.78 59.99
C ASP C 648 -7.84 29.41 60.30
N THR C 649 -6.65 29.39 60.90
CA THR C 649 -5.95 28.17 61.24
C THR C 649 -6.31 27.63 62.62
N SER C 650 -7.17 28.31 63.36
CA SER C 650 -7.53 27.84 64.68
C SER C 650 -8.46 26.63 64.62
N VAL C 651 -9.37 26.61 63.64
CA VAL C 651 -10.36 25.55 63.52
C VAL C 651 -9.79 24.47 62.60
N THR C 652 -9.69 23.25 63.11
CA THR C 652 -9.05 22.17 62.36
C THR C 652 -9.99 21.52 61.34
N SER C 653 -11.29 21.77 61.45
CA SER C 653 -12.27 21.15 60.56
C SER C 653 -13.33 22.15 60.15
N ARG C 654 -13.57 22.26 58.84
CA ARG C 654 -14.57 23.17 58.30
C ARG C 654 -15.27 22.50 57.15
N THR C 655 -16.43 23.03 56.78
CA THR C 655 -17.23 22.43 55.72
C THR C 655 -17.76 23.51 54.80
N ILE C 656 -17.72 23.24 53.50
CA ILE C 656 -18.32 24.09 52.47
C ILE C 656 -19.62 23.42 52.05
N LYS C 657 -20.72 24.16 52.14
CA LYS C 657 -22.05 23.64 51.89
C LYS C 657 -22.63 24.38 50.69
N ILE C 658 -22.84 23.66 49.60
CA ILE C 658 -23.35 24.21 48.36
C ILE C 658 -24.74 23.64 48.10
N GLU C 659 -25.72 24.51 47.93
CA GLU C 659 -27.11 24.11 47.75
C GLU C 659 -27.62 24.67 46.43
N GLN C 660 -28.28 23.81 45.64
CA GLN C 660 -28.85 24.23 44.37
C GLN C 660 -30.29 23.78 44.28
N PRO C 661 -31.12 24.45 43.47
CA PRO C 661 -32.45 23.91 43.19
C PRO C 661 -32.42 22.53 42.55
N GLY C 662 -31.37 22.24 41.79
CA GLY C 662 -31.29 20.94 41.13
C GLY C 662 -31.13 19.79 42.11
N ARG C 663 -29.99 19.74 42.80
CA ARG C 663 -29.73 18.64 43.72
C ARG C 663 -30.65 18.74 44.92
N LYS C 664 -31.03 17.57 45.45
CA LYS C 664 -31.93 17.51 46.59
C LYS C 664 -31.18 17.49 47.92
N GLU C 665 -30.05 16.77 47.97
CA GLU C 665 -29.21 16.76 49.16
C GLU C 665 -28.08 17.76 48.98
N PRO C 666 -27.96 18.77 49.84
CA PRO C 666 -26.90 19.76 49.66
C PRO C 666 -25.52 19.11 49.71
N LEU C 667 -24.60 19.64 48.89
CA LEU C 667 -23.27 19.07 48.79
C LEU C 667 -22.36 19.65 49.87
N GLU C 668 -21.76 18.76 50.67
CA GLU C 668 -20.82 19.16 51.70
C GLU C 668 -19.43 18.69 51.32
N ILE C 669 -18.48 19.62 51.33
CA ILE C 669 -17.07 19.33 51.04
C ILE C 669 -16.27 19.70 52.28
N LYS C 670 -15.56 18.73 52.84
CA LYS C 670 -14.93 18.89 54.14
C LYS C 670 -13.45 19.22 53.99
N LEU C 671 -13.02 20.31 54.63
CA LEU C 671 -11.62 20.72 54.66
C LEU C 671 -11.08 20.51 56.06
N ASP C 672 -10.06 19.68 56.20
CA ASP C 672 -9.39 19.47 57.48
C ASP C 672 -8.26 20.49 57.63
N LYS C 673 -7.41 20.30 58.62
CA LYS C 673 -6.34 21.26 58.89
C LYS C 673 -5.35 21.29 57.73
N GLY C 674 -4.92 22.49 57.37
CA GLY C 674 -4.00 22.68 56.27
C GLY C 674 -4.64 22.79 54.91
N ASP C 675 -5.96 22.59 54.80
CA ASP C 675 -6.66 22.68 53.53
C ASP C 675 -7.31 24.03 53.31
N THR C 676 -6.81 25.08 53.95
CA THR C 676 -7.37 26.42 53.77
C THR C 676 -6.66 27.21 52.69
N SER C 677 -5.68 26.62 52.00
CA SER C 677 -5.04 27.32 50.90
C SER C 677 -5.95 27.33 49.68
N MET C 678 -5.68 28.25 48.76
CA MET C 678 -6.47 28.35 47.54
C MET C 678 -6.36 27.08 46.71
N GLU C 679 -5.15 26.52 46.61
CA GLU C 679 -4.98 25.26 45.90
C GLU C 679 -5.73 24.12 46.58
N ALA C 680 -5.73 24.11 47.91
CA ALA C 680 -6.44 23.05 48.63
C ALA C 680 -7.95 23.13 48.41
N ILE C 681 -8.51 24.34 48.43
CA ILE C 681 -9.93 24.50 48.17
C ILE C 681 -10.26 24.09 46.74
N ARG C 682 -9.42 24.50 45.79
CA ARG C 682 -9.63 24.09 44.40
C ARG C 682 -9.63 22.58 44.28
N ASP C 683 -8.67 21.92 44.92
CA ASP C 683 -8.57 20.46 44.80
C ASP C 683 -9.73 19.75 45.47
N ALA C 684 -10.18 20.24 46.62
CA ALA C 684 -11.33 19.63 47.28
C ALA C 684 -12.57 19.73 46.43
N ILE C 685 -12.89 20.94 45.95
CA ILE C 685 -14.10 21.12 45.16
C ILE C 685 -14.01 20.35 43.85
N ASN C 686 -12.81 20.27 43.25
CA ASN C 686 -12.67 19.55 42.00
C ASN C 686 -12.69 18.02 42.19
N ASP C 687 -12.28 17.54 43.36
CA ASP C 687 -12.30 16.10 43.63
C ASP C 687 -13.67 15.61 44.07
N ALA C 688 -14.50 16.49 44.63
CA ALA C 688 -15.87 16.09 44.95
C ALA C 688 -16.60 15.62 43.70
N ASP C 689 -16.33 16.23 42.55
CA ASP C 689 -16.90 15.82 41.27
C ASP C 689 -18.42 15.82 41.28
N SER C 690 -19.02 16.89 41.78
CA SER C 690 -20.46 17.00 41.89
C SER C 690 -21.05 18.10 41.02
N GLY C 691 -20.30 18.63 40.06
CA GLY C 691 -20.81 19.65 39.17
C GLY C 691 -20.10 20.97 39.25
N ILE C 692 -19.79 21.42 40.47
CA ILE C 692 -19.09 22.68 40.66
C ILE C 692 -17.62 22.50 40.29
N CYS C 693 -17.06 23.47 39.57
CA CYS C 693 -15.70 23.38 39.05
C CYS C 693 -14.93 24.64 39.43
N ALA C 694 -14.02 24.51 40.40
CA ALA C 694 -13.24 25.63 40.88
C ALA C 694 -12.01 25.85 39.99
N SER C 695 -11.72 27.11 39.70
CA SER C 695 -10.57 27.51 38.90
C SER C 695 -9.78 28.56 39.65
N ILE C 696 -8.67 28.98 39.06
CA ILE C 696 -7.86 30.08 39.56
C ILE C 696 -7.46 30.96 38.39
N VAL C 697 -7.48 32.27 38.59
CA VAL C 697 -7.18 33.24 37.54
C VAL C 697 -6.07 34.16 38.06
N LYS C 698 -5.03 34.32 37.26
CA LYS C 698 -3.96 35.27 37.57
C LYS C 698 -4.24 36.56 36.81
N VAL C 699 -4.89 37.51 37.48
CA VAL C 699 -5.20 38.79 36.83
C VAL C 699 -3.91 39.52 36.45
N LYS C 700 -2.96 39.55 37.36
CA LYS C 700 -1.62 40.06 37.08
C LYS C 700 -0.69 39.56 38.17
N GLU C 701 0.60 39.86 38.00
CA GLU C 701 1.63 39.33 38.88
C GLU C 701 1.30 39.60 40.34
N ASN C 702 1.29 38.53 41.13
CA ASN C 702 1.06 38.58 42.58
C ASN C 702 -0.38 38.89 42.95
N GLU C 703 -1.35 38.64 42.07
CA GLU C 703 -2.74 38.67 42.51
C GLU C 703 -3.55 37.61 41.79
N PHE C 704 -4.38 36.90 42.55
CA PHE C 704 -5.14 35.76 42.06
C PHE C 704 -6.59 35.85 42.52
N GLN C 705 -7.47 35.15 41.83
CA GLN C 705 -8.86 35.03 42.25
C GLN C 705 -9.30 33.56 42.20
N LEU C 706 -10.37 33.28 42.93
CA LEU C 706 -10.99 31.96 42.94
C LEU C 706 -12.36 32.06 42.28
N VAL C 707 -12.61 31.16 41.32
CA VAL C 707 -13.80 31.18 40.49
C VAL C 707 -14.49 29.83 40.60
N LEU C 708 -15.77 29.84 40.99
CA LEU C 708 -16.59 28.64 41.09
C LEU C 708 -17.67 28.69 40.02
N THR C 709 -17.71 27.68 39.16
CA THR C 709 -18.63 27.65 38.04
C THR C 709 -19.54 26.44 38.16
N ALA C 710 -20.84 26.66 38.06
CA ALA C 710 -21.82 25.58 38.10
C ALA C 710 -22.04 25.07 36.68
N ASN C 711 -23.08 24.26 36.50
CA ASN C 711 -23.44 23.75 35.18
C ASN C 711 -24.45 24.68 34.51
N SER C 712 -24.84 24.34 33.29
CA SER C 712 -25.77 25.16 32.53
C SER C 712 -27.18 25.08 33.13
N GLY C 713 -27.91 26.17 33.05
CA GLY C 713 -29.30 26.18 33.46
C GLY C 713 -29.60 27.10 34.62
N THR C 714 -30.89 27.37 34.85
CA THR C 714 -31.32 28.22 35.96
C THR C 714 -31.66 27.41 37.20
N ASP C 715 -31.63 26.09 37.13
CA ASP C 715 -31.81 25.25 38.30
C ASP C 715 -30.51 24.90 39.00
N ASN C 716 -29.39 25.41 38.50
CA ASN C 716 -28.08 25.15 39.09
C ASN C 716 -27.46 26.39 39.69
N THR C 717 -28.27 27.34 40.15
CA THR C 717 -27.76 28.50 40.86
C THR C 717 -27.33 28.10 42.27
N MET C 718 -26.14 28.53 42.66
CA MET C 718 -25.53 28.11 43.90
C MET C 718 -25.92 29.03 45.05
N LYS C 719 -25.99 28.45 46.25
CA LYS C 719 -26.17 29.19 47.50
C LYS C 719 -25.10 28.67 48.46
N ILE C 720 -23.91 29.24 48.39
CA ILE C 720 -22.75 28.71 49.09
C ILE C 720 -22.77 29.17 50.55
N THR C 721 -22.22 28.34 51.42
CA THR C 721 -22.09 28.66 52.84
C THR C 721 -20.85 27.95 53.37
N VAL C 722 -20.27 28.47 54.45
CA VAL C 722 -19.13 27.85 55.09
C VAL C 722 -19.43 27.73 56.57
N GLU C 723 -19.37 26.51 57.09
CA GLU C 723 -19.69 26.23 58.49
C GLU C 723 -18.45 25.69 59.20
N GLY C 724 -18.18 26.25 60.39
CA GLY C 724 -17.01 25.91 61.16
C GLY C 724 -15.91 26.96 61.11
N ASP C 725 -15.99 27.90 60.19
CA ASP C 725 -14.98 28.94 60.04
C ASP C 725 -15.69 30.28 59.86
N THR C 726 -14.99 31.36 60.21
CA THR C 726 -15.56 32.70 60.08
C THR C 726 -14.93 33.49 58.94
N LYS C 727 -13.60 33.50 58.86
CA LYS C 727 -12.93 34.24 57.80
C LYS C 727 -13.27 33.64 56.43
N LEU C 728 -13.24 32.31 56.32
CA LEU C 728 -13.63 31.68 55.07
C LEU C 728 -15.08 31.97 54.74
N ASN C 729 -15.96 31.94 55.74
CA ASN C 729 -17.36 32.31 55.52
C ASN C 729 -17.45 33.74 55.02
N ASP C 730 -16.61 34.63 55.53
CA ASP C 730 -16.57 35.99 55.00
C ASP C 730 -16.07 36.01 53.57
N LEU C 731 -15.25 35.03 53.18
CA LEU C 731 -14.68 35.02 51.84
C LEU C 731 -15.58 34.31 50.83
N LEU C 732 -16.17 33.19 51.20
CA LEU C 732 -16.99 32.36 50.31
C LEU C 732 -18.38 32.28 50.90
N ALA C 733 -19.27 33.17 50.47
CA ALA C 733 -20.66 33.15 50.93
C ALA C 733 -21.53 33.87 49.92
N TYR C 734 -22.39 33.13 49.24
CA TYR C 734 -23.29 33.70 48.26
C TYR C 734 -24.71 33.26 48.60
N ASP C 735 -25.68 33.91 47.95
CA ASP C 735 -27.09 33.56 48.14
C ASP C 735 -27.83 34.01 46.89
N SER C 736 -28.12 33.07 46.00
CA SER C 736 -28.71 33.41 44.71
C SER C 736 -30.20 33.68 44.79
N THR C 737 -30.84 33.41 45.93
CA THR C 737 -32.26 33.74 46.07
C THR C 737 -32.45 35.25 46.18
N THR C 738 -31.64 35.91 46.99
CA THR C 738 -31.66 37.36 47.12
C THR C 738 -30.56 38.04 46.31
N ASN C 739 -29.70 37.26 45.64
CA ASN C 739 -28.61 37.78 44.83
C ASN C 739 -27.66 38.67 45.63
N THR C 740 -27.42 38.30 46.90
CA THR C 740 -26.53 39.07 47.78
C THR C 740 -25.51 38.13 48.39
N GLY C 741 -24.25 38.51 48.34
CA GLY C 741 -23.21 37.69 48.92
C GLY C 741 -21.88 38.39 48.93
N ASN C 742 -20.85 37.66 49.32
CA ASN C 742 -19.48 38.16 49.38
C ASN C 742 -18.68 37.82 48.13
N MET C 743 -19.32 37.29 47.11
CA MET C 743 -18.66 36.90 45.87
C MET C 743 -19.40 37.52 44.70
N GLN C 744 -18.67 38.13 43.78
CA GLN C 744 -19.34 38.76 42.66
C GLN C 744 -19.74 37.70 41.63
N GLU C 745 -20.77 38.00 40.87
CA GLU C 745 -21.32 37.08 39.88
C GLU C 745 -20.87 37.53 38.50
N LEU C 746 -19.94 36.79 37.91
CA LEU C 746 -19.40 37.18 36.61
C LEU C 746 -20.36 36.86 35.47
N VAL C 747 -21.03 35.71 35.54
CA VAL C 747 -21.93 35.25 34.49
C VAL C 747 -23.27 34.94 35.12
N LYS C 748 -24.33 35.10 34.34
CA LYS C 748 -25.70 34.89 34.80
C LYS C 748 -26.26 33.63 34.16
N ALA C 749 -26.98 32.83 34.95
CA ALA C 749 -27.50 31.56 34.48
C ALA C 749 -28.72 31.76 33.59
N GLU C 750 -28.74 31.06 32.45
CA GLU C 750 -29.80 31.20 31.48
C GLU C 750 -30.20 29.83 30.94
N ASN C 751 -31.45 29.73 30.51
CA ASN C 751 -31.99 28.53 29.88
C ASN C 751 -31.88 28.66 28.37
N ALA C 752 -31.94 27.51 27.69
CA ALA C 752 -31.87 27.50 26.24
C ALA C 752 -33.27 27.46 25.64
N LYS C 753 -33.65 28.52 24.94
CA LYS C 753 -34.94 28.62 24.29
C LYS C 753 -34.77 28.43 22.79
N LEU C 754 -35.69 27.71 22.19
CA LEU C 754 -35.68 27.55 20.74
C LEU C 754 -37.09 27.27 20.25
N ASN C 755 -37.23 27.27 18.92
CA ASN C 755 -38.51 27.09 18.25
C ASN C 755 -38.35 26.02 17.20
N VAL C 756 -39.09 24.93 17.34
CA VAL C 756 -39.07 23.82 16.39
C VAL C 756 -40.45 23.70 15.79
N ASN C 757 -40.57 24.03 14.50
CA ASN C 757 -41.83 23.91 13.75
C ASN C 757 -42.99 24.58 14.49
N GLY C 758 -42.72 25.76 15.05
CA GLY C 758 -43.75 26.51 15.72
C GLY C 758 -44.03 26.13 17.15
N ILE C 759 -43.26 25.20 17.73
CA ILE C 759 -43.40 24.82 19.13
C ILE C 759 -42.23 25.40 19.90
N ASP C 760 -42.52 26.04 21.03
CA ASP C 760 -41.52 26.72 21.83
C ASP C 760 -40.95 25.75 22.87
N ILE C 761 -39.65 25.46 22.76
CA ILE C 761 -38.96 24.50 23.61
C ILE C 761 -38.01 25.28 24.51
N GLU C 762 -37.91 24.86 25.77
CA GLU C 762 -37.00 25.51 26.72
C GLU C 762 -36.31 24.43 27.56
N ARG C 763 -35.03 24.22 27.30
CA ARG C 763 -34.23 23.23 27.99
C ARG C 763 -33.23 23.93 28.92
N GLN C 764 -32.55 23.11 29.72
CA GLN C 764 -31.54 23.60 30.65
C GLN C 764 -30.17 23.75 29.99
N SER C 765 -29.79 22.79 29.15
CA SER C 765 -28.48 22.76 28.53
C SER C 765 -28.59 23.01 27.04
N ASN C 766 -27.44 23.02 26.37
CA ASN C 766 -27.37 23.25 24.93
C ASN C 766 -27.47 21.98 24.12
N THR C 767 -27.88 20.88 24.73
CA THR C 767 -28.09 19.61 24.03
C THR C 767 -29.56 19.23 24.20
N VAL C 768 -30.34 19.50 23.16
CA VAL C 768 -31.78 19.25 23.19
C VAL C 768 -32.04 17.85 22.68
N THR C 769 -32.84 17.08 23.42
CA THR C 769 -33.02 15.66 23.14
C THR C 769 -34.43 15.31 22.67
N ASP C 770 -35.46 15.67 23.42
CA ASP C 770 -36.82 15.24 23.13
C ASP C 770 -37.63 16.31 22.42
N ALA C 771 -37.02 17.07 21.52
CA ALA C 771 -37.78 18.10 20.84
C ALA C 771 -38.72 17.45 19.83
N PRO C 772 -38.26 16.61 18.89
CA PRO C 772 -39.18 15.66 18.24
C PRO C 772 -39.16 14.24 18.80
N GLN C 773 -38.49 14.00 19.94
CA GLN C 773 -38.42 12.73 20.65
C GLN C 773 -37.49 11.71 19.99
N GLY C 774 -36.94 12.01 18.82
CA GLY C 774 -36.02 11.08 18.21
C GLY C 774 -34.76 11.71 17.68
N ILE C 775 -34.64 13.03 17.81
CA ILE C 775 -33.56 13.80 17.20
C ILE C 775 -32.85 14.57 18.30
N THR C 776 -31.52 14.51 18.30
CA THR C 776 -30.70 15.20 19.28
C THR C 776 -30.03 16.40 18.60
N LEU C 777 -30.17 17.57 19.21
CA LEU C 777 -29.67 18.82 18.65
C LEU C 777 -28.64 19.42 19.60
N THR C 778 -27.52 19.85 19.05
CA THR C 778 -26.49 20.56 19.80
C THR C 778 -26.40 21.97 19.25
N LEU C 779 -26.67 22.96 20.11
CA LEU C 779 -26.71 24.36 19.73
C LEU C 779 -25.35 24.98 19.96
N THR C 780 -24.91 25.81 19.01
CA THR C 780 -23.65 26.52 19.12
C THR C 780 -23.79 28.03 18.99
N LYS C 781 -24.68 28.50 18.12
CA LYS C 781 -24.92 29.92 17.93
C LYS C 781 -26.40 30.14 17.72
N LYS C 782 -26.81 31.42 17.74
CA LYS C 782 -28.21 31.81 17.54
C LYS C 782 -28.52 31.77 16.04
N VAL C 783 -28.85 30.59 15.55
CA VAL C 783 -29.25 30.47 14.15
C VAL C 783 -30.66 31.01 13.97
N THR C 784 -31.03 31.27 12.72
CA THR C 784 -32.36 31.75 12.37
C THR C 784 -32.81 31.03 11.10
N ASP C 785 -33.94 30.33 11.21
CA ASP C 785 -34.50 29.55 10.10
C ASP C 785 -33.48 28.55 9.55
N ALA C 786 -33.00 27.67 10.43
CA ALA C 786 -32.20 26.55 9.97
C ALA C 786 -33.10 25.37 9.63
N THR C 787 -32.61 24.49 8.78
CA THR C 787 -33.37 23.36 8.30
C THR C 787 -32.68 22.06 8.68
N VAL C 788 -33.45 21.11 9.20
CA VAL C 788 -32.96 19.77 9.51
C VAL C 788 -33.81 18.77 8.74
N THR C 789 -33.17 17.91 7.97
CA THR C 789 -33.86 16.92 7.15
C THR C 789 -33.56 15.53 7.69
N VAL C 790 -34.61 14.77 7.98
CA VAL C 790 -34.50 13.42 8.50
C VAL C 790 -35.08 12.47 7.47
N THR C 791 -34.27 11.50 7.04
CA THR C 791 -34.67 10.56 5.99
C THR C 791 -34.48 9.12 6.46
N LYS C 792 -35.41 8.26 6.05
CA LYS C 792 -35.36 6.86 6.46
C LYS C 792 -34.12 6.17 5.91
N ASP C 793 -33.66 5.15 6.62
CA ASP C 793 -32.47 4.39 6.23
C ASP C 793 -32.73 2.91 6.43
N ASP C 794 -32.06 2.09 5.62
CA ASP C 794 -32.19 0.64 5.71
C ASP C 794 -30.84 -0.08 5.70
N THR C 795 -29.75 0.67 5.80
CA THR C 795 -28.42 0.06 5.68
C THR C 795 -28.18 -0.97 6.77
N LYS C 796 -28.51 -0.63 8.03
CA LYS C 796 -28.24 -1.54 9.13
C LYS C 796 -29.03 -2.84 8.98
N ALA C 797 -30.30 -2.74 8.59
CA ALA C 797 -31.10 -3.93 8.36
C ALA C 797 -30.55 -4.76 7.22
N LYS C 798 -30.09 -4.10 6.15
CA LYS C 798 -29.52 -4.82 5.02
C LYS C 798 -28.27 -5.59 5.43
N GLU C 799 -27.38 -4.96 6.20
CA GLU C 799 -26.18 -5.65 6.63
C GLU C 799 -26.50 -6.78 7.60
N ALA C 800 -27.52 -6.59 8.46
CA ALA C 800 -27.93 -7.67 9.33
C ALA C 800 -28.45 -8.86 8.53
N ILE C 801 -29.23 -8.60 7.48
CA ILE C 801 -29.71 -9.68 6.64
C ILE C 801 -28.55 -10.40 5.95
N LYS C 802 -27.58 -9.63 5.44
CA LYS C 802 -26.42 -10.25 4.79
C LYS C 802 -25.67 -11.14 5.77
N SER C 803 -25.42 -10.64 6.99
CA SER C 803 -24.71 -11.45 7.97
C SER C 803 -25.51 -12.70 8.35
N TRP C 804 -26.83 -12.57 8.47
CA TRP C 804 -27.65 -13.72 8.84
C TRP C 804 -27.62 -14.80 7.75
N VAL C 805 -27.77 -14.39 6.49
CA VAL C 805 -27.76 -15.39 5.42
C VAL C 805 -26.37 -16.00 5.28
N ASP C 806 -25.32 -15.22 5.50
CA ASP C 806 -23.97 -15.80 5.48
C ASP C 806 -23.79 -16.82 6.59
N ALA C 807 -24.28 -16.52 7.78
CA ALA C 807 -24.18 -17.46 8.89
C ALA C 807 -24.94 -18.74 8.59
N TYR C 808 -26.15 -18.62 8.03
CA TYR C 808 -26.90 -19.83 7.71
C TYR C 808 -26.22 -20.63 6.61
N ASN C 809 -25.65 -19.94 5.61
CA ASN C 809 -24.93 -20.65 4.55
C ASN C 809 -23.72 -21.39 5.10
N SER C 810 -22.99 -20.77 6.02
CA SER C 810 -21.86 -21.46 6.64
C SER C 810 -22.32 -22.66 7.45
N LEU C 811 -23.45 -22.53 8.16
CA LEU C 811 -23.99 -23.68 8.90
C LEU C 811 -24.35 -24.82 7.95
N VAL C 812 -24.99 -24.49 6.82
CA VAL C 812 -25.37 -25.51 5.86
C VAL C 812 -24.14 -26.16 5.24
N ASP C 813 -23.11 -25.36 4.96
CA ASP C 813 -21.87 -25.91 4.42
C ASP C 813 -21.22 -26.87 5.41
N THR C 814 -21.18 -26.50 6.69
CA THR C 814 -20.61 -27.38 7.70
C THR C 814 -21.40 -28.67 7.81
N PHE C 815 -22.74 -28.58 7.81
CA PHE C 815 -23.55 -29.78 7.88
C PHE C 815 -23.34 -30.67 6.66
N SER C 816 -23.24 -30.07 5.46
CA SER C 816 -23.01 -30.86 4.26
C SER C 816 -21.66 -31.55 4.29
N SER C 817 -20.62 -30.85 4.75
CA SER C 817 -19.30 -31.46 4.85
C SER C 817 -19.28 -32.55 5.91
N LEU C 818 -20.11 -32.42 6.95
CA LEU C 818 -20.15 -33.46 7.99
C LEU C 818 -20.88 -34.71 7.50
N THR C 819 -21.75 -34.57 6.50
CA THR C 819 -22.43 -35.70 5.89
C THR C 819 -21.77 -36.14 4.60
N LYS C 820 -20.47 -35.89 4.46
CA LYS C 820 -19.75 -36.22 3.23
C LYS C 820 -19.66 -37.73 3.04
N TYR C 821 -19.71 -38.14 1.78
CA TYR C 821 -19.60 -39.54 1.42
C TYR C 821 -18.93 -39.66 0.06
N THR C 822 -18.36 -40.83 -0.20
CA THR C 822 -17.75 -41.15 -1.48
C THR C 822 -18.26 -42.51 -1.94
N ALA C 823 -18.71 -42.58 -3.18
CA ALA C 823 -19.22 -43.84 -3.73
C ALA C 823 -18.07 -44.67 -4.27
N VAL C 824 -18.06 -45.96 -3.93
CA VAL C 824 -17.05 -46.90 -4.40
C VAL C 824 -17.74 -47.97 -5.24
N GLU C 825 -17.25 -48.18 -6.47
CA GLU C 825 -17.85 -49.16 -7.35
C GLU C 825 -17.74 -50.59 -6.82
N PRO C 826 -16.58 -51.08 -6.39
CA PRO C 826 -16.54 -52.45 -5.85
C PRO C 826 -17.45 -52.65 -4.65
N GLY C 827 -17.56 -51.66 -3.78
CA GLY C 827 -18.42 -51.79 -2.61
C GLY C 827 -17.99 -52.86 -1.63
N GLU C 828 -16.69 -53.18 -1.57
CA GLU C 828 -16.22 -54.19 -0.63
C GLU C 828 -16.30 -53.68 0.81
N GLU C 829 -15.97 -52.41 1.02
CA GLU C 829 -15.96 -51.83 2.36
C GLU C 829 -16.25 -50.34 2.26
N ALA C 830 -16.63 -49.75 3.38
CA ALA C 830 -16.95 -48.33 3.41
C ALA C 830 -15.75 -47.49 3.04
N SER C 831 -15.98 -46.43 2.28
CA SER C 831 -14.91 -45.58 1.80
C SER C 831 -14.27 -44.82 2.95
N ASP C 832 -12.99 -44.46 2.78
CA ASP C 832 -12.28 -43.72 3.82
C ASP C 832 -12.87 -42.33 4.02
N LYS C 833 -13.26 -41.66 2.94
CA LYS C 833 -13.80 -40.30 3.02
C LYS C 833 -15.29 -40.39 3.35
N ASN C 834 -15.56 -40.62 4.64
CA ASN C 834 -16.93 -40.72 5.14
C ASN C 834 -17.11 -39.77 6.31
N GLY C 835 -18.25 -39.08 6.32
CA GLY C 835 -18.56 -38.22 7.45
C GLY C 835 -18.96 -39.05 8.66
N ALA C 836 -18.41 -38.66 9.82
CA ALA C 836 -18.73 -39.38 11.06
C ALA C 836 -20.20 -39.28 11.40
N LEU C 837 -20.79 -38.10 11.22
CA LEU C 837 -22.21 -37.88 11.50
C LEU C 837 -23.01 -38.04 10.20
N LEU C 838 -22.91 -39.23 9.64
CA LEU C 838 -23.64 -39.60 8.42
C LEU C 838 -24.72 -40.61 8.80
N GLY C 839 -25.97 -40.26 8.49
CA GLY C 839 -27.10 -41.07 8.88
C GLY C 839 -27.58 -40.86 10.29
N ASP C 840 -26.90 -40.04 11.08
CA ASP C 840 -27.33 -39.76 12.44
C ASP C 840 -28.50 -38.78 12.44
N SER C 841 -29.37 -38.95 13.42
CA SER C 841 -30.54 -38.07 13.55
C SER C 841 -30.18 -36.64 13.91
N VAL C 842 -28.93 -36.39 14.34
CA VAL C 842 -28.56 -35.06 14.82
C VAL C 842 -28.68 -34.03 13.72
N VAL C 843 -27.89 -34.19 12.65
CA VAL C 843 -27.83 -33.19 11.59
C VAL C 843 -29.17 -33.07 10.89
N ARG C 844 -29.80 -34.21 10.59
CA ARG C 844 -31.08 -34.19 9.90
C ARG C 844 -32.16 -33.51 10.72
N THR C 845 -32.22 -33.82 12.03
CA THR C 845 -33.22 -33.19 12.89
C THR C 845 -32.97 -31.70 13.02
N ILE C 846 -31.70 -31.29 13.15
CA ILE C 846 -31.39 -29.86 13.25
C ILE C 846 -31.82 -29.13 11.98
N GLN C 847 -31.50 -29.71 10.82
CA GLN C 847 -31.88 -29.06 9.57
C GLN C 847 -33.40 -28.99 9.43
N THR C 848 -34.11 -30.07 9.76
CA THR C 848 -35.57 -30.05 9.68
C THR C 848 -36.14 -28.98 10.59
N GLY C 849 -35.66 -28.93 11.84
CA GLY C 849 -36.19 -27.96 12.79
C GLY C 849 -35.92 -26.53 12.38
N ILE C 850 -34.72 -26.24 11.89
CA ILE C 850 -34.39 -24.88 11.51
C ILE C 850 -35.15 -24.47 10.25
N ARG C 851 -35.21 -25.33 9.25
CA ARG C 851 -35.88 -24.98 8.01
C ARG C 851 -37.40 -24.99 8.13
N ALA C 852 -37.95 -25.62 9.16
CA ALA C 852 -39.40 -25.60 9.32
C ALA C 852 -39.89 -24.24 9.82
N GLN C 853 -39.02 -23.46 10.45
CA GLN C 853 -39.42 -22.17 10.98
C GLN C 853 -39.57 -21.10 9.91
N PHE C 854 -39.13 -21.36 8.68
CA PHE C 854 -39.25 -20.37 7.62
C PHE C 854 -40.71 -20.15 7.23
N ALA C 855 -41.59 -21.07 7.57
CA ALA C 855 -43.04 -20.91 7.44
C ALA C 855 -43.60 -20.80 8.85
N ASN C 856 -43.75 -19.57 9.34
CA ASN C 856 -44.14 -19.31 10.72
C ASN C 856 -45.60 -18.86 10.75
N SER C 857 -46.41 -19.56 11.54
CA SER C 857 -47.79 -19.15 11.75
C SER C 857 -47.94 -18.09 12.83
N GLY C 858 -46.90 -17.86 13.63
CA GLY C 858 -47.00 -16.86 14.68
C GLY C 858 -47.10 -15.45 14.14
N SER C 859 -46.36 -15.14 13.07
CA SER C 859 -46.37 -13.81 12.50
C SER C 859 -47.75 -13.50 11.92
N ASN C 860 -48.27 -12.32 12.23
CA ASN C 860 -49.54 -11.86 11.71
C ASN C 860 -49.38 -10.81 10.62
N SER C 861 -48.17 -10.60 10.12
CA SER C 861 -47.94 -9.62 9.08
C SER C 861 -48.56 -10.07 7.76
N ALA C 862 -48.53 -9.18 6.77
CA ALA C 862 -49.06 -9.51 5.45
C ALA C 862 -48.28 -10.66 4.83
N PHE C 863 -46.96 -10.64 4.95
CA PHE C 863 -46.13 -11.71 4.43
C PHE C 863 -46.20 -12.91 5.35
N LYS C 864 -46.40 -14.09 4.77
CA LYS C 864 -46.41 -15.33 5.54
C LYS C 864 -45.22 -16.23 5.24
N THR C 865 -44.58 -16.06 4.08
CA THR C 865 -43.41 -16.83 3.71
C THR C 865 -42.23 -15.89 3.55
N MET C 866 -41.09 -16.30 4.11
CA MET C 866 -39.91 -15.43 4.12
C MET C 866 -39.41 -15.12 2.71
N ALA C 867 -39.71 -16.00 1.75
CA ALA C 867 -39.26 -15.77 0.38
C ALA C 867 -39.80 -14.45 -0.19
N GLU C 868 -40.97 -14.02 0.28
CA GLU C 868 -41.54 -12.77 -0.20
C GLU C 868 -40.68 -11.57 0.14
N ILE C 869 -39.79 -11.67 1.14
CA ILE C 869 -38.88 -10.58 1.44
C ILE C 869 -37.90 -10.37 0.29
N GLY C 870 -37.48 -11.45 -0.36
CA GLY C 870 -36.51 -11.36 -1.42
C GLY C 870 -35.33 -12.29 -1.24
N ILE C 871 -35.51 -13.30 -0.40
CA ILE C 871 -34.48 -14.30 -0.15
C ILE C 871 -35.06 -15.66 -0.53
N THR C 872 -34.39 -16.36 -1.43
CA THR C 872 -34.87 -17.63 -1.97
C THR C 872 -33.88 -18.74 -1.65
N GLN C 873 -34.42 -19.90 -1.30
CA GLN C 873 -33.60 -21.07 -1.01
C GLN C 873 -33.32 -21.82 -2.30
N ASP C 874 -32.03 -22.06 -2.58
CA ASP C 874 -31.62 -22.65 -3.84
C ASP C 874 -32.11 -24.09 -3.97
N GLY C 875 -32.40 -24.48 -5.21
CA GLY C 875 -32.87 -25.84 -5.46
C GLY C 875 -31.80 -26.88 -5.22
N THR C 876 -30.55 -26.60 -5.63
CA THR C 876 -29.50 -27.59 -5.53
C THR C 876 -29.20 -27.95 -4.08
N SER C 877 -28.97 -26.94 -3.24
CA SER C 877 -28.65 -27.16 -1.84
C SER C 877 -29.44 -26.16 -0.99
N GLY C 878 -29.53 -26.46 0.30
CA GLY C 878 -30.27 -25.61 1.21
C GLY C 878 -29.52 -24.33 1.53
N LYS C 879 -29.27 -23.51 0.52
CA LYS C 879 -28.60 -22.23 0.67
C LYS C 879 -29.55 -21.10 0.26
N LEU C 880 -29.36 -19.94 0.88
CA LEU C 880 -30.25 -18.80 0.70
C LEU C 880 -29.54 -17.71 -0.08
N LYS C 881 -30.12 -17.28 -1.19
CA LYS C 881 -29.58 -16.21 -2.01
C LYS C 881 -30.56 -15.04 -2.04
N ILE C 882 -30.01 -13.83 -2.14
CA ILE C 882 -30.77 -12.60 -2.05
C ILE C 882 -30.61 -11.81 -3.34
N ASP C 883 -31.71 -11.36 -3.92
CA ASP C 883 -31.68 -10.43 -5.03
C ASP C 883 -31.89 -9.02 -4.49
N ASP C 884 -31.03 -8.09 -4.90
CA ASP C 884 -31.00 -6.77 -4.29
C ASP C 884 -32.27 -5.99 -4.54
N ASP C 885 -32.85 -6.10 -5.74
CA ASP C 885 -33.99 -5.26 -6.09
C ASP C 885 -35.19 -5.52 -5.19
N LYS C 886 -35.58 -6.80 -5.06
CA LYS C 886 -36.78 -7.12 -4.28
C LYS C 886 -36.59 -6.78 -2.81
N LEU C 887 -35.43 -7.15 -2.24
CA LEU C 887 -35.16 -6.85 -0.84
C LEU C 887 -35.15 -5.34 -0.58
N THR C 888 -34.51 -4.59 -1.48
CA THR C 888 -34.46 -3.14 -1.32
C THR C 888 -35.85 -2.53 -1.40
N LYS C 889 -36.67 -2.99 -2.35
CA LYS C 889 -38.02 -2.46 -2.46
C LYS C 889 -38.85 -2.79 -1.22
N VAL C 890 -38.73 -4.01 -0.70
CA VAL C 890 -39.49 -4.39 0.48
C VAL C 890 -39.05 -3.56 1.68
N LEU C 891 -37.74 -3.36 1.85
CA LEU C 891 -37.26 -2.55 2.96
C LEU C 891 -37.69 -1.09 2.81
N LYS C 892 -37.79 -0.60 1.57
CA LYS C 892 -38.15 0.79 1.37
C LYS C 892 -39.64 1.02 1.62
N ASP C 893 -40.49 0.10 1.18
CA ASP C 893 -41.93 0.30 1.27
C ASP C 893 -42.55 -0.42 2.46
N ASN C 894 -42.46 -1.75 2.51
CA ASN C 894 -43.08 -2.53 3.58
C ASN C 894 -42.07 -2.83 4.68
N THR C 895 -41.50 -1.77 5.26
CA THR C 895 -40.57 -1.97 6.36
C THR C 895 -41.28 -2.54 7.58
N ALA C 896 -42.50 -2.08 7.87
CA ALA C 896 -43.25 -2.59 9.01
C ALA C 896 -43.58 -4.07 8.83
N ALA C 897 -44.00 -4.46 7.62
CA ALA C 897 -44.33 -5.86 7.38
C ALA C 897 -43.10 -6.75 7.51
N ALA C 898 -41.96 -6.31 6.96
CA ALA C 898 -40.73 -7.09 7.09
C ALA C 898 -40.30 -7.20 8.54
N ARG C 899 -40.40 -6.10 9.29
CA ARG C 899 -40.02 -6.12 10.70
C ARG C 899 -40.91 -7.06 11.50
N GLU C 900 -42.21 -7.07 11.20
CA GLU C 900 -43.09 -7.99 11.89
C GLU C 900 -42.81 -9.43 11.51
N LEU C 901 -42.48 -9.68 10.25
CA LEU C 901 -42.20 -11.05 9.81
C LEU C 901 -40.94 -11.59 10.46
N LEU C 902 -39.84 -10.84 10.40
CA LEU C 902 -38.58 -11.33 10.96
C LEU C 902 -38.56 -11.22 12.47
N VAL C 903 -38.59 -9.99 12.99
CA VAL C 903 -38.39 -9.78 14.42
C VAL C 903 -39.59 -10.27 15.22
N GLY C 904 -40.79 -9.96 14.78
CA GLY C 904 -41.96 -10.33 15.54
C GLY C 904 -42.09 -9.52 16.82
N ASP C 905 -42.99 -9.97 17.68
CA ASP C 905 -43.17 -9.29 18.96
C ASP C 905 -42.02 -9.53 19.93
N GLY C 906 -41.11 -10.45 19.60
CA GLY C 906 -39.96 -10.75 20.42
C GLY C 906 -40.16 -11.85 21.43
N LYS C 907 -41.40 -12.34 21.63
CA LYS C 907 -41.68 -13.39 22.59
C LYS C 907 -42.16 -14.67 21.94
N GLU C 908 -43.28 -14.61 21.20
CA GLU C 908 -43.88 -15.80 20.60
C GLU C 908 -44.28 -15.56 19.14
N THR C 909 -43.54 -14.73 18.42
CA THR C 909 -43.93 -14.33 17.08
C THR C 909 -42.69 -13.97 16.28
N GLY C 910 -42.71 -14.28 15.00
CA GLY C 910 -41.63 -13.93 14.11
C GLY C 910 -40.76 -15.13 13.79
N ILE C 911 -40.16 -15.10 12.60
CA ILE C 911 -39.26 -16.16 12.18
C ILE C 911 -38.02 -16.19 13.07
N THR C 912 -37.44 -15.02 13.33
CA THR C 912 -36.20 -14.96 14.08
C THR C 912 -36.39 -15.46 15.52
N THR C 913 -37.52 -15.11 16.15
CA THR C 913 -37.77 -15.57 17.51
C THR C 913 -37.89 -17.08 17.58
N LYS C 914 -38.65 -17.68 16.65
CA LYS C 914 -38.79 -19.13 16.64
C LYS C 914 -37.46 -19.82 16.37
N ILE C 915 -36.67 -19.30 15.43
CA ILE C 915 -35.36 -19.87 15.16
C ILE C 915 -34.48 -19.77 16.40
N ALA C 916 -34.52 -18.63 17.09
CA ALA C 916 -33.71 -18.46 18.28
C ALA C 916 -34.09 -19.45 19.36
N THR C 917 -35.38 -19.62 19.62
CA THR C 917 -35.78 -20.54 20.70
C THR C 917 -35.48 -21.99 20.32
N GLU C 918 -35.67 -22.36 19.05
CA GLU C 918 -35.36 -23.72 18.64
C GLU C 918 -33.86 -24.02 18.72
N VAL C 919 -33.03 -23.08 18.28
CA VAL C 919 -31.59 -23.29 18.34
C VAL C 919 -31.12 -23.32 19.80
N LYS C 920 -31.74 -22.50 20.66
CA LYS C 920 -31.39 -22.55 22.07
C LYS C 920 -31.77 -23.90 22.69
N SER C 921 -32.94 -24.44 22.32
CA SER C 921 -33.34 -25.74 22.86
C SER C 921 -32.44 -26.86 22.35
N TYR C 922 -32.07 -26.82 21.07
CA TYR C 922 -31.19 -27.85 20.51
C TYR C 922 -29.80 -27.77 21.11
N LEU C 923 -29.26 -26.56 21.24
CA LEU C 923 -27.89 -26.39 21.73
C LEU C 923 -27.79 -26.64 23.24
N ALA C 924 -28.91 -26.73 23.93
CA ALA C 924 -28.88 -26.97 25.37
C ALA C 924 -28.50 -28.42 25.67
N ASP C 925 -28.03 -28.65 26.90
CA ASP C 925 -27.56 -29.97 27.28
C ASP C 925 -28.71 -30.97 27.37
N ASP C 926 -29.90 -30.52 27.76
CA ASP C 926 -31.05 -31.42 27.84
C ASP C 926 -31.57 -31.83 26.47
N GLY C 927 -31.05 -31.24 25.39
CA GLY C 927 -31.49 -31.59 24.07
C GLY C 927 -31.05 -32.98 23.64
N ILE C 928 -31.61 -33.42 22.52
CA ILE C 928 -31.37 -34.77 22.02
C ILE C 928 -29.92 -34.93 21.57
N ILE C 929 -29.26 -33.84 21.19
CA ILE C 929 -27.90 -33.94 20.67
C ILE C 929 -26.95 -34.48 21.73
N ASP C 930 -26.98 -33.89 22.93
CA ASP C 930 -26.10 -34.37 23.99
C ASP C 930 -26.57 -35.69 24.56
N ASN C 931 -27.86 -36.02 24.43
CA ASN C 931 -28.31 -37.35 24.80
C ASN C 931 -27.68 -38.41 23.92
N ALA C 932 -27.67 -38.19 22.61
CA ALA C 932 -27.00 -39.11 21.69
C ALA C 932 -25.51 -39.15 21.98
N GLN C 933 -24.91 -37.99 22.27
CA GLN C 933 -23.48 -37.96 22.61
C GLN C 933 -23.18 -38.80 23.85
N ASP C 934 -24.02 -38.70 24.87
CA ASP C 934 -23.83 -39.50 26.08
C ASP C 934 -24.03 -40.99 25.81
N ASN C 935 -24.99 -41.33 24.96
CA ASN C 935 -25.15 -42.74 24.58
C ASN C 935 -23.90 -43.25 23.88
N VAL C 936 -23.33 -42.45 22.99
CA VAL C 936 -22.10 -42.84 22.30
C VAL C 936 -20.97 -43.00 23.30
N ASN C 937 -20.88 -42.10 24.27
CA ASN C 937 -19.84 -42.21 25.29
C ASN C 937 -20.00 -43.47 26.13
N ALA C 938 -21.24 -43.81 26.48
CA ALA C 938 -21.49 -45.04 27.22
C ALA C 938 -21.10 -46.27 26.41
N THR C 939 -21.40 -46.26 25.12
CA THR C 939 -20.96 -47.35 24.24
C THR C 939 -19.43 -47.44 24.20
N LEU C 940 -18.76 -46.29 24.16
CA LEU C 940 -17.31 -46.27 24.17
C LEU C 940 -16.75 -46.83 25.48
N LYS C 941 -17.38 -46.51 26.60
CA LYS C 941 -16.94 -47.06 27.89
C LYS C 941 -17.14 -48.57 27.95
N SER C 942 -18.25 -49.06 27.41
CA SER C 942 -18.45 -50.50 27.33
C SER C 942 -17.38 -51.14 26.45
N LEU C 943 -17.03 -50.48 25.35
CA LEU C 943 -15.97 -50.98 24.48
C LEU C 943 -14.62 -50.97 25.21
N THR C 944 -14.41 -50.00 26.11
CA THR C 944 -13.18 -49.98 26.90
C THR C 944 -13.13 -51.15 27.87
N LYS C 945 -14.26 -51.46 28.51
CA LYS C 945 -14.30 -52.66 29.37
C LYS C 945 -14.03 -53.91 28.55
N GLN C 946 -14.58 -53.98 27.34
CA GLN C 946 -14.28 -55.07 26.43
C GLN C 946 -12.78 -55.12 26.10
N TYR C 947 -12.18 -53.96 25.88
CA TYR C 947 -10.73 -53.88 25.67
C TYR C 947 -9.99 -54.53 26.81
N LEU C 948 -10.34 -54.18 28.05
CA LEU C 948 -9.64 -54.71 29.20
C LEU C 948 -9.81 -56.22 29.31
N SER C 949 -11.04 -56.72 29.13
CA SER C 949 -11.28 -58.15 29.24
C SER C 949 -10.52 -58.93 28.16
N VAL C 950 -10.59 -58.45 26.91
CA VAL C 950 -9.92 -59.18 25.85
C VAL C 950 -8.41 -59.02 25.96
N SER C 951 -7.92 -57.94 26.58
CA SER C 951 -6.49 -57.83 26.85
C SER C 951 -6.04 -58.85 27.88
N ASN C 952 -6.86 -59.08 28.91
CA ASN C 952 -6.59 -60.20 29.82
C ASN C 952 -6.56 -61.52 29.05
N SER C 953 -7.46 -61.68 28.08
CA SER C 953 -7.45 -62.87 27.24
C SER C 953 -6.14 -62.97 26.44
N ILE C 954 -5.65 -61.84 25.92
CA ILE C 954 -4.37 -61.83 25.22
C ILE C 954 -3.25 -62.30 26.14
N ASP C 955 -3.25 -61.80 27.38
CA ASP C 955 -2.22 -62.21 28.33
C ASP C 955 -2.28 -63.71 28.59
N GLU C 956 -3.48 -64.24 28.79
CA GLU C 956 -3.62 -65.68 29.03
C GLU C 956 -3.14 -66.49 27.83
N THR C 957 -3.54 -66.08 26.62
CA THR C 957 -3.14 -66.81 25.42
C THR C 957 -1.64 -66.74 25.19
N VAL C 958 -1.03 -65.58 25.42
CA VAL C 958 0.40 -65.45 25.27
C VAL C 958 1.14 -66.34 26.27
N ALA C 959 0.67 -66.36 27.52
CA ALA C 959 1.29 -67.24 28.52
C ALA C 959 1.17 -68.70 28.11
N ARG C 960 0.00 -69.12 27.64
CA ARG C 960 -0.18 -70.51 27.23
C ARG C 960 0.72 -70.86 26.04
N TYR C 961 0.79 -69.97 25.04
CA TYR C 961 1.61 -70.24 23.88
C TYR C 961 3.09 -70.28 24.21
N LYS C 962 3.54 -69.41 25.11
CA LYS C 962 4.93 -69.46 25.56
C LYS C 962 5.21 -70.75 26.33
N ALA C 963 4.24 -71.19 27.14
CA ALA C 963 4.42 -72.44 27.88
C ALA C 963 4.47 -73.64 26.94
N GLN C 964 3.74 -73.57 25.81
CA GLN C 964 3.72 -74.69 24.88
C GLN C 964 5.11 -75.00 24.33
N PHE C 965 5.86 -73.97 23.97
CA PHE C 965 7.21 -74.15 23.45
C PHE C 965 8.17 -73.14 24.06
N ALA D 66 -11.51 -78.62 8.61
CA ALA D 66 -10.86 -78.87 7.33
C ALA D 66 -10.36 -77.56 6.71
N GLY D 67 -9.18 -77.63 6.09
CA GLY D 67 -8.63 -76.44 5.47
C GLY D 67 -9.49 -75.93 4.32
N GLN D 68 -9.98 -76.83 3.48
CA GLN D 68 -10.85 -76.43 2.38
C GLN D 68 -12.19 -75.91 2.89
N ALA D 69 -12.74 -76.52 3.93
CA ALA D 69 -14.02 -76.06 4.48
C ALA D 69 -13.90 -74.64 5.01
N ILE D 70 -12.86 -74.36 5.81
CA ILE D 70 -12.68 -73.02 6.33
C ILE D 70 -12.32 -72.04 5.22
N ALA D 71 -11.58 -72.49 4.20
CA ALA D 71 -11.26 -71.61 3.08
C ALA D 71 -12.53 -71.20 2.33
N ASN D 72 -13.41 -72.17 2.06
CA ASN D 72 -14.68 -71.87 1.41
C ASN D 72 -15.55 -70.97 2.29
N ARG D 73 -15.58 -71.20 3.60
CA ARG D 73 -16.38 -70.36 4.48
C ARG D 73 -15.85 -68.93 4.50
N PHE D 74 -14.52 -68.77 4.52
CA PHE D 74 -13.95 -67.43 4.50
C PHE D 74 -14.21 -66.73 3.17
N THR D 75 -14.09 -67.45 2.05
CA THR D 75 -14.44 -66.84 0.78
C THR D 75 -15.92 -66.45 0.76
N ALA D 76 -16.79 -67.31 1.30
CA ALA D 76 -18.21 -67.01 1.32
C ALA D 76 -18.53 -65.78 2.16
N ASN D 77 -17.92 -65.66 3.35
CA ASN D 77 -18.33 -64.54 4.20
C ASN D 77 -17.64 -63.24 3.77
N ILE D 78 -16.47 -63.33 3.12
CA ILE D 78 -15.91 -62.10 2.55
C ILE D 78 -16.72 -61.64 1.35
N LYS D 79 -17.20 -62.58 0.52
CA LYS D 79 -18.08 -62.20 -0.58
C LYS D 79 -19.40 -61.64 -0.04
N GLY D 80 -19.89 -62.20 1.06
CA GLY D 80 -21.07 -61.64 1.70
C GLY D 80 -20.81 -60.25 2.26
N LEU D 81 -19.62 -60.02 2.80
CA LEU D 81 -19.24 -58.68 3.23
C LEU D 81 -19.25 -57.72 2.06
N THR D 82 -18.68 -58.12 0.93
CA THR D 82 -18.72 -57.28 -0.26
C THR D 82 -20.14 -56.96 -0.68
N GLN D 83 -21.00 -57.98 -0.76
CA GLN D 83 -22.36 -57.77 -1.24
C GLN D 83 -23.17 -56.91 -0.27
N ALA D 84 -23.08 -57.21 1.04
CA ALA D 84 -23.80 -56.44 2.05
C ALA D 84 -23.27 -55.01 2.11
N SER D 85 -21.98 -54.81 1.86
CA SER D 85 -21.43 -53.46 1.84
C SER D 85 -21.83 -52.69 0.59
N ARG D 86 -21.99 -53.36 -0.56
CA ARG D 86 -22.59 -52.70 -1.70
C ARG D 86 -24.03 -52.32 -1.42
N ASN D 87 -24.76 -53.18 -0.71
CA ASN D 87 -26.13 -52.83 -0.32
C ASN D 87 -26.15 -51.65 0.65
N ALA D 88 -25.20 -51.62 1.59
CA ALA D 88 -25.12 -50.50 2.52
C ALA D 88 -24.74 -49.20 1.81
N ASN D 89 -23.84 -49.28 0.83
CA ASN D 89 -23.50 -48.11 0.03
C ASN D 89 -24.68 -47.69 -0.84
N ASP D 90 -25.48 -48.65 -1.30
CA ASP D 90 -26.71 -48.33 -2.01
C ASP D 90 -27.69 -47.59 -1.10
N GLY D 91 -27.77 -48.01 0.17
CA GLY D 91 -28.58 -47.29 1.13
C GLY D 91 -28.06 -45.90 1.43
N ILE D 92 -26.74 -45.74 1.50
CA ILE D 92 -26.17 -44.41 1.70
C ILE D 92 -26.45 -43.52 0.50
N SER D 93 -26.34 -44.07 -0.71
CA SER D 93 -26.72 -43.32 -1.90
C SER D 93 -28.20 -43.03 -1.94
N ILE D 94 -29.02 -43.93 -1.38
CA ILE D 94 -30.44 -43.66 -1.21
C ILE D 94 -30.64 -42.47 -0.28
N ALA D 95 -29.88 -42.42 0.81
CA ALA D 95 -29.95 -41.30 1.73
C ALA D 95 -29.54 -40.00 1.03
N GLN D 96 -28.51 -40.05 0.19
CA GLN D 96 -28.06 -38.83 -0.50
C GLN D 96 -29.07 -38.37 -1.54
N THR D 97 -29.58 -39.29 -2.36
CA THR D 97 -30.58 -38.91 -3.35
C THR D 97 -31.88 -38.46 -2.69
N THR D 98 -32.24 -39.04 -1.55
CA THR D 98 -33.43 -38.59 -0.85
C THR D 98 -33.17 -37.26 -0.14
N GLU D 99 -31.91 -36.97 0.22
CA GLU D 99 -31.56 -35.64 0.68
C GLU D 99 -31.78 -34.62 -0.41
N GLY D 100 -31.34 -34.95 -1.64
CA GLY D 100 -31.63 -34.08 -2.77
C GLY D 100 -33.13 -33.93 -3.01
N ALA D 101 -33.87 -35.03 -2.91
CA ALA D 101 -35.31 -34.98 -3.08
C ALA D 101 -35.99 -34.14 -2.00
N LEU D 102 -35.50 -34.23 -0.76
CA LEU D 102 -36.05 -33.43 0.31
C LEU D 102 -35.74 -31.96 0.11
N ASN D 103 -34.54 -31.63 -0.35
CA ASN D 103 -34.22 -30.24 -0.67
C ASN D 103 -35.19 -29.71 -1.72
N GLU D 104 -35.37 -30.47 -2.81
CA GLU D 104 -36.27 -30.04 -3.88
C GLU D 104 -37.70 -29.89 -3.38
N ILE D 105 -38.18 -30.85 -2.59
CA ILE D 105 -39.57 -30.81 -2.15
C ILE D 105 -39.80 -29.70 -1.13
N ASN D 106 -38.83 -29.43 -0.26
CA ASN D 106 -39.01 -28.33 0.70
C ASN D 106 -38.91 -26.97 0.01
N ASN D 107 -38.07 -26.86 -1.01
CA ASN D 107 -38.12 -25.67 -1.86
C ASN D 107 -39.49 -25.53 -2.51
N ASN D 108 -40.06 -26.65 -2.95
CA ASN D 108 -41.42 -26.62 -3.50
C ASN D 108 -42.43 -26.16 -2.46
N LEU D 109 -42.29 -26.61 -1.21
CA LEU D 109 -43.19 -26.19 -0.15
C LEU D 109 -43.09 -24.69 0.12
N GLN D 110 -41.88 -24.16 0.17
CA GLN D 110 -41.74 -22.71 0.34
C GLN D 110 -42.36 -21.98 -0.84
N ARG D 111 -42.15 -22.50 -2.06
CA ARG D 111 -42.77 -21.90 -3.24
C ARG D 111 -44.28 -21.88 -3.12
N VAL D 112 -44.89 -23.01 -2.77
CA VAL D 112 -46.35 -23.10 -2.77
C VAL D 112 -46.94 -22.28 -1.62
N ARG D 113 -46.26 -22.22 -0.48
CA ARG D 113 -46.69 -21.33 0.58
C ARG D 113 -46.70 -19.88 0.10
N GLU D 114 -45.60 -19.43 -0.52
CA GLU D 114 -45.57 -18.09 -1.10
C GLU D 114 -46.73 -17.90 -2.07
N LEU D 115 -46.93 -18.87 -2.95
CA LEU D 115 -47.92 -18.73 -4.02
C LEU D 115 -49.32 -18.60 -3.45
N ALA D 116 -49.68 -19.48 -2.51
CA ALA D 116 -51.01 -19.43 -1.92
C ALA D 116 -51.22 -18.15 -1.14
N VAL D 117 -50.23 -17.72 -0.35
CA VAL D 117 -50.38 -16.52 0.46
C VAL D 117 -50.57 -15.29 -0.43
N GLN D 118 -49.76 -15.19 -1.49
CA GLN D 118 -49.85 -14.01 -2.35
C GLN D 118 -51.07 -14.05 -3.26
N SER D 119 -51.54 -15.25 -3.63
CA SER D 119 -52.72 -15.34 -4.48
C SER D 119 -54.00 -15.09 -3.66
N ALA D 120 -53.98 -15.44 -2.38
CA ALA D 120 -55.15 -15.20 -1.53
C ALA D 120 -55.45 -13.71 -1.42
N ASN D 121 -54.40 -12.90 -1.24
CA ASN D 121 -54.56 -11.46 -1.14
C ASN D 121 -54.22 -10.79 -2.46
N SER D 122 -54.25 -9.46 -2.45
CA SER D 122 -54.12 -8.66 -3.66
C SER D 122 -52.70 -8.25 -3.99
N THR D 123 -51.71 -8.72 -3.23
CA THR D 123 -50.32 -8.37 -3.55
C THR D 123 -49.90 -8.96 -4.89
N ASN D 124 -50.41 -10.15 -5.23
CA ASN D 124 -50.06 -10.81 -6.48
C ASN D 124 -51.10 -10.46 -7.54
N SER D 125 -50.67 -9.71 -8.56
CA SER D 125 -51.54 -9.36 -9.67
C SER D 125 -51.53 -10.48 -10.71
N GLN D 126 -52.48 -10.43 -11.63
CA GLN D 126 -52.61 -11.49 -12.63
C GLN D 126 -51.55 -11.44 -13.72
N SER D 127 -50.91 -10.30 -13.95
CA SER D 127 -49.66 -10.31 -14.72
C SER D 127 -48.54 -10.91 -13.88
N ASP D 128 -48.46 -10.52 -12.61
CA ASP D 128 -47.59 -11.22 -11.69
C ASP D 128 -47.99 -12.68 -11.58
N LEU D 129 -49.28 -12.99 -11.74
CA LEU D 129 -49.70 -14.38 -11.75
C LEU D 129 -49.31 -15.09 -13.04
N ASP D 130 -49.15 -14.37 -14.15
CA ASP D 130 -48.57 -14.98 -15.33
C ASP D 130 -47.10 -15.31 -15.09
N SER D 131 -46.38 -14.39 -14.44
CA SER D 131 -45.04 -14.72 -13.96
C SER D 131 -45.07 -15.94 -13.03
N ILE D 132 -46.14 -16.06 -12.24
CA ILE D 132 -46.30 -17.22 -11.37
C ILE D 132 -46.54 -18.48 -12.19
N GLN D 133 -47.24 -18.37 -13.30
CA GLN D 133 -47.40 -19.52 -14.19
C GLN D 133 -46.06 -19.94 -14.77
N ALA D 134 -45.23 -18.96 -15.13
CA ALA D 134 -43.87 -19.28 -15.55
C ALA D 134 -43.10 -19.97 -14.42
N GLU D 135 -43.25 -19.50 -13.19
CA GLU D 135 -42.68 -20.16 -12.03
C GLU D 135 -43.24 -21.56 -11.81
N ILE D 136 -44.51 -21.78 -12.16
CA ILE D 136 -45.10 -23.11 -12.08
C ILE D 136 -44.42 -24.04 -13.06
N THR D 137 -44.18 -23.56 -14.28
CA THR D 137 -43.41 -24.34 -15.24
C THR D 137 -42.00 -24.62 -14.72
N GLN D 138 -41.39 -23.61 -14.09
CA GLN D 138 -40.04 -23.76 -13.57
C GLN D 138 -39.97 -24.79 -12.44
N ARG D 139 -40.97 -24.79 -11.56
CA ARG D 139 -41.00 -25.79 -10.48
C ARG D 139 -41.39 -27.15 -11.02
N LEU D 140 -42.16 -27.21 -12.10
CA LEU D 140 -42.37 -28.47 -12.80
C LEU D 140 -41.04 -29.00 -13.33
N ASN D 141 -40.19 -28.11 -13.85
CA ASN D 141 -38.84 -28.52 -14.25
C ASN D 141 -38.01 -28.93 -13.05
N GLU D 142 -38.24 -28.30 -11.90
CA GLU D 142 -37.57 -28.74 -10.67
C GLU D 142 -37.95 -30.17 -10.33
N ILE D 143 -39.23 -30.50 -10.43
CA ILE D 143 -39.68 -31.88 -10.19
C ILE D 143 -39.07 -32.81 -11.22
N ASP D 144 -39.09 -32.41 -12.49
CA ASP D 144 -38.55 -33.25 -13.55
C ASP D 144 -37.05 -33.43 -13.43
N ARG D 145 -36.36 -32.50 -12.77
CA ARG D 145 -34.90 -32.61 -12.66
C ARG D 145 -34.51 -33.39 -11.40
N VAL D 146 -35.32 -33.31 -10.35
CA VAL D 146 -35.06 -34.20 -9.22
C VAL D 146 -35.40 -35.63 -9.59
N SER D 147 -36.37 -35.83 -10.49
CA SER D 147 -36.70 -37.17 -10.96
C SER D 147 -35.70 -37.67 -12.01
N GLY D 148 -35.34 -36.81 -12.97
CA GLY D 148 -34.60 -37.21 -14.14
C GLY D 148 -33.12 -36.89 -14.19
N GLN D 149 -32.70 -35.75 -13.64
CA GLN D 149 -31.27 -35.45 -13.63
C GLN D 149 -30.53 -36.38 -12.68
N THR D 150 -31.12 -36.66 -11.52
CA THR D 150 -30.50 -37.55 -10.54
C THR D 150 -30.64 -39.00 -10.95
N GLN D 151 -29.76 -39.85 -10.41
CA GLN D 151 -29.74 -41.26 -10.74
C GLN D 151 -29.22 -42.05 -9.54
N PHE D 152 -29.53 -43.35 -9.54
CA PHE D 152 -29.19 -44.24 -8.43
C PHE D 152 -28.46 -45.47 -8.96
N ASN D 153 -27.20 -45.61 -8.57
CA ASN D 153 -26.38 -46.77 -8.95
C ASN D 153 -26.27 -46.92 -10.45
N GLY D 154 -26.30 -45.80 -11.16
CA GLY D 154 -26.35 -45.81 -12.61
C GLY D 154 -27.67 -46.24 -13.18
N VAL D 155 -28.67 -46.49 -12.35
CA VAL D 155 -30.01 -46.86 -12.76
C VAL D 155 -30.93 -45.71 -12.41
N LYS D 156 -31.84 -45.37 -13.31
CA LYS D 156 -32.58 -44.13 -13.19
C LYS D 156 -33.74 -44.31 -12.22
N VAL D 157 -33.42 -44.71 -10.99
CA VAL D 157 -34.45 -45.11 -10.03
C VAL D 157 -35.31 -43.93 -9.61
N LEU D 158 -34.75 -42.74 -9.56
CA LEU D 158 -35.56 -41.57 -9.25
C LEU D 158 -36.52 -41.22 -10.38
N ALA D 159 -36.36 -41.81 -11.55
CA ALA D 159 -37.30 -41.66 -12.65
C ALA D 159 -38.20 -42.87 -12.85
N GLN D 160 -37.72 -44.07 -12.53
CA GLN D 160 -38.52 -45.29 -12.63
C GLN D 160 -38.52 -46.02 -11.29
N ASP D 161 -39.72 -46.40 -10.84
CA ASP D 161 -39.91 -47.00 -9.52
C ASP D 161 -39.81 -48.51 -9.62
N ASN D 162 -39.00 -49.11 -8.74
CA ASN D 162 -38.89 -50.57 -8.61
C ASN D 162 -39.10 -50.90 -7.13
N THR D 163 -40.36 -51.08 -6.75
CA THR D 163 -40.73 -51.36 -5.36
C THR D 163 -40.49 -52.85 -5.10
N LEU D 164 -39.21 -53.21 -5.00
CA LEU D 164 -38.81 -54.59 -4.79
C LEU D 164 -37.70 -54.63 -3.75
N THR D 165 -37.68 -55.71 -2.98
CA THR D 165 -36.64 -55.89 -1.98
C THR D 165 -35.29 -56.13 -2.64
N ILE D 166 -34.24 -55.58 -2.05
CA ILE D 166 -32.90 -55.72 -2.61
C ILE D 166 -32.40 -57.14 -2.38
N GLN D 167 -31.42 -57.54 -3.19
CA GLN D 167 -30.85 -58.88 -3.09
C GLN D 167 -30.14 -59.06 -1.75
N VAL D 168 -30.13 -60.29 -1.28
CA VAL D 168 -29.54 -60.61 0.02
C VAL D 168 -28.03 -60.38 -0.03
N GLY D 169 -27.50 -59.72 0.99
CA GLY D 169 -26.07 -59.53 1.08
C GLY D 169 -25.30 -60.73 1.58
N ALA D 170 -26.00 -61.83 1.89
CA ALA D 170 -25.41 -63.10 2.30
C ALA D 170 -24.73 -63.03 3.66
N ASN D 171 -24.69 -61.84 4.26
CA ASN D 171 -24.15 -61.70 5.60
C ASN D 171 -25.18 -62.00 6.68
N ASP D 172 -26.47 -61.89 6.35
CA ASP D 172 -27.54 -62.08 7.30
C ASP D 172 -28.64 -62.93 6.68
N GLY D 173 -29.36 -63.66 7.53
CA GLY D 173 -30.42 -64.51 7.05
C GLY D 173 -31.58 -63.74 6.45
N GLU D 174 -31.98 -62.65 7.10
CA GLU D 174 -33.12 -61.87 6.63
C GLU D 174 -32.73 -61.02 5.42
N THR D 175 -33.73 -60.69 4.61
CA THR D 175 -33.54 -59.92 3.39
C THR D 175 -33.96 -58.48 3.61
N ILE D 176 -33.14 -57.56 3.08
CA ILE D 176 -33.41 -56.13 3.25
C ILE D 176 -34.59 -55.75 2.37
N ASP D 177 -35.63 -55.19 2.99
CA ASP D 177 -36.85 -54.81 2.29
C ASP D 177 -36.87 -53.29 2.15
N ILE D 178 -36.38 -52.79 1.01
CA ILE D 178 -36.35 -51.37 0.73
C ILE D 178 -37.50 -51.04 -0.22
N ASP D 179 -38.42 -50.20 0.25
CA ASP D 179 -39.55 -49.74 -0.57
C ASP D 179 -39.15 -48.42 -1.21
N LEU D 180 -38.51 -48.54 -2.38
CA LEU D 180 -38.03 -47.36 -3.11
C LEU D 180 -39.20 -46.50 -3.57
N LYS D 181 -39.39 -45.36 -2.92
CA LYS D 181 -40.45 -44.42 -3.29
C LYS D 181 -39.82 -43.28 -4.08
N GLN D 182 -39.89 -43.38 -5.41
CA GLN D 182 -39.37 -42.34 -6.28
C GLN D 182 -40.16 -41.05 -6.11
N ILE D 183 -39.51 -39.94 -6.45
CA ILE D 183 -40.18 -38.63 -6.45
C ILE D 183 -40.81 -38.49 -7.83
N ASN D 184 -42.02 -39.03 -7.96
CA ASN D 184 -42.76 -38.96 -9.21
C ASN D 184 -43.84 -37.89 -9.12
N SER D 185 -44.19 -37.33 -10.28
CA SER D 185 -45.28 -36.37 -10.32
C SER D 185 -46.64 -37.05 -10.21
N GLN D 186 -46.78 -38.24 -10.80
CA GLN D 186 -48.09 -38.87 -10.93
C GLN D 186 -48.48 -39.64 -9.67
N THR D 187 -47.70 -40.65 -9.29
CA THR D 187 -48.11 -41.57 -8.23
C THR D 187 -48.25 -40.85 -6.89
N LEU D 188 -47.35 -39.93 -6.58
CA LEU D 188 -47.45 -39.18 -5.33
C LEU D 188 -48.43 -38.03 -5.43
N GLY D 189 -49.05 -37.81 -6.58
CA GLY D 189 -50.05 -36.76 -6.71
C GLY D 189 -49.50 -35.37 -6.87
N LEU D 190 -48.19 -35.23 -7.09
CA LEU D 190 -47.59 -33.90 -7.22
C LEU D 190 -47.90 -33.26 -8.57
N ASP D 191 -48.15 -34.07 -9.60
CA ASP D 191 -48.47 -33.51 -10.92
C ASP D 191 -49.74 -32.66 -10.88
N THR D 192 -50.69 -33.03 -10.00
CA THR D 192 -51.93 -32.28 -9.90
C THR D 192 -51.73 -30.86 -9.36
N LEU D 193 -50.56 -30.58 -8.80
CA LEU D 193 -50.29 -29.25 -8.25
C LEU D 193 -50.21 -28.20 -9.35
N ASN D 194 -51.22 -27.32 -9.41
CA ASN D 194 -51.22 -26.23 -10.37
C ASN D 194 -52.08 -25.10 -9.79
N VAL D 195 -51.43 -24.06 -9.29
CA VAL D 195 -52.10 -23.00 -8.55
C VAL D 195 -52.42 -21.79 -9.44
N GLN D 196 -52.40 -21.97 -10.76
CA GLN D 196 -52.75 -20.87 -11.64
C GLN D 196 -54.25 -20.58 -11.58
N GLN D 197 -54.60 -19.32 -11.37
CA GLN D 197 -56.00 -18.94 -11.26
C GLN D 197 -56.60 -18.66 -12.65
N LYS D 198 -57.91 -18.45 -12.67
CA LYS D 198 -58.66 -18.41 -13.92
C LYS D 198 -58.44 -17.09 -14.65
N TYR D 199 -58.12 -17.18 -15.95
CA TYR D 199 -58.18 -16.05 -16.87
C TYR D 199 -59.30 -16.31 -17.86
N LYS D 200 -60.17 -15.33 -18.05
CA LYS D 200 -61.31 -15.53 -18.93
C LYS D 200 -60.86 -15.57 -20.39
N VAL D 201 -61.48 -16.44 -21.17
CA VAL D 201 -61.16 -16.61 -22.58
C VAL D 201 -62.31 -16.03 -23.39
N SER D 202 -62.01 -15.08 -24.27
CA SER D 202 -63.02 -14.42 -25.08
C SER D 202 -62.67 -14.52 -26.57
N ASP D 203 -63.69 -14.41 -27.41
CA ASP D 203 -63.56 -14.57 -28.85
C ASP D 203 -63.74 -13.22 -29.53
N THR D 204 -62.97 -12.99 -30.59
CA THR D 204 -63.05 -11.77 -31.38
C THR D 204 -63.25 -12.14 -32.84
N ALA D 205 -64.23 -11.50 -33.47
CA ALA D 205 -64.46 -11.73 -34.89
C ALA D 205 -63.38 -11.06 -35.73
N ALA D 206 -62.84 -11.80 -36.69
CA ALA D 206 -61.78 -11.30 -37.56
C ALA D 206 -61.98 -11.83 -38.96
N THR D 207 -61.59 -11.03 -39.95
CA THR D 207 -61.73 -11.43 -41.34
C THR D 207 -60.60 -12.37 -41.74
N VAL D 208 -60.68 -12.85 -42.98
CA VAL D 208 -59.66 -13.76 -43.49
C VAL D 208 -58.37 -13.01 -43.76
N THR D 209 -57.26 -13.57 -43.31
CA THR D 209 -55.93 -12.99 -43.52
C THR D 209 -55.32 -13.64 -44.75
N GLY D 210 -55.49 -13.01 -45.91
CA GLY D 210 -55.01 -13.56 -47.15
C GLY D 210 -55.88 -14.68 -47.67
N TYR D 211 -55.29 -15.49 -48.55
CA TYR D 211 -56.00 -16.63 -49.11
C TYR D 211 -56.39 -17.63 -48.03
N ALA D 212 -55.47 -17.93 -47.11
CA ALA D 212 -55.74 -18.79 -45.96
C ALA D 212 -56.25 -20.16 -46.40
N ASP D 213 -55.37 -20.92 -47.03
CA ASP D 213 -55.75 -22.21 -47.61
C ASP D 213 -55.93 -23.25 -46.49
N THR D 214 -56.11 -24.49 -46.89
CA THR D 214 -56.45 -25.57 -45.97
C THR D 214 -55.41 -26.68 -46.03
N THR D 215 -55.62 -27.70 -45.19
CA THR D 215 -54.67 -28.81 -45.08
C THR D 215 -54.93 -29.87 -46.15
N ILE D 216 -56.12 -30.47 -46.12
CA ILE D 216 -56.41 -31.60 -47.01
C ILE D 216 -56.54 -31.16 -48.46
N ALA D 217 -57.15 -30.01 -48.73
CA ALA D 217 -57.23 -29.41 -50.06
C ALA D 217 -58.04 -30.26 -51.04
N LEU D 218 -58.26 -29.71 -52.24
CA LEU D 218 -59.01 -30.38 -53.29
C LEU D 218 -58.04 -30.75 -54.41
N ASP D 219 -58.16 -31.99 -54.91
CA ASP D 219 -57.16 -32.62 -55.77
C ASP D 219 -56.59 -31.67 -56.81
N ASN D 220 -55.26 -31.53 -56.79
CA ASN D 220 -54.55 -30.61 -57.68
C ASN D 220 -54.39 -31.13 -59.10
N SER D 221 -54.26 -32.45 -59.29
CA SER D 221 -54.11 -32.99 -60.64
C SER D 221 -55.33 -32.71 -61.49
N THR D 222 -56.52 -33.06 -60.98
CA THR D 222 -57.76 -32.70 -61.67
C THR D 222 -57.96 -31.20 -61.73
N PHE D 223 -57.41 -30.46 -60.76
CA PHE D 223 -57.49 -29.00 -60.78
C PHE D 223 -56.78 -28.44 -62.01
N LYS D 224 -55.54 -28.86 -62.24
CA LYS D 224 -54.80 -28.44 -63.42
C LYS D 224 -55.42 -28.99 -64.70
N ALA D 225 -55.95 -30.23 -64.66
CA ALA D 225 -56.60 -30.79 -65.85
C ALA D 225 -57.81 -29.95 -66.25
N SER D 226 -58.63 -29.56 -65.28
CA SER D 226 -59.78 -28.71 -65.56
C SER D 226 -59.33 -27.33 -66.05
N ALA D 227 -58.26 -26.79 -65.45
CA ALA D 227 -57.75 -25.51 -65.90
C ALA D 227 -57.29 -25.56 -67.35
N THR D 228 -56.67 -26.67 -67.75
CA THR D 228 -56.22 -26.81 -69.14
C THR D 228 -57.31 -27.33 -70.06
N GLY D 229 -58.48 -27.70 -69.53
CA GLY D 229 -59.53 -28.27 -70.34
C GLY D 229 -60.35 -27.26 -71.14
N LEU D 230 -60.07 -25.96 -70.99
CA LEU D 230 -60.85 -24.97 -71.72
C LEU D 230 -60.68 -25.12 -73.23
N GLY D 231 -59.46 -25.35 -73.69
CA GLY D 231 -59.20 -25.53 -75.10
C GLY D 231 -57.88 -24.89 -75.48
N GLY D 232 -57.69 -24.74 -76.79
CA GLY D 232 -56.47 -24.18 -77.33
C GLY D 232 -55.44 -25.24 -77.65
N THR D 233 -54.34 -24.81 -78.26
CA THR D 233 -53.27 -25.74 -78.61
C THR D 233 -52.51 -26.19 -77.37
N ASP D 234 -51.96 -25.24 -76.62
CA ASP D 234 -51.24 -25.52 -75.37
C ASP D 234 -51.74 -24.54 -74.32
N GLN D 235 -52.18 -25.08 -73.17
CA GLN D 235 -52.70 -24.25 -72.09
C GLN D 235 -52.14 -24.67 -70.74
N LYS D 236 -51.07 -25.46 -70.71
CA LYS D 236 -50.50 -25.90 -69.46
C LYS D 236 -49.94 -24.71 -68.68
N ILE D 237 -50.13 -24.73 -67.37
CA ILE D 237 -49.80 -23.60 -66.49
C ILE D 237 -48.46 -23.84 -65.84
N ASP D 238 -47.58 -22.86 -65.94
CA ASP D 238 -46.30 -22.90 -65.23
C ASP D 238 -46.54 -22.72 -63.74
N GLY D 239 -45.93 -23.57 -62.93
CA GLY D 239 -46.17 -23.48 -61.50
C GLY D 239 -47.56 -23.98 -61.13
N ASP D 240 -48.13 -23.32 -60.13
CA ASP D 240 -49.45 -23.68 -59.62
C ASP D 240 -50.49 -22.64 -60.04
N LEU D 241 -51.76 -23.00 -59.87
CA LEU D 241 -52.87 -22.14 -60.23
C LEU D 241 -53.37 -21.41 -58.99
N LYS D 242 -53.45 -20.08 -59.08
CA LYS D 242 -53.86 -19.22 -57.98
C LYS D 242 -55.10 -18.41 -58.39
N PHE D 243 -55.48 -17.49 -57.51
CA PHE D 243 -56.71 -16.71 -57.66
C PHE D 243 -56.39 -15.25 -57.94
N ASP D 244 -57.19 -14.63 -58.81
CA ASP D 244 -57.02 -13.24 -59.18
C ASP D 244 -58.32 -12.48 -58.94
N ASP D 245 -58.19 -11.16 -58.80
CA ASP D 245 -59.33 -10.27 -58.57
C ASP D 245 -59.75 -9.51 -59.82
N THR D 246 -58.79 -9.02 -60.62
CA THR D 246 -59.15 -8.28 -61.83
C THR D 246 -59.88 -9.17 -62.83
N THR D 247 -59.40 -10.40 -63.00
CA THR D 247 -60.07 -11.33 -63.91
C THR D 247 -61.46 -11.69 -63.42
N GLY D 248 -61.62 -11.91 -62.11
CA GLY D 248 -62.88 -12.34 -61.51
C GLY D 248 -62.75 -13.63 -60.73
N LYS D 249 -61.89 -14.54 -61.18
CA LYS D 249 -61.62 -15.79 -60.49
C LYS D 249 -60.24 -16.25 -60.94
N TYR D 250 -59.93 -17.54 -60.74
CA TYR D 250 -58.55 -18.01 -60.79
C TYR D 250 -57.89 -17.64 -62.11
N TYR D 251 -56.64 -17.19 -62.03
CA TYR D 251 -55.87 -16.74 -63.19
C TYR D 251 -54.95 -17.85 -63.66
N ALA D 252 -55.14 -18.27 -64.91
CA ALA D 252 -54.39 -19.38 -65.48
C ALA D 252 -53.32 -18.83 -66.43
N LYS D 253 -52.07 -19.15 -66.15
CA LYS D 253 -50.98 -18.82 -67.06
C LYS D 253 -50.99 -19.77 -68.24
N VAL D 254 -50.84 -19.21 -69.45
CA VAL D 254 -50.89 -19.98 -70.68
C VAL D 254 -49.58 -19.80 -71.42
N THR D 255 -48.96 -20.90 -71.83
CA THR D 255 -47.73 -20.90 -72.62
C THR D 255 -48.00 -21.66 -73.91
N VAL D 256 -48.01 -20.95 -75.03
CA VAL D 256 -48.38 -21.51 -76.32
C VAL D 256 -47.13 -21.62 -77.19
N THR D 257 -46.89 -22.80 -77.75
CA THR D 257 -45.77 -23.02 -78.66
C THR D 257 -46.27 -22.96 -80.10
N GLY D 258 -45.66 -22.08 -80.89
CA GLY D 258 -46.05 -21.88 -82.26
C GLY D 258 -47.25 -20.99 -82.48
N GLY D 259 -47.77 -20.38 -81.42
CA GLY D 259 -48.91 -19.49 -81.55
C GLY D 259 -48.71 -18.22 -80.77
N THR D 260 -49.26 -17.12 -81.30
CA THR D 260 -49.14 -15.81 -80.68
C THR D 260 -50.53 -15.25 -80.37
N GLY D 261 -50.62 -14.47 -79.30
CA GLY D 261 -51.86 -13.86 -78.90
C GLY D 261 -52.74 -14.69 -77.99
N LYS D 262 -52.38 -15.94 -77.73
CA LYS D 262 -53.15 -16.82 -76.85
C LYS D 262 -52.58 -16.87 -75.43
N ASP D 263 -51.55 -16.09 -75.14
CA ASP D 263 -50.91 -16.08 -73.83
C ASP D 263 -51.59 -15.06 -72.93
N GLY D 264 -51.92 -15.48 -71.72
CA GLY D 264 -52.54 -14.60 -70.75
C GLY D 264 -53.22 -15.35 -69.62
N TYR D 265 -53.46 -14.66 -68.50
CA TYR D 265 -54.12 -15.28 -67.36
C TYR D 265 -55.62 -15.42 -67.66
N TYR D 266 -56.02 -16.61 -68.09
CA TYR D 266 -57.43 -16.88 -68.33
C TYR D 266 -58.18 -16.90 -67.01
N GLU D 267 -59.40 -16.36 -67.01
CA GLU D 267 -60.27 -16.42 -65.84
C GLU D 267 -60.99 -17.76 -65.83
N VAL D 268 -60.72 -18.56 -64.79
CA VAL D 268 -61.30 -19.89 -64.67
C VAL D 268 -62.02 -20.00 -63.33
N SER D 269 -63.19 -20.64 -63.35
CA SER D 269 -64.00 -20.92 -62.18
C SER D 269 -64.06 -22.43 -61.99
N VAL D 270 -63.53 -22.92 -60.88
CA VAL D 270 -63.34 -24.35 -60.66
C VAL D 270 -64.32 -24.83 -59.60
N ASP D 271 -65.12 -25.84 -59.95
CA ASP D 271 -65.91 -26.60 -59.01
C ASP D 271 -65.44 -28.05 -59.13
N LYS D 272 -64.66 -28.49 -58.14
CA LYS D 272 -63.97 -29.78 -58.25
C LYS D 272 -64.92 -30.97 -58.09
N THR D 273 -66.16 -30.76 -57.64
CA THR D 273 -67.11 -31.86 -57.58
C THR D 273 -67.37 -32.42 -58.98
N ASN D 274 -67.55 -31.55 -59.96
CA ASN D 274 -67.67 -32.00 -61.35
C ASN D 274 -66.29 -32.33 -61.93
N GLY D 275 -65.26 -31.58 -61.56
CA GLY D 275 -63.93 -31.78 -62.09
C GLY D 275 -63.63 -30.97 -63.34
N GLU D 276 -64.43 -29.94 -63.64
CA GLU D 276 -64.24 -29.12 -64.83
C GLU D 276 -64.25 -27.65 -64.43
N VAL D 277 -64.11 -26.79 -65.44
CA VAL D 277 -64.05 -25.35 -65.26
C VAL D 277 -65.21 -24.71 -66.01
N THR D 278 -65.95 -23.85 -65.31
CA THR D 278 -67.01 -23.07 -65.94
C THR D 278 -66.38 -21.96 -66.78
N LEU D 279 -66.79 -21.85 -68.04
CA LEU D 279 -66.22 -20.85 -68.92
C LEU D 279 -66.63 -19.45 -68.49
N ALA D 280 -65.68 -18.52 -68.56
CA ALA D 280 -65.93 -17.12 -68.23
C ALA D 280 -66.43 -16.42 -69.48
N GLY D 281 -67.74 -16.14 -69.53
CA GLY D 281 -68.33 -15.53 -70.70
C GLY D 281 -68.59 -16.47 -71.85
N GLY D 282 -68.46 -17.78 -71.63
CA GLY D 282 -68.66 -18.74 -72.70
C GLY D 282 -67.63 -18.67 -73.81
N ALA D 283 -66.37 -18.39 -73.47
CA ALA D 283 -65.32 -18.31 -74.46
C ALA D 283 -63.98 -18.51 -73.77
N THR D 284 -62.96 -18.81 -74.58
CA THR D 284 -61.59 -18.99 -74.11
C THR D 284 -60.68 -17.85 -74.55
N SER D 285 -61.25 -16.70 -74.88
CA SER D 285 -60.45 -15.58 -75.35
C SER D 285 -59.57 -15.05 -74.22
N PRO D 286 -58.34 -14.63 -74.52
CA PRO D 286 -57.45 -14.12 -73.49
C PRO D 286 -57.98 -12.83 -72.86
N LEU D 287 -57.64 -12.64 -71.59
CA LEU D 287 -58.05 -11.45 -70.87
C LEU D 287 -56.96 -10.38 -70.95
N THR D 288 -57.24 -9.23 -70.34
CA THR D 288 -56.32 -8.11 -70.34
C THR D 288 -55.45 -8.13 -69.09
N GLY D 289 -54.60 -7.11 -68.97
CA GLY D 289 -53.74 -6.98 -67.81
C GLY D 289 -52.41 -7.69 -67.92
N GLY D 290 -52.15 -8.38 -69.02
CA GLY D 290 -50.90 -9.10 -69.18
C GLY D 290 -50.76 -10.27 -68.23
N LEU D 291 -49.82 -10.17 -67.28
CA LEU D 291 -49.59 -11.20 -66.27
C LEU D 291 -49.55 -10.55 -64.89
N PRO D 292 -50.69 -10.10 -64.37
CA PRO D 292 -50.71 -9.49 -63.03
C PRO D 292 -50.90 -10.51 -61.92
N ALA D 293 -50.06 -10.44 -60.89
CA ALA D 293 -50.16 -11.30 -59.72
C ALA D 293 -50.46 -10.44 -58.49
N THR D 294 -51.57 -10.74 -57.81
CA THR D 294 -51.96 -9.96 -56.65
C THR D 294 -51.30 -10.49 -55.37
N ALA D 295 -51.53 -11.76 -55.06
CA ALA D 295 -50.99 -12.36 -53.85
C ALA D 295 -49.62 -12.96 -54.15
N THR D 296 -48.59 -12.40 -53.54
CA THR D 296 -47.23 -12.91 -53.73
C THR D 296 -47.01 -14.23 -52.99
N GLU D 297 -47.71 -14.47 -51.89
CA GLU D 297 -47.57 -15.71 -51.15
C GLU D 297 -47.98 -16.90 -52.03
N ASP D 298 -47.16 -17.94 -52.02
CA ASP D 298 -47.41 -19.13 -52.83
C ASP D 298 -47.32 -20.37 -51.93
N VAL D 299 -48.15 -21.37 -52.25
CA VAL D 299 -48.22 -22.60 -51.49
C VAL D 299 -47.88 -23.75 -52.41
N LYS D 300 -47.00 -24.65 -51.95
CA LYS D 300 -46.68 -25.84 -52.74
C LYS D 300 -47.91 -26.70 -52.95
N ASN D 301 -48.73 -26.87 -51.92
CA ASN D 301 -49.99 -27.58 -52.06
C ASN D 301 -51.05 -26.66 -52.67
N VAL D 302 -52.11 -27.29 -53.19
CA VAL D 302 -53.19 -26.53 -53.82
C VAL D 302 -54.04 -25.87 -52.74
N GLN D 303 -54.56 -24.68 -53.05
CA GLN D 303 -55.23 -23.84 -52.07
C GLN D 303 -56.75 -23.95 -52.19
N VAL D 304 -57.42 -23.97 -51.05
CA VAL D 304 -58.88 -23.95 -50.96
C VAL D 304 -59.28 -22.89 -49.95
N ALA D 305 -60.36 -22.17 -50.23
CA ALA D 305 -60.77 -21.05 -49.40
C ALA D 305 -61.08 -21.50 -47.97
N ASN D 306 -60.73 -20.64 -47.00
CA ASN D 306 -60.95 -20.96 -45.60
C ASN D 306 -62.41 -20.94 -45.22
N ALA D 307 -63.29 -20.38 -46.07
CA ALA D 307 -64.71 -20.37 -45.77
C ALA D 307 -65.27 -21.79 -45.67
N ASP D 308 -64.68 -22.73 -46.40
CA ASP D 308 -65.11 -24.12 -46.34
C ASP D 308 -64.67 -24.81 -45.05
N LEU D 309 -63.58 -24.36 -44.44
CA LEU D 309 -63.09 -24.91 -43.17
C LEU D 309 -62.86 -26.42 -43.26
N THR D 310 -62.19 -26.86 -44.33
CA THR D 310 -62.05 -28.28 -44.57
C THR D 310 -61.03 -28.94 -43.65
N GLU D 311 -60.17 -28.18 -42.98
CA GLU D 311 -59.21 -28.81 -42.07
C GLU D 311 -59.89 -29.28 -40.78
N ALA D 312 -60.66 -28.40 -40.15
CA ALA D 312 -61.45 -28.82 -38.99
C ALA D 312 -62.51 -29.83 -39.40
N LYS D 313 -63.12 -29.64 -40.58
CA LYS D 313 -64.06 -30.61 -41.11
C LYS D 313 -63.42 -31.99 -41.17
N ALA D 314 -62.26 -32.09 -41.82
CA ALA D 314 -61.57 -33.36 -41.95
C ALA D 314 -61.27 -33.96 -40.59
N ALA D 315 -60.61 -33.18 -39.72
CA ALA D 315 -60.23 -33.67 -38.40
C ALA D 315 -61.43 -34.24 -37.65
N LEU D 316 -62.45 -33.40 -37.41
CA LEU D 316 -63.56 -33.80 -36.58
C LEU D 316 -64.38 -34.91 -37.23
N THR D 317 -64.70 -34.78 -38.52
CA THR D 317 -65.56 -35.75 -39.18
C THR D 317 -64.87 -37.11 -39.29
N ALA D 318 -63.62 -37.14 -39.74
CA ALA D 318 -62.89 -38.41 -39.80
C ALA D 318 -62.72 -39.01 -38.42
N ALA D 319 -62.48 -38.17 -37.40
CA ALA D 319 -62.54 -38.67 -36.03
C ALA D 319 -63.96 -39.10 -35.68
N GLY D 320 -64.96 -38.34 -36.14
CA GLY D 320 -66.35 -38.66 -35.86
C GLY D 320 -66.80 -38.16 -34.50
N VAL D 321 -66.48 -36.90 -34.19
CA VAL D 321 -66.71 -36.33 -32.87
C VAL D 321 -67.60 -35.09 -32.93
N THR D 322 -67.32 -34.17 -33.86
CA THR D 322 -68.05 -32.91 -33.90
C THR D 322 -68.06 -32.44 -35.36
N GLY D 323 -68.64 -31.25 -35.60
CA GLY D 323 -68.77 -30.71 -36.94
C GLY D 323 -68.20 -29.32 -37.12
N THR D 324 -68.63 -28.64 -38.18
CA THR D 324 -68.08 -27.34 -38.53
C THR D 324 -68.43 -26.27 -37.50
N ALA D 325 -67.45 -25.41 -37.20
CA ALA D 325 -67.67 -24.26 -36.34
C ALA D 325 -66.76 -23.13 -36.80
N SER D 326 -67.11 -21.91 -36.41
CA SER D 326 -66.41 -20.72 -36.88
C SER D 326 -65.02 -20.63 -36.26
N VAL D 327 -64.21 -19.74 -36.83
CA VAL D 327 -62.84 -19.51 -36.39
C VAL D 327 -62.71 -18.05 -35.99
N VAL D 328 -62.17 -17.81 -34.79
CA VAL D 328 -62.10 -16.48 -34.22
C VAL D 328 -60.73 -16.24 -33.62
N LYS D 329 -60.40 -14.98 -33.40
CA LYS D 329 -59.19 -14.63 -32.66
C LYS D 329 -59.44 -14.78 -31.17
N MET D 330 -58.40 -15.15 -30.44
CA MET D 330 -58.51 -15.41 -29.01
C MET D 330 -58.02 -14.19 -28.22
N SER D 331 -58.70 -13.90 -27.12
CA SER D 331 -58.31 -12.82 -26.24
C SER D 331 -58.46 -13.27 -24.80
N TYR D 332 -57.67 -12.66 -23.92
CA TYR D 332 -57.58 -13.04 -22.52
C TYR D 332 -58.18 -11.92 -21.66
N THR D 333 -59.45 -12.06 -21.30
CA THR D 333 -60.08 -11.13 -20.39
C THR D 333 -59.54 -11.35 -18.98
N ASP D 334 -59.07 -10.26 -18.36
CA ASP D 334 -58.40 -10.33 -17.08
C ASP D 334 -58.65 -9.02 -16.35
N ASN D 335 -58.57 -9.06 -15.01
CA ASN D 335 -58.77 -7.83 -14.24
C ASN D 335 -57.66 -6.82 -14.51
N ASN D 336 -56.41 -7.27 -14.58
CA ASN D 336 -55.32 -6.38 -14.93
C ASN D 336 -55.37 -5.95 -16.39
N GLY D 337 -56.01 -6.75 -17.24
CA GLY D 337 -56.17 -6.40 -18.64
C GLY D 337 -55.13 -6.97 -19.58
N LYS D 338 -54.20 -7.79 -19.08
CA LYS D 338 -53.20 -8.40 -19.95
C LYS D 338 -53.87 -9.36 -20.93
N THR D 339 -53.49 -9.26 -22.20
CA THR D 339 -54.09 -10.07 -23.25
C THR D 339 -53.05 -10.35 -24.32
N ILE D 340 -52.85 -11.62 -24.64
CA ILE D 340 -51.94 -12.03 -25.70
C ILE D 340 -52.72 -12.82 -26.74
N ASP D 341 -52.60 -12.39 -27.99
CA ASP D 341 -53.33 -12.99 -29.11
C ASP D 341 -52.47 -14.07 -29.73
N GLY D 342 -52.79 -15.33 -29.43
CA GLY D 342 -52.04 -16.43 -30.02
C GLY D 342 -52.22 -16.53 -31.53
N GLY D 343 -53.44 -16.36 -32.00
CA GLY D 343 -53.71 -16.43 -33.42
C GLY D 343 -55.17 -16.75 -33.68
N LEU D 344 -55.55 -16.67 -34.96
CA LEU D 344 -56.91 -16.97 -35.39
C LEU D 344 -57.12 -18.48 -35.29
N ALA D 345 -57.81 -18.91 -34.24
CA ALA D 345 -57.94 -20.32 -33.92
C ALA D 345 -59.40 -20.74 -33.97
N VAL D 346 -59.61 -22.05 -34.10
CA VAL D 346 -60.96 -22.59 -34.25
C VAL D 346 -61.66 -22.60 -32.90
N LYS D 347 -62.95 -22.28 -32.90
CA LYS D 347 -63.76 -22.30 -31.69
C LYS D 347 -65.01 -23.14 -31.96
N VAL D 348 -65.04 -24.34 -31.39
CA VAL D 348 -66.20 -25.22 -31.49
C VAL D 348 -66.92 -25.17 -30.16
N GLY D 349 -67.99 -24.38 -30.09
CA GLY D 349 -68.70 -24.22 -28.83
C GLY D 349 -67.78 -23.67 -27.76
N ASP D 350 -67.72 -24.36 -26.62
CA ASP D 350 -66.80 -23.96 -25.56
C ASP D 350 -65.37 -24.37 -25.90
N ASP D 351 -65.20 -25.47 -26.63
CA ASP D 351 -63.87 -25.95 -26.99
C ASP D 351 -63.17 -24.97 -27.92
N TYR D 352 -61.86 -24.81 -27.74
CA TYR D 352 -61.06 -23.90 -28.54
C TYR D 352 -59.77 -24.60 -28.95
N TYR D 353 -59.55 -24.74 -30.25
CA TYR D 353 -58.39 -25.42 -30.79
C TYR D 353 -57.47 -24.42 -31.48
N SER D 354 -56.22 -24.38 -31.04
CA SER D 354 -55.27 -23.38 -31.53
C SER D 354 -54.97 -23.58 -33.01
N ALA D 355 -54.98 -22.49 -33.75
CA ALA D 355 -54.63 -22.48 -35.17
C ALA D 355 -53.77 -21.25 -35.46
N THR D 356 -52.74 -21.45 -36.29
CA THR D 356 -51.77 -20.41 -36.57
C THR D 356 -51.63 -20.19 -38.08
N GLN D 357 -51.24 -18.97 -38.43
CA GLN D 357 -50.97 -18.62 -39.82
C GLN D 357 -49.52 -18.94 -40.16
N ASN D 358 -49.32 -19.74 -41.22
CA ASN D 358 -47.99 -20.16 -41.60
C ASN D 358 -47.28 -19.07 -42.40
N LYS D 359 -46.04 -19.38 -42.80
CA LYS D 359 -45.24 -18.41 -43.55
C LYS D 359 -45.87 -18.08 -44.90
N ASP D 360 -46.41 -19.08 -45.59
CA ASP D 360 -47.02 -18.89 -46.90
C ASP D 360 -48.46 -18.38 -46.80
N GLY D 361 -48.86 -17.85 -45.66
CA GLY D 361 -50.22 -17.40 -45.46
C GLY D 361 -51.20 -18.49 -45.08
N SER D 362 -50.73 -19.74 -44.97
CA SER D 362 -51.61 -20.85 -44.65
C SER D 362 -52.06 -20.78 -43.19
N ILE D 363 -53.37 -20.94 -43.00
CA ILE D 363 -53.96 -21.07 -41.66
C ILE D 363 -54.15 -22.55 -41.38
N SER D 364 -53.50 -23.04 -40.34
CA SER D 364 -53.53 -24.46 -40.02
C SER D 364 -53.75 -24.64 -38.52
N ILE D 365 -54.61 -25.59 -38.17
CA ILE D 365 -54.84 -25.92 -36.77
C ILE D 365 -53.56 -26.49 -36.19
N ASN D 366 -53.18 -26.02 -35.00
CA ASN D 366 -51.96 -26.49 -34.35
C ASN D 366 -52.21 -27.91 -33.85
N THR D 367 -51.99 -28.87 -34.74
CA THR D 367 -52.27 -30.28 -34.47
C THR D 367 -50.96 -30.94 -34.08
N THR D 368 -50.89 -31.46 -32.86
CA THR D 368 -49.69 -32.15 -32.39
C THR D 368 -49.64 -33.55 -32.99
N LYS D 369 -48.52 -33.87 -33.63
CA LYS D 369 -48.27 -35.20 -34.18
C LYS D 369 -47.49 -36.00 -33.14
N TYR D 370 -48.22 -36.58 -32.20
CA TYR D 370 -47.62 -37.29 -31.07
C TYR D 370 -47.59 -38.78 -31.39
N THR D 371 -46.45 -39.42 -31.12
CA THR D 371 -46.34 -40.85 -31.36
C THR D 371 -47.07 -41.62 -30.26
N ALA D 372 -47.92 -42.55 -30.68
CA ALA D 372 -48.74 -43.33 -29.77
C ALA D 372 -48.27 -44.78 -29.76
N ASP D 373 -49.00 -45.61 -28.99
CA ASP D 373 -48.64 -47.01 -28.89
C ASP D 373 -49.01 -47.82 -30.12
N ASP D 374 -49.80 -47.24 -31.04
CA ASP D 374 -50.18 -47.93 -32.25
C ASP D 374 -49.03 -48.05 -33.26
N GLY D 375 -47.92 -47.36 -33.01
CA GLY D 375 -46.79 -47.38 -33.92
C GLY D 375 -46.78 -46.27 -34.95
N THR D 376 -47.85 -45.47 -35.03
CA THR D 376 -47.93 -44.36 -35.96
C THR D 376 -48.11 -43.07 -35.18
N SER D 377 -47.58 -41.97 -35.72
CA SER D 377 -47.69 -40.67 -35.06
C SER D 377 -49.08 -40.11 -35.29
N LYS D 378 -49.93 -40.21 -34.27
CA LYS D 378 -51.29 -39.69 -34.37
C LYS D 378 -51.28 -38.16 -34.33
N THR D 379 -51.95 -37.55 -35.29
CA THR D 379 -52.03 -36.10 -35.39
C THR D 379 -53.36 -35.65 -34.79
N ALA D 380 -53.31 -35.13 -33.56
CA ALA D 380 -54.50 -34.71 -32.84
C ALA D 380 -54.49 -33.20 -32.64
N LEU D 381 -55.63 -32.57 -32.92
CA LEU D 381 -55.75 -31.13 -32.75
C LEU D 381 -55.70 -30.77 -31.26
N ASN D 382 -54.99 -29.69 -30.96
CA ASN D 382 -54.69 -29.32 -29.59
C ASN D 382 -55.78 -28.42 -29.01
N LYS D 383 -55.69 -28.21 -27.69
CA LYS D 383 -56.64 -27.38 -26.97
C LYS D 383 -55.89 -26.48 -26.00
N LEU D 384 -56.63 -25.61 -25.33
CA LEU D 384 -56.08 -24.78 -24.27
C LEU D 384 -56.04 -25.55 -22.96
N GLY D 385 -55.09 -25.20 -22.11
CA GLY D 385 -54.92 -25.88 -20.84
C GLY D 385 -54.69 -24.89 -19.72
N GLY D 386 -54.97 -25.35 -18.50
CA GLY D 386 -54.83 -24.52 -17.33
C GLY D 386 -55.98 -23.55 -17.16
N ALA D 387 -56.06 -22.96 -15.97
CA ALA D 387 -57.07 -21.94 -15.72
C ALA D 387 -56.79 -20.68 -16.51
N ASP D 388 -55.51 -20.37 -16.75
CA ASP D 388 -55.15 -19.23 -17.58
C ASP D 388 -55.60 -19.43 -19.02
N GLY D 389 -55.43 -20.64 -19.56
CA GLY D 389 -55.73 -20.93 -20.94
C GLY D 389 -54.61 -20.61 -21.92
N LYS D 390 -53.51 -20.02 -21.44
CA LYS D 390 -52.41 -19.68 -22.34
C LYS D 390 -51.64 -20.92 -22.78
N THR D 391 -51.50 -21.90 -21.89
CA THR D 391 -50.75 -23.10 -22.21
C THR D 391 -51.50 -23.96 -23.22
N GLU D 392 -50.74 -24.70 -24.01
CA GLU D 392 -51.28 -25.58 -25.03
C GLU D 392 -51.19 -27.03 -24.57
N VAL D 393 -52.29 -27.78 -24.72
CA VAL D 393 -52.38 -29.15 -24.26
C VAL D 393 -52.88 -30.03 -25.40
N VAL D 394 -52.68 -31.34 -25.25
CA VAL D 394 -53.01 -32.32 -26.28
C VAL D 394 -54.01 -33.32 -25.73
N SER D 395 -55.03 -33.63 -26.53
CA SER D 395 -56.05 -34.60 -26.16
C SER D 395 -55.56 -36.00 -26.52
N ILE D 396 -55.15 -36.76 -25.51
CA ILE D 396 -54.63 -38.11 -25.70
C ILE D 396 -55.49 -39.07 -24.89
N GLY D 397 -55.81 -40.22 -25.49
CA GLY D 397 -56.61 -41.22 -24.81
C GLY D 397 -57.97 -40.73 -24.38
N GLY D 398 -58.49 -39.68 -25.00
CA GLY D 398 -59.75 -39.11 -24.63
C GLY D 398 -59.70 -38.11 -23.49
N LYS D 399 -58.51 -37.75 -22.99
CA LYS D 399 -58.42 -36.77 -21.93
C LYS D 399 -57.23 -35.85 -22.16
N THR D 400 -57.27 -34.71 -21.48
CA THR D 400 -56.26 -33.67 -21.65
C THR D 400 -54.95 -34.05 -20.97
N TYR D 401 -53.84 -33.86 -21.70
CA TYR D 401 -52.52 -34.00 -21.10
C TYR D 401 -51.65 -32.82 -21.53
N ALA D 402 -50.65 -32.52 -20.72
CA ALA D 402 -49.62 -31.58 -21.12
C ALA D 402 -48.70 -32.25 -22.13
N ALA D 403 -48.32 -31.50 -23.16
CA ALA D 403 -47.57 -32.04 -24.30
C ALA D 403 -46.10 -32.31 -24.00
N SER D 404 -45.65 -32.30 -22.74
CA SER D 404 -44.23 -32.39 -22.44
C SER D 404 -43.58 -33.69 -22.90
N LYS D 405 -44.02 -34.83 -22.36
CA LYS D 405 -43.24 -36.06 -22.52
C LYS D 405 -43.68 -36.90 -23.71
N ALA D 406 -44.94 -37.36 -23.69
CA ALA D 406 -45.33 -38.49 -24.53
C ALA D 406 -45.28 -38.18 -26.03
N GLU D 407 -45.29 -36.92 -26.43
CA GLU D 407 -45.26 -36.60 -27.85
C GLU D 407 -43.92 -36.98 -28.45
N GLY D 408 -43.95 -37.47 -29.69
CA GLY D 408 -42.72 -37.74 -30.42
C GLY D 408 -42.05 -39.06 -30.11
N HIS D 409 -42.66 -39.89 -29.28
CA HIS D 409 -42.07 -41.19 -28.98
C HIS D 409 -43.18 -42.15 -28.53
N ASN D 410 -42.90 -43.44 -28.68
CA ASN D 410 -43.89 -44.47 -28.44
C ASN D 410 -44.26 -44.54 -26.95
N PHE D 411 -45.50 -44.97 -26.69
CA PHE D 411 -45.93 -45.22 -25.32
C PHE D 411 -45.21 -46.41 -24.70
N LYS D 412 -44.55 -47.25 -25.51
CA LYS D 412 -43.77 -48.35 -24.95
C LYS D 412 -42.63 -47.85 -24.08
N ALA D 413 -42.12 -46.66 -24.37
CA ALA D 413 -41.07 -46.06 -23.54
C ALA D 413 -41.67 -45.42 -22.29
N GLN D 414 -42.57 -44.46 -22.47
CA GLN D 414 -43.25 -43.79 -21.37
C GLN D 414 -44.71 -44.24 -21.35
N PRO D 415 -45.16 -44.96 -20.32
CA PRO D 415 -46.53 -45.49 -20.34
C PRO D 415 -47.61 -44.41 -20.22
N ASP D 416 -47.44 -43.49 -19.28
CA ASP D 416 -48.46 -42.50 -18.97
C ASP D 416 -47.87 -41.09 -19.04
N LEU D 417 -48.65 -40.16 -19.54
CA LEU D 417 -48.25 -38.76 -19.69
C LEU D 417 -48.84 -37.92 -18.57
N ALA D 418 -48.07 -36.92 -18.14
CA ALA D 418 -48.54 -35.96 -17.15
C ALA D 418 -49.64 -35.10 -17.75
N GLU D 419 -50.62 -34.75 -16.93
CA GLU D 419 -51.78 -33.96 -17.36
C GLU D 419 -51.78 -32.61 -16.66
N ALA D 420 -52.36 -31.61 -17.32
CA ALA D 420 -52.52 -30.28 -16.76
C ALA D 420 -54.00 -30.04 -16.46
N ALA D 421 -54.30 -29.67 -15.22
CA ALA D 421 -55.68 -29.41 -14.83
C ALA D 421 -56.22 -28.21 -15.58
N ALA D 422 -57.50 -28.30 -15.96
CA ALA D 422 -58.15 -27.21 -16.68
C ALA D 422 -58.34 -25.97 -15.82
N THR D 423 -58.20 -26.10 -14.50
CA THR D 423 -58.35 -24.97 -13.59
C THR D 423 -57.25 -25.00 -12.54
N THR D 424 -57.39 -24.17 -11.50
CA THR D 424 -56.45 -24.23 -10.39
C THR D 424 -56.56 -25.57 -9.67
N THR D 425 -55.48 -25.97 -9.02
CA THR D 425 -55.45 -27.26 -8.33
C THR D 425 -56.52 -27.29 -7.24
N GLU D 426 -57.15 -28.44 -7.09
CA GLU D 426 -58.32 -28.57 -6.23
C GLU D 426 -57.93 -28.42 -4.76
N ASN D 427 -58.71 -27.62 -4.03
CA ASN D 427 -58.60 -27.43 -2.60
C ASN D 427 -57.17 -27.06 -2.23
N PRO D 428 -56.75 -25.81 -2.51
CA PRO D 428 -55.32 -25.48 -2.35
C PRO D 428 -54.79 -25.67 -0.95
N LEU D 429 -55.61 -25.46 0.08
CA LEU D 429 -55.16 -25.75 1.44
C LEU D 429 -54.80 -27.22 1.60
N GLN D 430 -55.68 -28.12 1.16
CA GLN D 430 -55.35 -29.52 1.16
C GLN D 430 -54.26 -29.87 0.15
N LYS D 431 -54.01 -29.00 -0.83
CA LYS D 431 -52.91 -29.25 -1.75
C LYS D 431 -51.56 -28.97 -1.09
N ILE D 432 -51.48 -27.91 -0.28
CA ILE D 432 -50.31 -27.71 0.56
C ILE D 432 -50.19 -28.84 1.57
N ASP D 433 -51.33 -29.29 2.10
CA ASP D 433 -51.31 -30.46 2.99
C ASP D 433 -50.76 -31.68 2.28
N ALA D 434 -51.04 -31.84 0.99
CA ALA D 434 -50.52 -32.96 0.22
C ALA D 434 -49.04 -32.79 -0.08
N ALA D 435 -48.57 -31.55 -0.25
CA ALA D 435 -47.13 -31.31 -0.34
C ALA D 435 -46.44 -31.73 0.95
N LEU D 436 -47.02 -31.36 2.09
CA LEU D 436 -46.53 -31.86 3.37
C LEU D 436 -46.65 -33.36 3.49
N ALA D 437 -47.66 -33.97 2.84
CA ALA D 437 -47.78 -35.42 2.86
C ALA D 437 -46.69 -36.08 2.04
N GLN D 438 -46.28 -35.46 0.93
CA GLN D 438 -45.13 -35.94 0.18
C GLN D 438 -43.86 -35.83 1.00
N VAL D 439 -43.70 -34.71 1.72
CA VAL D 439 -42.57 -34.57 2.63
C VAL D 439 -42.63 -35.64 3.71
N ASP D 440 -43.84 -35.99 4.16
CA ASP D 440 -44.01 -37.03 5.18
C ASP D 440 -43.67 -38.40 4.63
N THR D 441 -44.00 -38.68 3.37
CA THR D 441 -43.60 -39.94 2.75
C THR D 441 -42.09 -40.03 2.61
N LEU D 442 -41.46 -38.94 2.19
CA LEU D 442 -39.99 -38.90 2.16
C LEU D 442 -39.40 -39.05 3.55
N ARG D 443 -40.09 -38.50 4.57
CA ARG D 443 -39.66 -38.68 5.96
C ARG D 443 -39.77 -40.14 6.38
N SER D 444 -40.85 -40.81 6.00
CA SER D 444 -40.98 -42.23 6.33
C SER D 444 -39.89 -43.05 5.66
N ASP D 445 -39.62 -42.78 4.38
CA ASP D 445 -38.56 -43.49 3.69
C ASP D 445 -37.20 -43.21 4.32
N LEU D 446 -36.91 -41.94 4.63
CA LEU D 446 -35.65 -41.59 5.27
C LEU D 446 -35.50 -42.26 6.61
N GLY D 447 -36.54 -42.19 7.45
CA GLY D 447 -36.45 -42.82 8.75
C GLY D 447 -36.22 -44.31 8.65
N ALA D 448 -37.02 -44.99 7.82
CA ALA D 448 -36.88 -46.44 7.69
C ALA D 448 -35.49 -46.81 7.19
N VAL D 449 -35.07 -46.22 6.07
CA VAL D 449 -33.79 -46.58 5.48
C VAL D 449 -32.64 -46.25 6.44
N GLN D 450 -32.67 -45.05 7.01
CA GLN D 450 -31.54 -44.59 7.81
C GLN D 450 -31.42 -45.35 9.13
N ASN D 451 -32.53 -45.53 9.86
CA ASN D 451 -32.42 -46.25 11.13
C ASN D 451 -32.15 -47.73 10.89
N ARG D 452 -32.78 -48.31 9.85
CA ARG D 452 -32.56 -49.73 9.58
C ARG D 452 -31.12 -49.96 9.13
N PHE D 453 -30.52 -49.03 8.38
CA PHE D 453 -29.14 -49.18 7.95
C PHE D 453 -28.13 -48.78 9.01
N ASN D 454 -28.52 -47.96 9.99
CA ASN D 454 -27.64 -47.75 11.14
C ASN D 454 -27.62 -48.99 12.03
N SER D 455 -28.79 -49.58 12.28
CA SER D 455 -28.83 -50.87 12.95
C SER D 455 -28.14 -51.94 12.12
N ALA D 456 -28.12 -51.78 10.79
CA ALA D 456 -27.41 -52.72 9.93
C ALA D 456 -25.90 -52.51 9.97
N ILE D 457 -25.45 -51.28 10.19
CA ILE D 457 -24.02 -51.05 10.43
C ILE D 457 -23.61 -51.66 11.76
N THR D 458 -24.46 -51.51 12.78
CA THR D 458 -24.21 -52.22 14.04
C THR D 458 -24.22 -53.72 13.83
N ASN D 459 -25.12 -54.23 12.99
CA ASN D 459 -25.16 -55.65 12.69
C ASN D 459 -23.95 -56.10 11.87
N LEU D 460 -23.39 -55.19 11.05
CA LEU D 460 -22.16 -55.50 10.35
C LEU D 460 -20.99 -55.60 11.31
N GLY D 461 -20.95 -54.71 12.31
CA GLY D 461 -19.97 -54.84 13.37
C GLY D 461 -20.16 -56.14 14.13
N ASN D 462 -21.40 -56.54 14.37
CA ASN D 462 -21.69 -57.82 15.00
C ASN D 462 -21.20 -58.97 14.13
N THR D 463 -21.38 -58.87 12.82
CA THR D 463 -20.93 -59.90 11.90
C THR D 463 -19.40 -60.00 11.90
N VAL D 464 -18.71 -58.86 11.96
CA VAL D 464 -17.25 -58.90 12.09
C VAL D 464 -16.85 -59.49 13.44
N ASN D 465 -17.64 -59.25 14.48
CA ASN D 465 -17.40 -59.91 15.77
C ASN D 465 -17.54 -61.42 15.65
N ASN D 466 -18.55 -61.88 14.91
CA ASN D 466 -18.72 -63.31 14.68
C ASN D 466 -17.54 -63.87 13.87
N LEU D 467 -17.07 -63.10 12.89
CA LEU D 467 -15.89 -63.51 12.11
C LEU D 467 -14.66 -63.63 13.01
N THR D 468 -14.49 -62.69 13.94
CA THR D 468 -13.38 -62.77 14.88
C THR D 468 -13.53 -63.98 15.80
N SER D 469 -14.76 -64.26 16.25
CA SER D 469 -14.98 -65.44 17.07
C SER D 469 -14.63 -66.72 16.31
N ALA D 470 -15.01 -66.78 15.03
CA ALA D 470 -14.64 -67.92 14.20
C ALA D 470 -13.12 -68.02 14.02
N ARG D 471 -12.46 -66.88 13.81
CA ARG D 471 -11.01 -66.87 13.68
C ARG D 471 -10.34 -67.39 14.95
N SER D 472 -10.85 -66.99 16.11
CA SER D 472 -10.34 -67.53 17.37
C SER D 472 -10.61 -69.03 17.45
N ARG D 473 -11.80 -69.47 17.03
CA ARG D 473 -12.11 -70.88 16.99
C ARG D 473 -11.23 -71.61 15.97
N ILE D 474 -11.00 -71.00 14.81
CA ILE D 474 -10.13 -71.58 13.80
C ILE D 474 -8.68 -71.17 14.06
N THR E 545 -1.64 -60.88 -22.19
CA THR E 545 -0.84 -59.70 -22.45
C THR E 545 -0.80 -59.39 -23.95
N ASP E 546 -0.55 -60.42 -24.75
CA ASP E 546 -0.52 -60.24 -26.20
C ASP E 546 -1.86 -59.76 -26.72
N LEU E 547 -2.96 -60.33 -26.21
CA LEU E 547 -4.28 -59.88 -26.62
C LEU E 547 -4.58 -58.49 -26.05
N THR E 548 -4.06 -58.19 -24.86
CA THR E 548 -4.16 -56.83 -24.34
C THR E 548 -3.46 -55.85 -25.25
N LYS E 549 -2.27 -56.21 -25.75
CA LYS E 549 -1.57 -55.35 -26.69
C LYS E 549 -2.33 -55.22 -28.01
N ASN E 550 -2.92 -56.31 -28.49
CA ASN E 550 -3.71 -56.25 -29.72
C ASN E 550 -4.92 -55.34 -29.57
N GLU E 551 -5.61 -55.45 -28.44
CA GLU E 551 -6.75 -54.57 -28.17
C GLU E 551 -6.32 -53.13 -27.95
N LYS E 552 -5.14 -52.88 -27.37
CA LYS E 552 -4.64 -51.52 -27.27
C LYS E 552 -4.32 -50.95 -28.65
N GLY E 553 -3.75 -51.76 -29.53
CA GLY E 553 -3.53 -51.30 -30.90
C GLY E 553 -4.82 -51.02 -31.63
N ARG E 554 -5.84 -51.86 -31.42
CA ARG E 554 -7.15 -51.62 -31.98
C ARG E 554 -7.76 -50.34 -31.42
N LEU E 555 -7.55 -50.08 -30.14
CA LEU E 555 -8.11 -48.91 -29.47
C LEU E 555 -7.32 -47.65 -29.81
N THR E 556 -6.10 -47.77 -30.31
CA THR E 556 -5.27 -46.61 -30.62
C THR E 556 -6.05 -45.49 -31.31
N PRO E 557 -6.70 -45.69 -32.46
CA PRO E 557 -7.56 -44.61 -32.96
C PRO E 557 -8.87 -44.51 -32.19
N ILE E 558 -9.32 -45.60 -31.56
CA ILE E 558 -10.60 -45.56 -30.85
C ILE E 558 -10.43 -44.89 -29.50
N THR E 559 -9.38 -45.23 -28.76
CA THR E 559 -9.07 -44.47 -27.55
C THR E 559 -8.58 -43.07 -27.87
N LYS E 560 -7.96 -42.90 -29.04
CA LYS E 560 -7.65 -41.55 -29.50
C LYS E 560 -8.92 -40.73 -29.64
N GLN E 561 -9.95 -41.32 -30.26
CA GLN E 561 -11.23 -40.63 -30.39
C GLN E 561 -11.96 -40.52 -29.07
N GLN E 562 -11.69 -41.42 -28.12
CA GLN E 562 -12.31 -41.32 -26.80
C GLN E 562 -11.71 -40.16 -26.00
N SER E 563 -10.39 -40.04 -25.98
CA SER E 563 -9.75 -38.87 -25.39
C SER E 563 -10.12 -37.61 -26.15
N ALA E 564 -10.31 -37.73 -27.47
CA ALA E 564 -10.78 -36.61 -28.27
C ALA E 564 -12.20 -36.23 -27.87
N ASN E 565 -13.03 -37.22 -27.53
CA ASN E 565 -14.39 -36.92 -27.09
C ASN E 565 -14.41 -36.27 -25.72
N SER E 566 -13.52 -36.70 -24.83
CA SER E 566 -13.39 -36.03 -23.54
C SER E 566 -12.94 -34.58 -23.72
N ALA E 567 -11.88 -34.37 -24.50
CA ALA E 567 -11.42 -33.02 -24.79
C ALA E 567 -12.45 -32.24 -25.60
N LYS E 568 -13.33 -32.94 -26.32
CA LYS E 568 -14.37 -32.27 -27.09
C LYS E 568 -15.52 -31.82 -26.21
N LEU E 569 -15.84 -32.61 -25.19
CA LEU E 569 -16.79 -32.13 -24.18
C LEU E 569 -16.21 -30.94 -23.43
N THR E 570 -14.91 -31.00 -23.10
CA THR E 570 -14.26 -29.85 -22.49
C THR E 570 -14.27 -28.64 -23.41
N ALA E 571 -14.01 -28.86 -24.70
CA ALA E 571 -14.01 -27.77 -25.66
C ALA E 571 -15.39 -27.19 -25.86
N TYR E 572 -16.42 -28.04 -25.87
CA TYR E 572 -17.78 -27.56 -25.96
C TYR E 572 -18.15 -26.72 -24.74
N GLY E 573 -17.73 -27.16 -23.55
CA GLY E 573 -17.96 -26.35 -22.36
C GLY E 573 -17.27 -25.00 -22.43
N THR E 574 -15.99 -24.99 -22.85
CA THR E 574 -15.26 -23.74 -22.96
C THR E 574 -15.86 -22.83 -24.04
N LEU E 575 -16.26 -23.41 -25.16
CA LEU E 575 -16.90 -22.65 -26.24
C LEU E 575 -18.21 -22.05 -25.78
N LYS E 576 -19.03 -22.82 -25.06
CA LYS E 576 -20.29 -22.31 -24.54
C LYS E 576 -20.04 -21.19 -23.53
N SER E 577 -19.02 -21.34 -22.70
CA SER E 577 -18.68 -20.27 -21.74
C SER E 577 -18.24 -19.00 -22.46
N ALA E 578 -17.40 -19.15 -23.48
CA ALA E 578 -16.93 -17.98 -24.23
C ALA E 578 -18.08 -17.30 -24.95
N LEU E 579 -18.96 -18.07 -25.58
CA LEU E 579 -20.11 -17.48 -26.23
C LEU E 579 -21.06 -16.86 -25.21
N GLU E 580 -21.14 -17.42 -24.00
CA GLU E 580 -21.99 -16.82 -22.98
C GLU E 580 -21.45 -15.46 -22.55
N LYS E 581 -20.14 -15.38 -22.32
CA LYS E 581 -19.54 -14.09 -21.97
C LYS E 581 -19.69 -13.08 -23.10
N PHE E 582 -19.48 -13.53 -24.35
CA PHE E 582 -19.64 -12.64 -25.49
C PHE E 582 -21.08 -12.18 -25.62
N GLN E 583 -22.05 -13.07 -25.40
CA GLN E 583 -23.44 -12.69 -25.46
C GLN E 583 -23.79 -11.68 -24.37
N THR E 584 -23.24 -11.87 -23.17
CA THR E 584 -23.46 -10.91 -22.10
C THR E 584 -22.94 -9.53 -22.48
N ALA E 585 -21.70 -9.46 -22.96
CA ALA E 585 -21.13 -8.16 -23.35
C ALA E 585 -21.90 -7.53 -24.51
N ASN E 586 -22.26 -8.35 -25.50
CA ASN E 586 -22.97 -7.85 -26.67
C ASN E 586 -24.35 -7.32 -26.29
N THR E 587 -25.05 -8.01 -25.39
CA THR E 587 -26.34 -7.51 -24.92
C THR E 587 -26.17 -6.26 -24.07
N ALA E 588 -25.07 -6.17 -23.31
CA ALA E 588 -24.80 -4.94 -22.58
C ALA E 588 -24.60 -3.77 -23.54
N LEU E 589 -23.98 -4.02 -24.69
CA LEU E 589 -23.84 -2.98 -25.69
C LEU E 589 -25.15 -2.64 -26.38
N ASN E 590 -26.11 -3.56 -26.40
CA ASN E 590 -27.33 -3.39 -27.19
C ASN E 590 -28.27 -2.32 -26.64
N LYS E 591 -27.89 -1.58 -25.60
CA LYS E 591 -28.74 -0.53 -25.07
C LYS E 591 -28.42 0.80 -25.75
N ALA E 592 -29.43 1.43 -26.34
CA ALA E 592 -29.25 2.68 -27.05
C ALA E 592 -29.06 3.86 -26.11
N ASP E 593 -29.45 3.74 -24.84
CA ASP E 593 -29.40 4.85 -23.90
C ASP E 593 -27.99 5.29 -23.57
N LEU E 594 -26.97 4.49 -23.92
CA LEU E 594 -25.60 4.89 -23.64
C LEU E 594 -25.15 6.05 -24.51
N PHE E 595 -25.63 6.11 -25.75
CA PHE E 595 -25.24 7.16 -26.67
C PHE E 595 -25.95 8.48 -26.35
N LYS E 596 -27.15 8.42 -25.77
CA LYS E 596 -27.83 9.62 -25.29
C LYS E 596 -27.58 9.79 -23.80
N SER E 597 -26.37 10.26 -23.49
CA SER E 597 -25.98 10.48 -22.11
C SER E 597 -25.31 11.84 -21.98
N THR E 598 -25.59 12.53 -20.89
CA THR E 598 -25.03 13.85 -20.62
C THR E 598 -24.60 13.92 -19.16
N VAL E 599 -23.94 15.02 -18.82
CA VAL E 599 -23.51 15.31 -17.46
C VAL E 599 -23.78 16.78 -17.18
N ALA E 600 -24.26 17.07 -15.98
CA ALA E 600 -24.71 18.41 -15.65
C ALA E 600 -24.01 18.93 -14.41
N SER E 601 -23.83 20.25 -14.36
CA SER E 601 -23.19 20.92 -13.25
C SER E 601 -23.96 22.18 -12.89
N SER E 602 -23.85 22.59 -11.64
CA SER E 602 -24.55 23.76 -11.12
C SER E 602 -23.56 24.70 -10.45
N THR E 603 -23.79 26.01 -10.60
CA THR E 603 -22.90 26.99 -9.99
C THR E 603 -23.15 27.12 -8.49
N THR E 604 -24.40 27.03 -8.07
CA THR E 604 -24.74 27.22 -6.67
C THR E 604 -24.76 25.89 -5.92
N GLU E 605 -24.28 25.92 -4.69
CA GLU E 605 -24.28 24.72 -3.86
C GLU E 605 -25.67 24.39 -3.34
N ASP E 606 -26.57 25.37 -3.28
CA ASP E 606 -27.93 25.10 -2.80
C ASP E 606 -28.69 24.19 -3.76
N LEU E 607 -28.69 24.54 -5.04
CA LEU E 607 -29.40 23.75 -6.04
C LEU E 607 -28.57 22.51 -6.39
N LYS E 608 -29.21 21.34 -6.35
CA LYS E 608 -28.56 20.10 -6.71
C LYS E 608 -29.14 19.57 -8.01
N VAL E 609 -28.29 19.02 -8.87
CA VAL E 609 -28.69 18.65 -10.22
C VAL E 609 -28.21 17.23 -10.51
N SER E 610 -29.11 16.43 -11.11
CA SER E 610 -28.75 15.12 -11.63
C SER E 610 -29.34 14.99 -13.03
N THR E 611 -28.78 14.08 -13.81
CA THR E 611 -29.19 13.92 -15.20
C THR E 611 -29.47 12.46 -15.51
N THR E 612 -30.65 12.19 -16.06
CA THR E 612 -31.02 10.86 -16.51
C THR E 612 -30.69 10.70 -17.99
N ALA E 613 -31.22 9.67 -18.62
CA ALA E 613 -30.95 9.42 -20.02
C ALA E 613 -31.97 10.16 -20.89
N GLY E 614 -31.48 10.75 -21.98
CA GLY E 614 -32.32 11.48 -22.90
C GLY E 614 -32.28 12.98 -22.77
N ALA E 615 -31.41 13.53 -21.91
CA ALA E 615 -31.35 14.96 -21.72
C ALA E 615 -30.75 15.63 -22.95
N CYS E 616 -30.86 16.96 -22.98
CA CYS E 616 -30.33 17.77 -24.06
C CYS E 616 -29.34 18.79 -23.52
N ALA E 617 -28.24 18.97 -24.23
CA ALA E 617 -27.19 19.89 -23.78
C ALA E 617 -27.67 21.34 -23.88
N GLY E 618 -27.14 22.17 -23.00
CA GLY E 618 -27.49 23.57 -22.99
C GLY E 618 -27.17 24.21 -21.66
N THR E 619 -27.71 25.42 -21.48
CA THR E 619 -27.57 26.18 -20.25
C THR E 619 -28.93 26.68 -19.82
N TYR E 620 -29.27 26.48 -18.55
CA TYR E 620 -30.56 26.83 -18.00
C TYR E 620 -30.38 27.81 -16.85
N LYS E 621 -31.25 28.81 -16.79
CA LYS E 621 -31.26 29.80 -15.71
C LYS E 621 -32.46 29.51 -14.81
N ILE E 622 -32.17 29.06 -13.59
CA ILE E 622 -33.19 28.65 -12.64
C ILE E 622 -33.34 29.73 -11.58
N ASN E 623 -34.57 30.16 -11.34
CA ASN E 623 -34.91 31.08 -10.26
C ASN E 623 -35.97 30.44 -9.40
N VAL E 624 -35.65 30.12 -8.15
CA VAL E 624 -36.57 29.46 -7.24
C VAL E 624 -37.26 30.51 -6.40
N THR E 625 -38.59 30.53 -6.45
CA THR E 625 -39.39 31.52 -5.73
C THR E 625 -39.96 31.00 -4.42
N GLN E 626 -40.34 29.73 -4.36
CA GLN E 626 -40.96 29.16 -3.17
C GLN E 626 -40.41 27.76 -2.94
N LEU E 627 -40.60 27.27 -1.72
CA LEU E 627 -40.20 25.94 -1.33
C LEU E 627 -41.39 25.20 -0.74
N ALA E 628 -41.53 23.92 -1.10
CA ALA E 628 -42.67 23.14 -0.63
C ALA E 628 -42.58 22.87 0.87
N ALA E 629 -43.73 22.84 1.52
CA ALA E 629 -43.81 22.58 2.93
C ALA E 629 -44.94 21.58 3.20
N ALA E 630 -44.85 20.89 4.32
CA ALA E 630 -45.78 19.83 4.68
C ALA E 630 -46.58 20.25 5.91
N GLN E 631 -47.90 20.05 5.84
CA GLN E 631 -48.76 20.44 6.94
C GLN E 631 -48.46 19.63 8.19
N SER E 632 -48.43 20.32 9.34
CA SER E 632 -48.23 19.68 10.63
C SER E 632 -49.35 20.11 11.56
N LEU E 633 -49.98 19.15 12.22
CA LEU E 633 -51.04 19.42 13.17
C LEU E 633 -50.59 18.97 14.55
N ALA E 634 -50.77 19.83 15.54
CA ALA E 634 -50.40 19.52 16.91
C ALA E 634 -51.63 19.61 17.81
N THR E 635 -51.74 18.65 18.73
CA THR E 635 -52.85 18.69 19.67
C THR E 635 -52.78 19.94 20.53
N LYS E 636 -53.93 20.34 21.07
CA LYS E 636 -53.98 21.55 21.90
C LYS E 636 -53.68 21.24 23.36
N THR E 637 -54.26 20.16 23.89
CA THR E 637 -54.12 19.84 25.31
C THR E 637 -52.87 18.99 25.51
N THR E 638 -51.90 19.54 26.24
CA THR E 638 -50.71 18.78 26.60
C THR E 638 -51.05 17.73 27.65
N PHE E 639 -50.35 16.60 27.57
CA PHE E 639 -50.62 15.45 28.41
C PHE E 639 -49.47 15.19 29.38
N ALA E 640 -49.80 14.56 30.51
CA ALA E 640 -48.81 14.37 31.57
C ALA E 640 -47.75 13.35 31.17
N THR E 641 -48.15 12.22 30.61
CA THR E 641 -47.22 11.16 30.26
C THR E 641 -47.61 10.54 28.92
N THR E 642 -46.64 9.87 28.30
CA THR E 642 -46.90 9.23 27.01
C THR E 642 -47.59 7.88 27.19
N LYS E 643 -47.76 7.42 28.42
CA LYS E 643 -48.48 6.18 28.68
C LYS E 643 -49.86 6.41 29.26
N GLU E 644 -50.20 7.65 29.63
CA GLU E 644 -51.55 7.95 30.11
C GLU E 644 -52.57 7.74 29.00
N GLN E 645 -53.73 7.22 29.38
CA GLN E 645 -54.78 6.97 28.40
C GLN E 645 -55.34 8.28 27.84
N LEU E 646 -55.54 8.30 26.53
CA LEU E 646 -56.05 9.48 25.83
C LEU E 646 -57.54 9.37 25.50
N GLY E 647 -58.00 8.18 25.10
CA GLY E 647 -59.38 7.99 24.71
C GLY E 647 -60.16 7.22 25.77
N ASP E 648 -61.45 7.06 25.50
CA ASP E 648 -62.32 6.34 26.42
C ASP E 648 -62.05 4.84 26.36
N THR E 649 -62.04 4.20 27.52
CA THR E 649 -61.77 2.77 27.62
C THR E 649 -63.02 1.91 27.50
N SER E 650 -64.20 2.51 27.33
CA SER E 650 -65.42 1.72 27.22
C SER E 650 -65.52 1.04 25.86
N VAL E 651 -65.08 1.72 24.81
CA VAL E 651 -65.19 1.19 23.45
C VAL E 651 -63.90 0.44 23.12
N THR E 652 -64.04 -0.85 22.79
CA THR E 652 -62.86 -1.69 22.57
C THR E 652 -62.27 -1.52 21.17
N SER E 653 -63.01 -0.93 20.24
CA SER E 653 -62.54 -0.78 18.87
C SER E 653 -62.86 0.61 18.34
N ARG E 654 -61.86 1.28 17.79
CA ARG E 654 -62.03 2.61 17.24
C ARG E 654 -61.20 2.72 15.97
N THR E 655 -61.51 3.72 15.15
CA THR E 655 -60.82 3.89 13.89
C THR E 655 -60.49 5.35 13.66
N ILE E 656 -59.27 5.60 13.16
CA ILE E 656 -58.83 6.93 12.75
C ILE E 656 -58.90 6.97 11.23
N LYS E 657 -59.64 7.95 10.71
CA LYS E 657 -59.91 8.07 9.28
C LYS E 657 -59.28 9.36 8.77
N ILE E 658 -58.27 9.23 7.92
CA ILE E 658 -57.53 10.36 7.38
C ILE E 658 -57.82 10.44 5.88
N GLU E 659 -58.29 11.60 5.42
CA GLU E 659 -58.67 11.80 4.04
C GLU E 659 -57.87 12.96 3.46
N GLN E 660 -57.30 12.76 2.28
CA GLN E 660 -56.53 13.79 1.61
C GLN E 660 -57.02 13.94 0.17
N PRO E 661 -56.82 15.12 -0.43
CA PRO E 661 -57.08 15.23 -1.88
C PRO E 661 -56.23 14.28 -2.71
N GLY E 662 -55.02 13.96 -2.23
CA GLY E 662 -54.15 13.07 -2.99
C GLY E 662 -54.70 11.67 -3.09
N ARG E 663 -54.77 10.96 -1.96
CA ARG E 663 -55.22 9.57 -1.97
C ARG E 663 -56.70 9.50 -2.31
N LYS E 664 -57.08 8.45 -3.03
CA LYS E 664 -58.47 8.27 -3.44
C LYS E 664 -59.27 7.48 -2.40
N GLU E 665 -58.66 6.46 -1.79
CA GLU E 665 -59.31 5.71 -0.74
C GLU E 665 -58.85 6.23 0.61
N PRO E 666 -59.75 6.73 1.45
CA PRO E 666 -59.32 7.28 2.75
C PRO E 666 -58.61 6.23 3.59
N LEU E 667 -57.60 6.68 4.34
CA LEU E 667 -56.80 5.77 5.14
C LEU E 667 -57.47 5.52 6.48
N GLU E 668 -57.68 4.25 6.82
CA GLU E 668 -58.25 3.87 8.11
C GLU E 668 -57.21 3.12 8.92
N ILE E 669 -56.99 3.58 10.15
CA ILE E 669 -56.05 2.97 11.08
C ILE E 669 -56.84 2.53 12.31
N LYS E 670 -56.80 1.25 12.62
CA LYS E 670 -57.68 0.66 13.62
C LYS E 670 -56.96 0.50 14.95
N LEU E 671 -57.55 1.03 16.01
CA LEU E 671 -57.01 0.88 17.36
C LEU E 671 -57.97 -0.01 18.15
N ASP E 672 -57.45 -1.13 18.65
CA ASP E 672 -58.21 -2.03 19.50
C ASP E 672 -58.06 -1.60 20.95
N LYS E 673 -58.51 -2.43 21.88
CA LYS E 673 -58.45 -2.08 23.29
C LYS E 673 -57.01 -1.96 23.76
N GLY E 674 -56.75 -0.95 24.57
CA GLY E 674 -55.42 -0.69 25.09
C GLY E 674 -54.54 0.14 24.18
N ASP E 675 -54.99 0.48 22.98
CA ASP E 675 -54.22 1.27 22.04
C ASP E 675 -54.59 2.75 22.08
N THR E 676 -55.15 3.23 23.19
CA THR E 676 -55.52 4.64 23.29
C THR E 676 -54.41 5.48 23.91
N SER E 677 -53.26 4.90 24.22
CA SER E 677 -52.15 5.70 24.72
C SER E 677 -51.51 6.48 23.59
N MET E 678 -50.76 7.53 23.96
CA MET E 678 -50.09 8.35 22.96
C MET E 678 -49.07 7.53 22.18
N GLU E 679 -48.31 6.68 22.88
CA GLU E 679 -47.35 5.81 22.22
C GLU E 679 -48.04 4.84 21.27
N ALA E 680 -49.20 4.31 21.68
CA ALA E 680 -49.92 3.39 20.82
C ALA E 680 -50.42 4.05 19.55
N ILE E 681 -50.94 5.29 19.66
CA ILE E 681 -51.37 6.02 18.47
C ILE E 681 -50.19 6.31 17.56
N ARG E 682 -49.06 6.74 18.15
CA ARG E 682 -47.87 6.99 17.35
C ARG E 682 -47.46 5.74 16.60
N ASP E 683 -47.45 4.59 17.28
CA ASP E 683 -46.99 3.36 16.65
C ASP E 683 -47.96 2.89 15.58
N ALA E 684 -49.26 3.03 15.80
CA ALA E 684 -50.23 2.65 14.77
C ALA E 684 -50.06 3.49 13.52
N ILE E 685 -49.99 4.81 13.67
CA ILE E 685 -49.88 5.69 12.52
C ILE E 685 -48.55 5.49 11.80
N ASN E 686 -47.48 5.20 12.54
CA ASN E 686 -46.20 4.94 11.90
C ASN E 686 -46.12 3.56 11.25
N ASP E 687 -46.89 2.59 11.75
CA ASP E 687 -46.88 1.27 11.15
C ASP E 687 -47.78 1.19 9.92
N ALA E 688 -48.79 2.05 9.82
CA ALA E 688 -49.58 2.10 8.59
C ALA E 688 -48.70 2.42 7.38
N ASP E 689 -47.70 3.30 7.56
CA ASP E 689 -46.74 3.63 6.51
C ASP E 689 -47.42 4.17 5.26
N SER E 690 -48.35 5.11 5.44
CA SER E 690 -49.10 5.68 4.33
C SER E 690 -48.82 7.15 4.10
N GLY E 691 -47.77 7.70 4.70
CA GLY E 691 -47.41 9.09 4.48
C GLY E 691 -47.47 9.95 5.73
N ILE E 692 -48.49 9.77 6.55
CA ILE E 692 -48.62 10.52 7.80
C ILE E 692 -47.60 10.00 8.80
N CYS E 693 -46.93 10.91 9.50
CA CYS E 693 -45.85 10.55 10.42
C CYS E 693 -46.09 11.21 11.77
N ALA E 694 -46.50 10.42 12.74
CA ALA E 694 -46.79 10.91 14.09
C ALA E 694 -45.51 11.02 14.91
N SER E 695 -45.37 12.12 15.64
CA SER E 695 -44.24 12.37 16.53
C SER E 695 -44.77 12.69 17.91
N ILE E 696 -43.84 12.87 18.85
CA ILE E 696 -44.15 13.35 20.19
C ILE E 696 -43.13 14.41 20.55
N VAL E 697 -43.59 15.47 21.22
CA VAL E 697 -42.75 16.61 21.59
C VAL E 697 -42.88 16.81 23.09
N LYS E 698 -41.76 16.89 23.78
CA LYS E 698 -41.74 17.22 25.21
C LYS E 698 -41.47 18.71 25.35
N VAL E 699 -42.54 19.50 25.48
CA VAL E 699 -42.38 20.94 25.62
C VAL E 699 -41.62 21.26 26.90
N LYS E 700 -42.00 20.62 27.99
CA LYS E 700 -41.26 20.70 29.24
C LYS E 700 -41.69 19.53 30.12
N GLU E 701 -41.02 19.41 31.26
CA GLU E 701 -41.21 18.25 32.13
C GLU E 701 -42.68 18.04 32.45
N ASN E 702 -43.15 16.83 32.20
CA ASN E 702 -44.51 16.38 32.47
C ASN E 702 -45.55 17.03 31.56
N GLU E 703 -45.18 17.47 30.36
CA GLU E 703 -46.19 17.83 29.38
C GLU E 703 -45.70 17.46 27.98
N PHE E 704 -46.60 16.85 27.19
CA PHE E 704 -46.28 16.32 25.88
C PHE E 704 -47.35 16.74 24.88
N GLN E 705 -47.00 16.71 23.59
CA GLN E 705 -47.97 16.92 22.53
C GLN E 705 -47.82 15.84 21.48
N LEU E 706 -48.86 15.71 20.66
CA LEU E 706 -48.88 14.78 19.53
C LEU E 706 -48.93 15.59 18.25
N VAL E 707 -48.03 15.27 17.32
CA VAL E 707 -47.84 16.01 16.08
C VAL E 707 -47.97 15.05 14.91
N LEU E 708 -48.87 15.37 13.98
CA LEU E 708 -49.09 14.58 12.77
C LEU E 708 -48.67 15.41 11.57
N THR E 709 -47.72 14.88 10.79
CA THR E 709 -47.14 15.61 9.66
C THR E 709 -47.41 14.84 8.39
N ALA E 710 -47.95 15.52 7.38
CA ALA E 710 -48.21 14.92 6.09
C ALA E 710 -46.97 15.10 5.20
N ASN E 711 -47.12 14.82 3.91
CA ASN E 711 -46.04 15.01 2.96
C ASN E 711 -46.10 16.41 2.35
N SER E 712 -45.12 16.73 1.51
CA SER E 712 -45.07 18.05 0.88
C SER E 712 -46.20 18.22 -0.12
N GLY E 713 -46.68 19.46 -0.24
CA GLY E 713 -47.65 19.78 -1.25
C GLY E 713 -48.99 20.24 -0.71
N THR E 714 -49.81 20.85 -1.55
CA THR E 714 -51.14 21.30 -1.17
C THR E 714 -52.22 20.27 -1.45
N ASP E 715 -51.87 19.14 -2.05
CA ASP E 715 -52.80 18.03 -2.24
C ASP E 715 -52.74 17.02 -1.11
N ASN E 716 -51.90 17.25 -0.10
CA ASN E 716 -51.75 16.33 1.03
C ASN E 716 -52.27 16.94 2.32
N THR E 717 -53.19 17.89 2.25
CA THR E 717 -53.84 18.40 3.45
C THR E 717 -54.78 17.35 4.03
N MET E 718 -54.75 17.23 5.36
CA MET E 718 -55.47 16.17 6.05
C MET E 718 -56.83 16.65 6.53
N LYS E 719 -57.78 15.70 6.56
CA LYS E 719 -59.09 15.91 7.16
C LYS E 719 -59.34 14.73 8.10
N ILE E 720 -58.85 14.84 9.31
CA ILE E 720 -58.84 13.72 10.25
C ILE E 720 -60.20 13.56 10.91
N THR E 721 -60.54 12.32 11.23
CA THR E 721 -61.79 12.00 11.92
C THR E 721 -61.54 10.76 12.76
N VAL E 722 -62.33 10.60 13.81
CA VAL E 722 -62.25 9.42 14.68
C VAL E 722 -63.65 8.86 14.85
N GLU E 723 -63.83 7.60 14.46
CA GLU E 723 -65.13 6.94 14.51
C GLU E 723 -65.07 5.78 15.50
N GLY E 724 -66.09 5.70 16.35
CA GLY E 724 -66.17 4.72 17.40
C GLY E 724 -65.84 5.26 18.78
N ASP E 725 -65.29 6.46 18.88
CA ASP E 725 -64.91 7.06 20.15
C ASP E 725 -65.37 8.50 20.16
N THR E 726 -65.55 9.07 21.35
CA THR E 726 -65.98 10.45 21.48
C THR E 726 -64.87 11.34 22.02
N LYS E 727 -64.20 10.93 23.10
CA LYS E 727 -63.12 11.73 23.65
C LYS E 727 -61.97 11.85 22.67
N LEU E 728 -61.58 10.74 22.03
CA LEU E 728 -60.53 10.81 21.02
C LEU E 728 -60.96 11.69 19.85
N ASN E 729 -62.22 11.58 19.43
CA ASN E 729 -62.73 12.45 18.39
C ASN E 729 -62.65 13.91 18.81
N ASP E 730 -62.89 14.20 20.10
CA ASP E 730 -62.69 15.55 20.60
C ASP E 730 -61.22 15.94 20.58
N LEU E 731 -60.32 14.97 20.65
CA LEU E 731 -58.90 15.28 20.70
C LEU E 731 -58.27 15.36 19.32
N LEU E 732 -58.65 14.47 18.41
CA LEU E 732 -58.06 14.36 17.07
C LEU E 732 -59.17 14.56 16.04
N ALA E 733 -59.41 15.80 15.64
CA ALA E 733 -60.41 16.07 14.62
C ALA E 733 -60.08 17.39 13.94
N TYR E 734 -59.70 17.31 12.67
CA TYR E 734 -59.38 18.50 11.89
C TYR E 734 -60.23 18.49 10.63
N ASP E 735 -60.22 19.63 9.93
CA ASP E 735 -60.95 19.74 8.67
C ASP E 735 -60.28 20.87 7.88
N SER E 736 -59.44 20.49 6.91
CA SER E 736 -58.66 21.47 6.19
C SER E 736 -59.44 22.20 5.11
N THR E 737 -60.66 21.75 4.80
CA THR E 737 -61.49 22.47 3.84
C THR E 737 -61.97 23.79 4.42
N THR E 738 -62.47 23.77 5.65
CA THR E 738 -62.88 24.97 6.36
C THR E 738 -61.84 25.47 7.34
N ASN E 739 -60.71 24.77 7.47
CA ASN E 739 -59.62 25.15 8.37
C ASN E 739 -60.09 25.26 9.82
N THR E 740 -61.00 24.39 10.25
CA THR E 740 -61.53 24.39 11.60
C THR E 740 -61.42 23.00 12.19
N GLY E 741 -60.88 22.92 13.40
CA GLY E 741 -60.75 21.63 14.05
C GLY E 741 -60.31 21.78 15.49
N ASN E 742 -60.03 20.64 16.12
CA ASN E 742 -59.56 20.58 17.49
C ASN E 742 -58.04 20.48 17.60
N MET E 743 -57.32 20.62 16.48
CA MET E 743 -55.88 20.52 16.45
C MET E 743 -55.33 21.77 15.78
N GLN E 744 -54.33 22.39 16.39
CA GLN E 744 -53.79 23.59 15.78
C GLN E 744 -52.86 23.21 14.63
N GLU E 745 -52.71 24.13 13.69
CA GLU E 745 -51.91 23.90 12.49
C GLU E 745 -50.59 24.67 12.64
N LEU E 746 -49.51 23.95 12.89
CA LEU E 746 -48.23 24.59 13.11
C LEU E 746 -47.60 25.07 11.80
N VAL E 747 -47.72 24.30 10.74
CA VAL E 747 -47.12 24.61 9.45
C VAL E 747 -48.20 24.56 8.38
N LYS E 748 -48.04 25.36 7.33
CA LYS E 748 -49.01 25.46 6.26
C LYS E 748 -48.45 24.83 5.00
N ALA E 749 -49.31 24.11 4.26
CA ALA E 749 -48.87 23.39 3.08
C ALA E 749 -48.66 24.34 1.91
N GLU E 750 -47.54 24.16 1.20
CA GLU E 750 -47.20 25.03 0.08
C GLU E 750 -46.63 24.19 -1.06
N ASN E 751 -46.76 24.71 -2.28
CA ASN E 751 -46.21 24.11 -3.47
C ASN E 751 -44.87 24.74 -3.80
N ALA E 752 -44.07 24.04 -4.60
CA ALA E 752 -42.77 24.56 -5.00
C ALA E 752 -42.89 25.25 -6.35
N LYS E 753 -42.66 26.56 -6.37
CA LYS E 753 -42.71 27.35 -7.58
C LYS E 753 -41.30 27.70 -8.01
N LEU E 754 -41.04 27.63 -9.30
CA LEU E 754 -39.74 28.04 -9.81
C LEU E 754 -39.89 28.49 -11.26
N ASN E 755 -38.81 29.01 -11.81
CA ASN E 755 -38.77 29.58 -13.16
C ASN E 755 -37.55 29.01 -13.87
N VAL E 756 -37.79 28.28 -14.95
CA VAL E 756 -36.72 27.68 -15.75
C VAL E 756 -36.80 28.30 -17.14
N ASN E 757 -35.80 29.11 -17.49
CA ASN E 757 -35.70 29.73 -18.81
C ASN E 757 -37.00 30.41 -19.22
N GLY E 758 -37.60 31.13 -18.29
CA GLY E 758 -38.81 31.87 -18.58
C GLY E 758 -40.10 31.08 -18.53
N ILE E 759 -40.05 29.81 -18.14
CA ILE E 759 -41.26 28.99 -17.99
C ILE E 759 -41.52 28.79 -16.51
N ASP E 760 -42.75 29.02 -16.09
CA ASP E 760 -43.14 28.94 -14.69
C ASP E 760 -43.58 27.52 -14.36
N ILE E 761 -42.85 26.88 -13.46
CA ILE E 761 -43.08 25.49 -13.07
C ILE E 761 -43.60 25.48 -11.64
N GLU E 762 -44.56 24.60 -11.36
CA GLU E 762 -45.13 24.47 -10.02
C GLU E 762 -45.31 23.00 -9.69
N ARG E 763 -44.45 22.47 -8.83
CA ARG E 763 -44.48 21.07 -8.42
C ARG E 763 -44.99 20.97 -6.99
N GLN E 764 -45.21 19.73 -6.56
CA GLN E 764 -45.67 19.45 -5.21
C GLN E 764 -44.52 19.34 -4.21
N SER E 765 -43.41 18.72 -4.61
CA SER E 765 -42.28 18.47 -3.74
C SER E 765 -41.08 19.28 -4.19
N ASN E 766 -40.01 19.20 -3.41
CA ASN E 766 -38.76 19.90 -3.70
C ASN E 766 -37.84 19.12 -4.62
N THR E 767 -38.35 18.12 -5.32
CA THR E 767 -37.59 17.36 -6.30
C THR E 767 -38.29 17.48 -7.64
N VAL E 768 -37.80 18.39 -8.48
CA VAL E 768 -38.42 18.67 -9.77
C VAL E 768 -37.79 17.76 -10.80
N THR E 769 -38.63 17.09 -11.60
CA THR E 769 -38.17 16.06 -12.51
C THR E 769 -38.31 16.44 -13.98
N ASP E 770 -39.51 16.78 -14.43
CA ASP E 770 -39.78 17.00 -15.85
C ASP E 770 -39.78 18.47 -16.22
N ALA E 771 -38.91 19.27 -15.62
CA ALA E 771 -38.90 20.68 -15.98
C ALA E 771 -38.23 20.84 -17.34
N PRO E 772 -37.02 20.31 -17.58
CA PRO E 772 -36.58 20.07 -18.97
C PRO E 772 -36.75 18.64 -19.47
N GLN E 773 -37.42 17.76 -18.72
CA GLN E 773 -37.75 16.38 -19.07
C GLN E 773 -36.55 15.44 -19.01
N GLY E 774 -35.34 15.95 -18.79
CA GLY E 774 -34.21 15.05 -18.69
C GLY E 774 -33.31 15.32 -17.50
N ILE E 775 -33.60 16.38 -16.76
CA ILE E 775 -32.76 16.83 -15.65
C ILE E 775 -33.60 16.90 -14.39
N THR E 776 -33.08 16.34 -13.31
CA THR E 776 -33.75 16.32 -12.01
C THR E 776 -33.10 17.35 -11.09
N LEU E 777 -33.93 18.20 -10.51
CA LEU E 777 -33.47 19.31 -9.68
C LEU E 777 -33.93 19.09 -8.25
N THR E 778 -33.02 19.27 -7.30
CA THR E 778 -33.33 19.22 -5.88
C THR E 778 -33.12 20.62 -5.30
N LEU E 779 -34.19 21.20 -4.76
CA LEU E 779 -34.18 22.57 -4.26
C LEU E 779 -33.89 22.56 -2.77
N THR E 780 -33.05 23.47 -2.32
CA THR E 780 -32.73 23.61 -0.91
C THR E 780 -33.00 25.00 -0.37
N LYS E 781 -32.71 26.04 -1.14
CA LYS E 781 -32.94 27.42 -0.73
C LYS E 781 -33.45 28.22 -1.93
N LYS E 782 -33.95 29.41 -1.65
CA LYS E 782 -34.47 30.31 -2.68
C LYS E 782 -33.30 30.96 -3.41
N VAL E 783 -32.78 30.25 -4.40
CA VAL E 783 -31.73 30.82 -5.23
C VAL E 783 -32.32 31.85 -6.19
N THR E 784 -31.44 32.67 -6.77
CA THR E 784 -31.83 33.67 -7.74
C THR E 784 -30.79 33.70 -8.85
N ASP E 785 -31.23 33.46 -10.08
CA ASP E 785 -30.37 33.42 -11.25
C ASP E 785 -29.23 32.42 -11.06
N ALA E 786 -29.60 31.17 -10.82
CA ALA E 786 -28.61 30.11 -10.83
C ALA E 786 -28.47 29.54 -12.23
N THR E 787 -27.30 28.98 -12.51
CA THR E 787 -26.99 28.46 -13.84
C THR E 787 -26.73 26.97 -13.75
N VAL E 788 -27.31 26.22 -14.69
CA VAL E 788 -27.10 24.78 -14.80
C VAL E 788 -26.63 24.49 -16.21
N THR E 789 -25.50 23.79 -16.33
CA THR E 789 -24.88 23.49 -17.61
C THR E 789 -24.95 21.99 -17.85
N VAL E 790 -25.53 21.59 -18.99
CA VAL E 790 -25.65 20.20 -19.38
C VAL E 790 -24.81 19.99 -20.63
N THR E 791 -23.88 19.04 -20.57
CA THR E 791 -22.97 18.78 -21.68
C THR E 791 -23.01 17.30 -22.05
N LYS E 792 -22.89 17.03 -23.36
CA LYS E 792 -22.94 15.67 -23.86
C LYS E 792 -21.76 14.86 -23.33
N ASP E 793 -21.96 13.55 -23.22
CA ASP E 793 -20.93 12.64 -22.72
C ASP E 793 -20.91 11.39 -23.57
N ASP E 794 -19.73 10.75 -23.64
CA ASP E 794 -19.57 9.52 -24.41
C ASP E 794 -18.80 8.45 -23.63
N THR E 795 -18.54 8.68 -22.35
CA THR E 795 -17.72 7.75 -21.57
C THR E 795 -18.35 6.37 -21.52
N LYS E 796 -19.65 6.29 -21.24
CA LYS E 796 -20.31 4.99 -21.11
C LYS E 796 -20.26 4.22 -22.42
N ALA E 797 -20.52 4.89 -23.54
CA ALA E 797 -20.43 4.23 -24.83
C ALA E 797 -19.01 3.77 -25.13
N LYS E 798 -18.02 4.58 -24.77
CA LYS E 798 -16.63 4.20 -24.99
C LYS E 798 -16.27 2.95 -24.21
N GLU E 799 -16.66 2.89 -22.93
CA GLU E 799 -16.37 1.71 -22.12
C GLU E 799 -17.12 0.49 -22.63
N ALA E 800 -18.35 0.68 -23.11
CA ALA E 800 -19.08 -0.45 -23.68
C ALA E 800 -18.37 -0.98 -24.93
N ILE E 801 -17.86 -0.08 -25.77
CA ILE E 801 -17.12 -0.52 -26.95
C ILE E 801 -15.86 -1.26 -26.55
N LYS E 802 -15.14 -0.76 -25.54
CA LYS E 802 -13.93 -1.43 -25.08
C LYS E 802 -14.25 -2.84 -24.58
N SER E 803 -15.30 -2.96 -23.77
CA SER E 803 -15.68 -4.27 -23.26
C SER E 803 -16.10 -5.21 -24.39
N TRP E 804 -16.83 -4.69 -25.37
CA TRP E 804 -17.27 -5.53 -26.48
C TRP E 804 -16.09 -6.03 -27.30
N VAL E 805 -15.14 -5.15 -27.63
CA VAL E 805 -14.00 -5.61 -28.42
C VAL E 805 -13.13 -6.57 -27.61
N ASP E 806 -13.01 -6.35 -26.29
CA ASP E 806 -12.27 -7.30 -25.48
C ASP E 806 -12.95 -8.67 -25.46
N ALA E 807 -14.27 -8.69 -25.35
CA ALA E 807 -14.99 -9.96 -25.37
C ALA E 807 -14.80 -10.69 -26.70
N TYR E 808 -14.89 -9.95 -27.82
CA TYR E 808 -14.69 -10.59 -29.11
C TYR E 808 -13.26 -11.09 -29.28
N ASN E 809 -12.28 -10.32 -28.78
CA ASN E 809 -10.89 -10.76 -28.87
C ASN E 809 -10.67 -12.02 -28.05
N SER E 810 -11.27 -12.09 -26.85
CA SER E 810 -11.15 -13.30 -26.05
C SER E 810 -11.80 -14.49 -26.75
N LEU E 811 -12.96 -14.28 -27.37
CA LEU E 811 -13.59 -15.37 -28.12
C LEU E 811 -12.70 -15.85 -29.25
N VAL E 812 -12.10 -14.91 -29.98
CA VAL E 812 -11.22 -15.29 -31.09
C VAL E 812 -10.00 -16.03 -30.58
N ASP E 813 -9.44 -15.58 -29.45
CA ASP E 813 -8.30 -16.28 -28.86
C ASP E 813 -8.67 -17.70 -28.46
N THR E 814 -9.83 -17.88 -27.84
CA THR E 814 -10.27 -19.22 -27.48
C THR E 814 -10.45 -20.11 -28.70
N PHE E 815 -11.06 -19.57 -29.76
CA PHE E 815 -11.24 -20.35 -30.97
C PHE E 815 -9.89 -20.72 -31.60
N SER E 816 -8.94 -19.78 -31.61
CA SER E 816 -7.63 -20.06 -32.17
C SER E 816 -6.90 -21.13 -31.37
N SER E 817 -6.98 -21.05 -30.04
CA SER E 817 -6.35 -22.08 -29.21
C SER E 817 -7.02 -23.43 -29.39
N LEU E 818 -8.33 -23.44 -29.68
CA LEU E 818 -9.02 -24.70 -29.88
C LEU E 818 -8.67 -25.33 -31.23
N THR E 819 -8.24 -24.51 -32.19
CA THR E 819 -7.79 -25.00 -33.49
C THR E 819 -6.27 -25.12 -33.56
N LYS E 820 -5.63 -25.34 -32.42
CA LYS E 820 -4.18 -25.42 -32.37
C LYS E 820 -3.67 -26.67 -33.08
N TYR E 821 -2.50 -26.53 -33.70
CA TYR E 821 -1.85 -27.64 -34.39
C TYR E 821 -0.34 -27.47 -34.31
N THR E 822 0.37 -28.58 -34.48
CA THR E 822 1.83 -28.58 -34.53
C THR E 822 2.27 -29.39 -35.73
N ALA E 823 3.19 -28.82 -36.52
CA ALA E 823 3.69 -29.50 -37.70
C ALA E 823 4.85 -30.41 -37.33
N VAL E 824 4.80 -31.66 -37.79
CA VAL E 824 5.84 -32.65 -37.54
C VAL E 824 6.49 -32.99 -38.88
N GLU E 825 7.82 -32.89 -38.93
CA GLU E 825 8.53 -33.20 -40.17
C GLU E 825 8.42 -34.66 -40.59
N PRO E 826 8.63 -35.65 -39.71
CA PRO E 826 8.47 -37.05 -40.16
C PRO E 826 7.06 -37.34 -40.65
N GLY E 827 6.04 -36.79 -40.01
CA GLY E 827 4.68 -37.05 -40.41
C GLY E 827 4.23 -38.48 -40.26
N GLU E 828 4.85 -39.23 -39.35
CA GLU E 828 4.43 -40.62 -39.14
C GLU E 828 3.04 -40.71 -38.53
N GLU E 829 2.73 -39.82 -37.58
CA GLU E 829 1.45 -39.83 -36.90
C GLU E 829 1.11 -38.40 -36.48
N ALA E 830 -0.16 -38.19 -36.16
CA ALA E 830 -0.62 -36.86 -35.76
C ALA E 830 0.07 -36.41 -34.48
N SER E 831 0.42 -35.14 -34.42
CA SER E 831 1.13 -34.59 -33.28
C SER E 831 0.26 -34.60 -32.04
N ASP E 832 0.90 -34.67 -30.88
CA ASP E 832 0.17 -34.69 -29.62
C ASP E 832 -0.56 -33.38 -29.38
N LYS E 833 0.07 -32.25 -29.71
CA LYS E 833 -0.51 -30.93 -29.49
C LYS E 833 -1.45 -30.61 -30.65
N ASN E 834 -2.63 -31.20 -30.60
CA ASN E 834 -3.67 -31.00 -31.62
C ASN E 834 -4.96 -30.56 -30.95
N GLY E 835 -5.63 -29.59 -31.57
CA GLY E 835 -6.92 -29.17 -31.07
C GLY E 835 -7.99 -30.22 -31.38
N ALA E 836 -8.83 -30.49 -30.37
CA ALA E 836 -9.90 -31.46 -30.56
C ALA E 836 -10.88 -31.00 -31.63
N LEU E 837 -11.24 -29.72 -31.62
CA LEU E 837 -12.15 -29.17 -32.61
C LEU E 837 -11.35 -28.52 -33.74
N LEU E 838 -10.59 -29.36 -34.43
CA LEU E 838 -9.77 -28.96 -35.57
C LEU E 838 -10.38 -29.56 -36.84
N GLY E 839 -10.72 -28.71 -37.79
CA GLY E 839 -11.39 -29.15 -39.00
C GLY E 839 -12.89 -29.35 -38.86
N ASP E 840 -13.44 -29.18 -37.67
CA ASP E 840 -14.87 -29.32 -37.47
C ASP E 840 -15.61 -28.08 -37.96
N SER E 841 -16.84 -28.29 -38.42
CA SER E 841 -17.66 -27.20 -38.92
C SER E 841 -18.10 -26.24 -37.82
N VAL E 842 -17.93 -26.61 -36.55
CA VAL E 842 -18.44 -25.79 -35.44
C VAL E 842 -17.74 -24.44 -35.41
N VAL E 843 -16.43 -24.44 -35.19
CA VAL E 843 -15.68 -23.19 -35.03
C VAL E 843 -15.72 -22.38 -36.31
N ARG E 844 -15.55 -23.04 -37.46
CA ARG E 844 -15.55 -22.33 -38.72
C ARG E 844 -16.90 -21.66 -38.99
N THR E 845 -18.00 -22.39 -38.75
CA THR E 845 -19.32 -21.84 -38.98
C THR E 845 -19.61 -20.69 -38.01
N ILE E 846 -19.22 -20.84 -36.74
CA ILE E 846 -19.44 -19.76 -35.78
C ILE E 846 -18.68 -18.50 -36.19
N GLN E 847 -17.42 -18.66 -36.56
CA GLN E 847 -16.63 -17.50 -36.97
C GLN E 847 -17.21 -16.85 -38.22
N THR E 848 -17.60 -17.64 -39.20
CA THR E 848 -18.18 -17.08 -40.41
C THR E 848 -19.47 -16.33 -40.11
N GLY E 849 -20.34 -16.93 -39.29
CA GLY E 849 -21.61 -16.30 -38.97
C GLY E 849 -21.45 -15.01 -38.19
N ILE E 850 -20.53 -15.00 -37.24
CA ILE E 850 -20.32 -13.78 -36.44
C ILE E 850 -19.68 -12.69 -37.29
N ARG E 851 -18.67 -13.03 -38.08
CA ARG E 851 -17.97 -12.01 -38.86
C ARG E 851 -18.74 -11.54 -40.08
N ALA E 852 -19.77 -12.29 -40.51
CA ALA E 852 -20.57 -11.83 -41.63
C ALA E 852 -21.50 -10.70 -41.23
N GLN E 853 -21.79 -10.55 -39.94
CA GLN E 853 -22.70 -9.50 -39.49
C GLN E 853 -22.05 -8.14 -39.43
N PHE E 854 -20.73 -8.05 -39.58
CA PHE E 854 -20.07 -6.74 -39.54
C PHE E 854 -20.41 -5.90 -40.76
N ALA E 855 -20.94 -6.51 -41.82
CA ALA E 855 -21.49 -5.80 -42.96
C ALA E 855 -23.00 -6.06 -42.93
N ASN E 856 -23.74 -5.14 -42.34
CA ASN E 856 -25.18 -5.31 -42.11
C ASN E 856 -25.95 -4.44 -43.07
N SER E 857 -26.86 -5.06 -43.84
CA SER E 857 -27.74 -4.31 -44.73
C SER E 857 -28.97 -3.77 -44.00
N GLY E 858 -29.25 -4.23 -42.78
CA GLY E 858 -30.40 -3.74 -42.06
C GLY E 858 -30.26 -2.29 -41.66
N SER E 859 -29.06 -1.89 -41.22
CA SER E 859 -28.84 -0.52 -40.78
C SER E 859 -29.00 0.45 -41.94
N ASN E 860 -29.76 1.53 -41.69
CA ASN E 860 -29.97 2.57 -42.69
C ASN E 860 -29.17 3.83 -42.39
N SER E 861 -28.23 3.77 -41.46
CA SER E 861 -27.40 4.92 -41.13
C SER E 861 -26.47 5.25 -42.28
N ALA E 862 -25.79 6.39 -42.15
CA ALA E 862 -24.82 6.80 -43.16
C ALA E 862 -23.68 5.78 -43.26
N PHE E 863 -23.18 5.31 -42.12
CA PHE E 863 -22.15 4.30 -42.12
C PHE E 863 -22.75 2.94 -42.46
N LYS E 864 -22.12 2.22 -43.38
CA LYS E 864 -22.57 0.88 -43.74
C LYS E 864 -21.64 -0.21 -43.26
N THR E 865 -20.39 0.11 -42.96
CA THR E 865 -19.44 -0.86 -42.42
C THR E 865 -18.95 -0.39 -41.06
N MET E 866 -18.70 -1.35 -40.18
CA MET E 866 -18.35 -1.03 -38.79
C MET E 866 -16.99 -0.34 -38.70
N ALA E 867 -16.11 -0.60 -39.68
CA ALA E 867 -14.75 -0.03 -39.64
C ALA E 867 -14.78 1.49 -39.61
N GLU E 868 -15.80 2.11 -40.22
CA GLU E 868 -15.88 3.56 -40.24
C GLU E 868 -16.05 4.16 -38.85
N ILE E 869 -16.49 3.36 -37.87
CA ILE E 869 -16.58 3.87 -36.50
C ILE E 869 -15.18 4.17 -35.95
N GLY E 870 -14.20 3.36 -36.34
CA GLY E 870 -12.85 3.54 -35.85
C GLY E 870 -12.27 2.27 -35.27
N ILE E 871 -12.85 1.13 -35.63
CA ILE E 871 -12.38 -0.18 -35.18
C ILE E 871 -12.02 -0.99 -36.41
N THR E 872 -10.78 -1.45 -36.47
CA THR E 872 -10.25 -2.17 -37.62
C THR E 872 -9.88 -3.59 -37.23
N GLN E 873 -10.16 -4.53 -38.13
CA GLN E 873 -9.82 -5.92 -37.91
C GLN E 873 -8.41 -6.19 -38.42
N ASP E 874 -7.57 -6.77 -37.57
CA ASP E 874 -6.16 -6.94 -37.89
C ASP E 874 -5.97 -7.92 -39.04
N GLY E 875 -4.92 -7.69 -39.83
CA GLY E 875 -4.63 -8.57 -40.95
C GLY E 875 -4.18 -9.95 -40.53
N THR E 876 -3.33 -10.02 -39.49
CA THR E 876 -2.75 -11.29 -39.09
C THR E 876 -3.81 -12.26 -38.60
N SER E 877 -4.64 -11.81 -37.65
CA SER E 877 -5.67 -12.66 -37.07
C SER E 877 -6.98 -11.89 -37.02
N GLY E 878 -8.07 -12.61 -36.85
CA GLY E 878 -9.38 -12.00 -36.78
C GLY E 878 -9.62 -11.29 -35.47
N LYS E 879 -8.79 -10.30 -35.16
CA LYS E 879 -8.91 -9.53 -33.93
C LYS E 879 -9.20 -8.07 -34.29
N LEU E 880 -9.84 -7.36 -33.37
CA LEU E 880 -10.28 -5.99 -33.58
C LEU E 880 -9.47 -5.06 -32.70
N LYS E 881 -9.07 -3.91 -33.25
CA LYS E 881 -8.36 -2.90 -32.49
C LYS E 881 -8.90 -1.52 -32.82
N ILE E 882 -8.82 -0.61 -31.86
CA ILE E 882 -9.48 0.69 -31.91
C ILE E 882 -8.42 1.78 -31.80
N ASP E 883 -8.50 2.77 -32.69
CA ASP E 883 -7.70 3.98 -32.56
C ASP E 883 -8.56 5.06 -31.91
N ASP E 884 -8.00 5.71 -30.89
CA ASP E 884 -8.80 6.60 -30.05
C ASP E 884 -9.31 7.82 -30.81
N ASP E 885 -8.50 8.37 -31.72
CA ASP E 885 -8.88 9.62 -32.37
C ASP E 885 -10.15 9.47 -33.20
N LYS E 886 -10.18 8.47 -34.07
CA LYS E 886 -11.33 8.30 -34.96
C LYS E 886 -12.59 7.96 -34.18
N LEU E 887 -12.48 7.03 -33.22
CA LEU E 887 -13.65 6.66 -32.43
C LEU E 887 -14.17 7.85 -31.63
N THR E 888 -13.26 8.62 -31.02
CA THR E 888 -13.68 9.79 -30.24
C THR E 888 -14.37 10.82 -31.14
N LYS E 889 -13.81 11.06 -32.32
CA LYS E 889 -14.43 12.04 -33.23
C LYS E 889 -15.82 11.57 -33.67
N VAL E 890 -15.95 10.27 -33.99
CA VAL E 890 -17.24 9.75 -34.42
C VAL E 890 -18.27 9.86 -33.30
N LEU E 891 -17.87 9.51 -32.06
CA LEU E 891 -18.79 9.61 -30.94
C LEU E 891 -19.14 11.07 -30.64
N LYS E 892 -18.21 11.99 -30.90
CA LYS E 892 -18.49 13.40 -30.61
C LYS E 892 -19.43 14.00 -31.64
N ASP E 893 -19.24 13.67 -32.92
CA ASP E 893 -20.02 14.30 -33.98
C ASP E 893 -21.19 13.45 -34.45
N ASN E 894 -20.91 12.26 -34.98
CA ASN E 894 -21.96 11.39 -35.52
C ASN E 894 -22.39 10.36 -34.49
N THR E 895 -22.86 10.86 -33.34
CA THR E 895 -23.36 9.94 -32.32
C THR E 895 -24.63 9.23 -32.78
N ALA E 896 -25.51 9.94 -33.48
CA ALA E 896 -26.73 9.31 -33.97
C ALA E 896 -26.41 8.25 -35.01
N ALA E 897 -25.47 8.52 -35.92
CA ALA E 897 -25.11 7.53 -36.93
C ALA E 897 -24.50 6.29 -36.30
N ALA E 898 -23.60 6.48 -35.33
CA ALA E 898 -23.00 5.33 -34.64
C ALA E 898 -24.05 4.54 -33.88
N ARG E 899 -24.97 5.23 -33.21
CA ARG E 899 -26.02 4.55 -32.47
C ARG E 899 -26.92 3.74 -33.41
N GLU E 900 -27.24 4.29 -34.58
CA GLU E 900 -28.05 3.54 -35.52
C GLU E 900 -27.28 2.36 -36.09
N LEU E 901 -25.98 2.52 -36.33
CA LEU E 901 -25.19 1.42 -36.87
C LEU E 901 -25.08 0.26 -35.90
N LEU E 902 -24.70 0.56 -34.65
CA LEU E 902 -24.52 -0.51 -33.68
C LEU E 902 -25.85 -1.01 -33.14
N VAL E 903 -26.58 -0.14 -32.43
CA VAL E 903 -27.78 -0.58 -31.72
C VAL E 903 -28.91 -0.89 -32.68
N GLY E 904 -29.11 -0.04 -33.67
CA GLY E 904 -30.22 -0.24 -34.58
C GLY E 904 -31.55 0.03 -33.90
N ASP E 905 -32.62 -0.36 -34.59
CA ASP E 905 -33.96 -0.20 -34.03
C ASP E 905 -34.23 -1.15 -32.86
N GLY E 906 -33.35 -2.13 -32.63
CA GLY E 906 -33.50 -3.07 -31.56
C GLY E 906 -34.21 -4.36 -31.92
N LYS E 907 -34.84 -4.43 -33.09
CA LYS E 907 -35.58 -5.62 -33.50
C LYS E 907 -34.97 -6.30 -34.71
N GLU E 908 -34.85 -5.60 -35.84
CA GLU E 908 -34.35 -6.19 -37.08
C GLU E 908 -33.32 -5.29 -37.75
N THR E 909 -32.52 -4.55 -36.99
CA THR E 909 -31.62 -3.57 -37.57
C THR E 909 -30.43 -3.39 -36.63
N GLY E 910 -29.27 -3.14 -37.22
CA GLY E 910 -28.07 -2.89 -36.45
C GLY E 910 -27.16 -4.10 -36.39
N ILE E 911 -25.87 -3.83 -36.24
CA ILE E 911 -24.89 -4.90 -36.13
C ILE E 911 -25.13 -5.70 -34.85
N THR E 912 -25.33 -5.00 -33.73
CA THR E 912 -25.44 -5.67 -32.44
C THR E 912 -26.67 -6.56 -32.39
N THR E 913 -27.80 -6.12 -32.97
CA THR E 913 -29.01 -6.94 -32.96
C THR E 913 -28.81 -8.23 -33.76
N LYS E 914 -28.21 -8.12 -34.95
CA LYS E 914 -27.97 -9.31 -35.77
C LYS E 914 -27.01 -10.26 -35.07
N ILE E 915 -25.94 -9.72 -34.46
CA ILE E 915 -25.01 -10.58 -33.74
C ILE E 915 -25.70 -11.26 -32.57
N ALA E 916 -26.56 -10.54 -31.86
CA ALA E 916 -27.29 -11.12 -30.74
C ALA E 916 -28.18 -12.27 -31.18
N THR E 917 -28.95 -12.05 -32.25
CA THR E 917 -29.87 -13.11 -32.68
C THR E 917 -29.10 -14.31 -33.23
N GLU E 918 -28.00 -14.08 -33.95
CA GLU E 918 -27.22 -15.19 -34.46
C GLU E 918 -26.57 -15.99 -33.33
N VAL E 919 -26.02 -15.32 -32.32
CA VAL E 919 -25.42 -16.02 -31.21
C VAL E 919 -26.48 -16.76 -30.41
N LYS E 920 -27.68 -16.19 -30.28
CA LYS E 920 -28.77 -16.91 -29.62
C LYS E 920 -29.14 -18.17 -30.39
N SER E 921 -29.22 -18.08 -31.73
CA SER E 921 -29.57 -19.25 -32.52
C SER E 921 -28.48 -20.32 -32.45
N TYR E 922 -27.22 -19.92 -32.48
CA TYR E 922 -26.13 -20.89 -32.43
C TYR E 922 -26.03 -21.54 -31.06
N LEU E 923 -26.15 -20.74 -29.99
CA LEU E 923 -25.99 -21.26 -28.63
C LEU E 923 -27.17 -22.11 -28.20
N ALA E 924 -28.29 -22.06 -28.92
CA ALA E 924 -29.45 -22.86 -28.56
C ALA E 924 -29.23 -24.33 -28.92
N ASP E 925 -30.00 -25.20 -28.26
CA ASP E 925 -29.84 -26.63 -28.46
C ASP E 925 -30.24 -27.05 -29.87
N ASP E 926 -31.27 -26.41 -30.43
CA ASP E 926 -31.69 -26.74 -31.79
C ASP E 926 -30.69 -26.26 -32.84
N GLY E 927 -29.69 -25.48 -32.46
CA GLY E 927 -28.70 -25.01 -33.41
C GLY E 927 -27.79 -26.11 -33.91
N ILE E 928 -27.06 -25.77 -34.97
CA ILE E 928 -26.20 -26.77 -35.62
C ILE E 928 -25.08 -27.24 -34.70
N ILE E 929 -24.63 -26.37 -33.79
CA ILE E 929 -23.50 -26.73 -32.93
C ILE E 929 -23.89 -27.89 -32.01
N ASP E 930 -25.03 -27.76 -31.34
CA ASP E 930 -25.47 -28.83 -30.46
C ASP E 930 -25.96 -30.04 -31.24
N ASN E 931 -26.41 -29.83 -32.49
CA ASN E 931 -26.73 -30.98 -33.35
C ASN E 931 -25.49 -31.80 -33.65
N ALA E 932 -24.38 -31.14 -33.98
CA ALA E 932 -23.12 -31.85 -34.20
C ALA E 932 -22.65 -32.52 -32.90
N GLN E 933 -22.83 -31.84 -31.78
CA GLN E 933 -22.47 -32.44 -30.49
C GLN E 933 -23.28 -33.70 -30.22
N ASP E 934 -24.58 -33.67 -30.53
CA ASP E 934 -25.43 -34.84 -30.33
C ASP E 934 -25.03 -35.97 -31.29
N ASN E 935 -24.66 -35.62 -32.53
CA ASN E 935 -24.18 -36.65 -33.45
C ASN E 935 -22.90 -37.30 -32.93
N VAL E 936 -21.99 -36.50 -32.38
CA VAL E 936 -20.78 -37.04 -31.79
C VAL E 936 -21.10 -37.94 -30.61
N ASN E 937 -22.08 -37.53 -29.79
CA ASN E 937 -22.48 -38.34 -28.64
C ASN E 937 -23.10 -39.67 -29.08
N ALA E 938 -23.89 -39.64 -30.15
CA ALA E 938 -24.46 -40.88 -30.68
C ALA E 938 -23.36 -41.80 -31.20
N THR E 939 -22.38 -41.23 -31.90
CA THR E 939 -21.24 -42.03 -32.35
C THR E 939 -20.50 -42.62 -31.16
N LEU E 940 -20.36 -41.85 -30.07
CA LEU E 940 -19.69 -42.35 -28.88
C LEU E 940 -20.49 -43.48 -28.23
N LYS E 941 -21.81 -43.38 -28.23
CA LYS E 941 -22.63 -44.47 -27.69
C LYS E 941 -22.51 -45.73 -28.54
N SER E 942 -22.48 -45.57 -29.86
CA SER E 942 -22.22 -46.72 -30.73
C SER E 942 -20.85 -47.32 -30.45
N LEU E 943 -19.86 -46.45 -30.21
CA LEU E 943 -18.53 -46.93 -29.85
C LEU E 943 -18.55 -47.64 -28.49
N THR E 944 -19.44 -47.25 -27.60
CA THR E 944 -19.55 -47.92 -26.31
C THR E 944 -20.15 -49.33 -26.48
N LYS E 945 -21.16 -49.45 -27.34
CA LYS E 945 -21.65 -50.79 -27.69
C LYS E 945 -20.55 -51.62 -28.33
N GLN E 946 -19.73 -50.98 -29.17
CA GLN E 946 -18.55 -51.64 -29.73
C GLN E 946 -17.59 -52.06 -28.63
N TYR E 947 -17.43 -51.24 -27.58
CA TYR E 947 -16.60 -51.60 -26.44
C TYR E 947 -17.12 -52.87 -25.77
N LEU E 948 -18.43 -52.95 -25.56
CA LEU E 948 -19.00 -54.14 -24.93
C LEU E 948 -18.76 -55.38 -25.80
N SER E 949 -19.01 -55.26 -27.10
CA SER E 949 -18.82 -56.40 -28.00
C SER E 949 -17.36 -56.84 -28.02
N VAL E 950 -16.43 -55.89 -28.13
CA VAL E 950 -15.03 -56.28 -28.18
C VAL E 950 -14.55 -56.77 -26.83
N SER E 951 -15.19 -56.35 -25.73
CA SER E 951 -14.85 -56.92 -24.43
C SER E 951 -15.26 -58.38 -24.34
N ASN E 952 -16.44 -58.71 -24.86
CA ASN E 952 -16.80 -60.12 -24.99
C ASN E 952 -15.79 -60.87 -25.85
N SER E 953 -15.36 -60.25 -26.95
CA SER E 953 -14.35 -60.85 -27.79
C SER E 953 -13.03 -61.07 -27.04
N ILE E 954 -12.64 -60.10 -26.21
CA ILE E 954 -11.44 -60.25 -25.39
C ILE E 954 -11.59 -61.45 -24.46
N ASP E 955 -12.74 -61.57 -23.81
CA ASP E 955 -12.96 -62.71 -22.93
C ASP E 955 -12.79 -64.02 -23.68
N GLU E 956 -13.44 -64.15 -24.84
CA GLU E 956 -13.35 -65.39 -25.61
C GLU E 956 -11.92 -65.68 -26.05
N THR E 957 -11.22 -64.68 -26.57
CA THR E 957 -9.90 -64.93 -27.13
C THR E 957 -8.86 -65.14 -26.02
N VAL E 958 -9.05 -64.51 -24.86
CA VAL E 958 -8.19 -64.77 -23.72
C VAL E 958 -8.38 -66.20 -23.23
N ALA E 959 -9.63 -66.66 -23.19
CA ALA E 959 -9.87 -68.07 -22.85
C ALA E 959 -9.18 -68.99 -23.85
N ARG E 960 -9.27 -68.66 -25.14
CA ARG E 960 -8.68 -69.51 -26.17
C ARG E 960 -7.16 -69.57 -26.04
N TYR E 961 -6.50 -68.41 -25.89
CA TYR E 961 -5.04 -68.41 -25.80
C TYR E 961 -4.55 -68.97 -24.47
N LYS E 962 -5.32 -68.80 -23.38
CA LYS E 962 -4.97 -69.45 -22.13
C LYS E 962 -5.06 -70.96 -22.27
N ALA E 963 -6.04 -71.45 -23.03
CA ALA E 963 -6.08 -72.88 -23.37
C ALA E 963 -4.85 -73.28 -24.18
N GLN E 964 -4.43 -72.43 -25.11
CA GLN E 964 -3.22 -72.72 -25.88
C GLN E 964 -1.99 -72.71 -25.00
N PHE E 965 -1.88 -71.72 -24.11
CA PHE E 965 -0.74 -71.66 -23.18
C PHE E 965 -1.17 -71.99 -21.75
N ALA F 66 3.41 -66.51 -43.56
CA ALA F 66 4.85 -66.63 -43.34
C ALA F 66 5.37 -65.46 -42.50
N GLY F 67 6.45 -65.69 -41.77
CA GLY F 67 7.04 -64.62 -40.98
C GLY F 67 7.52 -63.46 -41.82
N GLN F 68 8.21 -63.77 -42.93
CA GLN F 68 8.63 -62.72 -43.84
C GLN F 68 7.46 -62.02 -44.50
N ALA F 69 6.40 -62.78 -44.83
CA ALA F 69 5.22 -62.17 -45.45
C ALA F 69 4.55 -61.19 -44.51
N ILE F 70 4.31 -61.60 -43.26
CA ILE F 70 3.68 -60.70 -42.31
C ILE F 70 4.60 -59.53 -41.99
N ALA F 71 5.92 -59.77 -41.94
CA ALA F 71 6.86 -58.69 -41.66
C ALA F 71 6.82 -57.62 -42.75
N ASN F 72 6.87 -58.06 -44.02
CA ASN F 72 6.88 -57.08 -45.11
C ASN F 72 5.52 -56.41 -45.26
N ARG F 73 4.44 -57.13 -44.99
CA ARG F 73 3.12 -56.51 -45.00
C ARG F 73 3.01 -55.44 -43.93
N PHE F 74 3.54 -55.71 -42.73
CA PHE F 74 3.49 -54.71 -41.67
C PHE F 74 4.39 -53.51 -41.98
N THR F 75 5.56 -53.75 -42.58
CA THR F 75 6.40 -52.63 -42.99
C THR F 75 5.72 -51.78 -44.05
N ALA F 76 5.08 -52.42 -45.03
CA ALA F 76 4.32 -51.66 -46.02
C ALA F 76 3.17 -50.89 -45.39
N ASN F 77 2.48 -51.50 -44.41
CA ASN F 77 1.38 -50.82 -43.75
C ASN F 77 1.87 -49.59 -42.98
N ILE F 78 2.99 -49.72 -42.25
CA ILE F 78 3.47 -48.57 -41.48
C ILE F 78 4.02 -47.50 -42.41
N LYS F 79 4.67 -47.89 -43.51
CA LYS F 79 5.13 -46.90 -44.49
C LYS F 79 3.96 -46.16 -45.11
N GLY F 80 2.89 -46.88 -45.46
CA GLY F 80 1.69 -46.22 -45.95
C GLY F 80 1.04 -45.33 -44.91
N LEU F 81 1.11 -45.74 -43.64
CA LEU F 81 0.63 -44.88 -42.57
C LEU F 81 1.41 -43.58 -42.52
N THR F 82 2.74 -43.66 -42.63
CA THR F 82 3.56 -42.46 -42.65
C THR F 82 3.21 -41.58 -43.84
N GLN F 83 3.07 -42.16 -45.03
CA GLN F 83 2.76 -41.37 -46.21
C GLN F 83 1.39 -40.71 -46.11
N ALA F 84 0.38 -41.48 -45.72
CA ALA F 84 -0.97 -40.93 -45.61
C ALA F 84 -1.06 -39.90 -44.49
N SER F 85 -0.28 -40.08 -43.42
CA SER F 85 -0.27 -39.09 -42.35
C SER F 85 0.47 -37.83 -42.74
N ARG F 86 1.52 -37.92 -43.56
CA ARG F 86 2.12 -36.71 -44.11
C ARG F 86 1.15 -36.00 -45.04
N ASN F 87 0.37 -36.75 -45.83
CA ASN F 87 -0.65 -36.12 -46.66
C ASN F 87 -1.74 -35.47 -45.82
N ALA F 88 -2.12 -36.12 -44.71
CA ALA F 88 -3.11 -35.53 -43.81
C ALA F 88 -2.58 -34.28 -43.13
N ASN F 89 -1.30 -34.29 -42.74
CA ASN F 89 -0.68 -33.08 -42.20
C ASN F 89 -0.57 -32.00 -43.25
N ASP F 90 -0.34 -32.37 -44.51
CA ASP F 90 -0.40 -31.40 -45.60
C ASP F 90 -1.80 -30.82 -45.74
N GLY F 91 -2.84 -31.64 -45.56
CA GLY F 91 -4.20 -31.12 -45.56
C GLY F 91 -4.49 -30.19 -44.40
N ILE F 92 -3.96 -30.52 -43.22
CA ILE F 92 -4.13 -29.63 -42.07
C ILE F 92 -3.40 -28.31 -42.30
N SER F 93 -2.20 -28.37 -42.87
CA SER F 93 -1.48 -27.14 -43.22
C SER F 93 -2.20 -26.38 -44.33
N ILE F 94 -2.87 -27.10 -45.24
CA ILE F 94 -3.75 -26.44 -46.20
C ILE F 94 -4.84 -25.68 -45.46
N ALA F 95 -5.44 -26.32 -44.45
CA ALA F 95 -6.47 -25.67 -43.67
C ALA F 95 -5.93 -24.42 -42.97
N GLN F 96 -4.72 -24.50 -42.43
CA GLN F 96 -4.16 -23.35 -41.71
C GLN F 96 -3.78 -22.21 -42.66
N THR F 97 -3.13 -22.53 -43.77
CA THR F 97 -2.76 -21.48 -44.72
C THR F 97 -4.01 -20.87 -45.36
N THR F 98 -5.03 -21.68 -45.63
CA THR F 98 -6.26 -21.14 -46.20
C THR F 98 -7.04 -20.36 -45.15
N GLU F 99 -6.87 -20.70 -43.86
CA GLU F 99 -7.41 -19.89 -42.79
C GLU F 99 -6.75 -18.51 -42.77
N GLY F 100 -5.44 -18.47 -42.92
CA GLY F 100 -4.76 -17.19 -43.06
C GLY F 100 -5.22 -16.42 -44.29
N ALA F 101 -5.40 -17.12 -45.41
CA ALA F 101 -5.91 -16.48 -46.62
C ALA F 101 -7.32 -15.96 -46.41
N LEU F 102 -8.16 -16.70 -45.68
CA LEU F 102 -9.51 -16.26 -45.40
C LEU F 102 -9.51 -15.02 -44.51
N ASN F 103 -8.65 -14.99 -43.51
CA ASN F 103 -8.53 -13.80 -42.67
C ASN F 103 -8.14 -12.59 -43.52
N GLU F 104 -7.14 -12.76 -44.39
CA GLU F 104 -6.72 -11.66 -45.25
C GLU F 104 -7.82 -11.22 -46.19
N ILE F 105 -8.56 -12.17 -46.77
CA ILE F 105 -9.58 -11.80 -47.74
C ILE F 105 -10.81 -11.20 -47.07
N ASN F 106 -11.10 -11.57 -45.83
CA ASN F 106 -12.20 -10.93 -45.11
C ASN F 106 -11.83 -9.53 -44.65
N ASN F 107 -10.59 -9.33 -44.22
CA ASN F 107 -10.11 -7.97 -43.98
C ASN F 107 -10.20 -7.15 -45.26
N ASN F 108 -9.89 -7.77 -46.40
CA ASN F 108 -10.05 -7.10 -47.68
C ASN F 108 -11.51 -6.76 -47.95
N LEU F 109 -12.43 -7.66 -47.60
CA LEU F 109 -13.85 -7.39 -47.82
C LEU F 109 -14.30 -6.18 -47.02
N GLN F 110 -13.91 -6.13 -45.74
CA GLN F 110 -14.28 -4.99 -44.91
C GLN F 110 -13.66 -3.70 -45.46
N ARG F 111 -12.42 -3.77 -45.92
CA ARG F 111 -11.82 -2.63 -46.59
C ARG F 111 -12.64 -2.21 -47.80
N VAL F 112 -13.09 -3.18 -48.60
CA VAL F 112 -13.82 -2.89 -49.84
C VAL F 112 -15.16 -2.22 -49.52
N ARG F 113 -15.87 -2.72 -48.51
CA ARG F 113 -17.08 -2.03 -48.08
C ARG F 113 -16.79 -0.60 -47.64
N GLU F 114 -15.73 -0.40 -46.86
CA GLU F 114 -15.40 0.95 -46.44
C GLU F 114 -15.15 1.86 -47.65
N LEU F 115 -14.37 1.36 -48.61
CA LEU F 115 -14.01 2.17 -49.78
C LEU F 115 -15.24 2.50 -50.60
N ALA F 116 -16.10 1.51 -50.86
CA ALA F 116 -17.30 1.74 -51.66
C ALA F 116 -18.24 2.71 -50.97
N VAL F 117 -18.45 2.56 -49.66
CA VAL F 117 -19.36 3.43 -48.94
C VAL F 117 -18.85 4.87 -48.93
N GLN F 118 -17.55 5.04 -48.66
CA GLN F 118 -17.02 6.39 -48.61
C GLN F 118 -16.93 7.03 -49.99
N SER F 119 -16.78 6.22 -51.04
CA SER F 119 -16.74 6.77 -52.39
C SER F 119 -18.13 7.14 -52.88
N ALA F 120 -19.15 6.38 -52.49
CA ALA F 120 -20.51 6.65 -52.94
C ALA F 120 -20.98 8.01 -52.47
N ASN F 121 -20.70 8.35 -51.21
CA ASN F 121 -21.13 9.63 -50.67
C ASN F 121 -19.99 10.65 -50.72
N SER F 122 -20.35 11.91 -50.48
CA SER F 122 -19.41 13.02 -50.54
C SER F 122 -18.72 13.27 -49.20
N THR F 123 -18.97 12.44 -48.20
CA THR F 123 -18.32 12.63 -46.90
C THR F 123 -16.81 12.44 -47.01
N ASN F 124 -16.36 11.48 -47.80
CA ASN F 124 -14.94 11.22 -47.97
C ASN F 124 -14.37 12.15 -49.04
N SER F 125 -13.49 13.05 -48.62
CA SER F 125 -12.89 14.03 -49.54
C SER F 125 -11.83 13.36 -50.41
N GLN F 126 -11.36 14.10 -51.40
CA GLN F 126 -10.35 13.57 -52.33
C GLN F 126 -8.94 13.60 -51.77
N SER F 127 -8.66 14.42 -50.75
CA SER F 127 -7.46 14.18 -49.95
C SER F 127 -7.60 12.90 -49.16
N ASP F 128 -8.78 12.70 -48.56
CA ASP F 128 -9.10 11.41 -47.96
C ASP F 128 -9.01 10.31 -49.00
N LEU F 129 -9.40 10.60 -50.25
CA LEU F 129 -9.28 9.59 -51.30
C LEU F 129 -7.84 9.34 -51.71
N ASP F 130 -6.96 10.33 -51.56
CA ASP F 130 -5.53 10.07 -51.77
C ASP F 130 -4.99 9.15 -50.66
N SER F 131 -5.42 9.39 -49.43
CA SER F 131 -5.12 8.43 -48.36
C SER F 131 -5.69 7.05 -48.68
N ILE F 132 -6.86 7.01 -49.33
CA ILE F 132 -7.44 5.74 -49.75
C ILE F 132 -6.61 5.10 -50.87
N GLN F 133 -6.00 5.90 -51.74
CA GLN F 133 -5.08 5.34 -52.72
C GLN F 133 -3.87 4.71 -52.03
N ALA F 134 -3.35 5.39 -51.01
CA ALA F 134 -2.30 4.78 -50.19
C ALA F 134 -2.79 3.48 -49.56
N GLU F 135 -4.03 3.47 -49.09
CA GLU F 135 -4.64 2.26 -48.56
C GLU F 135 -4.80 1.18 -49.63
N ILE F 136 -5.04 1.56 -50.87
CA ILE F 136 -5.08 0.60 -51.98
C ILE F 136 -3.72 -0.04 -52.18
N THR F 137 -2.67 0.77 -52.14
CA THR F 137 -1.32 0.21 -52.18
C THR F 137 -1.08 -0.73 -50.99
N GLN F 138 -1.55 -0.33 -49.81
CA GLN F 138 -1.35 -1.15 -48.62
C GLN F 138 -2.12 -2.46 -48.71
N ARG F 139 -3.31 -2.44 -49.33
CA ARG F 139 -4.08 -3.67 -49.50
C ARG F 139 -3.43 -4.56 -50.55
N LEU F 140 -2.82 -3.96 -51.58
CA LEU F 140 -1.99 -4.75 -52.48
C LEU F 140 -0.85 -5.41 -51.73
N ASN F 141 -0.26 -4.70 -50.77
CA ASN F 141 0.78 -5.31 -49.94
C ASN F 141 0.19 -6.42 -49.05
N GLU F 142 -1.06 -6.25 -48.61
CA GLU F 142 -1.73 -7.33 -47.90
C GLU F 142 -1.85 -8.58 -48.77
N ILE F 143 -2.19 -8.39 -50.04
CA ILE F 143 -2.23 -9.51 -50.98
C ILE F 143 -0.84 -10.12 -51.14
N ASP F 144 0.18 -9.27 -51.22
CA ASP F 144 1.55 -9.76 -51.34
C ASP F 144 1.96 -10.57 -50.11
N ARG F 145 1.46 -10.20 -48.93
CA ARG F 145 1.79 -10.95 -47.72
C ARG F 145 1.03 -12.27 -47.68
N VAL F 146 -0.24 -12.27 -48.09
CA VAL F 146 -0.99 -13.52 -48.05
C VAL F 146 -0.49 -14.48 -49.11
N SER F 147 0.15 -13.97 -50.16
CA SER F 147 0.68 -14.86 -51.19
C SER F 147 2.13 -15.27 -50.91
N GLY F 148 3.03 -14.30 -50.78
CA GLY F 148 4.45 -14.56 -50.67
C GLY F 148 5.00 -14.76 -49.28
N GLN F 149 4.52 -14.01 -48.29
CA GLN F 149 5.04 -14.19 -46.93
C GLN F 149 4.70 -15.56 -46.39
N THR F 150 3.48 -16.04 -46.65
CA THR F 150 3.10 -17.38 -46.25
C THR F 150 3.69 -18.43 -47.18
N GLN F 151 3.80 -19.65 -46.68
CA GLN F 151 4.36 -20.75 -47.45
C GLN F 151 3.71 -22.06 -47.03
N PHE F 152 3.80 -23.05 -47.92
CA PHE F 152 3.15 -24.34 -47.70
C PHE F 152 4.17 -25.47 -47.79
N ASN F 153 4.31 -26.23 -46.71
CA ASN F 153 5.11 -27.46 -46.68
C ASN F 153 6.54 -27.20 -47.19
N GLY F 154 7.10 -26.05 -46.80
CA GLY F 154 8.39 -25.65 -47.29
C GLY F 154 8.41 -25.18 -48.73
N VAL F 155 7.25 -25.09 -49.38
CA VAL F 155 7.13 -24.69 -50.77
C VAL F 155 6.24 -23.46 -50.83
N LYS F 156 6.48 -22.60 -51.82
CA LYS F 156 5.72 -21.37 -51.91
C LYS F 156 4.42 -21.58 -52.67
N VAL F 157 3.57 -22.50 -52.18
CA VAL F 157 2.34 -22.84 -52.88
C VAL F 157 1.38 -21.66 -52.88
N LEU F 158 1.35 -20.88 -51.81
CA LEU F 158 0.53 -19.67 -51.81
C LEU F 158 1.10 -18.61 -52.75
N ALA F 159 2.34 -18.79 -53.22
CA ALA F 159 2.93 -17.90 -54.21
C ALA F 159 2.94 -18.49 -55.61
N GLN F 160 3.12 -19.80 -55.75
CA GLN F 160 3.06 -20.48 -57.04
C GLN F 160 2.03 -21.61 -56.96
N ASP F 161 1.19 -21.69 -57.98
CA ASP F 161 0.08 -22.65 -58.00
C ASP F 161 0.52 -23.94 -58.67
N ASN F 162 0.25 -25.06 -58.01
CA ASN F 162 0.50 -26.40 -58.56
C ASN F 162 -0.79 -27.21 -58.38
N THR F 163 -1.68 -27.10 -59.36
CA THR F 163 -2.98 -27.78 -59.30
C THR F 163 -2.80 -29.22 -59.77
N LEU F 164 -2.25 -30.04 -58.88
CA LEU F 164 -1.98 -31.43 -59.17
C LEU F 164 -2.39 -32.28 -57.97
N THR F 165 -2.84 -33.50 -58.26
CA THR F 165 -3.21 -34.42 -57.19
C THR F 165 -1.97 -34.87 -56.42
N ILE F 166 -2.12 -35.00 -55.10
CA ILE F 166 -0.99 -35.35 -54.25
C ILE F 166 -0.64 -36.82 -54.45
N GLN F 167 0.58 -37.18 -54.06
CA GLN F 167 1.05 -38.55 -54.19
C GLN F 167 0.24 -39.48 -53.28
N VAL F 168 0.11 -40.73 -53.73
CA VAL F 168 -0.71 -41.71 -53.01
C VAL F 168 -0.08 -42.01 -51.66
N GLY F 169 -0.90 -42.00 -50.61
CA GLY F 169 -0.42 -42.34 -49.28
C GLY F 169 -0.25 -43.82 -49.03
N ALA F 170 -0.63 -44.66 -50.00
CA ALA F 170 -0.44 -46.11 -49.96
C ALA F 170 -1.31 -46.80 -48.91
N ASN F 171 -2.05 -46.02 -48.11
CA ASN F 171 -3.02 -46.60 -47.21
C ASN F 171 -4.29 -47.01 -47.94
N ASP F 172 -4.63 -46.32 -49.03
CA ASP F 172 -5.80 -46.63 -49.84
C ASP F 172 -5.43 -46.59 -51.31
N GLY F 173 -6.21 -47.31 -52.12
CA GLY F 173 -5.95 -47.32 -53.55
C GLY F 173 -6.15 -45.96 -54.20
N GLU F 174 -7.19 -45.24 -53.77
CA GLU F 174 -7.47 -43.92 -54.32
C GLU F 174 -6.44 -42.91 -53.85
N THR F 175 -6.09 -41.98 -54.74
CA THR F 175 -5.20 -40.87 -54.42
C THR F 175 -6.01 -39.63 -54.10
N ILE F 176 -5.47 -38.80 -53.22
CA ILE F 176 -6.17 -37.59 -52.79
C ILE F 176 -6.05 -36.53 -53.89
N ASP F 177 -7.20 -36.00 -54.33
CA ASP F 177 -7.24 -35.02 -55.41
C ASP F 177 -7.41 -33.64 -54.78
N ILE F 178 -6.32 -32.89 -54.71
CA ILE F 178 -6.31 -31.55 -54.13
C ILE F 178 -6.11 -30.55 -55.25
N ASP F 179 -7.11 -29.70 -55.47
CA ASP F 179 -7.02 -28.61 -56.45
C ASP F 179 -6.54 -27.36 -55.71
N LEU F 180 -5.22 -27.24 -55.59
CA LEU F 180 -4.61 -26.13 -54.88
C LEU F 180 -4.94 -24.80 -55.55
N LYS F 181 -5.75 -23.98 -54.89
CA LYS F 181 -6.12 -22.66 -55.41
C LYS F 181 -5.41 -21.60 -54.56
N GLN F 182 -4.26 -21.14 -55.06
CA GLN F 182 -3.51 -20.11 -54.36
C GLN F 182 -4.27 -18.78 -54.38
N ILE F 183 -3.95 -17.93 -53.42
CA ILE F 183 -4.54 -16.58 -53.38
C ILE F 183 -3.64 -15.70 -54.24
N ASN F 184 -3.91 -15.71 -55.54
CA ASN F 184 -3.13 -14.94 -56.50
C ASN F 184 -3.89 -13.67 -56.89
N SER F 185 -3.12 -12.66 -57.29
CA SER F 185 -3.74 -11.44 -57.77
C SER F 185 -4.29 -11.59 -59.19
N GLN F 186 -3.62 -12.40 -60.03
CA GLN F 186 -3.94 -12.46 -61.44
C GLN F 186 -5.10 -13.40 -61.73
N THR F 187 -4.94 -14.69 -61.41
CA THR F 187 -5.91 -15.69 -61.83
C THR F 187 -7.28 -15.46 -61.19
N LEU F 188 -7.30 -15.09 -59.91
CA LEU F 188 -8.57 -14.85 -59.23
C LEU F 188 -9.14 -13.47 -59.53
N GLY F 189 -8.43 -12.63 -60.27
CA GLY F 189 -8.94 -11.32 -60.63
C GLY F 189 -8.87 -10.28 -59.54
N LEU F 190 -8.16 -10.57 -58.45
CA LEU F 190 -8.07 -9.61 -57.34
C LEU F 190 -7.18 -8.42 -57.69
N ASP F 191 -6.21 -8.59 -58.60
CA ASP F 191 -5.33 -7.49 -58.97
C ASP F 191 -6.12 -6.34 -59.58
N THR F 192 -7.22 -6.64 -60.25
CA THR F 192 -8.03 -5.60 -60.89
C THR F 192 -8.67 -4.67 -59.88
N LEU F 193 -8.68 -5.05 -58.59
CA LEU F 193 -9.30 -4.22 -57.57
C LEU F 193 -8.57 -2.90 -57.39
N ASN F 194 -9.17 -1.81 -57.87
CA ASN F 194 -8.60 -0.48 -57.70
C ASN F 194 -9.75 0.51 -57.77
N VAL F 195 -10.13 1.07 -56.63
CA VAL F 195 -11.34 1.89 -56.52
C VAL F 195 -11.01 3.38 -56.47
N GLN F 196 -9.84 3.78 -56.93
CA GLN F 196 -9.47 5.20 -56.91
C GLN F 196 -10.25 5.95 -57.98
N GLN F 197 -10.85 7.08 -57.59
CA GLN F 197 -11.59 7.89 -58.53
C GLN F 197 -10.65 8.74 -59.38
N LYS F 198 -11.21 9.36 -60.41
CA LYS F 198 -10.42 10.09 -61.39
C LYS F 198 -10.00 11.45 -60.86
N TYR F 199 -8.72 11.76 -61.01
CA TYR F 199 -8.18 13.11 -60.81
C TYR F 199 -7.75 13.64 -62.17
N LYS F 200 -8.23 14.83 -62.53
CA LYS F 200 -7.94 15.36 -63.85
C LYS F 200 -6.46 15.73 -63.96
N VAL F 201 -5.82 15.26 -65.02
CA VAL F 201 -4.41 15.54 -65.26
C VAL F 201 -4.32 16.64 -66.31
N SER F 202 -3.80 17.81 -65.91
CA SER F 202 -3.59 18.94 -66.81
C SER F 202 -2.13 19.35 -66.78
N ASP F 203 -1.72 20.12 -67.78
CA ASP F 203 -0.33 20.47 -67.99
C ASP F 203 -0.09 21.94 -67.67
N THR F 204 1.10 22.23 -67.12
CA THR F 204 1.52 23.60 -66.83
C THR F 204 2.73 23.92 -67.70
N ALA F 205 2.64 25.02 -68.46
CA ALA F 205 3.76 25.45 -69.28
C ALA F 205 4.84 26.08 -68.42
N ALA F 206 6.07 25.63 -68.62
CA ALA F 206 7.20 26.14 -67.83
C ALA F 206 8.44 26.18 -68.70
N THR F 207 9.34 27.10 -68.38
CA THR F 207 10.57 27.25 -69.12
C THR F 207 11.60 26.20 -68.67
N VAL F 208 12.75 26.21 -69.35
CA VAL F 208 13.81 25.26 -69.04
C VAL F 208 14.47 25.66 -67.72
N THR F 209 14.69 24.68 -66.85
CA THR F 209 15.32 24.90 -65.55
C THR F 209 16.83 24.75 -65.75
N GLY F 210 17.52 25.89 -65.91
CA GLY F 210 18.95 25.87 -66.18
C GLY F 210 19.25 25.48 -67.61
N TYR F 211 20.44 24.92 -67.80
CA TYR F 211 20.84 24.46 -69.13
C TYR F 211 19.94 23.33 -69.61
N ALA F 212 19.63 22.38 -68.72
CA ALA F 212 18.71 21.27 -69.02
C ALA F 212 19.16 20.48 -70.24
N ASP F 213 20.31 19.85 -70.11
CA ASP F 213 20.92 19.14 -71.23
C ASP F 213 20.21 17.80 -71.44
N THR F 214 20.77 16.97 -72.32
CA THR F 214 20.14 15.75 -72.79
C THR F 214 20.98 14.53 -72.42
N THR F 215 20.42 13.35 -72.71
CA THR F 215 21.07 12.10 -72.32
C THR F 215 22.15 11.67 -73.32
N ILE F 216 21.73 11.33 -74.55
CA ILE F 216 22.70 10.87 -75.53
C ILE F 216 23.59 11.99 -76.03
N ALA F 217 23.02 13.17 -76.28
CA ALA F 217 23.76 14.33 -76.79
C ALA F 217 24.42 14.03 -78.13
N LEU F 218 25.24 14.96 -78.60
CA LEU F 218 25.99 14.81 -79.85
C LEU F 218 27.45 14.58 -79.51
N ASP F 219 28.12 13.70 -80.28
CA ASP F 219 29.41 13.11 -79.91
C ASP F 219 30.35 14.13 -79.29
N ASN F 220 30.91 13.77 -78.13
CA ASN F 220 31.76 14.66 -77.36
C ASN F 220 33.21 14.67 -77.82
N SER F 221 33.71 13.56 -78.38
CA SER F 221 35.06 13.55 -78.90
C SER F 221 35.21 14.53 -80.05
N THR F 222 34.31 14.46 -81.03
CA THR F 222 34.28 15.44 -82.11
C THR F 222 33.94 16.83 -81.58
N PHE F 223 33.20 16.92 -80.48
CA PHE F 223 32.89 18.21 -79.88
C PHE F 223 34.16 18.91 -79.39
N LYS F 224 35.00 18.19 -78.64
CA LYS F 224 36.29 18.73 -78.22
C LYS F 224 37.22 18.95 -79.41
N ALA F 225 37.16 18.07 -80.42
CA ALA F 225 38.00 18.27 -81.60
C ALA F 225 37.65 19.56 -82.32
N SER F 226 36.36 19.84 -82.48
CA SER F 226 35.93 21.10 -83.09
C SER F 226 36.31 22.28 -82.21
N ALA F 227 36.18 22.13 -80.88
CA ALA F 227 36.57 23.21 -79.98
C ALA F 227 38.05 23.54 -80.10
N THR F 228 38.88 22.50 -80.31
CA THR F 228 40.31 22.72 -80.47
C THR F 228 40.70 23.02 -81.92
N GLY F 229 39.76 22.94 -82.85
CA GLY F 229 40.07 23.13 -84.26
C GLY F 229 40.20 24.57 -84.70
N LEU F 230 39.98 25.54 -83.81
CA LEU F 230 40.08 26.94 -84.19
C LEU F 230 41.51 27.29 -84.62
N GLY F 231 42.50 26.81 -83.89
CA GLY F 231 43.88 27.08 -84.22
C GLY F 231 44.69 27.33 -82.97
N GLY F 232 45.91 27.81 -83.19
CA GLY F 232 46.83 28.09 -82.11
C GLY F 232 47.77 26.94 -81.84
N THR F 233 48.73 27.17 -80.93
CA THR F 233 49.68 26.13 -80.57
C THR F 233 49.01 25.05 -79.74
N ASP F 234 48.47 25.42 -78.57
CA ASP F 234 47.76 24.49 -77.69
C ASP F 234 46.42 25.12 -77.36
N GLN F 235 45.33 24.39 -77.62
CA GLN F 235 43.99 24.87 -77.35
C GLN F 235 43.12 23.82 -76.66
N LYS F 236 43.74 22.74 -76.16
CA LYS F 236 42.99 21.70 -75.47
C LYS F 236 42.37 22.26 -74.19
N ILE F 237 41.12 21.87 -73.92
CA ILE F 237 40.33 22.42 -72.84
C ILE F 237 40.42 21.52 -71.63
N ASP F 238 40.72 22.12 -70.47
CA ASP F 238 40.66 21.39 -69.21
C ASP F 238 39.21 21.15 -68.83
N GLY F 239 38.87 19.91 -68.49
CA GLY F 239 37.48 19.60 -68.23
C GLY F 239 36.68 19.50 -69.51
N ASP F 240 35.41 19.89 -69.42
CA ASP F 240 34.49 19.83 -70.54
C ASP F 240 34.20 21.23 -71.06
N LEU F 241 33.54 21.28 -72.23
CA LEU F 241 33.16 22.53 -72.86
C LEU F 241 31.73 22.88 -72.50
N LYS F 242 31.54 24.05 -71.89
CA LYS F 242 30.23 24.51 -71.43
C LYS F 242 29.84 25.78 -72.18
N PHE F 243 28.72 26.37 -71.77
CA PHE F 243 28.11 27.49 -72.49
C PHE F 243 28.22 28.77 -71.65
N ASP F 244 28.46 29.88 -72.35
CA ASP F 244 28.56 31.19 -71.73
C ASP F 244 27.64 32.17 -72.44
N ASP F 245 27.26 33.23 -71.72
CA ASP F 245 26.40 34.28 -72.25
C ASP F 245 27.13 35.56 -72.59
N THR F 246 28.11 35.96 -71.78
CA THR F 246 28.85 37.18 -72.07
C THR F 246 29.63 37.06 -73.37
N THR F 247 30.28 35.92 -73.60
CA THR F 247 30.98 35.70 -74.85
C THR F 247 30.01 35.67 -76.04
N GLY F 248 28.87 35.01 -75.88
CA GLY F 248 27.89 34.84 -76.93
C GLY F 248 27.48 33.39 -77.15
N LYS F 249 28.42 32.46 -76.97
CA LYS F 249 28.15 31.04 -77.08
C LYS F 249 29.24 30.32 -76.27
N TYR F 250 29.42 29.01 -76.52
CA TYR F 250 30.16 28.16 -75.61
C TYR F 250 31.56 28.72 -75.32
N TYR F 251 31.95 28.65 -74.05
CA TYR F 251 33.22 29.21 -73.60
C TYR F 251 34.25 28.09 -73.50
N ALA F 252 35.39 28.27 -74.16
CA ALA F 252 36.44 27.27 -74.24
C ALA F 252 37.63 27.73 -73.40
N LYS F 253 38.03 26.91 -72.44
CA LYS F 253 39.25 27.17 -71.68
C LYS F 253 40.46 26.80 -72.50
N VAL F 254 41.45 27.68 -72.53
CA VAL F 254 42.65 27.50 -73.33
C VAL F 254 43.86 27.53 -72.41
N THR F 255 44.74 26.54 -72.55
CA THR F 255 45.99 26.46 -71.80
C THR F 255 47.13 26.36 -72.80
N VAL F 256 47.93 27.42 -72.91
CA VAL F 256 49.00 27.52 -73.89
C VAL F 256 50.33 27.38 -73.18
N THR F 257 51.18 26.48 -73.69
CA THR F 257 52.51 26.27 -73.14
C THR F 257 53.53 27.07 -73.96
N GLY F 258 54.29 27.92 -73.27
CA GLY F 258 55.26 28.77 -73.93
C GLY F 258 54.71 30.03 -74.53
N GLY F 259 53.43 30.31 -74.37
CA GLY F 259 52.83 31.52 -74.92
C GLY F 259 51.99 32.23 -73.88
N THR F 260 52.00 33.56 -73.96
CA THR F 260 51.25 34.41 -73.04
C THR F 260 50.23 35.24 -73.81
N GLY F 261 49.09 35.48 -73.18
CA GLY F 261 48.03 36.27 -73.79
C GLY F 261 47.07 35.49 -74.66
N LYS F 262 47.33 34.21 -74.90
CA LYS F 262 46.44 33.36 -75.70
C LYS F 262 45.47 32.56 -74.85
N ASP F 263 45.48 32.75 -73.53
CA ASP F 263 44.63 31.99 -72.62
C ASP F 263 43.34 32.77 -72.36
N GLY F 264 42.21 32.06 -72.45
CA GLY F 264 40.92 32.68 -72.21
C GLY F 264 39.78 31.86 -72.76
N TYR F 265 38.56 32.11 -72.29
CA TYR F 265 37.38 31.40 -72.76
C TYR F 265 37.01 31.89 -74.16
N TYR F 266 37.47 31.17 -75.18
CA TYR F 266 37.10 31.50 -76.55
C TYR F 266 35.62 31.24 -76.76
N GLU F 267 34.97 32.13 -77.53
CA GLU F 267 33.58 31.94 -77.91
C GLU F 267 33.52 31.00 -79.11
N VAL F 268 32.83 29.87 -78.96
CA VAL F 268 32.71 28.87 -79.99
C VAL F 268 31.24 28.55 -80.21
N SER F 269 30.86 28.39 -81.48
CA SER F 269 29.53 27.98 -81.90
C SER F 269 29.68 26.63 -82.59
N VAL F 270 29.02 25.60 -82.05
CA VAL F 270 29.22 24.22 -82.49
C VAL F 270 27.94 23.72 -83.16
N ASP F 271 28.08 23.30 -84.41
CA ASP F 271 27.05 22.52 -85.11
C ASP F 271 27.70 21.20 -85.47
N LYS F 272 27.38 20.15 -84.70
CA LYS F 272 28.08 18.88 -84.82
C LYS F 272 27.76 18.12 -86.10
N THR F 273 26.75 18.54 -86.85
CA THR F 273 26.50 17.90 -88.15
C THR F 273 27.68 18.08 -89.08
N ASN F 274 28.23 19.30 -89.13
CA ASN F 274 29.47 19.53 -89.88
C ASN F 274 30.68 18.99 -89.11
N GLY F 275 30.68 19.13 -87.79
CA GLY F 275 31.80 18.72 -86.97
C GLY F 275 32.86 19.78 -86.73
N GLU F 276 32.54 21.05 -86.98
CA GLU F 276 33.49 22.14 -86.81
C GLU F 276 32.86 23.23 -85.95
N VAL F 277 33.61 24.33 -85.78
CA VAL F 277 33.19 25.45 -84.97
C VAL F 277 33.17 26.71 -85.83
N THR F 278 32.06 27.45 -85.77
CA THR F 278 31.97 28.74 -86.44
C THR F 278 32.76 29.76 -85.65
N LEU F 279 33.65 30.48 -86.33
CA LEU F 279 34.49 31.46 -85.66
C LEU F 279 33.67 32.65 -85.18
N ALA F 280 34.06 33.20 -84.04
CA ALA F 280 33.39 34.36 -83.46
C ALA F 280 34.07 35.62 -84.01
N GLY F 281 33.40 36.29 -84.95
CA GLY F 281 33.97 37.45 -85.59
C GLY F 281 35.04 37.15 -86.63
N GLY F 282 35.15 35.90 -87.06
CA GLY F 282 36.17 35.53 -88.03
C GLY F 282 37.59 35.63 -87.51
N ALA F 283 37.81 35.31 -86.23
CA ALA F 283 39.13 35.35 -85.64
C ALA F 283 39.17 34.44 -84.43
N THR F 284 40.39 34.09 -84.03
CA THR F 284 40.62 33.26 -82.85
C THR F 284 41.20 34.05 -81.69
N SER F 285 41.07 35.37 -81.72
CA SER F 285 41.64 36.20 -80.66
C SER F 285 40.91 35.95 -79.35
N PRO F 286 41.62 36.00 -78.22
CA PRO F 286 40.96 35.79 -76.93
C PRO F 286 39.95 36.88 -76.61
N LEU F 287 38.92 36.51 -75.87
CA LEU F 287 37.89 37.45 -75.48
C LEU F 287 38.22 38.06 -74.10
N THR F 288 37.36 38.98 -73.67
CA THR F 288 37.54 39.67 -72.42
C THR F 288 36.94 38.88 -71.26
N GLY F 289 37.09 39.42 -70.06
CA GLY F 289 36.54 38.80 -68.87
C GLY F 289 37.40 37.72 -68.25
N GLY F 290 38.57 37.44 -68.80
CA GLY F 290 39.44 36.41 -68.27
C GLY F 290 38.84 35.03 -68.40
N LEU F 291 38.43 34.44 -67.28
CA LEU F 291 37.79 33.13 -67.25
C LEU F 291 36.49 33.22 -66.44
N PRO F 292 35.45 33.84 -67.00
CA PRO F 292 34.18 33.95 -66.26
C PRO F 292 33.25 32.76 -66.49
N ALA F 293 32.71 32.20 -65.42
CA ALA F 293 31.76 31.11 -65.48
C ALA F 293 30.44 31.57 -64.87
N THR F 294 29.34 31.42 -65.61
CA THR F 294 28.04 31.88 -65.14
C THR F 294 27.37 30.84 -64.26
N ALA F 295 27.10 29.66 -64.80
CA ALA F 295 26.42 28.60 -64.07
C ALA F 295 27.44 27.63 -63.49
N THR F 296 27.42 27.46 -62.17
CA THR F 296 28.34 26.55 -61.51
C THR F 296 28.06 25.10 -61.88
N GLU F 297 26.80 24.76 -62.18
CA GLU F 297 26.46 23.39 -62.53
C GLU F 297 27.23 22.95 -63.78
N ASP F 298 27.83 21.77 -63.70
CA ASP F 298 28.63 21.23 -64.78
C ASP F 298 28.25 19.77 -65.01
N VAL F 299 28.27 19.36 -66.28
CA VAL F 299 27.94 18.00 -66.68
C VAL F 299 29.17 17.39 -67.34
N LYS F 300 29.53 16.17 -66.89
CA LYS F 300 30.65 15.46 -67.51
C LYS F 300 30.33 15.15 -68.98
N ASN F 301 29.09 14.79 -69.27
CA ASN F 301 28.66 14.60 -70.64
C ASN F 301 28.50 15.95 -71.34
N VAL F 302 28.58 15.92 -72.67
CA VAL F 302 28.41 17.15 -73.44
C VAL F 302 26.95 17.60 -73.40
N GLN F 303 26.76 18.91 -73.26
CA GLN F 303 25.43 19.47 -73.04
C GLN F 303 24.82 19.96 -74.34
N VAL F 304 23.55 19.61 -74.56
CA VAL F 304 22.77 20.07 -75.71
C VAL F 304 21.47 20.64 -75.17
N ALA F 305 21.04 21.77 -75.74
CA ALA F 305 19.87 22.48 -75.22
C ALA F 305 18.62 21.62 -75.29
N ASN F 306 17.76 21.79 -74.28
CA ASN F 306 16.53 21.02 -74.20
C ASN F 306 15.54 21.39 -75.30
N ALA F 307 15.74 22.51 -75.99
CA ALA F 307 14.87 22.87 -77.10
C ALA F 307 14.97 21.83 -78.22
N ASP F 308 16.16 21.27 -78.41
CA ASP F 308 16.33 20.20 -79.40
C ASP F 308 15.58 18.94 -79.00
N LEU F 309 15.41 18.69 -77.70
CA LEU F 309 14.66 17.54 -77.19
C LEU F 309 15.24 16.22 -77.73
N THR F 310 16.57 16.12 -77.75
CA THR F 310 17.20 14.96 -78.36
C THR F 310 17.12 13.71 -77.49
N GLU F 311 16.75 13.84 -76.21
CA GLU F 311 16.56 12.64 -75.40
C GLU F 311 15.20 11.99 -75.67
N ALA F 312 14.14 12.80 -75.75
CA ALA F 312 12.86 12.28 -76.20
C ALA F 312 12.95 11.79 -77.64
N LYS F 313 13.65 12.54 -78.49
CA LYS F 313 13.91 12.10 -79.85
C LYS F 313 14.60 10.74 -79.85
N ALA F 314 15.65 10.60 -79.05
CA ALA F 314 16.36 9.33 -78.95
C ALA F 314 15.39 8.20 -78.58
N ALA F 315 14.74 8.33 -77.43
CA ALA F 315 13.84 7.28 -76.95
C ALA F 315 12.82 6.90 -78.01
N LEU F 316 12.02 7.87 -78.46
CA LEU F 316 10.90 7.56 -79.34
C LEU F 316 11.37 7.08 -80.71
N THR F 317 12.28 7.82 -81.36
CA THR F 317 12.69 7.45 -82.71
C THR F 317 13.46 6.13 -82.74
N ALA F 318 14.40 5.94 -81.81
CA ALA F 318 15.10 4.66 -81.75
C ALA F 318 14.14 3.52 -81.45
N ALA F 319 13.16 3.75 -80.57
CA ALA F 319 12.07 2.78 -80.43
C ALA F 319 11.25 2.72 -81.71
N GLY F 320 11.00 3.87 -82.34
CA GLY F 320 10.25 3.92 -83.58
C GLY F 320 8.75 4.02 -83.34
N VAL F 321 8.34 4.93 -82.45
CA VAL F 321 6.96 5.03 -82.01
C VAL F 321 6.35 6.40 -82.32
N THR F 322 7.04 7.47 -81.95
CA THR F 322 6.49 8.82 -82.10
C THR F 322 7.67 9.78 -82.25
N GLY F 323 7.39 11.08 -82.31
CA GLY F 323 8.42 12.09 -82.49
C GLY F 323 8.48 13.15 -81.40
N THR F 324 8.93 14.34 -81.77
CA THR F 324 9.21 15.39 -80.79
C THR F 324 7.93 15.84 -80.08
N ALA F 325 8.05 16.11 -78.79
CA ALA F 325 6.92 16.58 -78.00
C ALA F 325 7.41 17.51 -76.90
N SER F 326 6.52 18.41 -76.48
CA SER F 326 6.84 19.42 -75.48
C SER F 326 6.91 18.81 -74.08
N VAL F 327 7.40 19.63 -73.14
CA VAL F 327 7.62 19.21 -71.76
C VAL F 327 6.87 20.18 -70.85
N VAL F 328 6.08 19.63 -69.92
CA VAL F 328 5.20 20.42 -69.05
C VAL F 328 5.29 19.90 -67.62
N LYS F 329 4.91 20.73 -66.66
CA LYS F 329 4.83 20.33 -65.26
C LYS F 329 3.43 19.81 -64.96
N MET F 330 3.30 19.09 -63.84
CA MET F 330 2.02 18.52 -63.40
C MET F 330 1.02 19.62 -63.03
N SER F 331 -0.26 19.31 -63.18
CA SER F 331 -1.32 19.92 -62.40
C SER F 331 -2.45 18.90 -62.26
N TYR F 332 -3.01 18.83 -61.06
CA TYR F 332 -4.05 17.86 -60.75
C TYR F 332 -5.33 18.64 -60.48
N THR F 333 -6.16 18.79 -61.52
CA THR F 333 -7.45 19.43 -61.36
C THR F 333 -8.39 18.49 -60.62
N ASP F 334 -8.95 18.98 -59.52
CA ASP F 334 -9.75 18.18 -58.62
C ASP F 334 -10.67 19.10 -57.84
N ASN F 335 -11.81 18.57 -57.40
CA ASN F 335 -12.74 19.38 -56.63
C ASN F 335 -12.13 19.81 -55.30
N ASN F 336 -11.39 18.92 -54.64
CA ASN F 336 -10.70 19.29 -53.42
C ASN F 336 -9.53 20.24 -53.69
N GLY F 337 -8.75 19.98 -54.73
CA GLY F 337 -7.78 20.93 -55.23
C GLY F 337 -6.33 20.72 -54.86
N LYS F 338 -6.04 19.80 -53.95
CA LYS F 338 -4.64 19.55 -53.60
C LYS F 338 -3.90 18.88 -54.74
N THR F 339 -2.62 19.21 -54.90
CA THR F 339 -1.87 18.79 -56.08
C THR F 339 -0.39 18.69 -55.75
N ILE F 340 0.26 17.65 -56.26
CA ILE F 340 1.69 17.42 -56.08
C ILE F 340 2.38 17.49 -57.44
N ASP F 341 3.65 17.88 -57.43
CA ASP F 341 4.43 18.06 -58.65
C ASP F 341 5.53 17.02 -58.72
N GLY F 342 5.42 16.11 -59.69
CA GLY F 342 6.49 15.16 -59.93
C GLY F 342 7.72 15.77 -60.58
N GLY F 343 7.52 16.62 -61.57
CA GLY F 343 8.64 17.17 -62.33
C GLY F 343 8.24 17.50 -63.74
N LEU F 344 9.17 18.15 -64.43
CA LEU F 344 8.95 18.64 -65.79
C LEU F 344 9.04 17.46 -66.77
N ALA F 345 7.89 16.90 -67.15
CA ALA F 345 7.84 15.63 -67.86
C ALA F 345 7.27 15.82 -69.27
N VAL F 346 7.47 14.81 -70.12
CA VAL F 346 7.20 14.94 -71.54
C VAL F 346 5.74 14.61 -71.83
N LYS F 347 5.08 15.46 -72.60
CA LYS F 347 3.69 15.26 -73.02
C LYS F 347 3.65 14.98 -74.52
N VAL F 348 3.39 13.72 -74.89
CA VAL F 348 3.16 13.36 -76.28
C VAL F 348 1.66 13.25 -76.46
N GLY F 349 1.03 14.32 -76.94
CA GLY F 349 -0.42 14.34 -77.07
C GLY F 349 -1.08 14.07 -75.72
N ASP F 350 -2.04 13.16 -75.73
CA ASP F 350 -2.71 12.81 -74.48
C ASP F 350 -1.82 11.91 -73.62
N ASP F 351 -0.88 11.22 -74.24
CA ASP F 351 0.05 10.38 -73.50
C ASP F 351 1.09 11.22 -72.78
N TYR F 352 1.59 10.69 -71.67
CA TYR F 352 2.48 11.44 -70.79
C TYR F 352 3.56 10.49 -70.27
N TYR F 353 4.81 10.93 -70.32
CA TYR F 353 5.95 10.11 -69.89
C TYR F 353 6.82 10.92 -68.94
N SER F 354 7.11 10.33 -67.77
CA SER F 354 7.74 11.07 -66.68
C SER F 354 9.18 11.44 -67.00
N ALA F 355 9.59 12.63 -66.56
CA ALA F 355 10.96 13.11 -66.67
C ALA F 355 11.32 13.87 -65.41
N THR F 356 12.58 13.75 -64.97
CA THR F 356 13.06 14.37 -63.75
C THR F 356 14.34 15.16 -64.00
N GLN F 357 14.55 16.18 -63.18
CA GLN F 357 15.75 17.00 -63.24
C GLN F 357 16.85 16.38 -62.38
N ASN F 358 18.05 16.24 -62.94
CA ASN F 358 19.16 15.60 -62.25
C ASN F 358 19.94 16.61 -61.42
N LYS F 359 20.96 16.09 -60.73
CA LYS F 359 21.80 16.94 -59.88
C LYS F 359 22.55 17.99 -60.70
N ASP F 360 23.09 17.59 -61.85
CA ASP F 360 23.86 18.51 -62.70
C ASP F 360 22.96 19.39 -63.57
N GLY F 361 21.68 19.49 -63.25
CA GLY F 361 20.74 20.24 -64.05
C GLY F 361 20.16 19.47 -65.22
N SER F 362 20.59 18.23 -65.44
CA SER F 362 20.08 17.42 -66.53
C SER F 362 18.61 17.08 -66.30
N ILE F 363 17.83 17.18 -67.37
CA ILE F 363 16.43 16.76 -67.37
C ILE F 363 16.33 15.53 -68.25
N SER F 364 16.08 14.38 -67.61
CA SER F 364 16.09 13.09 -68.30
C SER F 364 14.77 12.38 -68.06
N ILE F 365 14.27 11.72 -69.11
CA ILE F 365 13.01 10.99 -69.02
C ILE F 365 13.18 9.81 -68.08
N ASN F 366 12.22 9.62 -67.18
CA ASN F 366 12.25 8.51 -66.23
C ASN F 366 11.92 7.22 -66.98
N THR F 367 12.89 6.67 -67.68
CA THR F 367 12.74 5.44 -68.42
C THR F 367 13.21 4.29 -67.53
N THR F 368 12.29 3.37 -67.25
CA THR F 368 12.61 2.25 -66.37
C THR F 368 13.45 1.22 -67.12
N LYS F 369 14.60 0.87 -66.56
CA LYS F 369 15.49 -0.15 -67.12
C LYS F 369 15.06 -1.49 -66.52
N TYR F 370 14.04 -2.10 -67.12
CA TYR F 370 13.48 -3.34 -66.61
C TYR F 370 14.03 -4.51 -67.41
N THR F 371 14.43 -5.57 -66.72
CA THR F 371 14.95 -6.75 -67.41
C THR F 371 13.80 -7.52 -68.04
N ALA F 372 13.92 -7.81 -69.33
CA ALA F 372 12.90 -8.50 -70.10
C ALA F 372 13.35 -9.92 -70.42
N ASP F 373 12.52 -10.62 -71.21
CA ASP F 373 12.83 -11.99 -71.58
C ASP F 373 13.94 -12.08 -72.63
N ASP F 374 14.30 -10.96 -73.25
CA ASP F 374 15.35 -10.96 -74.26
C ASP F 374 16.75 -11.12 -73.67
N GLY F 375 16.89 -11.04 -72.34
CA GLY F 375 18.17 -11.16 -71.69
C GLY F 375 18.88 -9.85 -71.46
N THR F 376 18.39 -8.74 -72.00
CA THR F 376 18.98 -7.42 -71.81
C THR F 376 17.95 -6.51 -71.14
N SER F 377 18.42 -5.68 -70.22
CA SER F 377 17.54 -4.77 -69.50
C SER F 377 17.04 -3.69 -70.46
N LYS F 378 15.79 -3.83 -70.90
CA LYS F 378 15.21 -2.84 -71.80
C LYS F 378 14.90 -1.56 -71.03
N THR F 379 15.37 -0.44 -71.57
CA THR F 379 15.11 0.88 -71.00
C THR F 379 13.83 1.43 -71.66
N ALA F 380 12.69 1.14 -71.05
CA ALA F 380 11.40 1.50 -71.62
C ALA F 380 10.84 2.73 -70.93
N LEU F 381 10.34 3.67 -71.74
CA LEU F 381 9.73 4.88 -71.22
C LEU F 381 8.43 4.55 -70.48
N ASN F 382 8.19 5.28 -69.40
CA ASN F 382 7.12 4.95 -68.47
C ASN F 382 5.90 5.86 -68.68
N LYS F 383 4.78 5.45 -68.07
CA LYS F 383 3.52 6.16 -68.21
C LYS F 383 2.89 6.35 -66.84
N LEU F 384 1.73 7.00 -66.83
CA LEU F 384 0.94 7.18 -65.62
C LEU F 384 -0.03 6.02 -65.45
N GLY F 385 -0.36 5.70 -64.21
CA GLY F 385 -1.26 4.62 -63.92
C GLY F 385 -2.30 5.02 -62.89
N GLY F 386 -3.44 4.34 -62.95
CA GLY F 386 -4.53 4.62 -62.06
C GLY F 386 -5.34 5.83 -62.49
N ALA F 387 -6.54 5.95 -61.90
CA ALA F 387 -7.38 7.11 -62.19
C ALA F 387 -6.78 8.39 -61.62
N ASP F 388 -6.07 8.29 -60.50
CA ASP F 388 -5.40 9.45 -59.93
C ASP F 388 -4.31 9.98 -60.87
N GLY F 389 -3.54 9.08 -61.48
CA GLY F 389 -2.44 9.46 -62.35
C GLY F 389 -1.14 9.71 -61.64
N LYS F 390 -1.13 9.72 -60.30
CA LYS F 390 0.11 9.96 -59.57
C LYS F 390 1.09 8.79 -59.72
N THR F 391 0.57 7.57 -59.76
CA THR F 391 1.42 6.38 -59.80
C THR F 391 2.10 6.23 -61.15
N GLU F 392 3.31 5.68 -61.12
CA GLU F 392 4.11 5.45 -62.32
C GLU F 392 4.06 3.98 -62.70
N VAL F 393 3.84 3.70 -63.99
CA VAL F 393 3.67 2.35 -64.50
C VAL F 393 4.54 2.16 -65.72
N VAL F 394 4.76 0.90 -66.08
CA VAL F 394 5.64 0.52 -67.19
C VAL F 394 4.82 -0.18 -68.26
N SER F 395 5.05 0.22 -69.51
CA SER F 395 4.36 -0.38 -70.66
C SER F 395 5.17 -1.59 -71.13
N ILE F 396 4.63 -2.78 -70.89
CA ILE F 396 5.29 -4.04 -71.24
C ILE F 396 4.37 -4.83 -72.15
N GLY F 397 4.92 -5.41 -73.20
CA GLY F 397 4.15 -6.27 -74.08
C GLY F 397 2.98 -5.60 -74.75
N GLY F 398 2.99 -4.26 -74.82
CA GLY F 398 1.90 -3.53 -75.42
C GLY F 398 0.78 -3.14 -74.47
N LYS F 399 0.92 -3.37 -73.17
CA LYS F 399 -0.07 -2.92 -72.21
C LYS F 399 0.62 -2.52 -70.92
N THR F 400 -0.08 -1.72 -70.12
CA THR F 400 0.52 -1.18 -68.91
C THR F 400 0.52 -2.19 -67.77
N TYR F 401 1.49 -2.04 -66.87
CA TYR F 401 1.51 -2.77 -65.61
C TYR F 401 2.19 -1.94 -64.54
N ALA F 402 1.77 -2.15 -63.29
CA ALA F 402 2.50 -1.59 -62.16
C ALA F 402 3.90 -2.20 -62.09
N ALA F 403 4.89 -1.35 -61.82
CA ALA F 403 6.31 -1.70 -61.89
C ALA F 403 6.80 -2.52 -60.70
N SER F 404 5.95 -3.10 -59.87
CA SER F 404 6.39 -3.76 -58.65
C SER F 404 7.33 -4.94 -58.90
N LYS F 405 6.85 -5.98 -59.60
CA LYS F 405 7.57 -7.25 -59.62
C LYS F 405 8.54 -7.36 -60.79
N ALA F 406 8.03 -7.31 -62.03
CA ALA F 406 8.76 -7.83 -63.17
C ALA F 406 10.05 -7.09 -63.47
N GLU F 407 10.17 -5.82 -63.05
CA GLU F 407 11.38 -5.05 -63.36
C GLU F 407 12.56 -5.61 -62.59
N GLY F 408 13.75 -5.52 -63.19
CA GLY F 408 14.97 -5.91 -62.50
C GLY F 408 15.33 -7.37 -62.57
N HIS F 409 14.54 -8.19 -63.27
CA HIS F 409 14.86 -9.60 -63.40
C HIS F 409 14.20 -10.15 -64.67
N ASN F 410 14.74 -11.25 -65.17
CA ASN F 410 14.29 -11.83 -66.42
C ASN F 410 12.86 -12.32 -66.31
N PHE F 411 12.14 -12.25 -67.44
CA PHE F 411 10.78 -12.77 -67.50
C PHE F 411 10.71 -14.28 -67.32
N LYS F 412 11.84 -14.98 -67.44
CA LYS F 412 11.84 -16.42 -67.21
C LYS F 412 11.46 -16.76 -65.78
N ALA F 413 11.78 -15.87 -64.83
CA ALA F 413 11.38 -16.09 -63.44
C ALA F 413 9.91 -15.76 -63.24
N GLN F 414 9.51 -14.53 -63.53
CA GLN F 414 8.13 -14.10 -63.42
C GLN F 414 7.56 -13.91 -64.82
N PRO F 415 6.64 -14.76 -65.29
CA PRO F 415 6.14 -14.64 -66.66
C PRO F 415 5.31 -13.38 -66.90
N ASP F 416 4.38 -13.10 -65.99
CA ASP F 416 3.44 -12.00 -66.16
C ASP F 416 3.53 -11.04 -64.98
N LEU F 417 3.35 -9.76 -65.28
CA LEU F 417 3.37 -8.71 -64.28
C LEU F 417 1.96 -8.28 -63.91
N ALA F 418 1.78 -7.93 -62.65
CA ALA F 418 0.49 -7.45 -62.17
C ALA F 418 0.12 -6.14 -62.87
N GLU F 419 -1.15 -6.01 -63.22
CA GLU F 419 -1.64 -4.87 -63.98
C GLU F 419 -2.49 -3.97 -63.09
N ALA F 420 -2.31 -2.66 -63.25
CA ALA F 420 -3.09 -1.66 -62.55
C ALA F 420 -3.95 -0.92 -63.56
N ALA F 421 -5.27 -0.90 -63.31
CA ALA F 421 -6.20 -0.26 -64.25
C ALA F 421 -5.94 1.23 -64.34
N ALA F 422 -6.15 1.78 -65.54
CA ALA F 422 -5.95 3.21 -65.76
C ALA F 422 -7.04 4.04 -65.08
N THR F 423 -8.12 3.42 -64.62
CA THR F 423 -9.19 4.13 -63.93
C THR F 423 -9.66 3.33 -62.73
N THR F 424 -10.80 3.72 -62.15
CA THR F 424 -11.39 2.93 -61.08
C THR F 424 -11.81 1.57 -61.62
N THR F 425 -11.80 0.57 -60.74
CA THR F 425 -12.09 -0.80 -61.16
C THR F 425 -13.50 -0.88 -61.73
N GLU F 426 -13.64 -1.65 -62.81
CA GLU F 426 -14.88 -1.69 -63.56
C GLU F 426 -16.01 -2.33 -62.76
N ASN F 427 -17.17 -1.71 -62.78
CA ASN F 427 -18.40 -2.24 -62.21
C ASN F 427 -18.19 -2.53 -60.72
N PRO F 428 -18.12 -1.50 -59.89
CA PRO F 428 -17.71 -1.71 -58.49
C PRO F 428 -18.62 -2.63 -57.69
N LEU F 429 -19.93 -2.60 -57.95
CA LEU F 429 -20.83 -3.51 -57.24
C LEU F 429 -20.48 -4.96 -57.56
N GLN F 430 -20.25 -5.25 -58.84
CA GLN F 430 -19.79 -6.57 -59.20
C GLN F 430 -18.33 -6.81 -58.85
N LYS F 431 -17.57 -5.75 -58.55
CA LYS F 431 -16.22 -5.97 -58.03
C LYS F 431 -16.26 -6.44 -56.59
N ILE F 432 -17.16 -5.88 -55.80
CA ILE F 432 -17.43 -6.44 -54.47
C ILE F 432 -17.98 -7.85 -54.61
N ASP F 433 -18.84 -8.08 -55.59
CA ASP F 433 -19.34 -9.43 -55.85
C ASP F 433 -18.21 -10.38 -56.21
N ALA F 434 -17.19 -9.90 -56.92
CA ALA F 434 -16.04 -10.73 -57.26
C ALA F 434 -15.14 -10.97 -56.06
N ALA F 435 -15.05 -10.00 -55.16
CA ALA F 435 -14.36 -10.24 -53.88
C ALA F 435 -15.08 -11.33 -53.09
N LEU F 436 -16.40 -11.26 -53.06
CA LEU F 436 -17.20 -12.35 -52.49
C LEU F 436 -17.00 -13.66 -53.25
N ALA F 437 -16.75 -13.59 -54.55
CA ALA F 437 -16.50 -14.80 -55.33
C ALA F 437 -15.16 -15.43 -54.96
N GLN F 438 -14.15 -14.59 -54.70
CA GLN F 438 -12.87 -15.09 -54.18
C GLN F 438 -13.06 -15.72 -52.81
N VAL F 439 -13.83 -15.08 -51.95
CA VAL F 439 -14.12 -15.65 -50.64
C VAL F 439 -14.86 -16.97 -50.79
N ASP F 440 -15.74 -17.07 -51.79
CA ASP F 440 -16.49 -18.30 -52.04
C ASP F 440 -15.59 -19.39 -52.62
N THR F 441 -14.59 -19.02 -53.42
CA THR F 441 -13.61 -20.01 -53.87
C THR F 441 -12.82 -20.56 -52.70
N LEU F 442 -12.38 -19.67 -51.80
CA LEU F 442 -11.74 -20.14 -50.58
C LEU F 442 -12.68 -20.98 -49.74
N ARG F 443 -13.97 -20.64 -49.72
CA ARG F 443 -14.97 -21.44 -49.02
C ARG F 443 -15.09 -22.83 -49.62
N SER F 444 -15.09 -22.92 -50.95
CA SER F 444 -15.13 -24.22 -51.61
C SER F 444 -13.89 -25.03 -51.28
N ASP F 445 -12.72 -24.38 -51.27
CA ASP F 445 -11.50 -25.07 -50.88
C ASP F 445 -11.57 -25.58 -49.44
N LEU F 446 -12.04 -24.72 -48.53
CA LEU F 446 -12.21 -25.14 -47.14
C LEU F 446 -13.15 -26.32 -47.02
N GLY F 447 -14.33 -26.23 -47.65
CA GLY F 447 -15.27 -27.33 -47.58
C GLY F 447 -14.69 -28.61 -48.13
N ALA F 448 -14.12 -28.54 -49.33
CA ALA F 448 -13.59 -29.73 -49.98
C ALA F 448 -12.50 -30.38 -49.14
N VAL F 449 -11.45 -29.62 -48.81
CA VAL F 449 -10.33 -30.20 -48.07
C VAL F 449 -10.77 -30.66 -46.69
N GLN F 450 -11.52 -29.82 -45.98
CA GLN F 450 -11.85 -30.12 -44.59
C GLN F 450 -12.75 -31.33 -44.47
N ASN F 451 -13.83 -31.40 -45.27
CA ASN F 451 -14.71 -32.57 -45.16
C ASN F 451 -14.05 -33.81 -45.73
N ARG F 452 -13.29 -33.67 -46.83
CA ARG F 452 -12.67 -34.85 -47.41
C ARG F 452 -11.65 -35.45 -46.45
N PHE F 453 -10.90 -34.61 -45.74
CA PHE F 453 -9.95 -35.12 -44.76
C PHE F 453 -10.57 -35.43 -43.39
N ASN F 454 -11.76 -34.92 -43.08
CA ASN F 454 -12.46 -35.45 -41.91
C ASN F 454 -12.95 -36.87 -42.19
N SER F 455 -13.59 -37.07 -43.35
CA SER F 455 -13.91 -38.41 -43.79
C SER F 455 -12.64 -39.25 -43.97
N ALA F 456 -11.51 -38.62 -44.24
CA ALA F 456 -10.26 -39.36 -44.34
C ALA F 456 -9.67 -39.70 -42.99
N ILE F 457 -9.92 -38.91 -41.95
CA ILE F 457 -9.57 -39.34 -40.59
C ILE F 457 -10.43 -40.53 -40.20
N THR F 458 -11.73 -40.48 -40.54
CA THR F 458 -12.56 -41.66 -40.33
C THR F 458 -12.06 -42.84 -41.16
N ASN F 459 -11.57 -42.58 -42.37
CA ASN F 459 -11.03 -43.64 -43.22
C ASN F 459 -9.71 -44.17 -42.68
N LEU F 460 -8.92 -43.33 -42.02
CA LEU F 460 -7.71 -43.79 -41.36
C LEU F 460 -8.06 -44.67 -40.16
N GLY F 461 -9.11 -44.30 -39.42
CA GLY F 461 -9.62 -45.19 -38.40
C GLY F 461 -10.07 -46.52 -38.99
N ASN F 462 -10.74 -46.48 -40.14
CA ASN F 462 -11.14 -47.69 -40.83
C ASN F 462 -9.93 -48.52 -41.25
N THR F 463 -8.88 -47.84 -41.73
CA THR F 463 -7.66 -48.54 -42.16
C THR F 463 -6.96 -49.20 -40.97
N VAL F 464 -6.91 -48.53 -39.83
CA VAL F 464 -6.33 -49.15 -38.65
C VAL F 464 -7.22 -50.27 -38.14
N ASN F 465 -8.53 -50.17 -38.34
CA ASN F 465 -9.42 -51.28 -38.03
C ASN F 465 -9.12 -52.48 -38.92
N ASN F 466 -8.87 -52.23 -40.21
CA ASN F 466 -8.47 -53.31 -41.11
C ASN F 466 -7.14 -53.92 -40.69
N LEU F 467 -6.20 -53.06 -40.26
CA LEU F 467 -4.92 -53.55 -39.76
C LEU F 467 -5.10 -54.41 -38.51
N THR F 468 -6.01 -54.01 -37.63
CA THR F 468 -6.31 -54.82 -36.45
C THR F 468 -6.94 -56.15 -36.84
N SER F 469 -7.84 -56.14 -37.83
CA SER F 469 -8.41 -57.39 -38.31
C SER F 469 -7.34 -58.31 -38.86
N ALA F 470 -6.38 -57.75 -39.61
CA ALA F 470 -5.26 -58.53 -40.10
C ALA F 470 -4.42 -59.08 -38.95
N ARG F 471 -4.15 -58.25 -37.94
CA ARG F 471 -3.37 -58.68 -36.79
C ARG F 471 -4.06 -59.83 -36.06
N SER F 472 -5.38 -59.76 -35.92
CA SER F 472 -6.14 -60.87 -35.37
C SER F 472 -6.01 -62.11 -36.26
N ARG F 473 -6.07 -61.91 -37.58
CA ARG F 473 -5.87 -63.02 -38.51
C ARG F 473 -4.44 -63.55 -38.43
N ILE F 474 -3.46 -62.66 -38.32
CA ILE F 474 -2.07 -63.08 -38.20
C ILE F 474 -1.79 -63.59 -36.79
N THR G 545 31.36 -43.56 -36.80
CA THR G 545 31.84 -42.73 -35.70
C THR G 545 33.08 -41.95 -36.10
N ASP G 546 34.08 -42.66 -36.65
CA ASP G 546 35.29 -41.98 -37.11
C ASP G 546 34.98 -40.98 -38.22
N LEU G 547 34.14 -41.38 -39.18
CA LEU G 547 33.66 -40.42 -40.17
C LEU G 547 32.80 -39.36 -39.51
N THR G 548 31.97 -39.75 -38.53
CA THR G 548 31.17 -38.77 -37.81
C THR G 548 32.06 -37.79 -37.06
N LYS G 549 33.13 -38.29 -36.43
CA LYS G 549 34.05 -37.40 -35.72
C LYS G 549 34.79 -36.47 -36.69
N ASN G 550 35.22 -37.01 -37.84
CA ASN G 550 35.88 -36.17 -38.83
C ASN G 550 34.95 -35.08 -39.36
N GLU G 551 33.68 -35.43 -39.60
CA GLU G 551 32.72 -34.44 -40.07
C GLU G 551 32.33 -33.46 -38.98
N LYS G 552 32.36 -33.86 -37.71
CA LYS G 552 32.16 -32.89 -36.64
C LYS G 552 33.35 -31.94 -36.52
N GLY G 553 34.56 -32.44 -36.76
CA GLY G 553 35.71 -31.55 -36.84
C GLY G 553 35.59 -30.59 -38.01
N ARG G 554 35.08 -31.07 -39.14
CA ARG G 554 34.78 -30.19 -40.27
C ARG G 554 33.70 -29.18 -39.90
N LEU G 555 32.72 -29.60 -39.08
CA LEU G 555 31.64 -28.74 -38.67
C LEU G 555 32.12 -27.68 -37.68
N THR G 556 33.21 -27.95 -36.96
CA THR G 556 33.69 -27.03 -35.92
C THR G 556 33.67 -25.56 -36.35
N PRO G 557 34.36 -25.14 -37.41
CA PRO G 557 34.14 -23.76 -37.85
C PRO G 557 32.82 -23.56 -38.58
N ILE G 558 32.28 -24.60 -39.22
CA ILE G 558 30.96 -24.49 -39.84
C ILE G 558 29.87 -24.30 -38.78
N THR G 559 29.88 -25.14 -37.74
CA THR G 559 28.91 -24.98 -36.67
C THR G 559 29.16 -23.70 -35.87
N LYS G 560 30.43 -23.32 -35.71
CA LYS G 560 30.74 -22.05 -35.07
C LYS G 560 30.15 -20.89 -35.87
N GLN G 561 30.29 -20.93 -37.19
CA GLN G 561 29.74 -19.88 -38.04
C GLN G 561 28.22 -19.92 -38.08
N GLN G 562 27.62 -21.11 -37.96
CA GLN G 562 26.17 -21.20 -37.92
C GLN G 562 25.60 -20.62 -36.63
N SER G 563 26.22 -20.95 -35.50
CA SER G 563 25.82 -20.33 -34.24
C SER G 563 26.09 -18.84 -34.26
N ALA G 564 27.21 -18.43 -34.87
CA ALA G 564 27.51 -17.01 -35.02
C ALA G 564 26.45 -16.31 -35.87
N ASN G 565 25.97 -16.97 -36.92
CA ASN G 565 24.94 -16.39 -37.76
C ASN G 565 23.59 -16.32 -37.04
N SER G 566 23.28 -17.31 -36.22
CA SER G 566 22.08 -17.23 -35.40
C SER G 566 22.16 -16.07 -34.41
N ALA G 567 23.29 -15.96 -33.70
CA ALA G 567 23.49 -14.85 -32.80
C ALA G 567 23.56 -13.53 -33.55
N LYS G 568 23.96 -13.55 -34.82
CA LYS G 568 24.03 -12.33 -35.61
C LYS G 568 22.64 -11.89 -36.04
N LEU G 569 21.76 -12.83 -36.37
CA LEU G 569 20.36 -12.48 -36.61
C LEU G 569 19.71 -11.94 -35.35
N THR G 570 20.01 -12.56 -34.20
CA THR G 570 19.51 -12.04 -32.93
C THR G 570 20.05 -10.63 -32.66
N ALA G 571 21.34 -10.42 -32.93
CA ALA G 571 21.95 -9.10 -32.74
C ALA G 571 21.33 -8.07 -33.68
N TYR G 572 21.07 -8.46 -34.93
CA TYR G 572 20.41 -7.54 -35.85
C TYR G 572 19.02 -7.17 -35.36
N GLY G 573 18.27 -8.15 -34.86
CA GLY G 573 16.96 -7.84 -34.31
C GLY G 573 17.03 -6.90 -33.11
N THR G 574 17.95 -7.17 -32.19
CA THR G 574 18.10 -6.32 -31.01
C THR G 574 18.56 -4.92 -31.41
N LEU G 575 19.49 -4.82 -32.35
CA LEU G 575 19.96 -3.53 -32.83
C LEU G 575 18.85 -2.74 -33.50
N LYS G 576 18.03 -3.41 -34.32
CA LYS G 576 16.91 -2.75 -34.95
C LYS G 576 15.90 -2.27 -33.91
N SER G 577 15.65 -3.07 -32.88
CA SER G 577 14.75 -2.64 -31.81
C SER G 577 15.29 -1.43 -31.07
N ALA G 578 16.58 -1.44 -30.75
CA ALA G 578 17.19 -0.33 -30.04
C ALA G 578 17.15 0.95 -30.87
N LEU G 579 17.48 0.83 -32.17
CA LEU G 579 17.40 2.00 -33.04
C LEU G 579 15.95 2.46 -33.21
N GLU G 580 14.99 1.54 -33.17
CA GLU G 580 13.59 1.95 -33.27
C GLU G 580 13.18 2.77 -32.05
N LYS G 581 13.55 2.29 -30.85
CA LYS G 581 13.24 3.06 -29.65
C LYS G 581 13.96 4.41 -29.64
N PHE G 582 15.23 4.43 -30.06
CA PHE G 582 15.97 5.69 -30.14
C PHE G 582 15.34 6.65 -31.14
N GLN G 583 14.90 6.13 -32.29
CA GLN G 583 14.25 6.97 -33.28
C GLN G 583 12.93 7.52 -32.75
N THR G 584 12.18 6.71 -32.01
CA THR G 584 10.95 7.19 -31.40
C THR G 584 11.21 8.34 -30.44
N ALA G 585 12.18 8.15 -29.53
CA ALA G 585 12.49 9.20 -28.57
C ALA G 585 13.03 10.46 -29.25
N ASN G 586 13.91 10.27 -30.24
CA ASN G 586 14.50 11.40 -30.95
C ASN G 586 13.44 12.19 -31.72
N THR G 587 12.50 11.50 -32.35
CA THR G 587 11.42 12.20 -33.03
C THR G 587 10.48 12.87 -32.04
N ALA G 588 10.28 12.28 -30.86
CA ALA G 588 9.51 12.95 -29.82
C ALA G 588 10.18 14.24 -29.39
N LEU G 589 11.51 14.26 -29.35
CA LEU G 589 12.22 15.49 -29.04
C LEU G 589 12.17 16.52 -30.17
N ASN G 590 11.94 16.07 -31.41
CA ASN G 590 12.05 16.95 -32.57
C ASN G 590 10.93 17.98 -32.67
N LYS G 591 10.05 18.10 -31.68
CA LYS G 591 9.00 19.09 -31.72
C LYS G 591 9.45 20.38 -31.04
N ALA G 592 9.41 21.49 -31.78
CA ALA G 592 9.84 22.78 -31.26
C ALA G 592 8.87 23.37 -30.25
N ASP G 593 7.62 22.93 -30.25
CA ASP G 593 6.60 23.52 -29.38
C ASP G 593 6.84 23.25 -27.90
N LEU G 594 7.75 22.34 -27.55
CA LEU G 594 8.02 22.09 -26.14
C LEU G 594 8.73 23.26 -25.49
N PHE G 595 9.60 23.94 -26.24
CA PHE G 595 10.35 25.06 -25.68
C PHE G 595 9.49 26.31 -25.55
N LYS G 596 8.47 26.46 -26.39
CA LYS G 596 7.50 27.55 -26.26
C LYS G 596 6.28 27.04 -25.48
N SER G 597 6.46 26.91 -24.17
CA SER G 597 5.40 26.44 -23.31
C SER G 597 5.30 27.34 -22.08
N THR G 598 4.08 27.60 -21.65
CA THR G 598 3.82 28.43 -20.49
C THR G 598 2.72 27.81 -19.64
N VAL G 599 2.47 28.40 -18.48
CA VAL G 599 1.41 27.97 -17.59
C VAL G 599 0.72 29.22 -17.04
N ALA G 600 -0.61 29.17 -16.95
CA ALA G 600 -1.40 30.32 -16.58
C ALA G 600 -2.20 30.05 -15.31
N SER G 601 -2.41 31.11 -14.53
CA SER G 601 -3.19 31.03 -13.30
C SER G 601 -4.12 32.24 -13.23
N SER G 602 -5.25 32.05 -12.56
CA SER G 602 -6.26 33.10 -12.44
C SER G 602 -6.60 33.30 -10.97
N THR G 603 -6.85 34.56 -10.59
CA THR G 603 -7.17 34.86 -9.20
C THR G 603 -8.62 34.48 -8.86
N THR G 604 -9.54 34.66 -9.80
CA THR G 604 -10.94 34.42 -9.55
C THR G 604 -11.32 32.99 -9.93
N GLU G 605 -12.20 32.39 -9.13
CA GLU G 605 -12.68 31.05 -9.43
C GLU G 605 -13.71 31.03 -10.55
N ASP G 606 -14.27 32.19 -10.90
CA ASP G 606 -15.25 32.24 -11.99
C ASP G 606 -14.55 32.10 -13.34
N LEU G 607 -13.61 32.98 -13.64
CA LEU G 607 -12.88 32.92 -14.89
C LEU G 607 -11.94 31.72 -14.89
N LYS G 608 -12.00 30.91 -15.93
CA LYS G 608 -11.12 29.76 -16.08
C LYS G 608 -10.14 30.01 -17.20
N VAL G 609 -8.88 29.63 -17.01
CA VAL G 609 -7.82 29.96 -17.94
C VAL G 609 -7.05 28.69 -18.30
N SER G 610 -6.67 28.57 -19.57
CA SER G 610 -5.82 27.49 -20.05
C SER G 610 -4.86 28.06 -21.08
N THR G 611 -3.77 27.35 -21.32
CA THR G 611 -2.72 27.86 -22.18
C THR G 611 -2.33 26.81 -23.22
N THR G 612 -2.32 27.23 -24.49
CA THR G 612 -1.85 26.40 -25.57
C THR G 612 -0.37 26.68 -25.84
N ALA G 613 0.14 26.22 -26.97
CA ALA G 613 1.54 26.44 -27.32
C ALA G 613 1.70 27.77 -28.05
N GLY G 614 2.76 28.50 -27.70
CA GLY G 614 3.05 29.76 -28.31
C GLY G 614 2.63 30.99 -27.53
N ALA G 615 2.16 30.83 -26.30
CA ALA G 615 1.72 31.97 -25.51
C ALA G 615 2.92 32.82 -25.10
N CYS G 616 2.62 33.99 -24.54
CA CYS G 616 3.62 34.93 -24.07
C CYS G 616 3.39 35.23 -22.59
N ALA G 617 4.47 35.30 -21.83
CA ALA G 617 4.38 35.56 -20.40
C ALA G 617 3.96 37.00 -20.13
N GLY G 618 3.24 37.18 -19.03
CA GLY G 618 2.79 38.51 -18.66
C GLY G 618 1.64 38.43 -17.68
N THR G 619 0.99 39.58 -17.51
CA THR G 619 -0.17 39.71 -16.65
C THR G 619 -1.27 40.45 -17.39
N TYR G 620 -2.48 39.92 -17.36
CA TYR G 620 -3.62 40.47 -18.08
C TYR G 620 -4.75 40.79 -17.10
N LYS G 621 -5.40 41.93 -17.32
CA LYS G 621 -6.53 42.36 -16.51
C LYS G 621 -7.79 42.18 -17.35
N ILE G 622 -8.61 41.21 -16.97
CA ILE G 622 -9.82 40.86 -17.71
C ILE G 622 -11.03 41.42 -16.98
N ASN G 623 -11.87 42.14 -17.72
CA ASN G 623 -13.15 42.62 -17.21
C ASN G 623 -14.25 42.11 -18.13
N VAL G 624 -15.12 41.26 -17.61
CA VAL G 624 -16.20 40.67 -18.41
C VAL G 624 -17.45 41.51 -18.21
N THR G 625 -18.03 41.98 -19.31
CA THR G 625 -19.20 42.84 -19.28
C THR G 625 -20.50 42.10 -19.60
N GLN G 626 -20.46 41.12 -20.49
CA GLN G 626 -21.64 40.40 -20.92
C GLN G 626 -21.31 38.92 -21.06
N LEU G 627 -22.36 38.09 -21.05
CA LEU G 627 -22.23 36.66 -21.22
C LEU G 627 -23.11 36.22 -22.39
N ALA G 628 -22.60 35.31 -23.21
CA ALA G 628 -23.33 34.86 -24.38
C ALA G 628 -24.54 34.02 -23.97
N ALA G 629 -25.62 34.15 -24.73
CA ALA G 629 -26.85 33.43 -24.47
C ALA G 629 -27.37 32.85 -25.78
N ALA G 630 -28.17 31.80 -25.66
CA ALA G 630 -28.69 31.06 -26.79
C ALA G 630 -30.20 31.23 -26.88
N GLN G 631 -30.69 31.54 -28.08
CA GLN G 631 -32.12 31.76 -28.26
C GLN G 631 -32.91 30.49 -28.00
N SER G 632 -34.04 30.64 -27.32
CA SER G 632 -34.95 29.53 -27.05
C SER G 632 -36.34 29.92 -27.47
N LEU G 633 -37.01 29.07 -28.23
CA LEU G 633 -38.37 29.30 -28.69
C LEU G 633 -39.27 28.24 -28.09
N ALA G 634 -40.40 28.66 -27.54
CA ALA G 634 -41.36 27.74 -26.96
C ALA G 634 -42.70 27.88 -27.65
N THR G 635 -43.36 26.76 -27.90
CA THR G 635 -44.69 26.82 -28.50
C THR G 635 -45.67 27.52 -27.57
N LYS G 636 -46.71 28.09 -28.17
CA LYS G 636 -47.70 28.82 -27.38
C LYS G 636 -48.77 27.90 -26.82
N THR G 637 -49.27 26.97 -27.62
CA THR G 637 -50.38 26.11 -27.23
C THR G 637 -49.83 24.87 -26.54
N THR G 638 -50.11 24.73 -25.25
CA THR G 638 -49.75 23.54 -24.52
C THR G 638 -50.59 22.34 -24.97
N PHE G 639 -49.98 21.16 -24.95
CA PHE G 639 -50.61 19.95 -25.46
C PHE G 639 -50.88 18.96 -24.33
N ALA G 640 -51.88 18.11 -24.54
CA ALA G 640 -52.33 17.20 -23.49
C ALA G 640 -51.30 16.12 -23.22
N THR G 641 -50.79 15.48 -24.27
CA THR G 641 -49.86 14.37 -24.11
C THR G 641 -48.73 14.49 -25.14
N THR G 642 -47.62 13.82 -24.85
CA THR G 642 -46.48 13.84 -25.75
C THR G 642 -46.65 12.87 -26.91
N LYS G 643 -47.71 12.07 -26.91
CA LYS G 643 -47.99 11.17 -28.01
C LYS G 643 -49.18 11.61 -28.86
N GLU G 644 -49.90 12.65 -28.44
CA GLU G 644 -50.98 13.19 -29.24
C GLU G 644 -50.43 13.79 -30.53
N GLN G 645 -51.17 13.60 -31.62
CA GLN G 645 -50.73 14.12 -32.91
C GLN G 645 -50.76 15.64 -32.92
N LEU G 646 -49.72 16.24 -33.49
CA LEU G 646 -49.58 17.69 -33.57
C LEU G 646 -49.93 18.24 -34.94
N GLY G 647 -49.53 17.56 -36.02
CA GLY G 647 -49.78 18.02 -37.36
C GLY G 647 -50.89 17.22 -38.03
N ASP G 648 -51.22 17.63 -39.26
CA ASP G 648 -52.25 16.96 -40.02
C ASP G 648 -51.76 15.61 -40.53
N THR G 649 -52.63 14.60 -40.46
CA THR G 649 -52.31 13.25 -40.87
C THR G 649 -52.58 12.98 -42.35
N SER G 650 -53.09 13.98 -43.08
CA SER G 650 -53.39 13.76 -44.49
C SER G 650 -52.12 13.73 -45.34
N VAL G 651 -51.14 14.57 -44.99
CA VAL G 651 -49.91 14.66 -45.76
C VAL G 651 -48.89 13.70 -45.17
N THR G 652 -48.40 12.78 -45.99
CA THR G 652 -47.51 11.73 -45.51
C THR G 652 -46.07 12.20 -45.38
N SER G 653 -45.71 13.33 -45.98
CA SER G 653 -44.33 13.81 -45.97
C SER G 653 -44.32 15.32 -45.73
N ARG G 654 -43.52 15.75 -44.75
CA ARG G 654 -43.39 17.16 -44.42
C ARG G 654 -41.93 17.44 -44.09
N THR G 655 -41.57 18.73 -44.14
CA THR G 655 -40.19 19.11 -43.88
C THR G 655 -40.15 20.34 -42.98
N ILE G 656 -39.21 20.33 -42.04
CA ILE G 656 -38.93 21.46 -41.16
C ILE G 656 -37.65 22.11 -41.68
N LYS G 657 -37.73 23.40 -41.99
CA LYS G 657 -36.63 24.14 -42.60
C LYS G 657 -36.17 25.21 -41.63
N ILE G 658 -34.95 25.08 -41.13
CA ILE G 658 -34.38 26.01 -40.16
C ILE G 658 -33.23 26.74 -40.83
N GLU G 659 -33.29 28.07 -40.81
CA GLU G 659 -32.29 28.92 -41.46
C GLU G 659 -31.67 29.86 -40.44
N GLN G 660 -30.35 29.95 -40.44
CA GLN G 660 -29.63 30.82 -39.53
C GLN G 660 -28.63 31.66 -40.29
N PRO G 661 -28.25 32.82 -39.75
CA PRO G 661 -27.11 33.56 -40.35
C PRO G 661 -25.84 32.75 -40.35
N GLY G 662 -25.64 31.87 -39.37
CA GLY G 662 -24.42 31.10 -39.31
C GLY G 662 -24.29 30.12 -40.46
N ARG G 663 -25.16 29.11 -40.50
CA ARG G 663 -25.07 28.09 -41.52
C ARG G 663 -25.43 28.68 -42.88
N LYS G 664 -24.77 28.17 -43.93
CA LYS G 664 -24.99 28.66 -45.28
C LYS G 664 -26.08 27.87 -46.00
N GLU G 665 -26.13 26.55 -45.79
CA GLU G 665 -27.17 25.72 -46.35
C GLU G 665 -28.25 25.50 -45.31
N PRO G 666 -29.50 25.92 -45.54
CA PRO G 666 -30.54 25.75 -44.53
C PRO G 666 -30.73 24.29 -44.18
N LEU G 667 -31.01 24.02 -42.90
CA LEU G 667 -31.16 22.66 -42.42
C LEU G 667 -32.59 22.17 -42.66
N GLU G 668 -32.71 21.04 -43.33
CA GLU G 668 -34.00 20.42 -43.59
C GLU G 668 -34.10 19.10 -42.82
N ILE G 669 -35.15 18.95 -42.04
CA ILE G 669 -35.41 17.75 -41.26
C ILE G 669 -36.74 17.18 -41.74
N LYS G 670 -36.74 15.94 -42.22
CA LYS G 670 -37.88 15.38 -42.91
C LYS G 670 -38.67 14.47 -41.97
N LEU G 671 -39.97 14.73 -41.86
CA LEU G 671 -40.88 13.91 -41.07
C LEU G 671 -41.82 13.18 -42.04
N ASP G 672 -41.77 11.85 -42.00
CA ASP G 672 -42.67 11.03 -42.81
C ASP G 672 -43.95 10.79 -42.01
N LYS G 673 -44.79 9.88 -42.49
CA LYS G 673 -46.06 9.61 -41.84
C LYS G 673 -45.86 9.02 -40.46
N GLY G 674 -46.66 9.49 -39.50
CA GLY G 674 -46.56 9.05 -38.13
C GLY G 674 -45.54 9.77 -37.28
N ASP G 675 -44.77 10.68 -37.87
CA ASP G 675 -43.77 11.43 -37.14
C ASP G 675 -44.24 12.82 -36.73
N THR G 676 -45.55 13.03 -36.62
CA THR G 676 -46.07 14.32 -36.23
C THR G 676 -46.30 14.44 -34.73
N SER G 677 -45.96 13.43 -33.95
CA SER G 677 -46.08 13.53 -32.51
C SER G 677 -44.96 14.40 -31.95
N MET G 678 -45.17 14.89 -30.72
CA MET G 678 -44.16 15.74 -30.10
C MET G 678 -42.86 14.98 -29.87
N GLU G 679 -42.96 13.73 -29.44
CA GLU G 679 -41.77 12.90 -29.27
C GLU G 679 -41.06 12.67 -30.60
N ALA G 680 -41.82 12.48 -31.67
CA ALA G 680 -41.21 12.25 -32.98
C ALA G 680 -40.47 13.49 -33.47
N ILE G 681 -41.05 14.67 -33.28
CA ILE G 681 -40.36 15.91 -33.67
C ILE G 681 -39.11 16.10 -32.84
N ARG G 682 -39.21 15.85 -31.53
CA ARG G 682 -38.03 15.95 -30.67
C ARG G 682 -36.93 15.03 -31.16
N ASP G 683 -37.27 13.78 -31.48
CA ASP G 683 -36.27 12.80 -31.88
C ASP G 683 -35.66 13.15 -33.23
N ALA G 684 -36.47 13.64 -34.18
CA ALA G 684 -35.94 14.03 -35.47
C ALA G 684 -34.95 15.18 -35.32
N ILE G 685 -35.33 16.23 -34.59
CA ILE G 685 -34.45 17.39 -34.45
C ILE G 685 -33.20 17.02 -33.67
N ASN G 686 -33.30 16.12 -32.69
CA ASN G 686 -32.11 15.72 -31.95
C ASN G 686 -31.23 14.76 -32.75
N ASP G 687 -31.80 14.00 -33.69
CA ASP G 687 -31.00 13.09 -34.50
C ASP G 687 -30.31 13.81 -35.64
N ALA G 688 -30.86 14.93 -36.11
CA ALA G 688 -30.16 15.71 -37.13
C ALA G 688 -28.79 16.16 -36.63
N ASP G 689 -28.67 16.49 -35.35
CA ASP G 689 -27.39 16.85 -34.72
C ASP G 689 -26.72 18.02 -35.42
N SER G 690 -27.48 19.08 -35.69
CA SER G 690 -26.97 20.24 -36.39
C SER G 690 -26.96 21.51 -35.54
N GLY G 691 -27.10 21.38 -34.22
CA GLY G 691 -27.04 22.54 -33.35
C GLY G 691 -28.32 22.80 -32.58
N ILE G 692 -29.47 22.66 -33.24
CA ILE G 692 -30.76 22.88 -32.60
C ILE G 692 -31.06 21.70 -31.70
N CYS G 693 -31.57 21.97 -30.50
CA CYS G 693 -31.81 20.95 -29.49
C CYS G 693 -33.23 21.08 -28.97
N ALA G 694 -34.11 20.17 -29.37
CA ALA G 694 -35.50 20.19 -28.93
C ALA G 694 -35.68 19.52 -27.59
N SER G 695 -36.47 20.14 -26.72
CA SER G 695 -36.78 19.62 -25.39
C SER G 695 -38.29 19.55 -25.23
N ILE G 696 -38.72 19.04 -24.09
CA ILE G 696 -40.13 19.05 -23.69
C ILE G 696 -40.21 19.46 -22.23
N VAL G 697 -41.20 20.27 -21.91
CA VAL G 697 -41.39 20.79 -20.56
C VAL G 697 -42.80 20.46 -20.11
N LYS G 698 -42.91 19.85 -18.93
CA LYS G 698 -44.22 19.59 -18.32
C LYS G 698 -44.53 20.71 -17.35
N VAL G 699 -45.29 21.71 -17.82
CA VAL G 699 -45.63 22.84 -16.95
C VAL G 699 -46.46 22.37 -15.78
N LYS G 700 -47.45 21.52 -16.04
CA LYS G 700 -48.22 20.85 -15.00
C LYS G 700 -48.93 19.67 -15.63
N GLU G 701 -49.59 18.89 -14.78
CA GLU G 701 -50.20 17.64 -15.21
C GLU G 701 -51.10 17.84 -16.43
N ASN G 702 -50.82 17.07 -17.47
CA ASN G 702 -51.58 17.05 -18.72
C ASN G 702 -51.39 18.31 -19.56
N GLU G 703 -50.28 19.03 -19.42
CA GLU G 703 -49.96 20.06 -20.39
C GLU G 703 -48.45 20.12 -20.60
N PHE G 704 -48.04 20.18 -21.87
CA PHE G 704 -46.64 20.12 -22.25
C PHE G 704 -46.34 21.22 -23.26
N GLN G 705 -45.07 21.57 -23.39
CA GLN G 705 -44.62 22.49 -24.42
C GLN G 705 -43.41 21.93 -25.15
N LEU G 706 -43.13 22.50 -26.31
CA LEU G 706 -41.97 22.14 -27.13
C LEU G 706 -41.04 23.35 -27.19
N VAL G 707 -39.77 23.11 -26.89
CA VAL G 707 -38.76 24.16 -26.76
C VAL G 707 -37.60 23.83 -27.70
N LEU G 708 -37.27 24.77 -28.58
CA LEU G 708 -36.15 24.64 -29.50
C LEU G 708 -35.08 25.66 -29.13
N THR G 709 -33.87 25.17 -28.84
CA THR G 709 -32.78 26.02 -28.37
C THR G 709 -31.63 25.95 -29.36
N ALA G 710 -31.16 27.11 -29.81
CA ALA G 710 -30.03 27.17 -30.71
C ALA G 710 -28.73 27.23 -29.89
N ASN G 711 -27.62 27.54 -30.55
CA ASN G 711 -26.35 27.69 -29.88
C ASN G 711 -26.15 29.15 -29.44
N SER G 712 -25.02 29.41 -28.78
CA SER G 712 -24.73 30.76 -28.30
C SER G 712 -24.42 31.70 -29.47
N GLY G 713 -24.74 32.97 -29.27
CA GLY G 713 -24.37 33.99 -30.24
C GLY G 713 -25.55 34.61 -30.96
N THR G 714 -25.32 35.75 -31.60
CA THR G 714 -26.35 36.44 -32.37
C THR G 714 -26.37 36.01 -33.84
N ASP G 715 -25.44 35.15 -34.25
CA ASP G 715 -25.44 34.60 -35.60
C ASP G 715 -26.20 33.30 -35.70
N ASN G 716 -26.78 32.82 -34.59
CA ASN G 716 -27.51 31.56 -34.57
C ASN G 716 -29.01 31.76 -34.30
N THR G 717 -29.54 32.92 -34.63
CA THR G 717 -30.98 33.13 -34.53
C THR G 717 -31.70 32.35 -35.63
N MET G 718 -32.78 31.69 -35.24
CA MET G 718 -33.49 30.77 -36.12
C MET G 718 -34.61 31.47 -36.87
N LYS G 719 -34.89 30.98 -38.08
CA LYS G 719 -36.04 31.39 -38.87
C LYS G 719 -36.72 30.11 -39.35
N ILE G 720 -37.59 29.56 -38.51
CA ILE G 720 -38.15 28.24 -38.73
C ILE G 720 -39.31 28.32 -39.72
N THR G 721 -39.48 27.25 -40.49
CA THR G 721 -40.58 27.15 -41.45
C THR G 721 -40.95 25.68 -41.57
N VAL G 722 -42.19 25.41 -41.96
CA VAL G 722 -42.66 24.06 -42.18
C VAL G 722 -43.32 23.99 -43.54
N GLU G 723 -42.80 23.12 -44.41
CA GLU G 723 -43.29 22.98 -45.77
C GLU G 723 -43.89 21.61 -45.98
N GLY G 724 -45.08 21.56 -46.58
CA GLY G 724 -45.83 20.35 -46.78
C GLY G 724 -46.99 20.16 -45.83
N ASP G 725 -47.07 20.96 -44.77
CA ASP G 725 -48.12 20.86 -43.78
C ASP G 725 -48.63 22.25 -43.46
N THR G 726 -49.87 22.35 -42.99
CA THR G 726 -50.46 23.64 -42.64
C THR G 726 -50.61 23.81 -41.14
N LYS G 727 -51.17 22.82 -40.46
CA LYS G 727 -51.33 22.92 -39.01
C LYS G 727 -49.99 22.99 -38.31
N LEU G 728 -49.03 22.15 -38.72
CA LEU G 728 -47.70 22.22 -38.14
C LEU G 728 -47.05 23.56 -38.44
N ASN G 729 -47.23 24.07 -39.66
CA ASN G 729 -46.73 25.40 -39.99
C ASN G 729 -47.35 26.45 -39.09
N ASP G 730 -48.64 26.29 -38.75
CA ASP G 730 -49.27 27.19 -37.80
C ASP G 730 -48.68 27.02 -36.40
N LEU G 731 -48.12 25.85 -36.10
CA LEU G 731 -47.59 25.59 -34.77
C LEU G 731 -46.12 25.99 -34.64
N LEU G 732 -45.31 25.68 -35.65
CA LEU G 732 -43.86 25.91 -35.63
C LEU G 732 -43.53 26.85 -36.78
N ALA G 733 -43.51 28.15 -36.50
CA ALA G 733 -43.15 29.13 -37.53
C ALA G 733 -42.68 30.40 -36.84
N TYR G 734 -41.39 30.69 -36.97
CA TYR G 734 -40.81 31.89 -36.39
C TYR G 734 -40.08 32.66 -37.48
N ASP G 735 -39.72 33.90 -37.17
CA ASP G 735 -38.98 34.74 -38.11
C ASP G 735 -38.22 35.77 -37.28
N SER G 736 -36.93 35.52 -37.07
CA SER G 736 -36.14 36.38 -36.19
C SER G 736 -35.72 37.68 -36.84
N THR G 737 -35.91 37.84 -38.15
CA THR G 737 -35.59 39.11 -38.80
C THR G 737 -36.59 40.19 -38.38
N THR G 738 -37.88 39.87 -38.41
CA THR G 738 -38.92 40.77 -37.95
C THR G 738 -39.40 40.47 -36.55
N ASN G 739 -38.86 39.43 -35.91
CA ASN G 739 -39.24 39.03 -34.56
C ASN G 739 -40.73 38.72 -34.43
N THR G 740 -41.31 38.13 -35.47
CA THR G 740 -42.74 37.80 -35.48
C THR G 740 -42.91 36.34 -35.86
N GLY G 741 -43.71 35.62 -35.09
CA GLY G 741 -43.95 34.22 -35.38
C GLY G 741 -45.03 33.65 -34.50
N ASN G 742 -45.20 32.34 -34.62
CA ASN G 742 -46.18 31.59 -33.83
C ASN G 742 -45.58 30.94 -32.60
N MET G 743 -44.33 31.26 -32.27
CA MET G 743 -43.64 30.69 -31.12
C MET G 743 -43.05 31.81 -30.29
N GLN G 744 -43.26 31.76 -28.99
CA GLN G 744 -42.73 32.84 -28.16
C GLN G 744 -41.24 32.62 -27.94
N GLU G 745 -40.54 33.72 -27.68
CA GLU G 745 -39.08 33.71 -27.50
C GLU G 745 -38.79 33.86 -26.01
N LEU G 746 -38.35 32.77 -25.39
CA LEU G 746 -38.10 32.79 -23.96
C LEU G 746 -36.79 33.48 -23.61
N VAL G 747 -35.75 33.26 -24.43
CA VAL G 747 -34.43 33.82 -24.18
C VAL G 747 -33.98 34.55 -25.44
N LYS G 748 -33.16 35.58 -25.26
CA LYS G 748 -32.69 36.42 -26.34
C LYS G 748 -31.21 36.16 -26.58
N ALA G 749 -30.81 36.12 -27.84
CA ALA G 749 -29.44 35.81 -28.20
C ALA G 749 -28.52 36.99 -27.95
N GLU G 750 -27.36 36.72 -27.34
CA GLU G 750 -26.42 37.76 -26.98
C GLU G 750 -24.99 37.29 -27.26
N ASN G 751 -24.11 38.25 -27.53
CA ASN G 751 -22.70 38.01 -27.74
C ASN G 751 -21.93 38.22 -26.43
N ALA G 752 -20.75 37.64 -26.35
CA ALA G 752 -19.91 37.80 -25.17
C ALA G 752 -18.95 38.95 -25.36
N LYS G 753 -19.07 39.98 -24.53
CA LYS G 753 -18.20 41.14 -24.57
C LYS G 753 -17.28 41.11 -23.38
N LEU G 754 -16.01 41.44 -23.60
CA LEU G 754 -15.07 41.56 -22.49
C LEU G 754 -13.98 42.55 -22.86
N ASN G 755 -13.11 42.82 -21.89
CA ASN G 755 -12.04 43.80 -22.01
C ASN G 755 -10.77 43.17 -21.50
N VAL G 756 -9.78 43.03 -22.39
CA VAL G 756 -8.49 42.45 -22.04
C VAL G 756 -7.43 43.53 -22.25
N ASN G 757 -6.86 44.01 -21.15
CA ASN G 757 -5.78 45.02 -21.18
C ASN G 757 -6.17 46.21 -22.06
N GLY G 758 -7.40 46.68 -21.91
CA GLY G 758 -7.84 47.84 -22.64
C GLY G 758 -8.30 47.59 -24.06
N ILE G 759 -8.35 46.35 -24.52
CA ILE G 759 -8.85 46.01 -25.85
C ILE G 759 -10.22 45.37 -25.70
N ASP G 760 -11.19 45.83 -26.48
CA ASP G 760 -12.55 45.36 -26.40
C ASP G 760 -12.76 44.16 -27.33
N ILE G 761 -13.07 43.01 -26.75
CA ILE G 761 -13.21 41.75 -27.46
C ILE G 761 -14.68 41.37 -27.45
N GLU G 762 -15.18 40.88 -28.59
CA GLU G 762 -16.57 40.44 -28.70
C GLU G 762 -16.63 39.11 -29.45
N ARG G 763 -16.92 38.04 -28.73
CA ARG G 763 -17.01 36.70 -29.29
C ARG G 763 -18.45 36.24 -29.32
N GLN G 764 -18.67 35.07 -29.92
CA GLN G 764 -19.99 34.46 -30.02
C GLN G 764 -20.32 33.60 -28.81
N SER G 765 -19.36 32.84 -28.31
CA SER G 765 -19.57 31.90 -27.22
C SER G 765 -18.80 32.36 -25.99
N ASN G 766 -18.95 31.60 -24.91
CA ASN G 766 -18.30 31.89 -23.64
C ASN G 766 -16.92 31.28 -23.53
N THR G 767 -16.34 30.84 -24.64
CA THR G 767 -14.98 30.29 -24.67
C THR G 767 -14.16 31.17 -25.62
N VAL G 768 -13.39 32.08 -25.05
CA VAL G 768 -12.59 33.03 -25.83
C VAL G 768 -11.22 32.42 -26.08
N THR G 769 -10.78 32.46 -27.33
CA THR G 769 -9.57 31.75 -27.74
C THR G 769 -8.43 32.68 -28.14
N ASP G 770 -8.65 33.59 -29.08
CA ASP G 770 -7.58 34.41 -29.64
C ASP G 770 -7.54 35.80 -29.03
N ALA G 771 -7.81 35.94 -27.74
CA ALA G 771 -7.78 37.26 -27.14
C ALA G 771 -6.32 37.73 -27.04
N PRO G 772 -5.40 36.98 -26.41
CA PRO G 772 -3.98 37.20 -26.69
C PRO G 772 -3.35 36.22 -27.68
N GLN G 773 -4.14 35.39 -28.36
CA GLN G 773 -3.74 34.43 -29.39
C GLN G 773 -3.06 33.19 -28.82
N GLY G 774 -2.83 33.11 -27.52
CA GLY G 774 -2.24 31.91 -26.97
C GLY G 774 -2.93 31.41 -25.71
N ILE G 775 -3.95 32.13 -25.26
CA ILE G 775 -4.59 31.87 -23.98
C ILE G 775 -6.08 31.64 -24.23
N THR G 776 -6.62 30.57 -23.66
CA THR G 776 -8.04 30.23 -23.79
C THR G 776 -8.75 30.56 -22.48
N LEU G 777 -9.83 31.30 -22.58
CA LEU G 777 -10.58 31.79 -21.42
C LEU G 777 -12.00 31.24 -21.46
N THR G 778 -12.47 30.72 -20.34
CA THR G 778 -13.84 30.27 -20.18
C THR G 778 -14.52 31.18 -19.17
N LEU G 779 -15.59 31.85 -19.60
CA LEU G 779 -16.30 32.82 -18.78
C LEU G 779 -17.46 32.12 -18.08
N THR G 780 -17.66 32.45 -16.81
CA THR G 780 -18.78 31.91 -16.04
C THR G 780 -19.66 32.99 -15.43
N LYS G 781 -19.07 34.09 -14.96
CA LYS G 781 -19.82 35.19 -14.38
C LYS G 781 -19.18 36.50 -14.81
N LYS G 782 -19.88 37.60 -14.51
CA LYS G 782 -19.40 38.95 -14.86
C LYS G 782 -18.37 39.38 -13.82
N VAL G 783 -17.13 38.97 -14.03
CA VAL G 783 -16.05 39.40 -13.15
C VAL G 783 -15.68 40.85 -13.45
N THR G 784 -14.97 41.46 -12.52
CA THR G 784 -14.50 42.84 -12.67
C THR G 784 -13.09 42.93 -12.15
N ASP G 785 -12.16 43.34 -13.01
CA ASP G 785 -10.75 43.44 -12.68
C ASP G 785 -10.20 42.12 -12.15
N ALA G 786 -10.32 41.08 -12.97
CA ALA G 786 -9.65 39.83 -12.67
C ALA G 786 -8.25 39.83 -13.27
N THR G 787 -7.37 39.03 -12.69
CA THR G 787 -5.98 38.98 -13.10
C THR G 787 -5.63 37.57 -13.57
N VAL G 788 -4.95 37.50 -14.71
CA VAL G 788 -4.43 36.24 -15.24
C VAL G 788 -2.93 36.39 -15.41
N THR G 789 -2.17 35.46 -14.83
CA THR G 789 -0.72 35.49 -14.87
C THR G 789 -0.22 34.32 -15.70
N VAL G 790 0.59 34.61 -16.72
CA VAL G 790 1.16 33.60 -17.60
C VAL G 790 2.66 33.60 -17.41
N THR G 791 3.23 32.44 -17.07
CA THR G 791 4.65 32.33 -16.77
C THR G 791 5.27 31.22 -17.62
N LYS G 792 6.51 31.45 -18.06
CA LYS G 792 7.21 30.50 -18.91
C LYS G 792 7.44 29.19 -18.15
N ASP G 793 7.53 28.09 -18.90
CA ASP G 793 7.75 26.77 -18.33
C ASP G 793 8.77 26.02 -19.16
N ASP G 794 9.48 25.10 -18.52
CA ASP G 794 10.48 24.27 -19.20
C ASP G 794 10.36 22.80 -18.84
N THR G 795 9.30 22.41 -18.12
CA THR G 795 9.19 21.03 -17.64
C THR G 795 9.14 20.05 -18.80
N LYS G 796 8.34 20.34 -19.83
CA LYS G 796 8.20 19.41 -20.95
C LYS G 796 9.53 19.21 -21.67
N ALA G 797 10.26 20.31 -21.92
CA ALA G 797 11.56 20.20 -22.56
C ALA G 797 12.54 19.42 -21.69
N LYS G 798 12.50 19.64 -20.38
CA LYS G 798 13.39 18.92 -19.48
C LYS G 798 13.12 17.41 -19.53
N GLU G 799 11.85 17.02 -19.48
CA GLU G 799 11.51 15.60 -19.52
C GLU G 799 11.85 15.00 -20.87
N ALA G 800 11.65 15.74 -21.96
CA ALA G 800 12.06 15.23 -23.26
C ALA G 800 13.56 15.03 -23.34
N ILE G 801 14.33 15.96 -22.76
CA ILE G 801 15.78 15.80 -22.74
C ILE G 801 16.18 14.57 -21.93
N LYS G 802 15.54 14.37 -20.78
CA LYS G 802 15.84 13.20 -19.96
C LYS G 802 15.54 11.91 -20.71
N SER G 803 14.39 11.86 -21.38
CA SER G 803 14.05 10.66 -22.14
C SER G 803 15.03 10.43 -23.28
N TRP G 804 15.45 11.51 -23.96
CA TRP G 804 16.38 11.35 -25.07
C TRP G 804 17.74 10.83 -24.59
N VAL G 805 18.27 11.40 -23.50
CA VAL G 805 19.56 10.92 -23.03
C VAL G 805 19.46 9.50 -22.50
N ASP G 806 18.33 9.14 -21.87
CA ASP G 806 18.16 7.76 -21.43
C ASP G 806 18.11 6.80 -22.61
N ALA G 807 17.40 7.18 -23.68
CA ALA G 807 17.35 6.33 -24.87
C ALA G 807 18.72 6.15 -25.49
N TYR G 808 19.49 7.24 -25.60
CA TYR G 808 20.84 7.12 -26.16
C TYR G 808 21.74 6.27 -25.28
N ASN G 809 21.63 6.43 -23.95
CA ASN G 809 22.43 5.61 -23.05
C ASN G 809 22.07 4.13 -23.20
N SER G 810 20.79 3.82 -23.32
CA SER G 810 20.39 2.43 -23.52
C SER G 810 20.92 1.89 -24.84
N LEU G 811 20.89 2.70 -25.90
CA LEU G 811 21.42 2.24 -27.18
C LEU G 811 22.91 1.95 -27.09
N VAL G 812 23.67 2.86 -26.48
CA VAL G 812 25.11 2.65 -26.41
C VAL G 812 25.43 1.49 -25.48
N ASP G 813 24.61 1.28 -24.45
CA ASP G 813 24.78 0.10 -23.59
C ASP G 813 24.53 -1.18 -24.36
N THR G 814 23.49 -1.21 -25.19
CA THR G 814 23.22 -2.39 -26.00
C THR G 814 24.37 -2.69 -26.95
N PHE G 815 24.89 -1.66 -27.61
CA PHE G 815 26.04 -1.88 -28.49
C PHE G 815 27.28 -2.32 -27.72
N SER G 816 27.51 -1.74 -26.55
CA SER G 816 28.67 -2.13 -25.75
C SER G 816 28.58 -3.59 -25.32
N SER G 817 27.38 -4.02 -24.91
CA SER G 817 27.20 -5.43 -24.54
C SER G 817 27.29 -6.33 -25.76
N LEU G 818 26.90 -5.85 -26.94
CA LEU G 818 26.98 -6.68 -28.14
C LEU G 818 28.42 -6.83 -28.62
N THR G 819 29.27 -5.85 -28.33
CA THR G 819 30.69 -5.93 -28.65
C THR G 819 31.51 -6.52 -27.50
N LYS G 820 30.88 -7.35 -26.67
CA LYS G 820 31.53 -7.92 -25.51
C LYS G 820 32.63 -8.90 -25.92
N TYR G 821 33.68 -8.96 -25.11
CA TYR G 821 34.78 -9.88 -25.33
C TYR G 821 35.34 -10.29 -23.97
N THR G 822 36.03 -11.44 -23.97
CA THR G 822 36.72 -11.93 -22.78
C THR G 822 38.13 -12.33 -23.16
N ALA G 823 39.10 -11.86 -22.39
CA ALA G 823 40.51 -12.17 -22.66
C ALA G 823 40.88 -13.50 -22.02
N VAL G 824 41.53 -14.36 -22.78
CA VAL G 824 41.98 -15.67 -22.30
C VAL G 824 43.51 -15.67 -22.31
N GLU G 825 44.11 -16.05 -21.18
CA GLU G 825 45.57 -16.08 -21.08
C GLU G 825 46.21 -17.10 -22.02
N PRO G 826 45.77 -18.37 -22.08
CA PRO G 826 46.42 -19.30 -23.02
C PRO G 826 46.34 -18.85 -24.47
N GLY G 827 45.21 -18.25 -24.87
CA GLY G 827 45.07 -17.82 -26.25
C GLY G 827 45.00 -18.95 -27.26
N GLU G 828 44.60 -20.14 -26.83
CA GLU G 828 44.52 -21.26 -27.77
C GLU G 828 43.37 -21.08 -28.75
N GLU G 829 42.23 -20.59 -28.28
CA GLU G 829 41.06 -20.42 -29.13
C GLU G 829 40.23 -19.27 -28.60
N ALA G 830 39.32 -18.78 -29.44
CA ALA G 830 38.48 -17.65 -29.07
C ALA G 830 37.57 -18.02 -27.89
N SER G 831 37.40 -17.07 -26.98
CA SER G 831 36.60 -17.31 -25.78
C SER G 831 35.13 -17.51 -26.14
N ASP G 832 34.43 -18.25 -25.27
CA ASP G 832 33.01 -18.50 -25.50
C ASP G 832 32.20 -17.21 -25.41
N LYS G 833 32.52 -16.34 -24.46
CA LYS G 833 31.79 -15.08 -24.27
C LYS G 833 32.30 -14.06 -25.25
N ASN G 834 31.85 -14.18 -26.50
CA ASN G 834 32.22 -13.27 -27.58
C ASN G 834 30.96 -12.73 -28.23
N GLY G 835 30.98 -11.43 -28.53
CA GLY G 835 29.86 -10.83 -29.24
C GLY G 835 29.90 -11.20 -30.71
N ALA G 836 28.72 -11.54 -31.24
CA ALA G 836 28.62 -11.91 -32.65
C ALA G 836 29.02 -10.75 -33.55
N LEU G 837 28.56 -9.54 -33.23
CA LEU G 837 28.88 -8.35 -34.02
C LEU G 837 30.09 -7.64 -33.40
N LEU G 838 31.19 -8.37 -33.36
CA LEU G 838 32.46 -7.86 -32.86
C LEU G 838 33.42 -7.70 -34.03
N GLY G 839 33.90 -6.47 -34.22
CA GLY G 839 34.75 -6.15 -35.35
C GLY G 839 34.01 -5.83 -36.63
N ASP G 840 32.69 -5.97 -36.64
CA ASP G 840 31.91 -5.65 -37.82
C ASP G 840 31.77 -4.14 -38.00
N SER G 841 31.66 -3.71 -39.25
CA SER G 841 31.52 -2.30 -39.55
C SER G 841 30.20 -1.72 -39.09
N VAL G 842 29.22 -2.57 -38.73
CA VAL G 842 27.88 -2.10 -38.41
C VAL G 842 27.91 -1.18 -37.19
N VAL G 843 28.33 -1.71 -36.04
CA VAL G 843 28.27 -0.95 -34.80
C VAL G 843 29.20 0.25 -34.86
N ARG G 844 30.41 0.04 -35.39
CA ARG G 844 31.38 1.13 -35.46
C ARG G 844 30.87 2.26 -36.35
N THR G 845 30.31 1.93 -37.51
CA THR G 845 29.78 2.95 -38.41
C THR G 845 28.58 3.67 -37.79
N ILE G 846 27.70 2.93 -37.10
CA ILE G 846 26.55 3.56 -36.46
C ILE G 846 27.02 4.54 -35.40
N GLN G 847 27.97 4.13 -34.56
CA GLN G 847 28.47 5.03 -33.52
C GLN G 847 29.13 6.26 -34.12
N THR G 848 29.95 6.06 -35.15
CA THR G 848 30.60 7.20 -35.79
C THR G 848 29.57 8.17 -36.38
N GLY G 849 28.57 7.63 -37.09
CA GLY G 849 27.58 8.49 -37.72
C GLY G 849 26.73 9.25 -36.72
N ILE G 850 26.32 8.58 -35.64
CA ILE G 850 25.49 9.24 -34.65
C ILE G 850 26.29 10.28 -33.87
N ARG G 851 27.51 9.94 -33.46
CA ARG G 851 28.29 10.88 -32.66
C ARG G 851 28.89 12.01 -33.49
N ALA G 852 28.92 11.88 -34.82
CA ALA G 852 29.41 12.99 -35.63
C ALA G 852 28.38 14.12 -35.71
N GLN G 853 27.11 13.82 -35.43
CA GLN G 853 26.07 14.85 -35.51
C GLN G 853 26.04 15.77 -34.31
N PHE G 854 26.76 15.43 -33.22
CA PHE G 854 26.76 16.30 -32.06
C PHE G 854 27.49 17.61 -32.32
N ALA G 855 28.31 17.66 -33.36
CA ALA G 855 28.92 18.90 -33.85
C ALA G 855 28.28 19.18 -35.21
N ASN G 856 27.22 19.98 -35.20
CA ASN G 856 26.41 20.25 -36.37
C ASN G 856 26.73 21.64 -36.91
N SER G 857 27.11 21.71 -38.19
CA SER G 857 27.33 22.98 -38.85
C SER G 857 26.04 23.60 -39.38
N GLY G 858 24.95 22.83 -39.44
CA GLY G 858 23.70 23.38 -39.94
C GLY G 858 23.11 24.43 -39.01
N SER G 859 23.20 24.19 -37.70
CA SER G 859 22.63 25.13 -36.73
C SER G 859 23.36 26.46 -36.79
N ASN G 860 22.60 27.55 -36.79
CA ASN G 860 23.16 28.89 -36.80
C ASN G 860 23.00 29.59 -35.45
N SER G 861 22.62 28.85 -34.41
CA SER G 861 22.45 29.44 -33.09
C SER G 861 23.80 29.84 -32.51
N ALA G 862 23.75 30.54 -31.38
CA ALA G 862 24.98 30.94 -30.69
C ALA G 862 25.79 29.71 -30.27
N PHE G 863 25.11 28.71 -29.72
CA PHE G 863 25.78 27.46 -29.35
C PHE G 863 26.10 26.66 -30.60
N LYS G 864 27.33 26.16 -30.69
CA LYS G 864 27.72 25.31 -31.80
C LYS G 864 27.92 23.85 -31.43
N THR G 865 28.15 23.56 -30.14
CA THR G 865 28.29 22.19 -29.68
C THR G 865 27.23 21.91 -28.62
N MET G 866 26.77 20.66 -28.59
CA MET G 866 25.67 20.29 -27.70
C MET G 866 26.08 20.37 -26.23
N ALA G 867 27.37 20.22 -25.94
CA ALA G 867 27.83 20.23 -24.55
C ALA G 867 27.48 21.53 -23.84
N GLU G 868 27.43 22.63 -24.57
CA GLU G 868 27.12 23.92 -23.96
C GLU G 868 25.70 23.97 -23.39
N ILE G 869 24.82 23.06 -23.80
CA ILE G 869 23.49 23.00 -23.21
C ILE G 869 23.58 22.56 -21.75
N GLY G 870 24.51 21.67 -21.44
CA GLY G 870 24.65 21.17 -20.08
C GLY G 870 24.65 19.66 -20.04
N ILE G 871 24.92 19.02 -21.17
CA ILE G 871 25.00 17.57 -21.27
C ILE G 871 26.39 17.22 -21.77
N THR G 872 27.11 16.41 -21.01
CA THR G 872 28.49 16.07 -21.30
C THR G 872 28.63 14.57 -21.53
N GLN G 873 29.48 14.20 -22.48
CA GLN G 873 29.74 12.80 -22.77
C GLN G 873 30.88 12.30 -21.88
N ASP G 874 30.62 11.20 -21.17
CA ASP G 874 31.58 10.71 -20.19
C ASP G 874 32.86 10.23 -20.86
N GLY G 875 33.97 10.36 -20.12
CA GLY G 875 35.25 9.92 -20.65
C GLY G 875 35.36 8.42 -20.81
N THR G 876 34.84 7.67 -19.83
CA THR G 876 35.01 6.22 -19.83
C THR G 876 34.33 5.58 -21.03
N SER G 877 33.05 5.88 -21.24
CA SER G 877 32.27 5.27 -22.30
C SER G 877 31.46 6.35 -23.02
N GLY G 878 30.93 5.99 -24.18
CA GLY G 878 30.11 6.91 -24.94
C GLY G 878 28.73 7.11 -24.35
N LYS G 879 28.67 7.63 -23.13
CA LYS G 879 27.41 7.88 -22.45
C LYS G 879 27.31 9.36 -22.11
N LEU G 880 26.07 9.83 -21.99
CA LEU G 880 25.79 11.25 -21.77
C LEU G 880 25.19 11.44 -20.38
N LYS G 881 25.63 12.49 -19.70
CA LYS G 881 25.12 12.83 -18.37
C LYS G 881 24.87 14.32 -18.28
N ILE G 882 23.88 14.70 -17.47
CA ILE G 882 23.37 16.05 -17.41
C ILE G 882 23.53 16.59 -15.99
N ASP G 883 24.06 17.81 -15.87
CA ASP G 883 24.06 18.54 -14.61
C ASP G 883 22.87 19.49 -14.61
N ASP G 884 22.10 19.47 -13.52
CA ASP G 884 20.83 20.18 -13.49
C ASP G 884 21.01 21.70 -13.59
N ASP G 885 22.04 22.25 -12.95
CA ASP G 885 22.19 23.70 -12.87
C ASP G 885 22.36 24.32 -14.26
N LYS G 886 23.32 23.80 -15.03
CA LYS G 886 23.61 24.39 -16.33
C LYS G 886 22.43 24.24 -17.29
N LEU G 887 21.83 23.04 -17.34
CA LEU G 887 20.69 22.83 -18.22
C LEU G 887 19.52 23.72 -17.83
N THR G 888 19.24 23.84 -16.53
CA THR G 888 18.15 24.69 -16.08
C THR G 888 18.39 26.14 -16.43
N LYS G 889 19.63 26.63 -16.24
CA LYS G 889 19.94 28.01 -16.57
C LYS G 889 19.79 28.25 -18.06
N VAL G 890 20.27 27.32 -18.89
CA VAL G 890 20.17 27.48 -20.34
C VAL G 890 18.71 27.49 -20.77
N LEU G 891 17.89 26.60 -20.21
CA LEU G 891 16.47 26.57 -20.57
C LEU G 891 15.76 27.82 -20.08
N LYS G 892 16.20 28.39 -18.96
CA LYS G 892 15.54 29.57 -18.43
C LYS G 892 15.89 30.82 -19.24
N ASP G 893 17.15 30.96 -19.63
CA ASP G 893 17.60 32.17 -20.31
C ASP G 893 17.66 32.02 -21.83
N ASN G 894 18.49 31.12 -22.32
CA ASN G 894 18.67 30.95 -23.76
C ASN G 894 17.79 29.82 -24.29
N THR G 895 16.48 29.96 -24.08
CA THR G 895 15.55 28.97 -24.60
C THR G 895 15.54 28.97 -26.13
N ALA G 896 15.60 30.15 -26.75
CA ALA G 896 15.62 30.23 -28.20
C ALA G 896 16.88 29.59 -28.77
N ALA G 897 18.04 29.85 -28.15
CA ALA G 897 19.28 29.26 -28.64
C ALA G 897 19.26 27.75 -28.52
N ALA G 898 18.79 27.22 -27.38
CA ALA G 898 18.70 25.78 -27.22
C ALA G 898 17.72 25.17 -28.22
N ARG G 899 16.59 25.83 -28.45
CA ARG G 899 15.60 25.33 -29.40
C ARG G 899 16.18 25.30 -30.81
N GLU G 900 16.95 26.32 -31.18
CA GLU G 900 17.56 26.33 -32.51
C GLU G 900 18.63 25.26 -32.61
N LEU G 901 19.39 25.04 -31.53
CA LEU G 901 20.45 24.04 -31.57
C LEU G 901 19.88 22.63 -31.72
N LEU G 902 18.91 22.27 -30.88
CA LEU G 902 18.37 20.92 -30.93
C LEU G 902 17.40 20.75 -32.09
N VAL G 903 16.28 21.48 -32.06
CA VAL G 903 15.21 21.24 -33.02
C VAL G 903 15.61 21.74 -34.41
N GLY G 904 16.21 22.91 -34.49
CA GLY G 904 16.54 23.47 -35.78
C GLY G 904 15.30 23.91 -36.54
N ASP G 905 15.50 24.19 -37.83
CA ASP G 905 14.38 24.59 -38.66
C ASP G 905 13.46 23.43 -39.00
N GLY G 906 13.85 22.19 -38.66
CA GLY G 906 13.04 21.03 -38.91
C GLY G 906 13.30 20.32 -40.21
N LYS G 907 14.06 20.93 -41.13
CA LYS G 907 14.32 20.33 -42.43
C LYS G 907 15.80 19.99 -42.63
N GLU G 908 16.68 20.99 -42.54
CA GLU G 908 18.11 20.79 -42.80
C GLU G 908 18.98 21.46 -41.74
N THR G 909 18.51 21.52 -40.49
CA THR G 909 19.21 22.26 -39.46
C THR G 909 18.89 21.65 -38.10
N GLY G 910 19.87 21.66 -37.22
CA GLY G 910 19.68 21.18 -35.87
C GLY G 910 20.29 19.81 -35.67
N ILE G 911 20.69 19.53 -34.43
CA ILE G 911 21.25 18.22 -34.09
C ILE G 911 20.20 17.14 -34.27
N THR G 912 18.99 17.38 -33.75
CA THR G 912 17.96 16.36 -33.77
C THR G 912 17.55 16.01 -35.19
N THR G 913 17.45 16.99 -36.08
CA THR G 913 17.08 16.70 -37.47
C THR G 913 18.12 15.84 -38.16
N LYS G 914 19.41 16.17 -37.99
CA LYS G 914 20.47 15.37 -38.59
C LYS G 914 20.49 13.96 -38.03
N ILE G 915 20.32 13.83 -36.72
CA ILE G 915 20.29 12.49 -36.12
C ILE G 915 19.11 11.71 -36.66
N ALA G 916 17.95 12.35 -36.81
CA ALA G 916 16.76 11.67 -37.32
C ALA G 916 16.98 11.18 -38.75
N THR G 917 17.52 12.04 -39.61
CA THR G 917 17.70 11.62 -41.00
C THR G 917 18.78 10.54 -41.12
N GLU G 918 19.85 10.62 -40.32
CA GLU G 918 20.87 9.58 -40.37
C GLU G 918 20.34 8.25 -39.87
N VAL G 919 19.57 8.25 -38.77
CA VAL G 919 19.02 7.01 -38.26
C VAL G 919 18.00 6.44 -39.24
N LYS G 920 17.24 7.30 -39.92
CA LYS G 920 16.32 6.81 -40.95
C LYS G 920 17.09 6.16 -42.09
N SER G 921 18.19 6.77 -42.53
CA SER G 921 18.97 6.19 -43.62
C SER G 921 19.62 4.87 -43.22
N TYR G 922 20.12 4.79 -41.98
CA TYR G 922 20.76 3.55 -41.53
C TYR G 922 19.74 2.44 -41.33
N LEU G 923 18.61 2.75 -40.72
CA LEU G 923 17.61 1.73 -40.40
C LEU G 923 16.87 1.26 -41.63
N ALA G 924 16.98 1.96 -42.76
CA ALA G 924 16.31 1.55 -43.98
C ALA G 924 17.01 0.34 -44.60
N ASP G 925 16.27 -0.38 -45.44
CA ASP G 925 16.79 -1.59 -46.06
C ASP G 925 17.94 -1.28 -47.01
N ASP G 926 17.84 -0.17 -47.74
CA ASP G 926 18.91 0.21 -48.66
C ASP G 926 20.17 0.69 -47.94
N GLY G 927 20.11 0.86 -46.61
CA GLY G 927 21.26 1.29 -45.86
C GLY G 927 22.33 0.22 -45.78
N ILE G 928 23.53 0.65 -45.37
CA ILE G 928 24.69 -0.24 -45.34
C ILE G 928 24.49 -1.37 -44.34
N ILE G 929 23.72 -1.14 -43.27
CA ILE G 929 23.54 -2.17 -42.25
C ILE G 929 22.81 -3.37 -42.82
N ASP G 930 21.68 -3.11 -43.48
CA ASP G 930 20.93 -4.20 -44.07
C ASP G 930 21.63 -4.77 -45.31
N ASN G 931 22.46 -3.97 -45.98
CA ASN G 931 23.28 -4.51 -47.06
C ASN G 931 24.27 -5.54 -46.52
N ALA G 932 24.94 -5.23 -45.41
CA ALA G 932 25.83 -6.19 -44.80
C ALA G 932 25.07 -7.42 -44.31
N GLN G 933 23.87 -7.20 -43.76
CA GLN G 933 23.05 -8.34 -43.33
C GLN G 933 22.70 -9.24 -44.51
N ASP G 934 22.34 -8.65 -45.65
CA ASP G 934 22.02 -9.44 -46.84
C ASP G 934 23.25 -10.17 -47.37
N ASN G 935 24.42 -9.53 -47.32
CA ASN G 935 25.65 -10.21 -47.72
C ASN G 935 25.92 -11.41 -46.82
N VAL G 936 25.72 -11.25 -45.52
CA VAL G 936 25.90 -12.36 -44.59
C VAL G 936 24.90 -13.48 -44.89
N ASN G 937 23.66 -13.10 -45.20
CA ASN G 937 22.65 -14.11 -45.51
C ASN G 937 22.99 -14.87 -46.79
N ALA G 938 23.49 -14.17 -47.81
CA ALA G 938 23.90 -14.84 -49.05
C ALA G 938 25.08 -15.77 -48.80
N THR G 939 26.04 -15.34 -47.99
CA THR G 939 27.14 -16.22 -47.61
C THR G 939 26.63 -17.44 -46.86
N LEU G 940 25.64 -17.26 -45.99
CA LEU G 940 25.06 -18.38 -45.26
C LEU G 940 24.34 -19.34 -46.20
N LYS G 941 23.66 -18.82 -47.22
CA LYS G 941 22.99 -19.70 -48.17
C LYS G 941 23.98 -20.51 -49.00
N SER G 942 25.06 -19.85 -49.46
CA SER G 942 26.11 -20.58 -50.15
C SER G 942 26.73 -21.63 -49.24
N LEU G 943 26.91 -21.27 -47.96
CA LEU G 943 27.39 -22.24 -46.98
C LEU G 943 26.43 -23.41 -46.84
N THR G 944 25.12 -23.14 -46.86
CA THR G 944 24.14 -24.22 -46.74
C THR G 944 24.23 -25.18 -47.93
N LYS G 945 24.41 -24.64 -49.13
CA LYS G 945 24.62 -25.51 -50.29
C LYS G 945 25.89 -26.34 -50.11
N GLN G 946 26.95 -25.71 -49.61
CA GLN G 946 28.18 -26.45 -49.31
C GLN G 946 27.93 -27.54 -48.27
N TYR G 947 27.07 -27.25 -47.28
CA TYR G 947 26.73 -28.24 -46.26
C TYR G 947 26.03 -29.43 -46.88
N LEU G 948 25.11 -29.18 -47.81
CA LEU G 948 24.43 -30.29 -48.50
C LEU G 948 25.42 -31.13 -49.31
N SER G 949 26.33 -30.46 -50.02
CA SER G 949 27.33 -31.21 -50.78
C SER G 949 28.22 -32.05 -49.87
N VAL G 950 28.65 -31.47 -48.75
CA VAL G 950 29.49 -32.21 -47.82
C VAL G 950 28.71 -33.35 -47.18
N SER G 951 27.41 -33.17 -46.95
CA SER G 951 26.58 -34.26 -46.42
C SER G 951 26.50 -35.41 -47.41
N ASN G 952 26.36 -35.09 -48.69
CA ASN G 952 26.46 -36.13 -49.71
C ASN G 952 27.81 -36.83 -49.65
N SER G 953 28.87 -36.06 -49.40
CA SER G 953 30.19 -36.65 -49.24
C SER G 953 30.24 -37.58 -48.03
N ILE G 954 29.57 -37.20 -46.93
CA ILE G 954 29.49 -38.06 -45.75
C ILE G 954 28.80 -39.37 -46.11
N ASP G 955 27.71 -39.28 -46.87
CA ASP G 955 27.01 -40.49 -47.28
C ASP G 955 27.92 -41.40 -48.11
N GLU G 956 28.66 -40.80 -49.05
CA GLU G 956 29.57 -41.59 -49.88
C GLU G 956 30.66 -42.25 -49.04
N THR G 957 31.25 -41.49 -48.12
CA THR G 957 32.32 -42.04 -47.27
C THR G 957 31.80 -43.14 -46.35
N VAL G 958 30.59 -42.96 -45.81
CA VAL G 958 29.99 -43.97 -44.96
C VAL G 958 29.75 -45.25 -45.75
N ALA G 959 29.22 -45.11 -46.97
CA ALA G 959 29.02 -46.29 -47.82
C ALA G 959 30.35 -46.99 -48.11
N ARG G 960 31.38 -46.23 -48.44
CA ARG G 960 32.67 -46.83 -48.77
C ARG G 960 33.27 -47.55 -47.56
N TYR G 961 33.23 -46.92 -46.39
CA TYR G 961 33.80 -47.56 -45.20
C TYR G 961 33.00 -48.77 -44.76
N LYS G 962 31.68 -48.73 -44.91
CA LYS G 962 30.87 -49.91 -44.63
C LYS G 962 31.18 -51.04 -45.61
N ALA G 963 31.45 -50.68 -46.87
CA ALA G 963 31.83 -51.70 -47.86
C ALA G 963 33.20 -52.28 -47.53
N GLN G 964 34.10 -51.48 -46.95
CA GLN G 964 35.43 -51.99 -46.62
C GLN G 964 35.35 -53.13 -45.61
N PHE G 965 34.51 -52.99 -44.59
CA PHE G 965 34.36 -54.03 -43.58
C PHE G 965 32.98 -54.69 -43.67
N ALA H 66 54.19 -41.73 -42.61
CA ALA H 66 54.83 -42.01 -41.32
C ALA H 66 53.99 -41.47 -40.17
N GLY H 67 53.81 -42.30 -39.14
CA GLY H 67 53.03 -41.87 -37.99
C GLY H 67 53.66 -40.69 -37.27
N GLN H 68 54.98 -40.75 -37.08
CA GLN H 68 55.67 -39.66 -36.39
C GLN H 68 55.62 -38.36 -37.19
N ALA H 69 55.79 -38.44 -38.52
CA ALA H 69 55.78 -37.23 -39.35
C ALA H 69 54.41 -36.56 -39.31
N ILE H 70 53.35 -37.33 -39.50
CA ILE H 70 52.00 -36.76 -39.48
C ILE H 70 51.64 -36.27 -38.08
N ALA H 71 52.07 -36.98 -37.04
CA ALA H 71 51.82 -36.53 -35.68
C ALA H 71 52.49 -35.19 -35.42
N ASN H 72 53.76 -35.05 -35.85
CA ASN H 72 54.47 -33.79 -35.70
C ASN H 72 53.80 -32.68 -36.50
N ARG H 73 53.35 -32.98 -37.72
CA ARG H 73 52.67 -31.97 -38.53
C ARG H 73 51.39 -31.49 -37.87
N PHE H 74 50.61 -32.41 -37.31
CA PHE H 74 49.37 -32.01 -36.66
C PHE H 74 49.63 -31.26 -35.35
N THR H 75 50.64 -31.66 -34.59
CA THR H 75 50.98 -30.91 -33.39
C THR H 75 51.49 -29.51 -33.74
N ALA H 76 52.25 -29.37 -34.81
CA ALA H 76 52.67 -28.06 -35.27
C ALA H 76 51.47 -27.24 -35.74
N ASN H 77 50.50 -27.87 -36.38
CA ASN H 77 49.28 -27.16 -36.77
C ASN H 77 48.52 -26.67 -35.54
N ILE H 78 48.42 -27.49 -34.50
CA ILE H 78 47.74 -27.06 -33.28
C ILE H 78 48.50 -25.91 -32.61
N LYS H 79 49.83 -26.01 -32.55
CA LYS H 79 50.61 -24.93 -31.96
C LYS H 79 50.48 -23.64 -32.75
N GLY H 80 50.48 -23.74 -34.09
CA GLY H 80 50.25 -22.57 -34.91
C GLY H 80 48.86 -21.99 -34.73
N LEU H 81 47.87 -22.86 -34.53
CA LEU H 81 46.53 -22.38 -34.21
C LEU H 81 46.53 -21.60 -32.91
N THR H 82 47.23 -22.11 -31.90
CA THR H 82 47.32 -21.40 -30.62
C THR H 82 47.99 -20.05 -30.78
N GLN H 83 49.11 -20.00 -31.51
CA GLN H 83 49.83 -18.74 -31.67
C GLN H 83 49.02 -17.74 -32.50
N ALA H 84 48.38 -18.20 -33.57
CA ALA H 84 47.55 -17.31 -34.38
C ALA H 84 46.34 -16.83 -33.61
N SER H 85 45.80 -17.67 -32.72
CA SER H 85 44.70 -17.24 -31.87
C SER H 85 45.15 -16.26 -30.80
N ARG H 86 46.37 -16.41 -30.27
CA ARG H 86 46.91 -15.38 -29.39
C ARG H 86 47.06 -14.06 -30.13
N ASN H 87 47.55 -14.10 -31.38
CA ASN H 87 47.65 -12.89 -32.17
C ASN H 87 46.28 -12.29 -32.49
N ALA H 88 45.29 -13.14 -32.75
CA ALA H 88 43.93 -12.66 -33.01
C ALA H 88 43.32 -12.04 -31.76
N ASN H 89 43.57 -12.63 -30.59
CA ASN H 89 43.10 -12.03 -29.34
C ASN H 89 43.85 -10.74 -29.05
N ASP H 90 45.12 -10.65 -29.43
CA ASP H 90 45.83 -9.39 -29.34
C ASP H 90 45.21 -8.34 -30.24
N GLY H 91 44.77 -8.74 -31.44
CA GLY H 91 44.06 -7.80 -32.31
C GLY H 91 42.72 -7.39 -31.77
N ILE H 92 41.99 -8.31 -31.15
CA ILE H 92 40.71 -7.95 -30.52
C ILE H 92 40.94 -6.99 -29.36
N SER H 93 41.98 -7.24 -28.55
CA SER H 93 42.32 -6.30 -27.50
C SER H 93 42.80 -4.97 -28.07
N ILE H 94 43.44 -5.00 -29.23
CA ILE H 94 43.77 -3.76 -29.94
C ILE H 94 42.50 -3.00 -30.28
N ALA H 95 41.49 -3.72 -30.79
CA ALA H 95 40.22 -3.10 -31.11
C ALA H 95 39.58 -2.51 -29.86
N GLN H 96 39.64 -3.22 -28.74
CA GLN H 96 39.02 -2.72 -27.51
C GLN H 96 39.75 -1.50 -26.96
N THR H 97 41.09 -1.54 -26.89
CA THR H 97 41.82 -0.40 -26.36
C THR H 97 41.76 0.78 -27.32
N THR H 98 41.65 0.53 -28.62
CA THR H 98 41.48 1.62 -29.57
C THR H 98 40.07 2.18 -29.52
N GLU H 99 39.09 1.35 -29.16
CA GLU H 99 37.75 1.85 -28.85
C GLU H 99 37.80 2.78 -27.65
N GLY H 100 38.52 2.40 -26.61
CA GLY H 100 38.71 3.30 -25.48
C GLY H 100 39.41 4.58 -25.86
N ALA H 101 40.46 4.48 -26.68
CA ALA H 101 41.17 5.66 -27.14
C ALA H 101 40.28 6.55 -28.00
N LEU H 102 39.44 5.94 -28.83
CA LEU H 102 38.51 6.70 -29.67
C LEU H 102 37.48 7.42 -28.82
N ASN H 103 36.96 6.76 -27.78
CA ASN H 103 36.04 7.44 -26.86
C ASN H 103 36.72 8.64 -26.23
N GLU H 104 37.95 8.45 -25.72
CA GLU H 104 38.66 9.55 -25.09
C GLU H 104 38.92 10.69 -26.08
N ILE H 105 39.34 10.36 -27.30
CA ILE H 105 39.67 11.40 -28.26
C ILE H 105 38.43 12.13 -28.74
N ASN H 106 37.29 11.45 -28.90
CA ASN H 106 36.08 12.15 -29.30
C ASN H 106 35.53 13.01 -28.18
N ASN H 107 35.66 12.57 -26.92
CA ASN H 107 35.37 13.48 -25.81
C ASN H 107 36.27 14.70 -25.87
N ASN H 108 37.55 14.50 -26.19
CA ASN H 108 38.47 15.62 -26.34
C ASN H 108 38.02 16.56 -27.46
N LEU H 109 37.58 16.02 -28.59
CA LEU H 109 37.13 16.86 -29.70
C LEU H 109 35.88 17.65 -29.34
N GLN H 110 34.94 17.03 -28.62
CA GLN H 110 33.79 17.80 -28.17
C GLN H 110 34.22 18.91 -27.23
N ARG H 111 35.20 18.63 -26.37
CA ARG H 111 35.80 19.70 -25.57
C ARG H 111 36.40 20.78 -26.46
N VAL H 112 37.03 20.38 -27.56
CA VAL H 112 37.66 21.35 -28.46
C VAL H 112 36.62 22.27 -29.07
N ARG H 113 35.51 21.71 -29.58
CA ARG H 113 34.41 22.54 -30.06
C ARG H 113 33.91 23.49 -28.97
N GLU H 114 33.66 22.97 -27.77
CA GLU H 114 33.15 23.82 -26.71
C GLU H 114 34.09 24.98 -26.43
N LEU H 115 35.38 24.68 -26.28
CA LEU H 115 36.36 25.69 -25.91
C LEU H 115 36.54 26.72 -27.03
N ALA H 116 36.65 26.25 -28.27
CA ALA H 116 36.84 27.17 -29.39
C ALA H 116 35.63 28.07 -29.58
N VAL H 117 34.42 27.50 -29.48
CA VAL H 117 33.21 28.31 -29.67
C VAL H 117 33.08 29.34 -28.56
N GLN H 118 33.33 28.94 -27.31
CA GLN H 118 33.20 29.92 -26.23
C GLN H 118 34.29 30.97 -26.27
N SER H 119 35.48 30.62 -26.79
CA SER H 119 36.55 31.60 -26.89
C SER H 119 36.33 32.56 -28.05
N ALA H 120 35.69 32.08 -29.13
CA ALA H 120 35.45 32.93 -30.29
C ALA H 120 34.54 34.11 -29.93
N ASN H 121 33.49 33.85 -29.16
CA ASN H 121 32.57 34.90 -28.79
C ASN H 121 32.88 35.43 -27.38
N SER H 122 32.21 36.51 -27.02
CA SER H 122 32.41 37.16 -25.73
C SER H 122 31.52 36.61 -24.63
N THR H 123 30.74 35.56 -24.91
CA THR H 123 29.88 34.98 -23.89
C THR H 123 30.69 34.40 -22.74
N ASN H 124 31.80 33.74 -23.05
CA ASN H 124 32.64 33.12 -22.04
C ASN H 124 33.63 34.16 -21.50
N SER H 125 33.51 34.46 -20.20
CA SER H 125 34.41 35.40 -19.55
C SER H 125 35.77 34.76 -19.34
N GLN H 126 36.75 35.58 -18.95
CA GLN H 126 38.10 35.10 -18.72
C GLN H 126 38.29 34.45 -17.35
N SER H 127 37.39 34.68 -16.41
CA SER H 127 37.35 33.82 -15.22
C SER H 127 36.78 32.45 -15.58
N ASP H 128 35.72 32.44 -16.40
CA ASP H 128 35.30 31.19 -17.03
C ASP H 128 36.44 30.58 -17.81
N LEU H 129 37.29 31.42 -18.44
CA LEU H 129 38.43 30.89 -19.16
C LEU H 129 39.52 30.38 -18.21
N ASP H 130 39.58 30.89 -16.99
CA ASP H 130 40.45 30.29 -15.98
C ASP H 130 39.94 28.90 -15.61
N SER H 131 38.62 28.77 -15.43
CA SER H 131 38.03 27.45 -15.26
C SER H 131 38.33 26.55 -16.45
N ILE H 132 38.36 27.13 -17.66
CA ILE H 132 38.66 26.36 -18.86
C ILE H 132 40.13 25.97 -18.91
N GLN H 133 41.02 26.79 -18.34
CA GLN H 133 42.41 26.38 -18.19
C GLN H 133 42.53 25.21 -17.21
N ALA H 134 41.75 25.25 -16.13
CA ALA H 134 41.67 24.09 -15.25
C ALA H 134 41.17 22.86 -16.01
N GLU H 135 40.19 23.06 -16.89
CA GLU H 135 39.71 22.00 -17.76
C GLU H 135 40.78 21.56 -18.76
N ILE H 136 41.66 22.47 -19.18
CA ILE H 136 42.78 22.11 -20.04
C ILE H 136 43.70 21.15 -19.30
N THR H 137 44.00 21.46 -18.04
CA THR H 137 44.77 20.52 -17.23
C THR H 137 44.03 19.20 -17.06
N GLN H 138 42.71 19.27 -16.88
CA GLN H 138 41.91 18.06 -16.71
C GLN H 138 41.96 17.18 -17.95
N ARG H 139 41.86 17.77 -19.14
CA ARG H 139 41.93 17.00 -20.36
C ARG H 139 43.34 16.54 -20.67
N LEU H 140 44.35 17.28 -20.21
CA LEU H 140 45.71 16.76 -20.29
C LEU H 140 45.85 15.50 -19.44
N ASN H 141 45.25 15.51 -18.25
CA ASN H 141 45.21 14.30 -17.44
C ASN H 141 44.37 13.22 -18.11
N GLU H 142 43.36 13.61 -18.88
CA GLU H 142 42.58 12.65 -19.65
C GLU H 142 43.45 11.94 -20.69
N ILE H 143 44.28 12.71 -21.39
CA ILE H 143 45.23 12.13 -22.34
C ILE H 143 46.22 11.23 -21.61
N ASP H 144 46.70 11.68 -20.45
CA ASP H 144 47.59 10.84 -19.65
C ASP H 144 46.91 9.55 -19.22
N ARG H 145 45.59 9.59 -18.97
CA ARG H 145 44.87 8.40 -18.58
C ARG H 145 44.71 7.45 -19.77
N VAL H 146 44.36 7.98 -20.93
CA VAL H 146 44.19 7.10 -22.08
C VAL H 146 45.53 6.50 -22.51
N SER H 147 46.63 7.21 -22.26
CA SER H 147 47.95 6.67 -22.59
C SER H 147 48.41 5.66 -21.55
N GLY H 148 48.46 6.05 -20.28
CA GLY H 148 49.04 5.22 -19.24
C GLY H 148 48.10 4.22 -18.58
N GLN H 149 46.89 4.66 -18.22
CA GLN H 149 46.00 3.78 -17.47
C GLN H 149 45.65 2.53 -18.27
N THR H 150 45.38 2.69 -19.56
CA THR H 150 45.11 1.56 -20.42
C THR H 150 46.38 0.79 -20.75
N GLN H 151 46.23 -0.50 -21.01
CA GLN H 151 47.37 -1.36 -21.26
C GLN H 151 47.03 -2.37 -22.36
N PHE H 152 48.07 -2.83 -23.04
CA PHE H 152 47.93 -3.83 -24.10
C PHE H 152 48.83 -5.02 -23.80
N ASN H 153 48.24 -6.22 -23.80
CA ASN H 153 48.96 -7.47 -23.61
C ASN H 153 49.76 -7.46 -22.32
N GLY H 154 49.20 -6.83 -21.29
CA GLY H 154 49.86 -6.71 -20.00
C GLY H 154 50.96 -5.67 -19.94
N VAL H 155 51.15 -4.89 -21.00
CA VAL H 155 52.23 -3.91 -21.08
C VAL H 155 51.61 -2.56 -21.45
N LYS H 156 52.25 -1.48 -21.00
CA LYS H 156 51.76 -0.13 -21.27
C LYS H 156 52.04 0.28 -22.71
N VAL H 157 51.44 -0.43 -23.68
CA VAL H 157 51.69 -0.14 -25.08
C VAL H 157 51.11 1.20 -25.49
N LEU H 158 50.05 1.64 -24.82
CA LEU H 158 49.54 2.98 -25.10
C LEU H 158 50.41 4.06 -24.47
N ALA H 159 51.38 3.67 -23.64
CA ALA H 159 52.35 4.59 -23.07
C ALA H 159 53.69 4.57 -23.78
N GLN H 160 54.09 3.43 -24.36
CA GLN H 160 55.31 3.33 -25.14
C GLN H 160 55.00 2.68 -26.49
N ASP H 161 55.59 3.22 -27.56
CA ASP H 161 55.29 2.78 -28.92
C ASP H 161 56.33 1.77 -29.37
N ASN H 162 55.85 0.67 -29.94
CA ASN H 162 56.71 -0.36 -30.55
C ASN H 162 56.13 -0.65 -31.94
N THR H 163 56.58 0.12 -32.93
CA THR H 163 56.08 -0.01 -34.30
C THR H 163 56.86 -1.13 -34.98
N LEU H 164 56.48 -2.36 -34.65
CA LEU H 164 57.13 -3.55 -35.19
C LEU H 164 56.07 -4.58 -35.55
N THR H 165 56.35 -5.36 -36.59
CA THR H 165 55.44 -6.43 -36.99
C THR H 165 55.43 -7.53 -35.94
N ILE H 166 54.24 -8.07 -35.70
CA ILE H 166 54.08 -9.09 -34.67
C ILE H 166 54.66 -10.42 -35.16
N GLN H 167 54.99 -11.29 -34.21
CA GLN H 167 55.56 -12.59 -34.54
C GLN H 167 54.54 -13.45 -35.28
N VAL H 168 55.05 -14.28 -36.19
CA VAL H 168 54.19 -15.06 -37.06
C VAL H 168 53.47 -16.12 -36.25
N GLY H 169 52.15 -16.24 -36.46
CA GLY H 169 51.36 -17.24 -35.77
C GLY H 169 51.54 -18.65 -36.29
N ALA H 170 52.36 -18.84 -37.32
CA ALA H 170 52.74 -20.14 -37.87
C ALA H 170 51.57 -20.82 -38.57
N ASN H 171 50.38 -20.21 -38.54
CA ASN H 171 49.27 -20.73 -39.34
C ASN H 171 49.41 -20.36 -40.81
N ASP H 172 50.03 -19.21 -41.10
CA ASP H 172 50.24 -18.75 -42.47
C ASP H 172 51.65 -18.19 -42.60
N GLY H 173 52.17 -18.23 -43.82
CA GLY H 173 53.48 -17.65 -44.08
C GLY H 173 53.49 -16.14 -43.89
N GLU H 174 52.38 -15.48 -44.22
CA GLU H 174 52.26 -14.04 -44.06
C GLU H 174 52.29 -13.65 -42.59
N THR H 175 53.01 -12.57 -42.29
CA THR H 175 53.13 -12.06 -40.93
C THR H 175 52.31 -10.79 -40.77
N ILE H 176 51.59 -10.70 -39.65
CA ILE H 176 50.71 -9.57 -39.42
C ILE H 176 51.53 -8.32 -39.13
N ASP H 177 51.32 -7.28 -39.93
CA ASP H 177 52.06 -6.02 -39.80
C ASP H 177 51.18 -5.05 -39.02
N ILE H 178 51.32 -5.06 -37.70
CA ILE H 178 50.56 -4.19 -36.82
C ILE H 178 51.43 -2.97 -36.48
N ASP H 179 51.02 -1.80 -36.95
CA ASP H 179 51.70 -0.55 -36.64
C ASP H 179 51.03 0.07 -35.43
N LEU H 180 51.46 -0.37 -34.25
CA LEU H 180 50.88 0.08 -33.00
C LEU H 180 51.08 1.59 -32.81
N LYS H 181 50.00 2.35 -32.90
CA LYS H 181 50.05 3.80 -32.75
C LYS H 181 49.53 4.16 -31.36
N GLN H 182 50.44 4.40 -30.43
CA GLN H 182 50.06 4.83 -29.10
C GLN H 182 49.39 6.20 -29.15
N ILE H 183 48.48 6.44 -28.21
CA ILE H 183 47.83 7.75 -28.09
C ILE H 183 48.75 8.60 -27.21
N ASN H 184 49.72 9.22 -27.85
CA ASN H 184 50.69 10.07 -27.15
C ASN H 184 50.37 11.54 -27.40
N SER H 185 50.82 12.38 -26.47
CA SER H 185 50.69 13.82 -26.67
C SER H 185 51.73 14.35 -27.64
N GLN H 186 52.94 13.76 -27.62
CA GLN H 186 54.07 14.34 -28.36
C GLN H 186 54.05 13.96 -29.83
N THR H 187 54.17 12.65 -30.12
CA THR H 187 54.37 12.23 -31.50
C THR H 187 53.17 12.57 -32.38
N LEU H 188 51.95 12.42 -31.85
CA LEU H 188 50.77 12.75 -32.62
C LEU H 188 50.47 14.25 -32.62
N GLY H 189 51.28 15.06 -31.96
CA GLY H 189 51.06 16.49 -31.96
C GLY H 189 50.00 16.96 -30.99
N LEU H 190 49.48 16.07 -30.14
CA LEU H 190 48.43 16.44 -29.20
C LEU H 190 48.95 17.28 -28.06
N ASP H 191 50.24 17.19 -27.73
CA ASP H 191 50.81 18.00 -26.66
C ASP H 191 50.70 19.49 -26.98
N THR H 192 50.70 19.83 -28.27
CA THR H 192 50.59 21.24 -28.67
C THR H 192 49.24 21.84 -28.32
N LEU H 193 48.25 21.00 -28.01
CA LEU H 193 46.90 21.48 -27.71
C LEU H 193 46.87 22.32 -26.44
N ASN H 194 46.69 23.62 -26.59
CA ASN H 194 46.62 24.53 -25.44
C ASN H 194 45.91 25.79 -25.90
N VAL H 195 44.65 25.94 -25.52
CA VAL H 195 43.81 27.02 -26.01
C VAL H 195 43.74 28.18 -25.03
N GLN H 196 44.67 28.25 -24.07
CA GLN H 196 44.60 29.33 -23.10
C GLN H 196 45.05 30.63 -23.75
N GLN H 197 44.18 31.63 -23.74
CA GLN H 197 44.52 32.91 -24.32
C GLN H 197 45.23 33.79 -23.30
N LYS H 198 45.58 35.00 -23.72
CA LYS H 198 46.51 35.84 -22.98
C LYS H 198 45.82 36.62 -21.86
N TYR H 199 46.38 36.50 -20.65
CA TYR H 199 46.18 37.46 -19.59
C TYR H 199 47.51 38.14 -19.31
N LYS H 200 47.53 39.46 -19.32
CA LYS H 200 48.78 40.19 -19.20
C LYS H 200 49.42 39.96 -17.83
N VAL H 201 50.74 39.87 -17.82
CA VAL H 201 51.51 39.67 -16.59
C VAL H 201 52.16 41.01 -16.25
N SER H 202 51.83 41.54 -15.07
CA SER H 202 52.32 42.84 -14.64
C SER H 202 53.13 42.69 -13.35
N ASP H 203 54.04 43.64 -13.12
CA ASP H 203 54.92 43.63 -11.97
C ASP H 203 54.53 44.74 -11.02
N THR H 204 54.54 44.45 -9.73
CA THR H 204 54.23 45.42 -8.68
C THR H 204 55.41 45.52 -7.74
N ALA H 205 55.88 46.75 -7.53
CA ALA H 205 56.98 46.97 -6.60
C ALA H 205 56.51 46.78 -5.17
N ALA H 206 57.30 46.03 -4.40
CA ALA H 206 56.95 45.75 -3.01
C ALA H 206 58.23 45.73 -2.17
N THR H 207 58.08 46.08 -0.90
CA THR H 207 59.23 46.10 0.00
C THR H 207 59.53 44.68 0.50
N VAL H 208 60.62 44.57 1.27
CA VAL H 208 61.01 43.28 1.82
C VAL H 208 60.06 42.88 2.93
N THR H 209 59.60 41.63 2.88
CA THR H 209 58.68 41.08 3.88
C THR H 209 59.52 40.41 4.96
N GLY H 210 59.78 41.12 6.05
CA GLY H 210 60.63 40.62 7.10
C GLY H 210 62.11 40.71 6.75
N TYR H 211 62.87 39.79 7.34
CA TYR H 211 64.31 39.74 7.05
C TYR H 211 64.58 39.39 5.60
N ALA H 212 63.79 38.48 5.03
CA ALA H 212 63.90 38.08 3.63
C ALA H 212 65.30 37.55 3.32
N ASP H 213 65.61 36.39 3.90
CA ASP H 213 66.95 35.82 3.80
C ASP H 213 67.20 35.31 2.38
N THR H 214 68.34 34.66 2.20
CA THR H 214 68.78 34.16 0.90
C THR H 214 69.24 32.71 1.01
N THR H 215 69.74 32.18 -0.11
CA THR H 215 70.06 30.76 -0.18
C THR H 215 71.45 30.46 0.41
N ILE H 216 72.51 30.93 -0.25
CA ILE H 216 73.85 30.59 0.21
C ILE H 216 74.35 31.57 1.27
N ALA H 217 74.14 32.87 1.08
CA ALA H 217 74.46 33.90 2.06
C ALA H 217 75.94 33.94 2.42
N LEU H 218 76.28 34.76 3.41
CA LEU H 218 77.62 34.86 3.95
C LEU H 218 77.92 33.61 4.77
N ASP H 219 79.16 33.15 4.74
CA ASP H 219 79.54 31.94 5.47
C ASP H 219 79.26 32.11 6.96
N ASN H 220 78.60 31.12 7.55
CA ASN H 220 78.12 31.22 8.92
C ASN H 220 79.17 30.85 9.96
N SER H 221 80.07 29.92 9.65
CA SER H 221 81.14 29.58 10.60
C SER H 221 82.07 30.77 10.83
N THR H 222 82.54 31.38 9.73
CA THR H 222 83.33 32.60 9.86
C THR H 222 82.51 33.76 10.41
N PHE H 223 81.20 33.76 10.18
CA PHE H 223 80.32 34.77 10.78
C PHE H 223 80.34 34.67 12.30
N LYS H 224 80.19 33.46 12.82
CA LYS H 224 80.27 33.24 14.26
C LYS H 224 81.67 33.55 14.79
N ALA H 225 82.70 33.17 14.04
CA ALA H 225 84.08 33.46 14.46
C ALA H 225 84.32 34.96 14.56
N SER H 226 83.84 35.72 13.57
CA SER H 226 83.96 37.17 13.62
C SER H 226 83.17 37.74 14.79
N ALA H 227 82.01 37.16 15.10
CA ALA H 227 81.29 37.56 16.30
C ALA H 227 82.14 37.34 17.55
N THR H 228 82.85 36.21 17.60
CA THR H 228 83.76 35.95 18.72
C THR H 228 84.99 36.85 18.71
N GLY H 229 85.31 37.46 17.56
CA GLY H 229 86.57 38.18 17.43
C GLY H 229 86.63 39.52 18.14
N LEU H 230 85.52 39.97 18.74
CA LEU H 230 85.53 41.27 19.42
C LEU H 230 86.48 41.26 20.61
N GLY H 231 86.45 40.21 21.40
CA GLY H 231 87.31 40.11 22.57
C GLY H 231 86.55 39.55 23.75
N GLY H 232 87.17 39.69 24.91
CA GLY H 232 86.59 39.19 26.15
C GLY H 232 87.02 37.76 26.44
N THR H 233 86.63 37.29 27.62
CA THR H 233 86.97 35.92 28.02
C THR H 233 86.17 34.91 27.22
N ASP H 234 84.84 34.97 27.31
CA ASP H 234 83.95 34.09 26.55
C ASP H 234 82.89 34.97 25.90
N GLN H 235 82.71 34.79 24.58
CA GLN H 235 81.74 35.58 23.82
C GLN H 235 80.90 34.71 22.89
N LYS H 236 80.92 33.39 23.08
CA LYS H 236 80.17 32.50 22.20
C LYS H 236 78.68 32.73 22.35
N ILE H 237 77.96 32.63 21.24
CA ILE H 237 76.54 32.96 21.17
C ILE H 237 75.72 31.68 21.22
N ASP H 238 74.69 31.68 22.08
CA ASP H 238 73.73 30.59 22.09
C ASP H 238 72.81 30.73 20.87
N GLY H 239 72.64 29.65 20.13
CA GLY H 239 71.87 29.75 18.91
C GLY H 239 72.69 30.39 17.79
N ASP H 240 71.98 31.05 16.89
CA ASP H 240 72.59 31.71 15.75
C ASP H 240 72.57 33.23 15.94
N LEU H 241 73.33 33.91 15.08
CA LEU H 241 73.50 35.35 15.17
C LEU H 241 72.55 36.06 14.22
N LYS H 242 71.76 37.00 14.75
CA LYS H 242 70.75 37.72 13.99
C LYS H 242 70.97 39.22 14.10
N PHE H 243 70.00 40.00 13.61
CA PHE H 243 70.12 41.44 13.48
C PHE H 243 69.16 42.14 14.44
N ASP H 244 69.63 43.25 15.01
CA ASP H 244 68.85 44.05 15.96
C ASP H 244 68.76 45.48 15.47
N ASP H 245 67.73 46.19 15.97
CA ASP H 245 67.53 47.60 15.64
C ASP H 245 67.98 48.55 16.74
N THR H 246 67.74 48.21 18.01
CA THR H 246 68.16 49.09 19.10
C THR H 246 69.67 49.19 19.17
N THR H 247 70.38 48.07 19.02
CA THR H 247 71.83 48.11 19.01
C THR H 247 72.37 48.88 17.81
N GLY H 248 71.75 48.70 16.64
CA GLY H 248 72.18 49.34 15.40
C GLY H 248 72.47 48.35 14.29
N LYS H 249 73.00 47.18 14.63
CA LYS H 249 73.24 46.11 13.67
C LYS H 249 73.32 44.82 14.50
N TYR H 250 73.93 43.76 13.96
CA TYR H 250 73.67 42.42 14.47
C TYR H 250 73.96 42.31 15.97
N TYR H 251 73.06 41.63 16.68
CA TYR H 251 73.13 41.52 18.13
C TYR H 251 73.74 40.17 18.52
N ALA H 252 74.85 40.21 19.25
CA ALA H 252 75.59 39.02 19.66
C ALA H 252 75.32 38.72 21.12
N LYS H 253 74.81 37.53 21.41
CA LYS H 253 74.63 37.09 22.78
C LYS H 253 75.98 36.71 23.38
N VAL H 254 76.22 37.16 24.61
CA VAL H 254 77.48 36.94 25.30
C VAL H 254 77.20 36.17 26.59
N THR H 255 77.92 35.07 26.79
CA THR H 255 77.83 34.26 28.00
C THR H 255 79.22 34.14 28.59
N VAL H 256 79.45 34.78 29.72
CA VAL H 256 80.77 34.85 30.35
C VAL H 256 80.76 33.97 31.59
N THR H 257 81.76 33.09 31.70
CA THR H 257 81.92 32.24 32.86
C THR H 257 82.92 32.87 33.82
N GLY H 258 82.49 33.08 35.07
CA GLY H 258 83.32 33.71 36.07
C GLY H 258 83.35 35.22 36.03
N GLY H 259 82.56 35.84 35.17
CA GLY H 259 82.51 37.29 35.08
C GLY H 259 81.08 37.79 35.01
N THR H 260 80.86 38.98 35.59
CA THR H 260 79.55 39.60 35.62
C THR H 260 79.61 40.96 34.94
N GLY H 261 78.50 41.34 34.30
CA GLY H 261 78.41 42.62 33.63
C GLY H 261 78.89 42.65 32.20
N LYS H 262 79.49 41.56 31.71
CA LYS H 262 79.94 41.48 30.34
C LYS H 262 78.92 40.79 29.42
N ASP H 263 77.75 40.43 29.95
CA ASP H 263 76.73 39.74 29.18
C ASP H 263 75.78 40.76 28.56
N GLY H 264 75.48 40.59 27.28
CA GLY H 264 74.57 41.48 26.59
C GLY H 264 74.69 41.37 25.08
N TYR H 265 73.69 41.85 24.35
CA TYR H 265 73.71 41.80 22.89
C TYR H 265 74.66 42.87 22.37
N TYR H 266 75.88 42.46 22.04
CA TYR H 266 76.86 43.37 21.47
C TYR H 266 76.43 43.74 20.04
N GLU H 267 76.63 45.00 19.69
CA GLU H 267 76.39 45.47 18.33
C GLU H 267 77.60 45.14 17.47
N VAL H 268 77.40 44.35 16.42
CA VAL H 268 78.48 43.93 15.54
C VAL H 268 78.09 44.23 14.10
N SER H 269 79.07 44.67 13.32
CA SER H 269 78.94 44.93 11.88
C SER H 269 79.89 44.00 11.14
N VAL H 270 79.35 43.17 10.26
CA VAL H 270 80.11 42.08 9.65
C VAL H 270 80.20 42.33 8.14
N ASP H 271 81.43 42.33 7.62
CA ASP H 271 81.70 42.27 6.19
C ASP H 271 82.59 41.06 5.96
N LYS H 272 82.01 40.00 5.41
CA LYS H 272 82.67 38.70 5.36
C LYS H 272 83.83 38.65 4.36
N THR H 273 83.97 39.66 3.50
CA THR H 273 85.12 39.68 2.62
C THR H 273 86.42 39.73 3.40
N ASN H 274 86.46 40.57 4.44
CA ASN H 274 87.59 40.56 5.37
C ASN H 274 87.51 39.37 6.32
N GLY H 275 86.31 39.03 6.77
CA GLY H 275 86.13 37.95 7.72
C GLY H 275 86.13 38.35 9.17
N GLU H 276 86.00 39.65 9.47
CA GLU H 276 86.04 40.15 10.83
C GLU H 276 84.86 41.09 11.06
N VAL H 277 84.79 41.62 12.28
CA VAL H 277 83.72 42.52 12.70
C VAL H 277 84.32 43.90 12.95
N THR H 278 83.71 44.92 12.35
CA THR H 278 84.09 46.30 12.63
C THR H 278 83.49 46.72 13.96
N LEU H 279 84.35 47.23 14.85
CA LEU H 279 83.90 47.61 16.18
C LEU H 279 82.92 48.79 16.12
N ALA H 280 81.87 48.71 16.92
CA ALA H 280 80.86 49.77 16.99
C ALA H 280 81.31 50.76 18.05
N GLY H 281 81.81 51.91 17.60
CA GLY H 281 82.33 52.90 18.52
C GLY H 281 83.73 52.62 19.05
N GLY H 282 84.40 51.61 18.52
CA GLY H 282 85.73 51.26 18.98
C GLY H 282 85.80 50.77 20.41
N ALA H 283 84.83 49.95 20.82
CA ALA H 283 84.81 49.44 22.18
C ALA H 283 84.11 48.09 22.20
N THR H 284 84.40 47.31 23.24
CA THR H 284 83.80 45.99 23.44
C THR H 284 82.75 46.03 24.56
N SER H 285 82.52 47.20 25.15
CA SER H 285 81.63 47.31 26.29
C SER H 285 80.21 46.91 25.91
N PRO H 286 79.48 46.25 26.80
CA PRO H 286 78.12 45.79 26.47
C PRO H 286 77.16 46.95 26.27
N LEU H 287 76.12 46.68 25.49
CA LEU H 287 75.08 47.67 25.24
C LEU H 287 73.93 47.48 26.22
N THR H 288 72.93 48.34 26.10
CA THR H 288 71.77 48.31 26.99
C THR H 288 70.66 47.44 26.41
N GLY H 289 69.56 47.37 27.15
CA GLY H 289 68.40 46.61 26.70
C GLY H 289 68.39 45.16 27.11
N GLY H 290 69.45 44.67 27.74
CA GLY H 290 69.53 43.28 28.13
C GLY H 290 69.61 42.34 26.94
N LEU H 291 68.57 41.54 26.73
CA LEU H 291 68.49 40.60 25.61
C LEU H 291 67.16 40.78 24.87
N PRO H 292 67.00 41.88 24.11
CA PRO H 292 65.77 42.07 23.35
C PRO H 292 65.86 41.51 21.94
N ALA H 293 64.77 40.93 21.45
CA ALA H 293 64.70 40.37 20.10
C ALA H 293 63.59 41.07 19.34
N THR H 294 63.87 41.46 18.10
CA THR H 294 62.87 42.15 17.29
C THR H 294 61.88 41.18 16.66
N ALA H 295 62.36 40.28 15.81
CA ALA H 295 61.51 39.32 15.11
C ALA H 295 61.64 37.95 15.76
N THR H 296 60.50 37.38 16.16
CA THR H 296 60.49 36.05 16.77
C THR H 296 60.90 34.97 15.77
N GLU H 297 60.70 35.21 14.48
CA GLU H 297 61.03 34.22 13.46
C GLU H 297 62.52 33.86 13.52
N ASP H 298 62.80 32.56 13.54
CA ASP H 298 64.16 32.05 13.60
C ASP H 298 64.41 31.17 12.39
N VAL H 299 65.59 31.32 11.78
CA VAL H 299 65.97 30.60 10.57
C VAL H 299 67.12 29.68 10.89
N LYS H 300 66.98 28.41 10.50
CA LYS H 300 68.07 27.45 10.68
C LYS H 300 69.28 27.80 9.80
N ASN H 301 69.04 28.55 8.72
CA ASN H 301 70.12 28.98 7.86
C ASN H 301 70.62 30.36 8.26
N VAL H 302 71.77 30.75 7.68
CA VAL H 302 72.31 32.07 7.94
C VAL H 302 71.58 33.10 7.08
N GLN H 303 71.40 34.30 7.62
CA GLN H 303 70.49 35.28 7.05
C GLN H 303 71.25 36.40 6.33
N VAL H 304 70.90 36.63 5.07
CA VAL H 304 71.33 37.81 4.32
C VAL H 304 70.12 38.33 3.56
N ALA H 305 69.86 39.64 3.69
CA ALA H 305 68.65 40.23 3.13
C ALA H 305 68.63 40.15 1.61
N ASN H 306 67.43 40.21 1.05
CA ASN H 306 67.25 40.15 -0.40
C ASN H 306 67.72 41.43 -1.09
N ALA H 307 68.06 42.47 -0.32
CA ALA H 307 68.57 43.71 -0.92
C ALA H 307 69.84 43.44 -1.71
N ASP H 308 70.73 42.59 -1.18
CA ASP H 308 71.92 42.20 -1.92
C ASP H 308 71.60 41.27 -3.09
N LEU H 309 70.43 40.63 -3.07
CA LEU H 309 69.98 39.77 -4.16
C LEU H 309 70.98 38.64 -4.44
N THR H 310 71.49 38.04 -3.35
CA THR H 310 72.54 37.04 -3.50
C THR H 310 72.02 35.68 -3.96
N GLU H 311 70.72 35.39 -3.81
CA GLU H 311 70.23 34.12 -4.31
C GLU H 311 70.12 34.12 -5.83
N ALA H 312 69.59 35.21 -6.41
CA ALA H 312 69.58 35.34 -7.86
C ALA H 312 70.99 35.43 -8.40
N LYS H 313 71.86 36.18 -7.71
CA LYS H 313 73.27 36.24 -8.08
C LYS H 313 73.88 34.85 -8.14
N ALA H 314 73.72 34.08 -7.05
CA ALA H 314 74.25 32.72 -7.01
C ALA H 314 73.74 31.90 -8.18
N ALA H 315 72.41 31.76 -8.29
CA ALA H 315 71.82 30.93 -9.33
C ALA H 315 72.33 31.32 -10.71
N LEU H 316 72.13 32.59 -11.10
CA LEU H 316 72.43 33.01 -12.47
C LEU H 316 73.93 32.96 -12.75
N THR H 317 74.74 33.56 -11.88
CA THR H 317 76.18 33.62 -12.14
C THR H 317 76.81 32.23 -12.14
N ALA H 318 76.47 31.38 -11.16
CA ALA H 318 76.98 30.02 -11.16
C ALA H 318 76.54 29.26 -12.40
N ALA H 319 75.28 29.43 -12.81
CA ALA H 319 74.86 28.92 -14.12
C ALA H 319 75.58 29.64 -15.24
N GLY H 320 75.74 30.96 -15.11
CA GLY H 320 76.40 31.76 -16.13
C GLY H 320 75.47 32.14 -17.26
N VAL H 321 74.30 32.69 -16.92
CA VAL H 321 73.23 32.93 -17.88
C VAL H 321 72.86 34.41 -17.95
N THR H 322 72.61 35.04 -16.81
CA THR H 322 72.13 36.41 -16.77
C THR H 322 72.64 37.05 -15.48
N GLY H 323 72.26 38.31 -15.24
CA GLY H 323 72.73 39.05 -14.09
C GLY H 323 71.65 39.44 -13.09
N THR H 324 72.02 40.31 -12.15
CA THR H 324 71.14 40.66 -11.04
C THR H 324 69.91 41.45 -11.52
N ALA H 325 68.77 41.18 -10.90
CA ALA H 325 67.55 41.93 -11.16
C ALA H 325 66.67 41.91 -9.91
N SER H 326 65.73 42.85 -9.86
CA SER H 326 64.93 43.06 -8.67
C SER H 326 63.86 41.99 -8.52
N VAL H 327 63.18 42.01 -7.38
CA VAL H 327 62.10 41.08 -7.04
C VAL H 327 60.82 41.88 -6.89
N VAL H 328 59.76 41.45 -7.58
CA VAL H 328 58.49 42.14 -7.58
C VAL H 328 57.37 41.13 -7.40
N LYS H 329 56.19 41.64 -7.03
CA LYS H 329 55.00 40.80 -6.95
C LYS H 329 54.35 40.70 -8.33
N MET H 330 53.71 39.57 -8.59
CA MET H 330 53.09 39.30 -9.88
C MET H 330 51.60 39.64 -9.82
N SER H 331 51.10 40.24 -10.89
CA SER H 331 49.68 40.57 -11.01
C SER H 331 49.20 40.14 -12.40
N TYR H 332 47.92 39.83 -12.47
CA TYR H 332 47.30 39.28 -13.68
C TYR H 332 46.32 40.31 -14.22
N THR H 333 46.78 41.13 -15.16
CA THR H 333 45.90 42.08 -15.82
C THR H 333 44.97 41.36 -16.78
N ASP H 334 43.67 41.54 -16.58
CA ASP H 334 42.66 40.81 -17.34
C ASP H 334 41.44 41.71 -17.49
N ASN H 335 40.66 41.48 -18.55
CA ASN H 335 39.47 42.29 -18.78
C ASN H 335 38.45 42.10 -17.67
N ASN H 336 38.26 40.86 -17.21
CA ASN H 336 37.37 40.61 -16.08
C ASN H 336 38.00 41.09 -14.77
N GLY H 337 39.32 41.17 -14.71
CA GLY H 337 40.00 41.70 -13.55
C GLY H 337 40.38 40.71 -12.48
N LYS H 338 40.05 39.43 -12.65
CA LYS H 338 40.45 38.42 -11.68
C LYS H 338 41.97 38.29 -11.66
N THR H 339 42.54 38.21 -10.45
CA THR H 339 43.99 38.19 -10.28
C THR H 339 44.34 37.44 -9.02
N ILE H 340 45.27 36.49 -9.12
CA ILE H 340 45.80 35.78 -7.97
C ILE H 340 47.30 36.06 -7.89
N ASP H 341 47.82 36.11 -6.67
CA ASP H 341 49.21 36.44 -6.42
C ASP H 341 49.98 35.18 -6.04
N GLY H 342 50.86 34.73 -6.93
CA GLY H 342 51.70 33.59 -6.60
C GLY H 342 52.69 33.89 -5.49
N GLY H 343 53.30 35.07 -5.53
CA GLY H 343 54.26 35.45 -4.51
C GLY H 343 55.28 36.43 -5.07
N LEU H 344 56.09 36.97 -4.17
CA LEU H 344 57.13 37.92 -4.53
C LEU H 344 58.23 37.17 -5.27
N ALA H 345 58.25 37.30 -6.60
CA ALA H 345 59.13 36.51 -7.45
C ALA H 345 60.10 37.43 -8.19
N VAL H 346 61.18 36.82 -8.69
CA VAL H 346 62.26 37.60 -9.28
C VAL H 346 61.97 37.86 -10.74
N LYS H 347 61.99 39.13 -11.14
CA LYS H 347 61.75 39.52 -12.52
C LYS H 347 63.07 39.97 -13.14
N VAL H 348 63.60 39.16 -14.04
CA VAL H 348 64.81 39.50 -14.78
C VAL H 348 64.37 39.90 -16.19
N GLY H 349 64.33 41.19 -16.45
CA GLY H 349 63.83 41.67 -17.74
C GLY H 349 62.40 41.21 -17.95
N ASP H 350 62.15 40.62 -19.11
CA ASP H 350 60.83 40.05 -19.39
C ASP H 350 60.65 38.72 -18.66
N ASP H 351 61.73 38.00 -18.41
CA ASP H 351 61.64 36.71 -17.74
C ASP H 351 61.21 36.89 -16.29
N TYR H 352 60.42 35.93 -15.79
CA TYR H 352 59.88 35.98 -14.45
C TYR H 352 60.00 34.59 -13.82
N TYR H 353 60.75 34.51 -12.72
CA TYR H 353 61.00 33.26 -12.03
C TYR H 353 60.35 33.28 -10.66
N SER H 354 59.51 32.29 -10.38
CA SER H 354 58.72 32.26 -9.16
C SER H 354 59.61 32.12 -7.93
N ALA H 355 59.24 32.84 -6.87
CA ALA H 355 59.94 32.78 -5.59
C ALA H 355 58.92 32.81 -4.46
N THR H 356 59.15 32.00 -3.44
CA THR H 356 58.22 31.88 -2.33
C THR H 356 58.91 32.10 -1.00
N GLN H 357 58.13 32.58 -0.02
CA GLN H 357 58.60 32.75 1.34
C GLN H 357 58.29 31.51 2.17
N ASN H 358 59.28 31.01 2.88
CA ASN H 358 59.12 29.81 3.68
C ASN H 358 58.49 30.13 5.04
N LYS H 359 58.33 29.09 5.85
CA LYS H 359 57.73 29.25 7.18
C LYS H 359 58.58 30.15 8.08
N ASP H 360 59.89 29.97 8.05
CA ASP H 360 60.81 30.74 8.88
C ASP H 360 61.08 32.13 8.33
N GLY H 361 60.27 32.61 7.38
CA GLY H 361 60.51 33.87 6.73
C GLY H 361 61.50 33.81 5.58
N SER H 362 62.05 32.64 5.30
CA SER H 362 63.02 32.50 4.23
C SER H 362 62.37 32.64 2.87
N ILE H 363 62.91 33.53 2.05
CA ILE H 363 62.41 33.80 0.71
C ILE H 363 63.42 33.22 -0.28
N SER H 364 62.99 32.21 -1.04
CA SER H 364 63.87 31.53 -1.98
C SER H 364 63.16 31.38 -3.32
N ILE H 365 63.95 31.46 -4.39
CA ILE H 365 63.41 31.27 -5.74
C ILE H 365 62.94 29.84 -5.90
N ASN H 366 61.77 29.67 -6.50
CA ASN H 366 61.22 28.33 -6.73
C ASN H 366 62.03 27.65 -7.83
N THR H 367 63.17 27.08 -7.44
CA THR H 367 64.07 26.41 -8.37
C THR H 367 63.82 24.92 -8.27
N THR H 368 63.40 24.32 -9.38
CA THR H 368 63.09 22.89 -9.39
C THR H 368 64.39 22.09 -9.44
N LYS H 369 64.56 21.20 -8.47
CA LYS H 369 65.71 20.29 -8.42
C LYS H 369 65.33 19.02 -9.17
N TYR H 370 65.38 19.07 -10.49
CA TYR H 370 64.93 17.97 -11.32
C TYR H 370 66.12 17.10 -11.69
N THR H 371 65.92 15.79 -11.69
CA THR H 371 67.03 14.88 -11.96
C THR H 371 67.33 14.88 -13.45
N ALA H 372 68.60 15.10 -13.79
CA ALA H 372 69.05 15.17 -15.17
C ALA H 372 69.76 13.88 -15.54
N ASP H 373 70.15 13.78 -16.82
CA ASP H 373 70.76 12.55 -17.33
C ASP H 373 72.19 12.36 -16.85
N ASP H 374 72.80 13.38 -16.25
CA ASP H 374 74.17 13.28 -15.74
C ASP H 374 74.28 12.46 -14.46
N GLY H 375 73.16 12.06 -13.86
CA GLY H 375 73.19 11.34 -12.60
C GLY H 375 73.00 12.19 -11.37
N THR H 376 73.02 13.51 -11.50
CA THR H 376 72.82 14.42 -10.38
C THR H 376 71.56 15.25 -10.64
N SER H 377 70.76 15.44 -9.60
CA SER H 377 69.55 16.25 -9.71
C SER H 377 69.94 17.72 -9.83
N LYS H 378 69.85 18.26 -11.04
CA LYS H 378 70.24 19.64 -11.26
C LYS H 378 69.12 20.58 -10.84
N THR H 379 69.47 21.65 -10.14
CA THR H 379 68.51 22.63 -9.65
C THR H 379 68.45 23.78 -10.64
N ALA H 380 67.39 23.81 -11.44
CA ALA H 380 67.19 24.83 -12.45
C ALA H 380 66.05 25.77 -12.04
N LEU H 381 66.28 27.06 -12.23
CA LEU H 381 65.25 28.05 -11.91
C LEU H 381 64.07 27.91 -12.86
N ASN H 382 62.88 28.13 -12.32
CA ASN H 382 61.64 27.91 -13.06
C ASN H 382 61.12 29.22 -13.65
N LYS H 383 60.16 29.09 -14.57
CA LYS H 383 59.59 30.24 -15.25
C LYS H 383 58.07 30.08 -15.32
N LEU H 384 57.43 31.07 -15.92
CA LEU H 384 56.00 30.99 -16.20
C LEU H 384 55.77 30.34 -17.55
N GLY H 385 54.65 29.65 -17.66
CA GLY H 385 54.29 28.98 -18.91
C GLY H 385 52.87 29.28 -19.30
N GLY H 386 52.61 29.20 -20.59
CA GLY H 386 51.30 29.47 -21.13
C GLY H 386 51.02 30.96 -21.27
N ALA H 387 49.99 31.28 -22.05
CA ALA H 387 49.60 32.67 -22.24
C ALA H 387 49.03 33.26 -20.95
N ASP H 388 48.46 32.42 -20.09
CA ASP H 388 47.97 32.91 -18.80
C ASP H 388 49.13 33.40 -17.92
N GLY H 389 50.24 32.68 -17.92
CA GLY H 389 51.36 33.00 -17.06
C GLY H 389 51.22 32.49 -15.64
N LYS H 390 50.09 31.88 -15.30
CA LYS H 390 49.87 31.40 -13.94
C LYS H 390 50.63 30.10 -13.69
N THR H 391 50.72 29.25 -14.72
CA THR H 391 51.33 27.94 -14.56
C THR H 391 52.86 28.05 -14.48
N GLU H 392 53.44 27.16 -13.69
CA GLU H 392 54.89 27.11 -13.48
C GLU H 392 55.49 26.03 -14.36
N VAL H 393 56.57 26.37 -15.06
CA VAL H 393 57.23 25.48 -16.01
C VAL H 393 58.72 25.49 -15.71
N VAL H 394 59.41 24.51 -16.28
CA VAL H 394 60.84 24.31 -16.06
C VAL H 394 61.57 24.43 -17.39
N SER H 395 62.72 25.10 -17.36
CA SER H 395 63.58 25.23 -18.53
C SER H 395 64.48 24.00 -18.62
N ILE H 396 64.13 23.08 -19.50
CA ILE H 396 64.86 21.83 -19.67
C ILE H 396 65.31 21.74 -21.13
N GLY H 397 66.56 21.32 -21.34
CA GLY H 397 67.09 21.23 -22.68
C GLY H 397 67.09 22.54 -23.43
N GLY H 398 67.10 23.66 -22.72
CA GLY H 398 67.04 24.97 -23.34
C GLY H 398 65.65 25.41 -23.75
N LYS H 399 64.60 24.68 -23.39
CA LYS H 399 63.25 25.04 -23.79
C LYS H 399 62.27 24.82 -22.66
N THR H 400 61.14 25.50 -22.76
CA THR H 400 60.10 25.42 -21.73
C THR H 400 59.38 24.07 -21.78
N TYR H 401 59.30 23.43 -20.63
CA TYR H 401 58.59 22.16 -20.47
C TYR H 401 57.68 22.24 -19.26
N ALA H 402 56.55 21.53 -19.34
CA ALA H 402 55.69 21.37 -18.17
C ALA H 402 56.37 20.45 -17.16
N ALA H 403 56.34 20.84 -15.90
CA ALA H 403 57.08 20.15 -14.84
C ALA H 403 56.45 18.82 -14.42
N SER H 404 55.49 18.28 -15.16
CA SER H 404 54.77 17.08 -14.73
C SER H 404 55.68 15.85 -14.58
N LYS H 405 56.29 15.40 -15.68
CA LYS H 405 56.91 14.08 -15.68
C LYS H 405 58.38 14.11 -15.28
N ALA H 406 59.22 14.75 -16.10
CA ALA H 406 60.65 14.50 -16.06
C ALA H 406 61.32 14.92 -14.77
N GLU H 407 60.69 15.78 -13.97
CA GLU H 407 61.32 16.22 -12.74
C GLU H 407 61.41 15.07 -11.75
N GLY H 408 62.50 15.02 -11.00
CA GLY H 408 62.65 14.03 -9.95
C GLY H 408 63.06 12.66 -10.41
N HIS H 409 63.34 12.48 -11.70
CA HIS H 409 63.82 11.19 -12.18
C HIS H 409 64.63 11.39 -13.46
N ASN H 410 65.50 10.43 -13.72
CA ASN H 410 66.45 10.50 -14.82
C ASN H 410 65.77 10.48 -16.18
N PHE H 411 66.40 11.13 -17.16
CA PHE H 411 65.95 11.03 -18.54
C PHE H 411 66.15 9.64 -19.14
N LYS H 412 66.90 8.78 -18.47
CA LYS H 412 66.99 7.38 -18.91
C LYS H 412 65.62 6.73 -18.91
N ALA H 413 64.79 7.02 -17.91
CA ALA H 413 63.42 6.52 -17.89
C ALA H 413 62.56 7.25 -18.92
N GLN H 414 62.43 8.57 -18.79
CA GLN H 414 61.65 9.38 -19.70
C GLN H 414 62.58 10.30 -20.49
N PRO H 415 62.84 10.04 -21.77
CA PRO H 415 63.82 10.86 -22.51
C PRO H 415 63.35 12.28 -22.77
N ASP H 416 62.09 12.45 -23.15
CA ASP H 416 61.56 13.76 -23.53
C ASP H 416 60.40 14.13 -22.62
N LEU H 417 60.39 15.38 -22.19
CA LEU H 417 59.34 15.92 -21.34
C LEU H 417 58.35 16.73 -22.19
N ALA H 418 57.09 16.67 -21.79
CA ALA H 418 56.03 17.35 -22.52
C ALA H 418 56.24 18.86 -22.51
N GLU H 419 55.85 19.51 -23.60
CA GLU H 419 56.03 20.94 -23.78
C GLU H 419 54.70 21.66 -23.66
N ALA H 420 54.70 22.78 -22.95
CA ALA H 420 53.55 23.67 -22.85
C ALA H 420 53.84 24.94 -23.64
N ALA H 421 52.98 25.25 -24.61
CA ALA H 421 53.21 26.41 -25.46
C ALA H 421 53.15 27.70 -24.64
N ALA H 422 54.01 28.66 -24.99
CA ALA H 422 54.03 29.94 -24.30
C ALA H 422 52.79 30.77 -24.55
N THR H 423 51.98 30.38 -25.55
CA THR H 423 50.74 31.10 -25.85
C THR H 423 49.64 30.10 -26.19
N THR H 424 48.54 30.58 -26.76
CA THR H 424 47.49 29.69 -27.22
C THR H 424 47.99 28.83 -28.36
N THR H 425 47.34 27.68 -28.55
CA THR H 425 47.74 26.75 -29.60
C THR H 425 47.67 27.41 -30.97
N GLU H 426 48.66 27.13 -31.81
CA GLU H 426 48.80 27.80 -33.09
C GLU H 426 47.70 27.39 -34.06
N ASN H 427 47.17 28.39 -34.79
CA ASN H 427 46.22 28.20 -35.88
C ASN H 427 45.03 27.36 -35.41
N PRO H 428 44.08 27.95 -34.68
CA PRO H 428 43.04 27.15 -34.04
C PRO H 428 42.23 26.29 -35.01
N LEU H 429 41.94 26.80 -36.20
CA LEU H 429 41.22 25.98 -37.17
C LEU H 429 42.01 24.73 -37.52
N GLN H 430 43.31 24.89 -37.78
CA GLN H 430 44.12 23.73 -38.09
C GLN H 430 44.42 22.86 -36.87
N LYS H 431 44.31 23.38 -35.64
CA LYS H 431 44.48 22.48 -34.50
C LYS H 431 43.22 21.64 -34.28
N ILE H 432 42.04 22.21 -34.56
CA ILE H 432 40.84 21.38 -34.60
C ILE H 432 40.96 20.35 -35.71
N ASP H 433 41.47 20.76 -36.86
CA ASP H 433 41.70 19.81 -37.95
C ASP H 433 42.72 18.74 -37.56
N ALA H 434 43.68 19.09 -36.71
CA ALA H 434 44.66 18.11 -36.23
C ALA H 434 44.06 17.14 -35.22
N ALA H 435 43.13 17.61 -34.38
CA ALA H 435 42.37 16.69 -33.53
C ALA H 435 41.55 15.72 -34.38
N LEU H 436 40.91 16.26 -35.42
CA LEU H 436 40.23 15.40 -36.38
C LEU H 436 41.20 14.45 -37.08
N ALA H 437 42.45 14.89 -37.30
CA ALA H 437 43.44 14.03 -37.94
C ALA H 437 43.92 12.93 -37.00
N GLN H 438 43.96 13.22 -35.70
CA GLN H 438 44.23 12.16 -34.72
C GLN H 438 43.11 11.14 -34.72
N VAL H 439 41.86 11.60 -34.78
CA VAL H 439 40.73 10.69 -34.92
C VAL H 439 40.87 9.91 -36.22
N ASP H 440 41.36 10.55 -37.28
CA ASP H 440 41.56 9.90 -38.56
C ASP H 440 42.66 8.84 -38.51
N THR H 441 43.72 9.08 -37.76
CA THR H 441 44.77 8.08 -37.60
C THR H 441 44.25 6.89 -36.79
N LEU H 442 43.49 7.15 -35.74
CA LEU H 442 42.83 6.06 -35.02
C LEU H 442 41.86 5.31 -35.94
N ARG H 443 41.19 6.03 -36.84
CA ARG H 443 40.31 5.40 -37.82
C ARG H 443 41.10 4.51 -38.77
N SER H 444 42.27 4.97 -39.23
CA SER H 444 43.08 4.16 -40.12
C SER H 444 43.57 2.90 -39.42
N ASP H 445 44.02 3.03 -38.16
CA ASP H 445 44.44 1.87 -37.40
C ASP H 445 43.28 0.91 -37.18
N LEU H 446 42.11 1.43 -36.82
CA LEU H 446 40.93 0.59 -36.65
C LEU H 446 40.57 -0.13 -37.93
N GLY H 447 40.53 0.59 -39.04
CA GLY H 447 40.19 -0.04 -40.31
C GLY H 447 41.16 -1.13 -40.68
N ALA H 448 42.46 -0.84 -40.60
CA ALA H 448 43.47 -1.83 -40.97
C ALA H 448 43.36 -3.07 -40.09
N VAL H 449 43.40 -2.88 -38.76
CA VAL H 449 43.40 -4.02 -37.85
C VAL H 449 42.10 -4.81 -38.01
N GLN H 450 40.96 -4.11 -38.03
CA GLN H 450 39.67 -4.78 -38.01
C GLN H 450 39.38 -5.50 -39.31
N ASN H 451 39.62 -4.87 -40.47
CA ASN H 451 39.35 -5.57 -41.71
C ASN H 451 40.36 -6.69 -41.96
N ARG H 452 41.63 -6.46 -41.61
CA ARG H 452 42.62 -7.51 -41.75
C ARG H 452 42.28 -8.70 -40.87
N PHE H 453 41.81 -8.45 -39.65
CA PHE H 453 41.50 -9.57 -38.77
C PHE H 453 40.12 -10.17 -39.01
N ASN H 454 39.21 -9.47 -39.68
CA ASN H 454 38.02 -10.14 -40.18
C ASN H 454 38.38 -11.08 -41.33
N SER H 455 39.18 -10.59 -42.28
CA SER H 455 39.72 -11.48 -43.29
C SER H 455 40.58 -12.57 -42.67
N ALA H 456 41.12 -12.33 -41.48
CA ALA H 456 41.94 -13.32 -40.81
C ALA H 456 41.10 -14.36 -40.06
N ILE H 457 39.92 -13.99 -39.58
CA ILE H 457 38.98 -15.01 -39.10
C ILE H 457 38.52 -15.87 -40.28
N THR H 458 38.28 -15.23 -41.43
CA THR H 458 37.99 -16.00 -42.64
C THR H 458 39.16 -16.90 -43.01
N ASN H 459 40.39 -16.40 -42.87
CA ASN H 459 41.57 -17.21 -43.17
C ASN H 459 41.80 -18.30 -42.14
N LEU H 460 41.37 -18.08 -40.89
CA LEU H 460 41.42 -19.13 -39.89
C LEU H 460 40.41 -20.22 -40.21
N GLY H 461 39.23 -19.83 -40.70
CA GLY H 461 38.30 -20.82 -41.22
C GLY H 461 38.88 -21.60 -42.39
N ASN H 462 39.57 -20.89 -43.28
CA ASN H 462 40.25 -21.55 -44.40
C ASN H 462 41.33 -22.50 -43.91
N THR H 463 42.09 -22.10 -42.89
CA THR H 463 43.15 -22.95 -42.35
C THR H 463 42.57 -24.19 -41.67
N VAL H 464 41.46 -24.03 -40.95
CA VAL H 464 40.82 -25.19 -40.34
C VAL H 464 40.21 -26.09 -41.42
N ASN H 465 39.77 -25.49 -42.54
CA ASN H 465 39.33 -26.30 -43.67
C ASN H 465 40.49 -27.10 -44.26
N ASN H 466 41.67 -26.47 -44.34
CA ASN H 466 42.86 -27.20 -44.79
C ASN H 466 43.22 -28.32 -43.82
N LEU H 467 43.09 -28.06 -42.53
CA LEU H 467 43.34 -29.09 -41.52
C LEU H 467 42.33 -30.22 -41.63
N THR H 468 41.07 -29.90 -41.95
CA THR H 468 40.07 -30.93 -42.18
C THR H 468 40.40 -31.74 -43.43
N SER H 469 40.91 -31.08 -44.47
CA SER H 469 41.35 -31.82 -45.66
C SER H 469 42.51 -32.75 -45.31
N ALA H 470 43.42 -32.29 -44.44
CA ALA H 470 44.49 -33.16 -43.97
C ALA H 470 43.96 -34.34 -43.17
N ARG H 471 42.94 -34.10 -42.35
CA ARG H 471 42.30 -35.19 -41.61
C ARG H 471 41.66 -36.19 -42.56
N SER H 472 41.08 -35.70 -43.66
CA SER H 472 40.61 -36.60 -44.70
C SER H 472 41.77 -37.35 -45.33
N ARG H 473 42.92 -36.69 -45.46
CA ARG H 473 44.10 -37.35 -46.00
C ARG H 473 44.67 -38.37 -45.02
N ILE H 474 44.66 -38.06 -43.73
CA ILE H 474 45.22 -38.95 -42.71
C ILE H 474 44.32 -40.18 -42.55
N THR I 545 55.00 -34.09 -6.47
CA THR I 545 54.22 -33.89 -5.26
C THR I 545 55.10 -33.42 -4.11
N ASP I 546 56.27 -34.05 -3.96
CA ASP I 546 57.21 -33.64 -2.93
C ASP I 546 57.68 -32.21 -3.16
N LEU I 547 58.02 -31.86 -4.39
CA LEU I 547 58.29 -30.47 -4.72
C LEU I 547 57.04 -29.61 -4.51
N THR I 548 55.88 -30.13 -4.91
CA THR I 548 54.64 -29.39 -4.72
C THR I 548 54.37 -29.15 -3.24
N LYS I 549 54.55 -30.18 -2.41
CA LYS I 549 54.31 -30.01 -0.98
C LYS I 549 55.32 -29.06 -0.35
N ASN I 550 56.60 -29.17 -0.73
CA ASN I 550 57.61 -28.27 -0.17
C ASN I 550 57.36 -26.83 -0.58
N GLU I 551 57.00 -26.59 -1.85
CA GLU I 551 56.70 -25.25 -2.28
C GLU I 551 55.40 -24.73 -1.70
N LYS I 552 54.43 -25.60 -1.40
CA LYS I 552 53.23 -25.15 -0.71
C LYS I 552 53.53 -24.80 0.74
N GLY I 553 54.44 -25.53 1.38
CA GLY I 553 54.89 -25.14 2.71
C GLY I 553 55.61 -23.80 2.70
N ARG I 554 56.44 -23.56 1.67
CA ARG I 554 57.06 -22.26 1.49
C ARG I 554 56.00 -21.18 1.22
N LEU I 555 54.98 -21.52 0.44
CA LEU I 555 53.92 -20.58 0.12
C LEU I 555 53.04 -20.26 1.31
N THR I 556 52.97 -21.16 2.30
CA THR I 556 52.06 -20.95 3.43
C THR I 556 52.25 -19.59 4.08
N PRO I 557 53.45 -19.15 4.45
CA PRO I 557 53.60 -17.73 4.82
C PRO I 557 53.33 -16.81 3.64
N ILE I 558 53.78 -17.20 2.44
CA ILE I 558 53.63 -16.34 1.26
C ILE I 558 52.17 -16.24 0.85
N THR I 559 51.46 -17.36 0.79
CA THR I 559 50.03 -17.30 0.43
C THR I 559 49.20 -16.69 1.56
N LYS I 560 49.59 -16.93 2.81
CA LYS I 560 48.91 -16.24 3.90
C LYS I 560 49.07 -14.73 3.77
N GLN I 561 50.28 -14.27 3.46
CA GLN I 561 50.51 -12.84 3.27
C GLN I 561 49.83 -12.32 2.01
N GLN I 562 49.68 -13.17 0.98
CA GLN I 562 49.02 -12.73 -0.24
C GLN I 562 47.51 -12.57 -0.03
N SER I 563 46.88 -13.53 0.66
CA SER I 563 45.49 -13.37 1.03
C SER I 563 45.31 -12.20 1.99
N ALA I 564 46.27 -12.01 2.90
CA ALA I 564 46.24 -10.85 3.78
C ALA I 564 46.34 -9.55 2.98
N ASN I 565 47.15 -9.54 1.93
CA ASN I 565 47.30 -8.34 1.12
C ASN I 565 46.06 -8.09 0.27
N SER I 566 45.40 -9.14 -0.21
CA SER I 566 44.13 -8.97 -0.91
C SER I 566 43.07 -8.40 0.03
N ALA I 567 42.95 -8.98 1.22
CA ALA I 567 42.03 -8.43 2.21
C ALA I 567 42.44 -7.03 2.65
N LYS I 568 43.74 -6.72 2.58
CA LYS I 568 44.21 -5.39 2.95
C LYS I 568 43.85 -4.36 1.88
N LEU I 569 43.92 -4.74 0.61
CA LEU I 569 43.43 -3.87 -0.46
C LEU I 569 41.94 -3.66 -0.34
N THR I 570 41.20 -4.73 -0.03
CA THR I 570 39.76 -4.59 0.20
C THR I 570 39.48 -3.67 1.40
N ALA I 571 40.24 -3.84 2.47
CA ALA I 571 40.08 -3.00 3.65
C ALA I 571 40.42 -1.55 3.34
N TYR I 572 41.46 -1.32 2.55
CA TYR I 572 41.80 0.04 2.16
C TYR I 572 40.68 0.67 1.33
N GLY I 573 40.10 -0.10 0.41
CA GLY I 573 38.98 0.42 -0.35
C GLY I 573 37.78 0.76 0.51
N THR I 574 37.44 -0.13 1.44
CA THR I 574 36.32 0.13 2.35
C THR I 574 36.60 1.32 3.25
N LEU I 575 37.84 1.44 3.74
CA LEU I 575 38.24 2.56 4.57
C LEU I 575 38.14 3.88 3.80
N LYS I 576 38.60 3.88 2.55
CA LYS I 576 38.50 5.09 1.74
C LYS I 576 37.05 5.45 1.47
N SER I 577 36.20 4.45 1.21
CA SER I 577 34.78 4.73 1.00
C SER I 577 34.13 5.30 2.26
N ALA I 578 34.43 4.72 3.42
CA ALA I 578 33.85 5.21 4.67
C ALA I 578 34.33 6.63 4.98
N LEU I 579 35.62 6.91 4.78
CA LEU I 579 36.11 8.26 4.99
C LEU I 579 35.51 9.22 3.97
N GLU I 580 35.25 8.76 2.74
CA GLU I 580 34.62 9.64 1.76
C GLU I 580 33.20 10.01 2.18
N LYS I 581 32.42 9.03 2.64
CA LYS I 581 31.07 9.33 3.12
C LYS I 581 31.11 10.23 4.34
N PHE I 582 32.03 9.97 5.27
CA PHE I 582 32.15 10.82 6.46
C PHE I 582 32.56 12.24 6.08
N GLN I 583 33.47 12.39 5.11
CA GLN I 583 33.88 13.71 4.67
C GLN I 583 32.72 14.44 4.01
N THR I 584 31.91 13.72 3.23
CA THR I 584 30.73 14.34 2.62
C THR I 584 29.77 14.86 3.68
N ALA I 585 29.45 14.02 4.67
CA ALA I 585 28.51 14.45 5.71
C ALA I 585 29.09 15.59 6.55
N ASN I 586 30.38 15.51 6.87
CA ASN I 586 31.03 16.54 7.67
C ASN I 586 31.07 17.87 6.94
N THR I 587 31.35 17.86 5.63
CA THR I 587 31.32 19.08 4.86
C THR I 587 29.89 19.61 4.72
N ALA I 588 28.91 18.71 4.64
CA ALA I 588 27.51 19.16 4.65
C ALA I 588 27.18 19.89 5.94
N LEU I 589 27.73 19.42 7.07
CA LEU I 589 27.52 20.11 8.34
C LEU I 589 28.28 21.43 8.42
N ASN I 590 29.35 21.60 7.64
CA ASN I 590 30.22 22.75 7.79
C ASN I 590 29.60 24.07 7.34
N LYS I 591 28.32 24.09 6.96
CA LYS I 591 27.67 25.32 6.54
C LYS I 591 27.03 26.01 7.74
N ALA I 592 27.40 27.26 7.98
CA ALA I 592 26.88 28.01 9.11
C ALA I 592 25.44 28.48 8.91
N ASP I 593 24.97 28.52 7.67
CA ASP I 593 23.65 29.04 7.37
C ASP I 593 22.51 28.18 7.92
N LEU I 594 22.81 26.96 8.38
CA LEU I 594 21.76 26.11 8.93
C LEU I 594 21.28 26.63 10.27
N PHE I 595 22.18 27.20 11.07
CA PHE I 595 21.81 27.70 12.38
C PHE I 595 21.05 29.00 12.31
N LYS I 596 21.28 29.80 11.26
CA LYS I 596 20.49 31.01 11.03
C LYS I 596 19.39 30.70 10.02
N SER I 597 18.35 30.03 10.52
CA SER I 597 17.22 29.67 9.69
C SER I 597 15.93 29.99 10.41
N THR I 598 14.94 30.48 9.68
CA THR I 598 13.64 30.84 10.23
C THR I 598 12.55 30.37 9.28
N VAL I 599 11.31 30.51 9.72
CA VAL I 599 10.13 30.17 8.92
C VAL I 599 9.10 31.26 9.11
N ALA I 600 8.43 31.65 8.03
CA ALA I 600 7.52 32.78 8.03
C ALA I 600 6.12 32.34 7.64
N SER I 601 5.13 33.01 8.21
CA SER I 601 3.73 32.75 7.91
C SER I 601 2.99 34.08 7.75
N SER I 602 1.94 34.06 6.95
CA SER I 602 1.15 35.26 6.67
C SER I 602 -0.32 35.00 6.95
N THR I 603 -1.01 36.02 7.45
CA THR I 603 -2.43 35.88 7.76
C THR I 603 -3.29 35.92 6.50
N THR I 604 -2.91 36.71 5.51
CA THR I 604 -3.71 36.90 4.32
C THR I 604 -3.26 35.96 3.22
N GLU I 605 -4.23 35.45 2.45
CA GLU I 605 -3.92 34.57 1.33
C GLU I 605 -3.39 35.35 0.13
N ASP I 606 -3.59 36.67 0.10
CA ASP I 606 -3.09 37.48 -1.01
C ASP I 606 -1.58 37.63 -0.93
N LEU I 607 -1.07 38.17 0.17
CA LEU I 607 0.36 38.34 0.35
C LEU I 607 1.02 36.98 0.55
N LYS I 608 2.08 36.72 -0.22
CA LYS I 608 2.83 35.48 -0.09
C LYS I 608 4.20 35.79 0.48
N VAL I 609 4.65 34.94 1.41
CA VAL I 609 5.87 35.21 2.15
C VAL I 609 6.79 34.00 2.08
N SER I 610 8.09 34.25 1.91
CA SER I 610 9.11 33.22 1.97
C SER I 610 10.31 33.79 2.71
N THR I 611 11.16 32.90 3.22
CA THR I 611 12.28 33.31 4.05
C THR I 611 13.57 32.65 3.57
N THR I 612 14.60 33.45 3.36
CA THR I 612 15.92 32.97 3.01
C THR I 612 16.75 32.82 4.28
N ALA I 613 18.07 32.66 4.12
CA ALA I 613 18.95 32.51 5.28
C ALA I 613 19.39 33.87 5.79
N GLY I 614 19.42 34.02 7.11
CA GLY I 614 19.83 35.25 7.74
C GLY I 614 18.73 36.14 8.23
N ALA I 615 17.48 35.70 8.16
CA ALA I 615 16.36 36.53 8.59
C ALA I 615 16.36 36.69 10.12
N CYS I 616 15.50 37.59 10.59
CA CYS I 616 15.34 37.85 12.01
C CYS I 616 13.89 37.63 12.42
N ALA I 617 13.70 37.02 13.58
CA ALA I 617 12.36 36.72 14.06
C ALA I 617 11.63 38.00 14.48
N GLY I 618 10.32 37.99 14.31
CA GLY I 618 9.51 39.13 14.70
C GLY I 618 8.16 39.10 14.02
N THR I 619 7.47 40.24 14.10
CA THR I 619 6.17 40.42 13.47
C THR I 619 6.19 41.72 12.69
N TYR I 620 5.74 41.67 11.43
CA TYR I 620 5.75 42.80 10.53
C TYR I 620 4.35 43.10 10.05
N LYS I 621 4.02 44.39 9.98
CA LYS I 621 2.72 44.85 9.51
C LYS I 621 2.91 45.45 8.11
N ILE I 622 2.39 44.77 7.11
CA ILE I 622 2.56 45.16 5.71
C ILE I 622 1.27 45.79 5.21
N ASN I 623 1.37 46.98 4.64
CA ASN I 623 0.26 47.64 3.98
C ASN I 623 0.67 47.94 2.54
N VAL I 624 0.00 47.32 1.57
CA VAL I 624 0.33 47.49 0.17
C VAL I 624 -0.57 48.56 -0.41
N THR I 625 0.04 49.59 -0.99
CA THR I 625 -0.69 50.72 -1.54
C THR I 625 -0.84 50.65 -3.06
N GLN I 626 0.16 50.14 -3.77
CA GLN I 626 0.14 50.10 -5.23
C GLN I 626 0.71 48.77 -5.69
N LEU I 627 0.40 48.43 -6.94
CA LEU I 627 0.91 47.22 -7.57
C LEU I 627 1.60 47.59 -8.87
N ALA I 628 2.73 46.94 -9.15
CA ALA I 628 3.50 47.24 -10.34
C ALA I 628 2.75 46.81 -11.60
N ALA I 629 2.94 47.58 -12.67
CA ALA I 629 2.31 47.29 -13.94
C ALA I 629 3.34 47.45 -15.05
N ALA I 630 3.07 46.79 -16.18
CA ALA I 630 3.99 46.77 -17.30
C ALA I 630 3.36 47.47 -18.49
N GLN I 631 4.12 48.37 -19.12
CA GLN I 631 3.60 49.13 -20.25
C GLN I 631 3.29 48.23 -21.42
N SER I 632 2.15 48.47 -22.06
CA SER I 632 1.75 47.75 -23.26
C SER I 632 1.41 48.74 -24.35
N LEU I 633 1.95 48.52 -25.53
CA LEU I 633 1.68 49.37 -26.68
C LEU I 633 0.99 48.55 -27.75
N ALA I 634 -0.10 49.08 -28.30
CA ALA I 634 -0.85 48.40 -29.34
C ALA I 634 -0.88 49.25 -30.59
N THR I 635 -0.73 48.61 -31.74
CA THR I 635 -0.81 49.36 -33.00
C THR I 635 -2.20 49.94 -33.18
N LYS I 636 -2.27 51.01 -33.97
CA LYS I 636 -3.55 51.68 -34.19
C LYS I 636 -4.33 51.05 -35.34
N THR I 637 -3.65 50.73 -36.45
CA THR I 637 -4.31 50.23 -37.64
C THR I 637 -4.42 48.71 -37.56
N THR I 638 -5.64 48.21 -37.46
CA THR I 638 -5.87 46.77 -37.49
C THR I 638 -5.61 46.22 -38.89
N PHE I 639 -5.11 44.98 -38.95
CA PHE I 639 -4.70 44.36 -40.19
C PHE I 639 -5.60 43.18 -40.53
N ALA I 640 -5.69 42.87 -41.82
CA ALA I 640 -6.61 41.84 -42.28
C ALA I 640 -6.15 40.44 -41.86
N THR I 641 -4.87 40.13 -42.06
CA THR I 641 -4.36 38.81 -41.75
C THR I 641 -3.00 38.91 -41.10
N THR I 642 -2.60 37.84 -40.41
CA THR I 642 -1.30 37.82 -39.74
C THR I 642 -0.18 37.47 -40.71
N LYS I 643 -0.52 37.14 -41.96
CA LYS I 643 0.49 36.88 -42.97
C LYS I 643 0.62 38.01 -44.00
N GLU I 644 -0.26 38.99 -43.95
CA GLU I 644 -0.17 40.14 -44.84
C GLU I 644 1.07 40.95 -44.51
N GLN I 645 1.74 41.46 -45.55
CA GLN I 645 2.95 42.25 -45.36
C GLN I 645 2.62 43.57 -44.66
N LEU I 646 3.46 43.94 -43.70
CA LEU I 646 3.29 45.18 -42.94
C LEU I 646 4.21 46.29 -43.40
N GLY I 647 5.47 45.97 -43.72
CA GLY I 647 6.43 46.96 -44.13
C GLY I 647 6.68 46.92 -45.64
N ASP I 648 7.51 47.85 -46.10
CA ASP I 648 7.84 47.92 -47.51
C ASP I 648 8.79 46.79 -47.90
N THR I 649 8.54 46.22 -49.07
CA THR I 649 9.34 45.10 -49.57
C THR I 649 10.54 45.55 -50.39
N SER I 650 10.74 46.85 -50.57
CA SER I 650 11.88 47.33 -51.34
C SER I 650 13.19 47.18 -50.57
N VAL I 651 13.14 47.40 -49.26
CA VAL I 651 14.34 47.34 -48.43
C VAL I 651 14.49 45.94 -47.86
N THR I 652 15.62 45.30 -48.15
CA THR I 652 15.80 43.91 -47.75
C THR I 652 16.27 43.75 -46.30
N SER I 653 16.72 44.84 -45.67
CA SER I 653 17.23 44.78 -44.31
C SER I 653 16.72 45.96 -43.51
N ARG I 654 16.11 45.68 -42.35
CA ARG I 654 15.60 46.72 -41.47
C ARG I 654 15.91 46.33 -40.04
N THR I 655 15.84 47.32 -39.14
CA THR I 655 16.16 47.07 -37.74
C THR I 655 15.14 47.75 -36.85
N ILE I 656 14.73 47.05 -35.79
CA ILE I 656 13.86 47.60 -34.75
C ILE I 656 14.74 47.90 -33.56
N LYS I 657 14.72 49.15 -33.11
CA LYS I 657 15.59 49.63 -32.04
C LYS I 657 14.73 50.03 -30.85
N ILE I 658 14.89 49.31 -29.74
CA ILE I 658 14.12 49.54 -28.53
C ILE I 658 15.06 50.02 -27.44
N GLU I 659 14.73 51.15 -26.84
CA GLU I 659 15.57 51.78 -25.82
C GLU I 659 14.76 51.98 -24.56
N GLN I 660 15.35 51.61 -23.42
CA GLN I 660 14.70 51.76 -22.13
C GLN I 660 15.65 52.43 -21.15
N PRO I 661 15.12 53.09 -20.12
CA PRO I 661 16.00 53.59 -19.05
C PRO I 661 16.76 52.47 -18.35
N GLY I 662 16.17 51.28 -18.28
CA GLY I 662 16.84 50.19 -17.58
C GLY I 662 18.09 49.71 -18.31
N ARG I 663 17.92 49.18 -19.51
CA ARG I 663 19.05 48.64 -20.24
C ARG I 663 19.95 49.78 -20.71
N LYS I 664 21.25 49.50 -20.76
CA LYS I 664 22.24 50.51 -21.14
C LYS I 664 22.53 50.49 -22.64
N GLU I 665 22.59 49.30 -23.24
CA GLU I 665 22.79 49.17 -24.68
C GLU I 665 21.45 48.94 -25.34
N PRO I 666 21.01 49.83 -26.24
CA PRO I 666 19.70 49.65 -26.86
C PRO I 666 19.61 48.34 -27.61
N LEU I 667 18.42 47.72 -27.57
CA LEU I 667 18.22 46.42 -28.19
C LEU I 667 17.89 46.58 -29.66
N GLU I 668 18.66 45.93 -30.52
CA GLU I 668 18.42 45.93 -31.96
C GLU I 668 17.99 44.55 -32.41
N ILE I 669 16.86 44.48 -33.10
CA ILE I 669 16.32 43.24 -33.64
C ILE I 669 16.25 43.40 -35.15
N LYS I 670 16.94 42.53 -35.88
CA LYS I 670 17.13 42.70 -37.32
C LYS I 670 16.15 41.84 -38.09
N LEU I 671 15.43 42.47 -39.02
CA LEU I 671 14.52 41.78 -39.92
C LEU I 671 15.07 41.84 -41.33
N ASP I 672 15.34 40.67 -41.91
CA ASP I 672 15.79 40.59 -43.28
C ASP I 672 14.57 40.52 -44.21
N LYS I 673 14.80 40.21 -45.48
CA LYS I 673 13.71 40.18 -46.45
C LYS I 673 12.72 39.08 -46.11
N GLY I 674 11.43 39.39 -46.24
CA GLY I 674 10.37 38.46 -45.94
C GLY I 674 9.96 38.41 -44.49
N ASP I 675 10.63 39.14 -43.61
CA ASP I 675 10.29 39.17 -42.20
C ASP I 675 9.44 40.37 -41.82
N THR I 676 8.72 40.96 -42.77
CA THR I 676 7.86 42.10 -42.49
C THR I 676 6.43 41.70 -42.15
N SER I 677 6.13 40.42 -42.10
CA SER I 677 4.80 39.98 -41.69
C SER I 677 4.64 40.13 -40.18
N MET I 678 3.38 40.17 -39.74
CA MET I 678 3.09 40.30 -38.31
C MET I 678 3.64 39.11 -37.54
N GLU I 679 3.48 37.90 -38.08
CA GLU I 679 4.02 36.72 -37.44
C GLU I 679 5.55 36.77 -37.38
N ALA I 680 6.18 37.29 -38.43
CA ALA I 680 7.64 37.38 -38.44
C ALA I 680 8.14 38.37 -37.39
N ILE I 681 7.47 39.51 -37.25
CA ILE I 681 7.86 40.48 -36.22
C ILE I 681 7.66 39.89 -34.84
N ARG I 682 6.54 39.21 -34.62
CA ARG I 682 6.31 38.57 -33.33
C ARG I 682 7.41 37.57 -33.02
N ASP I 683 7.78 36.75 -34.00
CA ASP I 683 8.78 35.72 -33.77
C ASP I 683 10.16 36.32 -33.53
N ALA I 684 10.52 37.39 -34.25
CA ALA I 684 11.80 38.03 -34.02
C ALA I 684 11.88 38.61 -32.62
N ILE I 685 10.86 39.37 -32.22
CA ILE I 685 10.90 40.00 -30.90
C ILE I 685 10.86 38.96 -29.79
N ASN I 686 10.15 37.85 -29.99
CA ASN I 686 10.15 36.79 -28.98
C ASN I 686 11.44 35.98 -28.95
N ASP I 687 12.12 35.85 -30.10
CA ASP I 687 13.39 35.12 -30.12
C ASP I 687 14.53 35.94 -29.56
N ALA I 688 14.46 37.26 -29.63
CA ALA I 688 15.50 38.07 -29.00
C ALA I 688 15.59 37.79 -27.50
N ASP I 689 14.45 37.57 -26.84
CA ASP I 689 14.41 37.19 -25.43
C ASP I 689 15.09 38.23 -24.54
N SER I 690 14.75 39.51 -24.73
CA SER I 690 15.35 40.59 -23.99
C SER I 690 14.36 41.33 -23.10
N GLY I 691 13.17 40.78 -22.88
CA GLY I 691 12.20 41.42 -22.01
C GLY I 691 10.90 41.80 -22.71
N ILE I 692 11.00 42.34 -23.91
CA ILE I 692 9.82 42.73 -24.67
C ILE I 692 9.14 41.47 -25.20
N CYS I 693 7.81 41.41 -25.10
CA CYS I 693 7.04 40.24 -25.48
C CYS I 693 5.91 40.64 -26.40
N ALA I 694 6.05 40.31 -27.69
CA ALA I 694 5.06 40.66 -28.69
C ALA I 694 3.94 39.62 -28.72
N SER I 695 2.71 40.10 -28.85
CA SER I 695 1.52 39.26 -28.93
C SER I 695 0.71 39.66 -30.15
N ILE I 696 -0.37 38.93 -30.40
CA ILE I 696 -1.34 39.28 -31.43
C ILE I 696 -2.73 39.10 -30.84
N VAL I 697 -3.63 40.03 -31.17
CA VAL I 697 -4.99 40.03 -30.65
C VAL I 697 -5.94 40.04 -31.84
N LYS I 698 -6.91 39.12 -31.83
CA LYS I 698 -7.97 39.11 -32.84
C LYS I 698 -9.18 39.81 -32.26
N VAL I 699 -9.33 41.11 -32.56
CA VAL I 699 -10.46 41.86 -32.04
C VAL I 699 -11.77 41.29 -32.60
N LYS I 700 -11.79 41.02 -33.89
CA LYS I 700 -12.90 40.31 -34.51
C LYS I 700 -12.41 39.79 -35.87
N GLU I 701 -13.29 39.04 -36.52
CA GLU I 701 -12.92 38.34 -37.76
C GLU I 701 -12.30 39.30 -38.76
N ASN I 702 -11.12 38.94 -39.24
CA ASN I 702 -10.37 39.68 -40.25
C ASN I 702 -9.82 41.01 -39.76
N GLU I 703 -9.60 41.17 -38.45
CA GLU I 703 -8.83 42.32 -37.98
C GLU I 703 -7.98 41.92 -36.79
N PHE I 704 -6.71 42.32 -36.80
CA PHE I 704 -5.73 41.94 -35.80
C PHE I 704 -4.95 43.16 -35.35
N GLN I 705 -4.32 43.05 -34.17
CA GLN I 705 -3.43 44.08 -33.68
C GLN I 705 -2.14 43.45 -33.17
N LEU I 706 -1.11 44.28 -33.07
CA LEU I 706 0.18 43.89 -32.53
C LEU I 706 0.41 44.62 -31.21
N VAL I 707 0.75 43.86 -30.18
CA VAL I 707 0.89 44.36 -28.82
C VAL I 707 2.28 44.03 -28.30
N LEU I 708 3.02 45.05 -27.89
CA LEU I 708 4.36 44.91 -27.32
C LEU I 708 4.30 45.27 -25.84
N THR I 709 4.68 44.34 -24.99
CA THR I 709 4.59 44.51 -23.54
C THR I 709 5.98 44.42 -22.93
N ALA I 710 6.34 45.40 -22.12
CA ALA I 710 7.62 45.41 -21.43
C ALA I 710 7.48 44.70 -20.09
N ASN I 711 8.47 44.83 -19.23
CA ASN I 711 8.43 44.26 -17.89
C ASN I 711 7.85 45.27 -16.91
N SER I 712 7.70 44.84 -15.65
CA SER I 712 7.13 45.70 -14.62
C SER I 712 8.10 46.82 -14.27
N GLY I 713 7.53 47.98 -13.92
CA GLY I 713 8.32 49.08 -13.43
C GLY I 713 8.30 50.31 -14.31
N THR I 714 8.73 51.45 -13.79
CA THR I 714 8.80 52.68 -14.55
C THR I 714 10.14 52.89 -15.22
N ASP I 715 11.10 52.00 -15.00
CA ASP I 715 12.39 52.05 -15.68
C ASP I 715 12.41 51.24 -16.96
N ASN I 716 11.29 50.61 -17.32
CA ASN I 716 11.20 49.78 -18.51
C ASN I 716 10.26 50.37 -19.55
N THR I 717 10.07 51.68 -19.55
CA THR I 717 9.31 52.32 -20.60
C THR I 717 10.08 52.32 -21.91
N MET I 718 9.39 51.99 -23.00
CA MET I 718 10.03 51.78 -24.29
C MET I 718 10.02 53.05 -25.12
N LYS I 719 11.05 53.19 -25.95
CA LYS I 719 11.15 54.24 -26.96
C LYS I 719 11.52 53.56 -28.28
N ILE I 720 10.51 53.07 -28.98
CA ILE I 720 10.72 52.21 -30.13
C ILE I 720 11.04 53.06 -31.36
N THR I 721 11.84 52.50 -32.26
CA THR I 721 12.20 53.15 -33.51
C THR I 721 12.44 52.06 -34.56
N VAL I 722 12.29 52.42 -35.83
CA VAL I 722 12.56 51.50 -36.93
C VAL I 722 13.47 52.20 -37.92
N GLU I 723 14.64 51.61 -38.17
CA GLU I 723 15.64 52.19 -39.06
C GLU I 723 15.82 51.28 -40.27
N GLY I 724 15.84 51.90 -41.46
CA GLY I 724 15.92 51.19 -42.71
C GLY I 724 14.62 51.08 -43.46
N ASP I 725 13.49 51.36 -42.81
CA ASP I 725 12.18 51.27 -43.44
C ASP I 725 11.39 52.51 -43.09
N THR I 726 10.40 52.85 -43.93
CA THR I 726 9.58 54.02 -43.70
C THR I 726 8.16 53.65 -43.26
N LYS I 727 7.53 52.72 -43.98
CA LYS I 727 6.18 52.31 -43.61
C LYS I 727 6.15 51.65 -42.23
N LEU I 728 7.12 50.77 -41.96
CA LEU I 728 7.19 50.15 -40.65
C LEU I 728 7.44 51.19 -39.58
N ASN I 729 8.33 52.16 -39.85
CA ASN I 729 8.55 53.25 -38.92
C ASN I 729 7.26 54.03 -38.67
N ASP I 730 6.44 54.19 -39.72
CA ASP I 730 5.14 54.81 -39.52
C ASP I 730 4.23 53.93 -38.68
N LEU I 731 4.45 52.62 -38.69
CA LEU I 731 3.58 51.70 -37.96
C LEU I 731 4.05 51.49 -36.52
N LEU I 732 5.36 51.35 -36.31
CA LEU I 732 5.94 51.05 -35.01
C LEU I 732 6.91 52.18 -34.64
N ALA I 733 6.41 53.17 -33.92
CA ALA I 733 7.27 54.26 -33.47
C ALA I 733 6.62 54.93 -32.27
N TYR I 734 7.25 54.79 -31.11
CA TYR I 734 6.76 55.39 -29.89
C TYR I 734 7.87 56.21 -29.26
N ASP I 735 7.51 57.02 -28.27
CA ASP I 735 8.48 57.83 -27.54
C ASP I 735 7.88 58.13 -26.17
N SER I 736 8.32 57.39 -25.17
CA SER I 736 7.74 57.50 -23.84
C SER I 736 8.23 58.72 -23.07
N THR I 737 9.25 59.42 -23.56
CA THR I 737 9.69 60.65 -22.91
C THR I 737 8.67 61.77 -23.08
N THR I 738 8.18 61.95 -24.31
CA THR I 738 7.14 62.92 -24.60
C THR I 738 5.75 62.29 -24.71
N ASN I 739 5.65 60.96 -24.55
CA ASN I 739 4.39 60.24 -24.63
C ASN I 739 3.68 60.46 -25.96
N THR I 740 4.44 60.54 -27.06
CA THR I 740 3.87 60.76 -28.39
C THR I 740 4.43 59.71 -29.34
N GLY I 741 3.54 59.07 -30.09
CA GLY I 741 3.98 58.07 -31.04
C GLY I 741 2.85 57.62 -31.93
N ASN I 742 3.13 56.59 -32.72
CA ASN I 742 2.16 56.00 -33.63
C ASN I 742 1.49 54.76 -33.05
N MET I 743 1.71 54.48 -31.77
CA MET I 743 1.16 53.31 -31.11
C MET I 743 0.45 53.74 -29.84
N GLN I 744 -0.76 53.27 -29.64
CA GLN I 744 -1.46 53.69 -28.43
C GLN I 744 -0.95 52.91 -27.23
N GLU I 745 -1.09 53.51 -26.06
CA GLU I 745 -0.59 52.93 -24.81
C GLU I 745 -1.78 52.38 -24.03
N LEU I 746 -1.90 51.06 -24.00
CA LEU I 746 -3.03 50.43 -23.32
C LEU I 746 -2.89 50.44 -21.81
N VAL I 747 -1.67 50.22 -21.31
CA VAL I 747 -1.40 50.14 -19.88
C VAL I 747 -0.26 51.10 -19.57
N LYS I 748 -0.27 51.62 -18.34
CA LYS I 748 0.72 52.59 -17.89
C LYS I 748 1.63 51.94 -16.86
N ALA I 749 2.93 52.26 -16.95
CA ALA I 749 3.92 51.65 -16.08
C ALA I 749 3.86 52.24 -14.68
N GLU I 750 3.91 51.38 -13.67
CA GLU I 750 3.80 51.80 -12.28
C GLU I 750 4.78 51.01 -11.42
N ASN I 751 5.21 51.63 -10.33
CA ASN I 751 6.09 51.01 -9.34
C ASN I 751 5.24 50.42 -8.21
N ALA I 752 5.83 49.48 -7.48
CA ALA I 752 5.14 48.86 -6.36
C ALA I 752 5.50 49.58 -5.07
N LYS I 753 4.52 50.22 -4.45
CA LYS I 753 4.70 50.93 -3.20
C LYS I 753 4.08 50.12 -2.07
N LEU I 754 4.76 50.07 -0.93
CA LEU I 754 4.21 49.42 0.24
C LEU I 754 4.82 50.03 1.50
N ASN I 755 4.31 49.58 2.64
CA ASN I 755 4.69 50.09 3.94
C ASN I 755 4.95 48.91 4.86
N VAL I 756 6.18 48.81 5.35
CA VAL I 756 6.57 47.73 6.25
C VAL I 756 7.02 48.36 7.56
N ASN I 757 6.23 48.16 8.61
CA ASN I 757 6.53 48.66 9.96
C ASN I 757 6.89 50.14 9.93
N GLY I 758 6.12 50.92 9.18
CA GLY I 758 6.31 52.34 9.13
C GLY I 758 7.39 52.83 8.19
N ILE I 759 8.02 51.96 7.42
CA ILE I 759 9.02 52.35 6.43
C ILE I 759 8.40 52.21 5.04
N ASP I 760 8.56 53.24 4.23
CA ASP I 760 7.97 53.29 2.90
C ASP I 760 8.93 52.69 1.88
N ILE I 761 8.51 51.59 1.26
CA ILE I 761 9.33 50.83 0.32
C ILE I 761 8.74 51.01 -1.07
N GLU I 762 9.60 51.17 -2.07
CA GLU I 762 9.15 51.32 -3.46
C GLU I 762 10.05 50.51 -4.37
N ARG I 763 9.52 49.41 -4.89
CA ARG I 763 10.25 48.51 -5.78
C ARG I 763 9.72 48.63 -7.19
N GLN I 764 10.39 47.93 -8.11
CA GLN I 764 10.01 47.91 -9.51
C GLN I 764 8.99 46.83 -9.81
N SER I 765 9.15 45.65 -9.22
CA SER I 765 8.31 44.49 -9.49
C SER I 765 7.47 44.16 -8.26
N ASN I 766 6.62 43.15 -8.41
CA ASN I 766 5.76 42.69 -7.33
C ASN I 766 6.42 41.63 -6.45
N THR I 767 7.72 41.47 -6.54
CA THR I 767 8.47 40.56 -5.68
C THR I 767 9.48 41.38 -4.90
N VAL I 768 9.14 41.69 -3.66
CA VAL I 768 9.97 42.53 -2.80
C VAL I 768 10.93 41.63 -2.04
N THR I 769 12.22 41.99 -2.04
CA THR I 769 13.26 41.13 -1.50
C THR I 769 13.92 41.68 -0.26
N ASP I 770 14.49 42.88 -0.32
CA ASP I 770 15.29 43.42 0.77
C ASP I 770 14.52 44.40 1.64
N ALA I 771 13.23 44.16 1.86
CA ALA I 771 12.49 45.08 2.71
C ALA I 771 12.88 44.86 4.17
N PRO I 772 12.84 43.63 4.71
CA PRO I 772 13.61 43.35 5.92
C PRO I 772 14.96 42.65 5.71
N GLN I 773 15.42 42.51 4.46
CA GLN I 773 16.72 41.96 4.06
C GLN I 773 16.79 40.44 4.20
N GLY I 774 15.79 39.78 4.76
CA GLY I 774 15.85 38.34 4.85
C GLY I 774 14.56 37.65 4.44
N ILE I 775 13.54 38.43 4.12
CA ILE I 775 12.21 37.93 3.83
C ILE I 775 11.78 38.42 2.46
N THR I 776 11.26 37.52 1.64
CA THR I 776 10.81 37.82 0.29
C THR I 776 9.29 37.82 0.25
N LEU I 777 8.71 38.88 -0.29
CA LEU I 777 7.27 39.08 -0.33
C LEU I 777 6.80 39.13 -1.76
N THR I 778 5.73 38.40 -2.07
CA THR I 778 5.08 38.44 -3.36
C THR I 778 3.70 39.07 -3.18
N LEU I 779 3.46 40.17 -3.88
CA LEU I 779 2.22 40.94 -3.75
C LEU I 779 1.24 40.49 -4.82
N THR I 780 -0.01 40.32 -4.43
CA THR I 780 -1.07 39.95 -5.35
C THR I 780 -2.22 40.94 -5.38
N LYS I 781 -2.60 41.50 -4.24
CA LYS I 781 -3.66 42.49 -4.15
C LYS I 781 -3.28 43.56 -3.15
N LYS I 782 -4.06 44.63 -3.10
CA LYS I 782 -3.82 45.74 -2.18
C LYS I 782 -4.37 45.36 -0.80
N VAL I 783 -3.52 44.69 -0.03
CA VAL I 783 -3.90 44.34 1.34
C VAL I 783 -3.79 45.58 2.23
N THR I 784 -4.39 45.50 3.41
CA THR I 784 -4.34 46.56 4.40
C THR I 784 -4.16 45.94 5.77
N ASP I 785 -3.08 46.31 6.44
CA ASP I 785 -2.75 45.78 7.76
C ASP I 785 -2.69 44.25 7.75
N ALA I 786 -1.82 43.72 6.91
CA ALA I 786 -1.54 42.29 6.96
C ALA I 786 -0.38 42.05 7.92
N THR I 787 -0.32 40.83 8.44
CA THR I 787 0.67 40.46 9.44
C THR I 787 1.52 39.32 8.91
N VAL I 788 2.84 39.44 9.08
CA VAL I 788 3.79 38.39 8.75
C VAL I 788 4.58 38.05 10.00
N THR I 789 4.61 36.79 10.37
CA THR I 789 5.28 36.32 11.57
C THR I 789 6.47 35.46 11.16
N VAL I 790 7.66 35.82 11.65
CA VAL I 790 8.88 35.08 11.36
C VAL I 790 9.39 34.50 12.66
N THR I 791 9.58 33.18 12.69
CA THR I 791 9.99 32.47 13.90
C THR I 791 11.23 31.63 13.63
N LYS I 792 12.12 31.57 14.62
CA LYS I 792 13.36 30.83 14.48
C LYS I 792 13.09 29.34 14.29
N ASP I 793 14.00 28.65 13.61
CA ASP I 793 13.89 27.23 13.34
C ASP I 793 15.23 26.55 13.56
N ASP I 794 15.18 25.27 13.91
CA ASP I 794 16.38 24.48 14.14
C ASP I 794 16.32 23.13 13.46
N THR I 795 15.31 22.88 12.63
CA THR I 795 15.13 21.56 12.03
C THR I 795 16.32 21.17 11.17
N LYS I 796 16.79 22.09 10.32
CA LYS I 796 17.89 21.77 9.42
C LYS I 796 19.15 21.42 10.19
N ALA I 797 19.47 22.20 11.23
CA ALA I 797 20.64 21.90 12.04
C ALA I 797 20.49 20.56 12.76
N LYS I 798 19.28 20.26 13.24
CA LYS I 798 19.05 18.98 13.91
C LYS I 798 19.27 17.81 12.96
N GLU I 799 18.74 17.91 11.74
CA GLU I 799 18.92 16.82 10.78
C GLU I 799 20.38 16.70 10.35
N ALA I 800 21.08 17.82 10.20
CA ALA I 800 22.50 17.75 9.89
C ALA I 800 23.28 17.07 11.01
N ILE I 801 22.94 17.38 12.27
CA ILE I 801 23.60 16.73 13.39
C ILE I 801 23.32 15.23 13.39
N LYS I 802 22.07 14.85 13.13
CA LYS I 802 21.73 13.42 13.07
C LYS I 802 22.54 12.72 11.98
N SER I 803 22.61 13.33 10.79
CA SER I 803 23.37 12.72 9.70
C SER I 803 24.85 12.62 10.05
N TRP I 804 25.40 13.65 10.70
CA TRP I 804 26.82 13.62 11.06
C TRP I 804 27.12 12.52 12.07
N VAL I 805 26.30 12.40 13.11
CA VAL I 805 26.55 11.37 14.11
C VAL I 805 26.34 9.98 13.50
N ASP I 806 25.37 9.83 12.60
CA ASP I 806 25.19 8.55 11.92
C ASP I 806 26.40 8.19 11.07
N ALA I 807 26.95 9.18 10.35
CA ALA I 807 28.13 8.92 9.53
C ALA I 807 29.31 8.52 10.40
N TYR I 808 29.52 9.22 11.52
CA TYR I 808 30.63 8.85 12.40
C TYR I 808 30.43 7.47 13.01
N ASN I 809 29.19 7.14 13.39
CA ASN I 809 28.92 5.81 13.94
C ASN I 809 29.17 4.73 12.91
N SER I 810 28.78 4.97 11.66
CA SER I 810 29.05 4.00 10.60
C SER I 810 30.55 3.83 10.38
N LEU I 811 31.30 4.94 10.42
CA LEU I 811 32.75 4.84 10.28
C LEU I 811 33.36 4.02 11.42
N VAL I 812 32.91 4.26 12.65
CA VAL I 812 33.44 3.52 13.79
C VAL I 812 33.06 2.05 13.70
N ASP I 813 31.84 1.75 13.25
CA ASP I 813 31.43 0.36 13.08
C ASP I 813 32.29 -0.34 12.03
N THR I 814 32.55 0.35 10.90
CA THR I 814 33.40 -0.24 9.87
C THR I 814 34.80 -0.49 10.39
N PHE I 815 35.37 0.46 11.14
CA PHE I 815 36.70 0.25 11.71
C PHE I 815 36.70 -0.90 12.69
N SER I 816 35.67 -1.01 13.53
CA SER I 816 35.63 -2.08 14.52
C SER I 816 35.51 -3.44 13.86
N SER I 817 34.65 -3.56 12.84
CA SER I 817 34.52 -4.82 12.12
C SER I 817 35.79 -5.14 11.33
N LEU I 818 36.51 -4.11 10.87
CA LEU I 818 37.73 -4.34 10.10
C LEU I 818 38.86 -4.82 11.00
N THR I 819 38.86 -4.42 12.27
CA THR I 819 39.85 -4.88 13.24
C THR I 819 39.36 -6.08 14.03
N LYS I 820 38.50 -6.91 13.43
CA LYS I 820 37.91 -8.04 14.12
C LYS I 820 38.97 -9.09 14.47
N TYR I 821 38.75 -9.77 15.58
CA TYR I 821 39.62 -10.84 16.03
C TYR I 821 38.79 -11.90 16.74
N THR I 822 39.34 -13.11 16.80
CA THR I 822 38.74 -14.22 17.52
C THR I 822 39.80 -14.90 18.37
N ALA I 823 39.49 -15.13 19.64
CA ALA I 823 40.44 -15.76 20.56
C ALA I 823 40.32 -17.27 20.46
N VAL I 824 41.47 -17.94 20.35
CA VAL I 824 41.53 -19.40 20.28
C VAL I 824 42.28 -19.89 21.51
N GLU I 825 41.69 -20.84 22.24
CA GLU I 825 42.31 -21.37 23.45
C GLU I 825 43.62 -22.11 23.17
N PRO I 826 43.70 -23.04 22.21
CA PRO I 826 44.99 -23.71 21.96
C PRO I 826 46.10 -22.74 21.57
N GLY I 827 45.78 -21.72 20.79
CA GLY I 827 46.79 -20.77 20.35
C GLY I 827 47.86 -21.35 19.46
N GLU I 828 47.56 -22.44 18.75
CA GLU I 828 48.54 -23.03 17.85
C GLU I 828 48.85 -22.12 16.68
N GLU I 829 47.83 -21.46 16.13
CA GLU I 829 48.00 -20.59 14.98
C GLU I 829 46.93 -19.50 15.03
N ALA I 830 47.15 -18.45 14.25
CA ALA I 830 46.21 -17.32 14.22
C ALA I 830 44.86 -17.78 13.68
N SER I 831 43.80 -17.26 14.29
CA SER I 831 42.45 -17.65 13.90
C SER I 831 42.12 -17.15 12.50
N ASP I 832 41.20 -17.86 11.84
CA ASP I 832 40.80 -17.48 10.49
C ASP I 832 40.10 -16.12 10.48
N LYS I 833 39.24 -15.87 11.47
CA LYS I 833 38.48 -14.61 11.53
C LYS I 833 39.36 -13.54 12.16
N ASN I 834 40.26 -13.00 11.34
CA ASN I 834 41.18 -11.95 11.76
C ASN I 834 41.09 -10.78 10.80
N GLY I 835 41.16 -9.56 11.36
CA GLY I 835 41.18 -8.38 10.51
C GLY I 835 42.52 -8.22 9.82
N ALA I 836 42.46 -7.88 8.53
CA ALA I 836 43.68 -7.72 7.76
C ALA I 836 44.53 -6.57 8.31
N LEU I 837 43.90 -5.45 8.63
CA LEU I 837 44.59 -4.30 9.21
C LEU I 837 44.40 -4.31 10.72
N LEU I 838 44.95 -5.36 11.35
CA LEU I 838 44.91 -5.52 12.79
C LEU I 838 46.30 -5.23 13.35
N GLY I 839 46.39 -4.27 14.27
CA GLY I 839 47.66 -3.82 14.77
C GLY I 839 48.36 -2.80 13.90
N ASP I 840 47.80 -2.47 12.75
CA ASP I 840 48.40 -1.47 11.88
C ASP I 840 48.14 -0.07 12.41
N SER I 841 49.08 0.84 12.14
CA SER I 841 48.97 2.22 12.58
C SER I 841 47.86 2.98 11.88
N VAL I 842 47.30 2.44 10.80
CA VAL I 842 46.33 3.20 10.00
C VAL I 842 45.08 3.51 10.80
N VAL I 843 44.36 2.46 11.23
CA VAL I 843 43.08 2.65 11.90
C VAL I 843 43.28 3.38 13.23
N ARG I 844 44.31 3.00 13.97
CA ARG I 844 44.56 3.65 15.26
C ARG I 844 44.88 5.13 15.09
N THR I 845 45.71 5.46 14.10
CA THR I 845 46.03 6.86 13.84
C THR I 845 44.81 7.64 13.40
N ILE I 846 43.96 7.05 12.55
CA ILE I 846 42.74 7.72 12.13
C ILE I 846 41.85 8.00 13.33
N GLN I 847 41.64 7.01 14.19
CA GLN I 847 40.79 7.21 15.36
C GLN I 847 41.36 8.27 16.28
N THR I 848 42.66 8.22 16.55
CA THR I 848 43.27 9.22 17.42
C THR I 848 43.13 10.63 16.84
N GLY I 849 43.42 10.77 15.54
CA GLY I 849 43.35 12.09 14.92
C GLY I 849 41.94 12.65 14.89
N ILE I 850 40.96 11.81 14.57
CA ILE I 850 39.59 12.29 14.50
C ILE I 850 39.05 12.62 15.88
N ARG I 851 39.29 11.75 16.87
CA ARG I 851 38.73 11.99 18.19
C ARG I 851 39.52 13.03 19.00
N ALA I 852 40.71 13.41 18.55
CA ALA I 852 41.42 14.49 19.23
C ALA I 852 40.83 15.84 18.92
N GLN I 853 40.08 15.97 17.82
CA GLN I 853 39.49 17.24 17.44
C GLN I 853 38.24 17.58 18.22
N PHE I 854 37.68 16.63 18.98
CA PHE I 854 36.49 16.91 19.77
C PHE I 854 36.78 17.89 20.91
N ALA I 855 38.04 18.04 21.28
CA ALA I 855 38.48 19.09 22.22
C ALA I 855 39.32 20.06 21.41
N ASN I 856 38.68 21.11 20.91
CA ASN I 856 39.29 22.07 20.00
C ASN I 856 39.62 23.36 20.76
N SER I 857 40.89 23.76 20.70
CA SER I 857 41.30 25.03 21.28
C SER I 857 41.06 26.21 20.35
N GLY I 858 40.80 25.96 19.07
CA GLY I 858 40.55 27.04 18.14
C GLY I 858 39.26 27.79 18.44
N SER I 859 38.21 27.07 18.80
CA SER I 859 36.92 27.68 19.08
C SER I 859 37.02 28.60 20.30
N ASN I 860 36.46 29.80 20.17
CA ASN I 860 36.43 30.76 21.26
C ASN I 860 35.04 30.89 21.89
N SER I 861 34.12 30.01 21.55
CA SER I 861 32.78 30.06 22.10
C SER I 861 32.80 29.71 23.58
N ALA I 862 31.63 29.87 24.22
CA ALA I 862 31.50 29.51 25.63
C ALA I 862 31.76 28.03 25.84
N PHE I 863 31.20 27.19 24.98
CA PHE I 863 31.43 25.76 25.06
C PHE I 863 32.82 25.43 24.52
N LYS I 864 33.58 24.64 25.27
CA LYS I 864 34.89 24.19 24.82
C LYS I 864 34.93 22.72 24.45
N THR I 865 33.98 21.92 24.92
CA THR I 865 33.91 20.51 24.57
C THR I 865 32.58 20.25 23.87
N MET I 866 32.59 19.31 22.92
CA MET I 866 31.42 19.03 22.11
C MET I 866 30.29 18.42 22.93
N ALA I 867 30.63 17.73 24.02
CA ALA I 867 29.63 17.03 24.81
C ALA I 867 28.57 17.99 25.36
N GLU I 868 28.95 19.24 25.61
CA GLU I 868 28.00 20.21 26.15
C GLU I 868 26.87 20.52 25.18
N ILE I 869 27.04 20.21 23.90
CA ILE I 869 25.94 20.39 22.95
C ILE I 869 24.81 19.42 23.27
N GLY I 870 25.15 18.22 23.72
CA GLY I 870 24.14 17.21 24.02
C GLY I 870 24.42 15.89 23.34
N ILE I 871 25.66 15.69 22.91
CA ILE I 871 26.09 14.45 22.28
C ILE I 871 27.22 13.88 23.10
N THR I 872 27.06 12.62 23.53
CA THR I 872 28.00 11.98 24.43
C THR I 872 28.57 10.73 23.77
N GLN I 873 29.86 10.50 23.98
CA GLN I 873 30.52 9.32 23.45
C GLN I 873 30.38 8.16 24.44
N ASP I 874 29.88 7.04 23.95
CA ASP I 874 29.57 5.91 24.81
C ASP I 874 30.84 5.31 25.42
N GLY I 875 30.70 4.78 26.64
CA GLY I 875 31.83 4.16 27.30
C GLY I 875 32.29 2.88 26.63
N THR I 876 31.35 2.06 26.19
CA THR I 876 31.70 0.75 25.63
C THR I 876 32.52 0.89 24.35
N SER I 877 32.02 1.67 23.40
CA SER I 877 32.69 1.86 22.12
C SER I 877 32.67 3.33 21.75
N GLY I 878 33.50 3.68 20.78
CA GLY I 878 33.57 5.06 20.33
C GLY I 878 32.39 5.46 19.47
N LYS I 879 31.20 5.43 20.05
CA LYS I 879 29.99 5.82 19.36
C LYS I 879 29.36 7.01 20.07
N LEU I 880 28.64 7.83 19.30
CA LEU I 880 28.07 9.08 19.81
C LEU I 880 26.55 8.97 19.85
N LYS I 881 25.98 9.21 21.03
CA LYS I 881 24.53 9.19 21.22
C LYS I 881 24.06 10.57 21.64
N ILE I 882 22.83 10.91 21.23
CA ILE I 882 22.27 12.24 21.42
C ILE I 882 20.99 12.12 22.25
N ASP I 883 20.89 12.93 23.29
CA ASP I 883 19.64 13.08 24.03
C ASP I 883 18.91 14.32 23.51
N ASP I 884 17.63 14.16 23.19
CA ASP I 884 16.90 15.21 22.49
C ASP I 884 16.74 16.47 23.33
N ASP I 885 16.53 16.32 24.64
CA ASP I 885 16.23 17.50 25.46
C ASP I 885 17.38 18.49 25.48
N LYS I 886 18.59 18.01 25.79
CA LYS I 886 19.73 18.92 25.90
C LYS I 886 20.07 19.56 24.55
N LEU I 887 20.08 18.77 23.48
CA LEU I 887 20.39 19.31 22.17
C LEU I 887 19.35 20.34 21.75
N THR I 888 18.07 20.04 21.98
CA THR I 888 17.01 20.98 21.62
C THR I 888 17.13 22.27 22.41
N LYS I 889 17.42 22.18 23.71
CA LYS I 889 17.56 23.39 24.51
C LYS I 889 18.77 24.21 24.05
N VAL I 890 19.88 23.55 23.73
CA VAL I 890 21.06 24.29 23.27
C VAL I 890 20.78 24.97 21.95
N LEU I 891 20.12 24.27 21.02
CA LEU I 891 19.80 24.88 19.73
C LEU I 891 18.80 26.02 19.89
N LYS I 892 17.89 25.92 20.87
CA LYS I 892 16.90 26.97 21.05
C LYS I 892 17.51 28.22 21.68
N ASP I 893 18.38 28.05 22.66
CA ASP I 893 18.92 29.20 23.40
C ASP I 893 20.30 29.63 22.90
N ASN I 894 21.29 28.75 23.00
CA ASN I 894 22.66 29.10 22.62
C ASN I 894 22.96 28.64 21.19
N THR I 895 22.16 29.14 20.25
CA THR I 895 22.40 28.81 18.85
C THR I 895 23.72 29.40 18.37
N ALA I 896 24.03 30.63 18.78
CA ALA I 896 25.29 31.25 18.38
C ALA I 896 26.48 30.49 18.94
N ALA I 897 26.40 30.06 20.21
CA ALA I 897 27.51 29.32 20.80
C ALA I 897 27.71 27.98 20.11
N ALA I 898 26.63 27.26 19.82
CA ALA I 898 26.74 26.00 19.11
C ALA I 898 27.30 26.18 17.71
N ARG I 899 26.85 27.23 17.02
CA ARG I 899 27.34 27.50 15.68
C ARG I 899 28.83 27.82 15.69
N GLU I 900 29.29 28.58 16.70
CA GLU I 900 30.71 28.87 16.79
C GLU I 900 31.51 27.63 17.15
N LEU I 901 30.95 26.76 17.99
CA LEU I 901 31.66 25.55 18.38
C LEU I 901 31.83 24.59 17.20
N LEU I 902 30.74 24.31 16.49
CA LEU I 902 30.82 23.36 15.38
C LEU I 902 31.43 24.00 14.15
N VAL I 903 30.75 24.99 13.57
CA VAL I 903 31.16 25.53 12.29
C VAL I 903 32.44 26.34 12.41
N GLY I 904 32.53 27.18 13.43
CA GLY I 904 33.69 28.04 13.57
C GLY I 904 33.71 29.13 12.52
N ASP I 905 34.86 29.80 12.42
CA ASP I 905 35.01 30.85 11.42
C ASP I 905 35.12 30.29 10.01
N GLY I 906 35.27 28.98 9.85
CA GLY I 906 35.37 28.35 8.56
C GLY I 906 36.77 28.15 8.03
N LYS I 907 37.78 28.76 8.67
CA LYS I 907 39.16 28.64 8.20
C LYS I 907 40.05 27.92 9.19
N GLU I 908 40.16 28.43 10.43
CA GLU I 908 41.05 27.87 11.43
C GLU I 908 40.37 27.74 12.80
N THR I 909 39.07 27.48 12.82
CA THR I 909 38.32 27.47 14.06
C THR I 909 37.13 26.54 13.92
N GLY I 910 36.77 25.90 15.02
CA GLY I 910 35.62 25.02 15.03
C GLY I 910 36.00 23.56 14.96
N ILE I 911 35.16 22.72 15.55
CA ILE I 911 35.39 21.28 15.51
C ILE I 911 35.28 20.76 14.09
N THR I 912 34.24 21.20 13.37
CA THR I 912 34.00 20.67 12.03
C THR I 912 35.12 21.05 11.07
N THR I 913 35.65 22.27 11.18
CA THR I 913 36.73 22.69 10.30
C THR I 913 37.99 21.86 10.53
N LYS I 914 38.35 21.63 11.79
CA LYS I 914 39.52 20.81 12.10
C LYS I 914 39.34 19.38 11.64
N ILE I 915 38.15 18.82 11.85
CA ILE I 915 37.89 17.45 11.39
C ILE I 915 37.98 17.39 9.87
N ALA I 916 37.45 18.40 9.19
CA ALA I 916 37.50 18.42 7.73
C ALA I 916 38.93 18.46 7.22
N THR I 917 39.76 19.34 7.80
CA THR I 917 41.13 19.45 7.31
C THR I 917 41.95 18.20 7.63
N GLU I 918 41.71 17.60 8.80
CA GLU I 918 42.44 16.38 9.15
C GLU I 918 42.04 15.22 8.26
N VAL I 919 40.74 15.05 8.00
CA VAL I 919 40.29 13.98 7.13
C VAL I 919 40.77 14.20 5.71
N LYS I 920 40.82 15.45 5.26
CA LYS I 920 41.35 15.74 3.93
C LYS I 920 42.84 15.39 3.85
N SER I 921 43.61 15.70 4.90
CA SER I 921 45.03 15.38 4.89
C SER I 921 45.26 13.87 4.93
N TYR I 922 44.47 13.15 5.74
CA TYR I 922 44.64 11.70 5.82
C TYR I 922 44.22 11.01 4.52
N LEU I 923 43.08 11.43 3.96
CA LEU I 923 42.59 10.81 2.73
C LEU I 923 43.43 11.16 1.52
N ALA I 924 44.29 12.17 1.62
CA ALA I 924 45.17 12.51 0.52
C ALA I 924 46.30 11.48 0.39
N ASP I 925 46.83 11.37 -0.83
CA ASP I 925 47.87 10.38 -1.10
C ASP I 925 49.13 10.64 -0.28
N ASP I 926 49.50 11.92 -0.11
CA ASP I 926 50.65 12.24 0.71
C ASP I 926 50.40 12.05 2.20
N GLY I 927 49.16 11.80 2.60
CA GLY I 927 48.83 11.60 4.00
C GLY I 927 49.41 10.31 4.55
N ILE I 928 49.54 10.27 5.88
CA ILE I 928 50.22 9.15 6.54
C ILE I 928 49.49 7.84 6.30
N ILE I 929 48.16 7.88 6.14
CA ILE I 929 47.42 6.64 5.87
C ILE I 929 47.76 6.11 4.49
N ASP I 930 47.70 6.98 3.48
CA ASP I 930 48.10 6.55 2.14
C ASP I 930 49.61 6.37 2.05
N ASN I 931 50.39 7.05 2.88
CA ASN I 931 51.82 6.78 2.93
C ASN I 931 52.09 5.36 3.43
N ALA I 932 51.37 4.93 4.46
CA ALA I 932 51.51 3.56 4.95
C ALA I 932 51.00 2.56 3.92
N GLN I 933 49.93 2.90 3.21
CA GLN I 933 49.44 2.04 2.14
C GLN I 933 50.48 1.89 1.04
N ASP I 934 51.15 2.99 0.69
CA ASP I 934 52.19 2.94 -0.34
C ASP I 934 53.41 2.17 0.15
N ASN I 935 53.74 2.28 1.44
CA ASN I 935 54.82 1.47 1.99
C ASN I 935 54.48 -0.02 1.93
N VAL I 936 53.22 -0.36 2.25
CA VAL I 936 52.78 -1.75 2.15
C VAL I 936 52.83 -2.22 0.70
N ASN I 937 52.46 -1.35 -0.23
CA ASN I 937 52.51 -1.71 -1.65
C ASN I 937 53.95 -1.90 -2.12
N ALA I 938 54.87 -1.08 -1.64
CA ALA I 938 56.28 -1.28 -1.97
C ALA I 938 56.81 -2.58 -1.40
N THR I 939 56.41 -2.91 -0.17
CA THR I 939 56.78 -4.20 0.41
C THR I 939 56.19 -5.35 -0.40
N LEU I 940 54.96 -5.18 -0.90
CA LEU I 940 54.34 -6.20 -1.72
C LEU I 940 55.05 -6.34 -3.06
N LYS I 941 55.55 -5.24 -3.62
CA LYS I 941 56.31 -5.32 -4.87
C LYS I 941 57.65 -6.02 -4.64
N SER I 942 58.31 -5.74 -3.52
CA SER I 942 59.52 -6.48 -3.17
C SER I 942 59.20 -7.96 -2.98
N LEU I 943 58.07 -8.26 -2.34
CA LEU I 943 57.64 -9.64 -2.21
C LEU I 943 57.34 -10.27 -3.57
N THR I 944 56.86 -9.48 -4.53
CA THR I 944 56.59 -10.01 -5.86
C THR I 944 57.89 -10.32 -6.59
N LYS I 945 58.91 -9.48 -6.43
CA LYS I 945 60.23 -9.82 -6.94
C LYS I 945 60.76 -11.10 -6.30
N GLN I 946 60.53 -11.24 -4.99
CA GLN I 946 60.88 -12.48 -4.30
C GLN I 946 60.11 -13.66 -4.88
N TYR I 947 58.84 -13.44 -5.22
CA TYR I 947 58.01 -14.50 -5.81
C TYR I 947 58.58 -14.93 -7.16
N LEU I 948 59.04 -13.97 -7.96
CA LEU I 948 59.67 -14.30 -9.23
C LEU I 948 60.95 -15.10 -9.02
N SER I 949 61.77 -14.69 -8.05
CA SER I 949 62.99 -15.43 -7.76
C SER I 949 62.69 -16.86 -7.31
N VAL I 950 61.71 -17.01 -6.41
CA VAL I 950 61.35 -18.34 -5.93
C VAL I 950 60.69 -19.15 -7.04
N SER I 951 60.02 -18.50 -7.98
CA SER I 951 59.46 -19.24 -9.12
C SER I 951 60.57 -19.76 -10.02
N ASN I 952 61.62 -18.97 -10.23
CA ASN I 952 62.80 -19.48 -10.92
C ASN I 952 63.39 -20.66 -10.16
N SER I 953 63.45 -20.56 -8.83
CA SER I 953 63.93 -21.68 -8.02
C SER I 953 63.04 -22.90 -8.17
N ILE I 954 61.73 -22.70 -8.26
CA ILE I 954 60.80 -23.81 -8.48
C ILE I 954 61.09 -24.48 -9.82
N ASP I 955 61.31 -23.69 -10.86
CA ASP I 955 61.63 -24.26 -12.16
C ASP I 955 62.91 -25.08 -12.10
N GLU I 956 63.94 -24.53 -11.45
CA GLU I 956 65.22 -25.24 -11.34
C GLU I 956 65.06 -26.56 -10.58
N THR I 957 64.36 -26.51 -9.44
CA THR I 957 64.20 -27.71 -8.62
C THR I 957 63.33 -28.75 -9.32
N VAL I 958 62.29 -28.30 -10.02
CA VAL I 958 61.43 -29.23 -10.76
C VAL I 958 62.21 -29.91 -11.86
N ALA I 959 63.03 -29.15 -12.60
CA ALA I 959 63.85 -29.77 -13.63
C ALA I 959 64.85 -30.75 -13.03
N ARG I 960 65.48 -30.37 -11.92
CA ARG I 960 66.48 -31.24 -11.29
C ARG I 960 65.85 -32.55 -10.82
N TYR I 961 64.69 -32.48 -10.17
CA TYR I 961 64.06 -33.69 -9.65
C TYR I 961 63.44 -34.52 -10.77
N LYS I 962 62.94 -33.87 -11.83
CA LYS I 962 62.46 -34.62 -12.99
C LYS I 962 63.61 -35.39 -13.63
N ALA I 963 64.80 -34.79 -13.68
CA ALA I 963 65.98 -35.54 -14.09
C ALA I 963 66.29 -36.67 -13.11
N GLN I 964 66.17 -36.40 -11.81
CA GLN I 964 66.40 -37.44 -10.82
C GLN I 964 65.30 -38.49 -10.85
N PHE I 965 64.04 -38.06 -10.84
CA PHE I 965 62.92 -38.99 -10.89
C PHE I 965 62.35 -39.10 -12.29
N ALA J 66 70.09 -38.29 11.89
CA ALA J 66 69.37 -39.31 12.63
C ALA J 66 67.85 -39.10 12.51
N GLY J 67 67.11 -40.20 12.45
CA GLY J 67 65.66 -40.10 12.36
C GLY J 67 65.04 -39.48 13.61
N GLN J 68 65.48 -39.93 14.78
CA GLN J 68 64.95 -39.39 16.02
C GLN J 68 65.37 -37.93 16.22
N ALA J 69 66.56 -37.56 15.77
CA ALA J 69 67.01 -36.18 15.89
C ALA J 69 66.11 -35.24 15.10
N ILE J 70 65.89 -35.55 13.82
CA ILE J 70 65.01 -34.69 13.02
C ILE J 70 63.59 -34.76 13.55
N ALA J 71 63.15 -35.93 14.03
CA ALA J 71 61.79 -36.06 14.52
C ALA J 71 61.54 -35.17 15.74
N ASN J 72 62.42 -35.23 16.74
CA ASN J 72 62.19 -34.43 17.93
C ASN J 72 62.50 -32.95 17.68
N ARG J 73 63.39 -32.65 16.73
CA ARG J 73 63.58 -31.25 16.35
C ARG J 73 62.30 -30.68 15.73
N PHE J 74 61.66 -31.45 14.85
CA PHE J 74 60.42 -30.97 14.25
C PHE J 74 59.29 -30.87 15.26
N THR J 75 59.20 -31.83 16.19
CA THR J 75 58.18 -31.74 17.22
C THR J 75 58.41 -30.54 18.13
N ALA J 76 59.66 -30.27 18.50
CA ALA J 76 59.97 -29.07 19.27
C ALA J 76 59.67 -27.81 18.48
N ASN J 77 59.89 -27.83 17.16
CA ASN J 77 59.53 -26.68 16.34
C ASN J 77 58.02 -26.46 16.33
N ILE J 78 57.24 -27.53 16.25
CA ILE J 78 55.78 -27.38 16.30
C ILE J 78 55.34 -26.85 17.65
N LYS J 79 55.92 -27.38 18.73
CA LYS J 79 55.58 -26.89 20.07
C LYS J 79 55.96 -25.41 20.23
N GLY J 80 57.11 -25.02 19.69
CA GLY J 80 57.51 -23.63 19.73
C GLY J 80 56.58 -22.74 18.90
N LEU J 81 56.11 -23.26 17.77
CA LEU J 81 55.10 -22.54 16.99
C LEU J 81 53.84 -22.32 17.82
N THR J 82 53.37 -23.37 18.49
CA THR J 82 52.18 -23.24 19.33
C THR J 82 52.40 -22.22 20.44
N GLN J 83 53.55 -22.27 21.10
CA GLN J 83 53.80 -21.34 22.21
C GLN J 83 53.95 -19.90 21.73
N ALA J 84 54.69 -19.71 20.63
CA ALA J 84 54.86 -18.36 20.09
C ALA J 84 53.56 -17.79 19.60
N SER J 85 52.72 -18.61 18.96
CA SER J 85 51.40 -18.14 18.53
C SER J 85 50.47 -17.91 19.72
N ARG J 86 50.60 -18.68 20.80
CA ARG J 86 49.86 -18.38 22.01
C ARG J 86 50.26 -17.02 22.58
N ASN J 87 51.55 -16.73 22.60
CA ASN J 87 52.01 -15.42 23.07
C ASN J 87 51.58 -14.31 22.12
N ALA J 88 51.54 -14.59 20.82
CA ALA J 88 51.06 -13.60 19.86
C ALA J 88 49.57 -13.33 20.06
N ASN J 89 48.78 -14.37 20.33
CA ASN J 89 47.37 -14.17 20.63
C ASN J 89 47.18 -13.45 21.95
N ASP J 90 48.04 -13.70 22.92
CA ASP J 90 48.02 -12.92 24.16
C ASP J 90 48.33 -11.45 23.88
N GLY J 91 49.26 -11.18 22.97
CA GLY J 91 49.52 -9.81 22.57
C GLY J 91 48.36 -9.17 21.83
N ILE J 92 47.65 -9.93 20.99
CA ILE J 92 46.47 -9.40 20.33
C ILE J 92 45.38 -9.09 21.35
N SER J 93 45.21 -9.97 22.35
CA SER J 93 44.28 -9.68 23.43
C SER J 93 44.74 -8.49 24.27
N ILE J 94 46.05 -8.30 24.41
CA ILE J 94 46.59 -7.08 25.02
C ILE J 94 46.14 -5.87 24.23
N ALA J 95 46.25 -5.95 22.91
CA ALA J 95 45.84 -4.84 22.05
C ALA J 95 44.34 -4.55 22.21
N GLN J 96 43.53 -5.60 22.29
CA GLN J 96 42.09 -5.41 22.43
C GLN J 96 41.72 -4.81 23.80
N THR J 97 42.30 -5.33 24.87
CA THR J 97 42.02 -4.79 26.19
C THR J 97 42.55 -3.36 26.34
N THR J 98 43.69 -3.05 25.72
CA THR J 98 44.19 -1.69 25.75
C THR J 98 43.37 -0.78 24.86
N GLU J 99 42.77 -1.31 23.81
CA GLU J 99 41.78 -0.56 23.03
C GLU J 99 40.59 -0.19 23.90
N GLY J 100 40.08 -1.15 24.68
CA GLY J 100 39.02 -0.84 25.62
C GLY J 100 39.44 0.20 26.66
N ALA J 101 40.66 0.05 27.18
CA ALA J 101 41.18 1.01 28.15
C ALA J 101 41.32 2.41 27.54
N LEU J 102 41.75 2.47 26.28
CA LEU J 102 41.88 3.75 25.60
C LEU J 102 40.53 4.39 25.37
N ASN J 103 39.53 3.59 24.98
CA ASN J 103 38.17 4.12 24.85
C ASN J 103 37.70 4.70 26.18
N GLU J 104 37.89 3.97 27.27
CA GLU J 104 37.46 4.46 28.58
C GLU J 104 38.21 5.73 28.97
N ILE J 105 39.52 5.78 28.73
CA ILE J 105 40.29 6.93 29.17
C ILE J 105 40.02 8.15 28.30
N ASN J 106 39.67 7.96 27.02
CA ASN J 106 39.31 9.10 26.19
C ASN J 106 37.91 9.61 26.51
N ASN J 107 37.00 8.71 26.84
CA ASN J 107 35.72 9.15 27.40
C ASN J 107 35.94 9.93 28.69
N ASN J 108 36.88 9.49 29.50
CA ASN J 108 37.25 10.22 30.70
C ASN J 108 37.83 11.60 30.35
N LEU J 109 38.62 11.67 29.28
CA LEU J 109 39.15 12.97 28.84
C LEU J 109 38.03 13.93 28.48
N GLN J 110 37.07 13.46 27.69
CA GLN J 110 35.95 14.33 27.33
C GLN J 110 35.16 14.74 28.56
N ARG J 111 34.93 13.78 29.48
CA ARG J 111 34.25 14.11 30.72
C ARG J 111 35.00 15.20 31.50
N VAL J 112 36.31 15.05 31.66
CA VAL J 112 37.06 16.00 32.49
C VAL J 112 37.17 17.36 31.81
N ARG J 113 37.25 17.39 30.47
CA ARG J 113 37.17 18.66 29.77
C ARG J 113 35.86 19.36 30.05
N GLU J 114 34.75 18.63 29.94
CA GLU J 114 33.45 19.22 30.27
C GLU J 114 33.42 19.70 31.72
N LEU J 115 34.01 18.91 32.62
CA LEU J 115 34.04 19.24 34.04
C LEU J 115 34.77 20.57 34.27
N ALA J 116 35.96 20.71 33.68
CA ALA J 116 36.73 21.94 33.85
C ALA J 116 36.01 23.13 33.23
N VAL J 117 35.40 22.94 32.06
CA VAL J 117 34.74 24.05 31.38
C VAL J 117 33.54 24.54 32.21
N GLN J 118 32.75 23.61 32.74
CA GLN J 118 31.59 24.01 33.53
C GLN J 118 31.99 24.59 34.88
N SER J 119 33.08 24.09 35.47
CA SER J 119 33.49 24.59 36.78
C SER J 119 34.15 25.97 36.66
N ALA J 120 34.82 26.23 35.54
CA ALA J 120 35.49 27.51 35.35
C ALA J 120 34.48 28.66 35.33
N ASN J 121 33.36 28.48 34.63
CA ASN J 121 32.38 29.53 34.50
C ASN J 121 31.21 29.31 35.47
N SER J 122 30.35 30.33 35.57
CA SER J 122 29.21 30.31 36.45
C SER J 122 27.96 29.72 35.79
N THR J 123 28.06 29.25 34.56
CA THR J 123 26.92 28.67 33.87
C THR J 123 26.41 27.43 34.60
N ASN J 124 27.33 26.58 35.08
CA ASN J 124 26.95 25.35 35.75
C ASN J 124 26.59 25.65 37.20
N SER J 125 25.32 25.44 37.54
CA SER J 125 24.84 25.67 38.90
C SER J 125 25.34 24.56 39.83
N GLN J 126 25.20 24.78 41.13
CA GLN J 126 25.66 23.80 42.11
C GLN J 126 24.73 22.61 42.24
N SER J 127 23.46 22.73 41.83
CA SER J 127 22.65 21.53 41.64
C SER J 127 23.17 20.72 40.46
N ASP J 128 23.52 21.41 39.37
CA ASP J 128 24.23 20.76 38.29
C ASP J 128 25.54 20.18 38.78
N LEU J 129 26.19 20.85 39.75
CA LEU J 129 27.43 20.32 40.29
C LEU J 129 27.19 19.10 41.18
N ASP J 130 26.04 19.00 41.82
CA ASP J 130 25.70 17.76 42.52
C ASP J 130 25.46 16.62 41.53
N SER J 131 24.76 16.91 40.44
CA SER J 131 24.66 15.94 39.36
C SER J 131 26.04 15.57 38.82
N ILE J 132 26.96 16.53 38.82
CA ILE J 132 28.34 16.27 38.39
C ILE J 132 29.08 15.40 39.40
N GLN J 133 28.77 15.54 40.68
CA GLN J 133 29.32 14.63 41.68
C GLN J 133 28.81 13.21 41.43
N ALA J 134 27.53 13.09 41.09
CA ALA J 134 27.01 11.78 40.70
C ALA J 134 27.73 11.25 39.46
N GLU J 135 28.03 12.13 38.50
CA GLU J 135 28.82 11.77 37.33
C GLU J 135 30.24 11.37 37.71
N ILE J 136 30.81 11.99 38.75
CA ILE J 136 32.12 11.59 39.23
C ILE J 136 32.08 10.17 39.78
N THR J 137 31.03 9.86 40.54
CA THR J 137 30.85 8.47 40.97
C THR J 137 30.69 7.53 39.79
N GLN J 138 29.95 7.96 38.77
CA GLN J 138 29.73 7.13 37.59
C GLN J 138 31.02 6.88 36.83
N ARG J 139 31.86 7.90 36.69
CA ARG J 139 33.13 7.70 36.00
C ARG J 139 34.11 6.91 36.87
N LEU J 140 33.98 6.98 38.19
CA LEU J 140 34.71 6.06 39.05
C LEU J 140 34.28 4.62 38.79
N ASN J 141 32.98 4.42 38.57
CA ASN J 141 32.49 3.10 38.17
C ASN J 141 33.05 2.72 36.80
N GLU J 142 33.19 3.68 35.90
CA GLU J 142 33.81 3.42 34.61
C GLU J 142 35.25 2.93 34.79
N ILE J 143 36.01 3.56 35.67
CA ILE J 143 37.37 3.11 35.95
C ILE J 143 37.34 1.71 36.55
N ASP J 144 36.43 1.47 37.48
CA ASP J 144 36.36 0.16 38.11
C ASP J 144 36.00 -0.93 37.11
N ARG J 145 35.18 -0.60 36.11
CA ARG J 145 34.75 -1.61 35.15
C ARG J 145 35.78 -1.82 34.05
N VAL J 146 36.56 -0.78 33.74
CA VAL J 146 37.67 -1.01 32.81
C VAL J 146 38.78 -1.79 33.50
N SER J 147 38.91 -1.65 34.82
CA SER J 147 39.93 -2.41 35.54
C SER J 147 39.50 -3.86 35.76
N GLY J 148 38.36 -4.07 36.43
CA GLY J 148 37.95 -5.40 36.82
C GLY J 148 37.08 -6.14 35.83
N GLN J 149 36.07 -5.47 35.27
CA GLN J 149 35.10 -6.16 34.43
C GLN J 149 35.76 -6.76 33.20
N THR J 150 36.69 -6.03 32.59
CA THR J 150 37.50 -6.57 31.52
C THR J 150 38.50 -7.58 32.06
N GLN J 151 38.80 -8.60 31.24
CA GLN J 151 39.68 -9.67 31.67
C GLN J 151 40.73 -9.93 30.58
N PHE J 152 41.89 -10.41 31.02
CA PHE J 152 42.98 -10.76 30.14
C PHE J 152 43.37 -12.23 30.33
N ASN J 153 43.28 -13.00 29.24
CA ASN J 153 43.72 -14.40 29.23
C ASN J 153 43.05 -15.20 30.35
N GLY J 154 41.78 -14.90 30.61
CA GLY J 154 41.05 -15.52 31.68
C GLY J 154 41.41 -15.03 33.07
N VAL J 155 42.23 -13.98 33.16
CA VAL J 155 42.74 -13.46 34.43
C VAL J 155 42.41 -11.97 34.50
N LYS J 156 42.27 -11.45 35.72
CA LYS J 156 42.02 -10.04 35.93
C LYS J 156 43.30 -9.22 35.81
N VAL J 157 44.01 -9.36 34.69
CA VAL J 157 45.28 -8.66 34.51
C VAL J 157 45.06 -7.16 34.42
N LEU J 158 43.92 -6.73 33.88
CA LEU J 158 43.60 -5.31 33.93
C LEU J 158 43.26 -4.85 35.35
N ALA J 159 43.02 -5.80 36.26
CA ALA J 159 42.72 -5.49 37.65
C ALA J 159 43.88 -5.78 38.60
N GLN J 160 44.79 -6.68 38.23
CA GLN J 160 46.01 -6.93 38.98
C GLN J 160 47.21 -6.86 38.03
N ASP J 161 48.25 -6.17 38.46
CA ASP J 161 49.42 -5.90 37.62
C ASP J 161 50.50 -6.93 37.87
N ASN J 162 51.02 -7.50 36.79
CA ASN J 162 52.16 -8.43 36.83
C ASN J 162 53.17 -7.94 35.79
N THR J 163 54.03 -7.02 36.19
CA THR J 163 55.02 -6.43 35.29
C THR J 163 56.20 -7.39 35.17
N LEU J 164 55.98 -8.46 34.41
CA LEU J 164 56.99 -9.50 34.22
C LEU J 164 56.97 -9.96 32.77
N THR J 165 58.14 -10.35 32.27
CA THR J 165 58.22 -10.88 30.92
C THR J 165 57.53 -12.24 30.84
N ILE J 166 56.78 -12.43 29.76
CA ILE J 166 56.04 -13.67 29.57
C ILE J 166 57.01 -14.79 29.17
N GLN J 167 56.54 -16.03 29.32
CA GLN J 167 57.35 -17.19 28.99
C GLN J 167 57.71 -17.20 27.50
N VAL J 168 58.93 -17.67 27.22
CA VAL J 168 59.43 -17.67 25.85
C VAL J 168 58.63 -18.65 25.01
N GLY J 169 58.29 -18.24 23.79
CA GLY J 169 57.57 -19.11 22.87
C GLY J 169 58.42 -20.18 22.23
N ALA J 170 59.73 -20.18 22.49
CA ALA J 170 60.68 -21.21 22.05
C ALA J 170 60.94 -21.13 20.54
N ASN J 171 60.23 -20.24 19.84
CA ASN J 171 60.50 -20.02 18.43
C ASN J 171 61.69 -19.09 18.21
N ASP J 172 62.00 -18.26 19.19
CA ASP J 172 63.07 -17.27 19.07
C ASP J 172 63.94 -17.31 20.31
N GLY J 173 65.21 -16.93 20.13
CA GLY J 173 66.13 -16.90 21.26
C GLY J 173 65.76 -15.86 22.30
N GLU J 174 65.39 -14.66 21.86
CA GLU J 174 65.05 -13.59 22.79
C GLU J 174 63.69 -13.83 23.42
N THR J 175 63.51 -13.27 24.61
CA THR J 175 62.28 -13.45 25.38
C THR J 175 61.36 -12.24 25.22
N ILE J 176 60.06 -12.52 25.16
CA ILE J 176 59.08 -11.45 24.98
C ILE J 176 58.94 -10.69 26.29
N ASP J 177 59.27 -9.40 26.26
CA ASP J 177 59.26 -8.54 27.45
C ASP J 177 58.05 -7.62 27.34
N ILE J 178 56.93 -8.04 27.93
CA ILE J 178 55.70 -7.26 27.95
C ILE J 178 55.53 -6.69 29.35
N ASP J 179 55.60 -5.36 29.46
CA ASP J 179 55.39 -4.67 30.73
C ASP J 179 53.90 -4.35 30.84
N LEU J 180 53.15 -5.33 31.37
CA LEU J 180 51.71 -5.20 31.49
C LEU J 180 51.33 -4.05 32.42
N LYS J 181 50.77 -2.99 31.86
CA LYS J 181 50.34 -1.82 32.63
C LYS J 181 48.83 -1.86 32.75
N GLN J 182 48.35 -2.35 33.90
CA GLN J 182 46.93 -2.37 34.17
C GLN J 182 46.40 -0.95 34.26
N ILE J 183 45.11 -0.78 33.97
CA ILE J 183 44.45 0.52 34.12
C ILE J 183 43.97 0.57 35.57
N ASN J 184 44.88 1.02 36.44
CA ASN J 184 44.61 1.05 37.87
C ASN J 184 44.29 2.48 38.31
N SER J 185 43.51 2.57 39.39
CA SER J 185 43.24 3.88 39.97
C SER J 185 44.44 4.41 40.76
N GLN J 186 45.13 3.53 41.49
CA GLN J 186 46.15 3.97 42.43
C GLN J 186 47.49 4.23 41.75
N THR J 187 48.07 3.20 41.14
CA THR J 187 49.44 3.30 40.63
C THR J 187 49.57 4.36 39.55
N LEU J 188 48.59 4.44 38.64
CA LEU J 188 48.67 5.40 37.56
C LEU J 188 48.13 6.77 37.95
N GLY J 189 47.72 6.96 39.20
CA GLY J 189 47.34 8.27 39.68
C GLY J 189 45.96 8.73 39.29
N LEU J 190 45.14 7.85 38.70
CA LEU J 190 43.80 8.24 38.28
C LEU J 190 42.85 8.38 39.46
N ASP J 191 43.08 7.66 40.57
CA ASP J 191 42.19 7.75 41.71
C ASP J 191 42.15 9.15 42.30
N THR J 192 43.23 9.91 42.15
CA THR J 192 43.28 11.27 42.70
C THR J 192 42.30 12.20 42.00
N LEU J 193 41.76 11.80 40.84
CA LEU J 193 40.83 12.64 40.10
C LEU J 193 39.51 12.81 40.83
N ASN J 194 39.27 13.99 41.40
CA ASN J 194 38.00 14.28 42.05
C ASN J 194 37.81 15.80 42.04
N VAL J 195 37.04 16.31 41.08
CA VAL J 195 36.94 17.74 40.83
C VAL J 195 35.73 18.35 41.52
N GLN J 196 35.21 17.70 42.56
CA GLN J 196 34.06 18.23 43.29
C GLN J 196 34.42 19.56 43.93
N GLN J 197 33.57 20.56 43.75
CA GLN J 197 33.82 21.87 44.31
C GLN J 197 33.39 21.92 45.77
N LYS J 198 33.66 23.05 46.42
CA LYS J 198 33.46 23.17 47.86
C LYS J 198 32.01 23.50 48.19
N TYR J 199 31.40 22.66 49.01
CA TYR J 199 30.12 22.94 49.64
C TYR J 199 30.36 23.09 51.14
N LYS J 200 29.93 24.21 51.71
CA LYS J 200 30.19 24.47 53.11
C LYS J 200 29.36 23.55 53.98
N VAL J 201 29.99 23.04 55.04
CA VAL J 201 29.34 22.14 55.99
C VAL J 201 29.00 22.96 57.23
N SER J 202 27.70 23.08 57.53
CA SER J 202 27.23 23.88 58.66
C SER J 202 26.57 23.00 59.70
N ASP J 203 26.63 23.43 60.95
CA ASP J 203 26.08 22.69 62.07
C ASP J 203 24.84 23.39 62.58
N THR J 204 23.78 22.61 62.84
CA THR J 204 22.53 23.12 63.37
C THR J 204 22.27 22.48 64.72
N ALA J 205 22.00 23.31 65.73
CA ALA J 205 21.67 22.81 67.05
C ALA J 205 20.20 22.39 67.09
N ALA J 206 19.95 21.18 67.56
CA ALA J 206 18.60 20.64 67.64
C ALA J 206 18.47 19.78 68.90
N THR J 207 17.24 19.65 69.37
CA THR J 207 16.99 18.85 70.56
C THR J 207 17.07 17.36 70.23
N VAL J 208 16.95 16.54 71.28
CA VAL J 208 17.03 15.09 71.11
C VAL J 208 15.76 14.60 70.41
N THR J 209 15.93 13.79 69.37
CA THR J 209 14.83 13.17 68.65
C THR J 209 14.49 11.87 69.35
N GLY J 210 13.44 11.90 70.17
CA GLY J 210 13.11 10.76 71.00
C GLY J 210 14.00 10.69 72.23
N TYR J 211 14.14 9.46 72.75
CA TYR J 211 15.01 9.26 73.89
C TYR J 211 16.48 9.45 73.51
N ALA J 212 16.81 9.29 72.24
CA ALA J 212 18.17 9.47 71.73
C ALA J 212 19.15 8.55 72.45
N ASP J 213 18.98 7.25 72.21
CA ASP J 213 19.70 6.23 72.98
C ASP J 213 21.17 6.19 72.57
N THR J 214 21.88 5.20 73.11
CA THR J 214 23.31 5.02 72.89
C THR J 214 23.61 3.54 72.63
N THR J 215 24.90 3.23 72.51
CA THR J 215 25.29 1.87 72.15
C THR J 215 25.58 1.02 73.38
N ILE J 216 26.64 1.36 74.12
CA ILE J 216 27.01 0.55 75.29
C ILE J 216 26.05 0.77 76.44
N ALA J 217 25.67 2.02 76.73
CA ALA J 217 24.69 2.36 77.76
C ALA J 217 25.07 1.85 79.14
N LEU J 218 24.15 1.97 80.09
CA LEU J 218 24.31 1.44 81.43
C LEU J 218 23.94 -0.03 81.42
N ASP J 219 24.60 -0.82 82.26
CA ASP J 219 24.34 -2.26 82.33
C ASP J 219 22.87 -2.51 82.65
N ASN J 220 22.24 -3.39 81.87
CA ASN J 220 20.81 -3.62 81.97
C ASN J 220 20.43 -4.71 82.95
N SER J 221 21.28 -5.73 83.12
CA SER J 221 20.98 -6.77 84.09
C SER J 221 20.97 -6.20 85.50
N THR J 222 22.01 -5.46 85.87
CA THR J 222 22.02 -4.79 87.16
C THR J 222 20.97 -3.68 87.23
N PHE J 223 20.59 -3.10 86.09
CA PHE J 223 19.52 -2.11 86.06
C PHE J 223 18.20 -2.73 86.51
N LYS J 224 17.84 -3.88 85.93
CA LYS J 224 16.66 -4.61 86.34
C LYS J 224 16.78 -5.12 87.77
N ALA J 225 17.97 -5.58 88.18
CA ALA J 225 18.15 -6.07 89.53
C ALA J 225 17.91 -4.96 90.55
N SER J 226 18.45 -3.76 90.29
CA SER J 226 18.21 -2.63 91.16
C SER J 226 16.73 -2.24 91.17
N ALA J 227 16.09 -2.29 90.00
CA ALA J 227 14.65 -2.00 89.96
C ALA J 227 13.86 -2.97 90.81
N THR J 228 14.28 -4.25 90.82
CA THR J 228 13.59 -5.25 91.63
C THR J 228 14.05 -5.25 93.08
N GLY J 229 15.10 -4.50 93.40
CA GLY J 229 15.65 -4.51 94.75
C GLY J 229 14.89 -3.66 95.75
N LEU J 230 13.84 -2.96 95.33
CA LEU J 230 13.08 -2.14 96.26
C LEU J 230 12.44 -2.97 97.36
N GLY J 231 11.86 -4.11 96.99
CA GLY J 231 11.24 -4.98 97.96
C GLY J 231 10.02 -5.65 97.36
N GLY J 232 9.23 -6.25 98.24
CA GLY J 232 8.02 -6.96 97.86
C GLY J 232 8.29 -8.43 97.62
N THR J 233 7.20 -9.21 97.55
CA THR J 233 7.33 -10.64 97.31
C THR J 233 7.84 -10.91 95.90
N ASP J 234 7.23 -10.29 94.89
CA ASP J 234 7.63 -10.43 93.50
C ASP J 234 7.56 -9.05 92.86
N GLN J 235 8.69 -8.58 92.32
CA GLN J 235 8.76 -7.28 91.66
C GLN J 235 9.47 -7.35 90.32
N LYS J 236 9.65 -8.56 89.76
CA LYS J 236 10.31 -8.70 88.47
C LYS J 236 9.48 -8.03 87.38
N ILE J 237 10.16 -7.32 86.48
CA ILE J 237 9.53 -6.48 85.47
C ILE J 237 9.39 -7.27 84.17
N ASP J 238 8.17 -7.28 83.61
CA ASP J 238 7.96 -7.86 82.30
C ASP J 238 8.57 -6.95 81.24
N GLY J 239 9.31 -7.54 80.30
CA GLY J 239 9.98 -6.73 79.30
C GLY J 239 11.18 -5.98 79.87
N ASP J 240 11.43 -4.82 79.29
CA ASP J 240 12.56 -3.98 79.68
C ASP J 240 12.06 -2.76 80.46
N LEU J 241 13.00 -2.10 81.13
CA LEU J 241 12.69 -0.97 81.99
C LEU J 241 12.97 0.34 81.27
N LYS J 242 11.99 1.23 81.24
CA LYS J 242 12.07 2.50 80.52
C LYS J 242 11.77 3.67 81.47
N PHE J 243 11.63 4.85 80.89
CA PHE J 243 11.51 6.10 81.64
C PHE J 243 10.11 6.70 81.45
N ASP J 244 9.58 7.28 82.53
CA ASP J 244 8.26 7.88 82.51
C ASP J 244 8.35 9.33 82.99
N ASP J 245 7.34 10.12 82.63
CA ASP J 245 7.27 11.52 83.00
C ASP J 245 6.31 11.79 84.15
N THR J 246 5.15 11.13 84.17
CA THR J 246 4.18 11.34 85.25
C THR J 246 4.75 10.88 86.59
N THR J 247 5.41 9.72 86.61
CA THR J 247 6.02 9.25 87.85
C THR J 247 7.16 10.16 88.29
N GLY J 248 7.96 10.66 87.35
CA GLY J 248 9.12 11.49 87.63
C GLY J 248 10.41 10.93 87.07
N LYS J 249 10.58 9.62 87.13
CA LYS J 249 11.73 8.93 86.53
C LYS J 249 11.28 7.49 86.29
N TYR J 250 12.22 6.57 86.08
CA TYR J 250 11.91 5.30 85.43
C TYR J 250 10.70 4.61 86.05
N TYR J 251 9.86 4.02 85.19
CA TYR J 251 8.63 3.37 85.61
C TYR J 251 8.83 1.87 85.60
N ALA J 252 8.64 1.23 86.76
CA ALA J 252 8.88 -0.19 86.92
C ALA J 252 7.55 -0.93 87.00
N LYS J 253 7.36 -1.89 86.10
CA LYS J 253 6.17 -2.74 86.15
C LYS J 253 6.35 -3.79 87.25
N VAL J 254 5.30 -3.97 88.05
CA VAL J 254 5.33 -4.88 89.19
C VAL J 254 4.25 -5.94 88.98
N THR J 255 4.63 -7.20 89.13
CA THR J 255 3.71 -8.33 89.02
C THR J 255 3.85 -9.16 90.30
N VAL J 256 2.84 -9.10 91.16
CA VAL J 256 2.86 -9.76 92.46
C VAL J 256 1.93 -10.97 92.42
N THR J 257 2.46 -12.12 92.83
CA THR J 257 1.67 -13.34 92.91
C THR J 257 1.12 -13.51 94.32
N GLY J 258 -0.20 -13.65 94.42
CA GLY J 258 -0.85 -13.78 95.71
C GLY J 258 -1.10 -12.48 96.45
N GLY J 259 -0.80 -11.34 95.84
CA GLY J 259 -1.02 -10.05 96.48
C GLY J 259 -1.74 -9.09 95.57
N THR J 260 -2.55 -8.23 96.17
CA THR J 260 -3.33 -7.24 95.45
C THR J 260 -2.97 -5.85 95.92
N GLY J 261 -3.00 -4.89 95.00
CA GLY J 261 -2.70 -3.50 95.31
C GLY J 261 -1.24 -3.12 95.25
N LYS J 262 -0.35 -4.08 95.04
CA LYS J 262 1.08 -3.81 94.91
C LYS J 262 1.53 -3.68 93.47
N ASP J 263 0.61 -3.74 92.51
CA ASP J 263 0.94 -3.70 91.09
C ASP J 263 0.86 -2.27 90.59
N GLY J 264 1.90 -1.83 89.88
CA GLY J 264 1.93 -0.49 89.31
C GLY J 264 3.32 -0.05 88.93
N TYR J 265 3.43 0.99 88.12
CA TYR J 265 4.72 1.51 87.69
C TYR J 265 5.34 2.30 88.84
N TYR J 266 6.24 1.64 89.59
CA TYR J 266 6.96 2.33 90.65
C TYR J 266 7.94 3.33 90.04
N GLU J 267 8.05 4.49 90.68
CA GLU J 267 9.03 5.49 90.28
C GLU J 267 10.38 5.12 90.87
N VAL J 268 11.35 4.85 90.00
CA VAL J 268 12.68 4.42 90.42
C VAL J 268 13.71 5.34 89.79
N SER J 269 14.74 5.68 90.57
CA SER J 269 15.88 6.48 90.14
C SER J 269 17.13 5.62 90.27
N VAL J 270 17.82 5.39 89.16
CA VAL J 270 18.92 4.43 89.11
C VAL J 270 20.21 5.18 88.82
N ASP J 271 21.22 4.96 89.65
CA ASP J 271 22.60 5.38 89.38
C ASP J 271 23.43 4.11 89.35
N LYS J 272 23.91 3.73 88.16
CA LYS J 272 24.56 2.44 87.97
C LYS J 272 25.94 2.36 88.63
N THR J 273 26.52 3.50 89.02
CA THR J 273 27.78 3.45 89.75
C THR J 273 27.64 2.70 91.06
N ASN J 274 26.55 2.95 91.79
CA ASN J 274 26.27 2.20 93.01
C ASN J 274 25.59 0.87 92.69
N GLY J 275 24.69 0.86 91.71
CA GLY J 275 23.95 -0.34 91.37
C GLY J 275 22.65 -0.53 92.11
N GLU J 276 22.10 0.52 92.72
CA GLU J 276 20.87 0.44 93.48
C GLU J 276 19.92 1.53 93.02
N VAL J 277 18.73 1.54 93.63
CA VAL J 277 17.66 2.48 93.28
C VAL J 277 17.40 3.38 94.48
N THR J 278 17.38 4.68 94.25
CA THR J 278 16.98 5.64 95.27
C THR J 278 15.46 5.63 95.39
N LEU J 279 14.96 5.47 96.61
CA LEU J 279 13.52 5.39 96.83
C LEU J 279 12.86 6.73 96.52
N ALA J 280 11.67 6.66 95.90
CA ALA J 280 10.90 7.86 95.57
C ALA J 280 10.02 8.20 96.76
N GLY J 281 10.40 9.24 97.49
CA GLY J 281 9.68 9.61 98.69
C GLY J 281 9.99 8.77 99.91
N GLY J 282 11.05 7.97 99.86
CA GLY J 282 11.40 7.12 100.98
C GLY J 282 10.40 6.01 101.26
N ALA J 283 9.78 5.46 100.22
CA ALA J 283 8.81 4.39 100.38
C ALA J 283 8.67 3.64 99.06
N THR J 284 8.11 2.43 99.15
CA THR J 284 7.86 1.60 97.99
C THR J 284 6.38 1.53 97.63
N SER J 285 5.59 2.51 98.08
CA SER J 285 4.16 2.50 97.82
C SER J 285 3.89 2.65 96.33
N PRO J 286 2.89 1.94 95.79
CA PRO J 286 2.59 2.05 94.35
C PRO J 286 2.10 3.44 93.98
N LEU J 287 2.37 3.82 92.74
CA LEU J 287 1.93 5.10 92.22
C LEU J 287 0.60 4.94 91.48
N THR J 288 0.09 6.08 90.99
CA THR J 288 -1.17 6.09 90.26
C THR J 288 -0.93 6.04 88.76
N GLY J 289 -2.01 6.16 88.00
CA GLY J 289 -1.93 6.15 86.56
C GLY J 289 -2.07 4.80 85.90
N GLY J 290 -2.13 3.73 86.68
CA GLY J 290 -2.24 2.39 86.13
C GLY J 290 -0.99 1.95 85.40
N LEU J 291 -1.10 1.73 84.09
CA LEU J 291 0.03 1.32 83.25
C LEU J 291 0.11 2.22 82.03
N PRO J 292 0.55 3.47 82.19
CA PRO J 292 0.66 4.37 81.03
C PRO J 292 2.03 4.34 80.39
N ALA J 293 2.07 4.42 79.05
CA ALA J 293 3.31 4.46 78.29
C ALA J 293 3.33 5.74 77.47
N THR J 294 4.40 6.53 77.61
CA THR J 294 4.50 7.78 76.86
C THR J 294 5.07 7.55 75.47
N ALA J 295 6.27 7.00 75.38
CA ALA J 295 6.93 6.78 74.11
C ALA J 295 6.62 5.37 73.60
N THR J 296 6.01 5.30 72.42
CA THR J 296 5.71 4.00 71.82
C THR J 296 6.95 3.32 71.27
N GLU J 297 7.94 4.09 70.80
CA GLU J 297 9.16 3.50 70.25
C GLU J 297 9.91 2.72 71.33
N ASP J 298 10.37 1.53 70.95
CA ASP J 298 11.12 0.65 71.85
C ASP J 298 12.39 0.20 71.15
N VAL J 299 13.45 0.05 71.94
CA VAL J 299 14.76 -0.36 71.43
C VAL J 299 15.13 -1.69 72.07
N LYS J 300 15.61 -2.62 71.24
CA LYS J 300 16.04 -3.92 71.76
C LYS J 300 17.19 -3.77 72.75
N ASN J 301 18.00 -2.73 72.59
CA ASN J 301 19.09 -2.47 73.52
C ASN J 301 18.62 -1.54 74.65
N VAL J 302 19.41 -1.51 75.72
CA VAL J 302 19.13 -0.60 76.83
C VAL J 302 19.46 0.82 76.40
N GLN J 303 18.56 1.75 76.71
CA GLN J 303 18.61 3.10 76.18
C GLN J 303 19.10 4.09 77.23
N VAL J 304 20.10 4.90 76.85
CA VAL J 304 20.57 6.01 77.65
C VAL J 304 20.66 7.23 76.74
N ALA J 305 20.13 8.37 77.21
CA ALA J 305 20.02 9.56 76.38
C ALA J 305 21.40 10.07 75.96
N ASN J 306 21.42 10.79 74.83
CA ASN J 306 22.67 11.32 74.31
C ASN J 306 23.22 12.47 75.16
N ALA J 307 22.60 12.78 76.29
CA ALA J 307 23.17 13.76 77.19
C ALA J 307 24.52 13.28 77.73
N ASP J 308 24.61 12.00 78.08
CA ASP J 308 25.87 11.43 78.52
C ASP J 308 26.84 11.16 77.37
N LEU J 309 26.31 10.88 76.18
CA LEU J 309 27.14 10.60 75.00
C LEU J 309 28.08 9.42 75.24
N THR J 310 27.52 8.31 75.75
CA THR J 310 28.35 7.18 76.09
C THR J 310 28.82 6.38 74.88
N GLU J 311 28.15 6.49 73.74
CA GLU J 311 28.64 5.81 72.55
C GLU J 311 29.87 6.51 71.96
N ALA J 312 29.83 7.84 71.88
CA ALA J 312 31.02 8.58 71.46
C ALA J 312 32.13 8.43 72.48
N LYS J 313 31.78 8.45 73.77
CA LYS J 313 32.76 8.20 74.82
C LYS J 313 33.43 6.84 74.61
N ALA J 314 32.63 5.80 74.44
CA ALA J 314 33.17 4.46 74.21
C ALA J 314 34.12 4.46 73.02
N ALA J 315 33.62 4.85 71.85
CA ALA J 315 34.43 4.81 70.64
C ALA J 315 35.74 5.56 70.82
N LEU J 316 35.66 6.85 71.18
CA LEU J 316 36.86 7.69 71.21
C LEU J 316 37.83 7.24 72.31
N THR J 317 37.34 7.07 73.54
CA THR J 317 38.23 6.74 74.65
C THR J 317 38.85 5.36 74.47
N ALA J 318 38.06 4.35 74.04
CA ALA J 318 38.63 3.05 73.77
C ALA J 318 39.66 3.12 72.65
N ALA J 319 39.39 3.91 71.61
CA ALA J 319 40.43 4.21 70.63
C ALA J 319 41.54 5.04 71.26
N GLY J 320 41.18 6.00 72.11
CA GLY J 320 42.16 6.83 72.78
C GLY J 320 42.64 7.98 71.91
N VAL J 321 41.71 8.71 71.31
CA VAL J 321 42.03 9.75 70.34
C VAL J 321 41.53 11.13 70.78
N THR J 322 40.29 11.19 71.28
CA THR J 322 39.69 12.47 71.65
C THR J 322 38.64 12.19 72.72
N GLY J 323 37.98 13.25 73.21
CA GLY J 323 36.96 13.13 74.23
C GLY J 323 35.56 13.46 73.74
N THR J 324 34.65 13.71 74.69
CA THR J 324 33.24 13.91 74.37
C THR J 324 33.04 15.21 73.60
N ALA J 325 32.12 15.18 72.63
CA ALA J 325 31.73 16.36 71.87
C ALA J 325 30.27 16.23 71.47
N SER J 326 29.63 17.38 71.27
CA SER J 326 28.19 17.43 71.05
C SER J 326 27.82 16.86 69.68
N VAL J 327 26.52 16.66 69.48
CA VAL J 327 25.95 16.14 68.25
C VAL J 327 25.02 17.19 67.67
N VAL J 328 25.20 17.48 66.38
CA VAL J 328 24.41 18.51 65.70
C VAL J 328 23.94 17.96 64.37
N LYS J 329 22.90 18.60 63.82
CA LYS J 329 22.45 18.27 62.47
C LYS J 329 23.37 18.90 61.44
N MET J 330 23.58 18.19 60.34
CA MET J 330 24.48 18.64 59.29
C MET J 330 23.67 19.34 58.20
N SER J 331 24.20 20.44 57.69
CA SER J 331 23.51 21.21 56.67
C SER J 331 24.51 21.64 55.60
N TYR J 332 23.99 21.87 54.41
CA TYR J 332 24.79 22.17 53.22
C TYR J 332 24.65 23.65 52.91
N THR J 333 25.58 24.46 53.42
CA THR J 333 25.63 25.87 53.06
C THR J 333 26.22 26.00 51.66
N ASP J 334 25.48 26.66 50.78
CA ASP J 334 25.85 26.76 49.38
C ASP J 334 25.32 28.08 48.83
N ASN J 335 25.92 28.54 47.73
CA ASN J 335 25.47 29.78 47.11
C ASN J 335 24.04 29.63 46.59
N ASN J 336 23.72 28.50 45.96
CA ASN J 336 22.36 28.26 45.50
C ASN J 336 21.40 28.07 46.67
N GLY J 337 21.89 27.59 47.80
CA GLY J 337 21.07 27.43 48.99
C GLY J 337 20.47 26.07 49.21
N LYS J 338 20.77 25.09 48.36
CA LYS J 338 20.25 23.74 48.55
C LYS J 338 20.87 23.11 49.78
N THR J 339 20.06 22.36 50.52
CA THR J 339 20.52 21.72 51.75
C THR J 339 19.66 20.50 52.02
N ILE J 340 20.31 19.34 52.12
CA ILE J 340 19.64 18.10 52.51
C ILE J 340 20.32 17.58 53.78
N ASP J 341 19.49 17.06 54.68
CA ASP J 341 19.95 16.66 56.02
C ASP J 341 20.37 15.20 55.97
N GLY J 342 21.68 14.95 56.07
CA GLY J 342 22.16 13.58 56.15
C GLY J 342 21.74 12.90 57.44
N GLY J 343 21.81 13.62 58.55
CA GLY J 343 21.42 13.07 59.84
C GLY J 343 22.13 13.79 60.97
N LEU J 344 21.65 13.53 62.18
CA LEU J 344 22.23 14.12 63.39
C LEU J 344 23.56 13.44 63.67
N ALA J 345 24.66 14.12 63.35
CA ALA J 345 25.99 13.54 63.44
C ALA J 345 26.84 14.31 64.45
N VAL J 346 27.89 13.64 64.95
CA VAL J 346 28.71 14.22 66.01
C VAL J 346 29.69 15.21 65.38
N LYS J 347 29.97 16.27 66.12
CA LYS J 347 30.96 17.28 65.71
C LYS J 347 32.03 17.37 66.79
N VAL J 348 33.21 16.83 66.51
CA VAL J 348 34.34 16.88 67.43
C VAL J 348 35.29 17.95 66.91
N GLY J 349 35.24 19.12 67.52
CA GLY J 349 36.08 20.22 67.06
C GLY J 349 35.79 20.56 65.61
N ASP J 350 36.84 20.59 64.80
CA ASP J 350 36.66 20.80 63.37
C ASP J 350 36.13 19.54 62.70
N ASP J 351 36.53 18.37 63.18
CA ASP J 351 36.12 17.11 62.56
C ASP J 351 34.63 16.87 62.78
N TYR J 352 34.01 16.21 61.81
CA TYR J 352 32.59 15.89 61.86
C TYR J 352 32.41 14.43 61.50
N TYR J 353 31.91 13.64 62.45
CA TYR J 353 31.76 12.20 62.28
C TYR J 353 30.29 11.85 62.10
N SER J 354 30.01 11.06 61.06
CA SER J 354 28.63 10.74 60.71
C SER J 354 27.97 9.87 61.78
N ALA J 355 26.72 10.20 62.10
CA ALA J 355 25.91 9.43 63.02
C ALA J 355 24.47 9.40 62.51
N THR J 356 23.85 8.23 62.56
CA THR J 356 22.52 8.03 61.99
C THR J 356 21.57 7.43 63.02
N GLN J 357 20.28 7.69 62.81
CA GLN J 357 19.23 7.12 63.64
C GLN J 357 18.72 5.81 63.03
N ASN J 358 18.62 4.78 63.85
CA ASN J 358 18.17 3.48 63.40
C ASN J 358 16.64 3.43 63.30
N LYS J 359 16.13 2.29 62.85
CA LYS J 359 14.70 2.11 62.68
C LYS J 359 13.97 2.18 64.02
N ASP J 360 14.51 1.56 65.05
CA ASP J 360 13.88 1.54 66.36
C ASP J 360 14.09 2.81 67.16
N GLY J 361 14.51 3.90 66.50
CA GLY J 361 14.82 5.14 67.17
C GLY J 361 16.22 5.23 67.71
N SER J 362 17.03 4.19 67.55
CA SER J 362 18.39 4.21 68.06
C SER J 362 19.26 5.15 67.24
N ILE J 363 19.98 6.03 67.93
CA ILE J 363 20.89 6.99 67.32
C ILE J 363 22.31 6.55 67.64
N SER J 364 23.05 6.12 66.61
CA SER J 364 24.38 5.59 66.79
C SER J 364 25.33 6.20 65.77
N ILE J 365 26.57 6.39 66.17
CA ILE J 365 27.60 6.90 65.26
C ILE J 365 27.80 5.89 64.14
N ASN J 366 27.92 6.39 62.91
CA ASN J 366 28.13 5.53 61.75
C ASN J 366 29.54 4.96 61.82
N THR J 367 29.70 3.89 62.60
CA THR J 367 30.98 3.23 62.79
C THR J 367 31.05 2.06 61.82
N THR J 368 31.88 2.21 60.78
CA THR J 368 32.04 1.15 59.80
C THR J 368 32.82 0.00 60.40
N LYS J 369 32.28 -1.22 60.26
CA LYS J 369 32.94 -2.44 60.72
C LYS J 369 33.65 -3.05 59.51
N TYR J 370 34.86 -2.57 59.24
CA TYR J 370 35.62 -3.00 58.08
C TYR J 370 36.58 -4.11 58.47
N THR J 371 36.61 -5.18 57.67
CA THR J 371 37.54 -6.27 57.95
C THR J 371 38.96 -5.81 57.69
N ALA J 372 39.83 -6.01 58.68
CA ALA J 372 41.20 -5.54 58.65
C ALA J 372 42.15 -6.72 58.48
N ASP J 373 43.45 -6.40 58.40
CA ASP J 373 44.47 -7.43 58.21
C ASP J 373 44.73 -8.24 59.47
N ASP J 374 44.20 -7.81 60.61
CA ASP J 374 44.39 -8.55 61.86
C ASP J 374 43.49 -9.76 61.97
N GLY J 375 42.55 -9.95 61.04
CA GLY J 375 41.63 -11.06 61.08
C GLY J 375 40.32 -10.76 61.77
N THR J 376 40.17 -9.60 62.38
CA THR J 376 38.95 -9.19 63.06
C THR J 376 38.42 -7.91 62.44
N SER J 377 37.09 -7.81 62.34
CA SER J 377 36.47 -6.64 61.74
C SER J 377 36.64 -5.44 62.66
N LYS J 378 37.53 -4.53 62.31
CA LYS J 378 37.74 -3.33 63.12
C LYS J 378 36.58 -2.37 62.91
N THR J 379 36.02 -1.89 64.03
CA THR J 379 34.90 -0.96 64.01
C THR J 379 35.43 0.45 64.24
N ALA J 380 35.50 1.24 63.19
CA ALA J 380 36.04 2.60 63.25
C ALA J 380 34.98 3.60 62.84
N LEU J 381 34.86 4.67 63.61
CA LEU J 381 33.88 5.72 63.31
C LEU J 381 34.29 6.49 62.06
N ASN J 382 33.30 6.93 61.30
CA ASN J 382 33.51 7.46 59.96
C ASN J 382 33.50 8.98 59.97
N LYS J 383 33.91 9.57 58.84
CA LYS J 383 34.00 11.01 58.69
C LYS J 383 33.38 11.42 57.35
N LEU J 384 33.48 12.70 57.04
CA LEU J 384 33.05 13.23 55.76
C LEU J 384 34.21 13.28 54.78
N GLY J 385 33.88 13.24 53.49
CA GLY J 385 34.88 13.25 52.45
C GLY J 385 34.50 14.18 51.33
N GLY J 386 35.52 14.66 50.62
CA GLY J 386 35.31 15.53 49.49
C GLY J 386 35.15 16.99 49.90
N ALA J 387 35.27 17.87 48.91
CA ALA J 387 35.02 19.29 49.15
C ALA J 387 33.55 19.56 49.47
N ASP J 388 32.65 18.75 48.90
CA ASP J 388 31.24 18.87 49.22
C ASP J 388 30.96 18.52 50.68
N GLY J 389 31.62 17.48 51.19
CA GLY J 389 31.34 16.96 52.51
C GLY J 389 30.11 16.08 52.57
N LYS J 390 29.40 15.89 51.45
CA LYS J 390 28.21 15.05 51.45
C LYS J 390 28.56 13.58 51.56
N THR J 391 29.68 13.18 50.98
CA THR J 391 30.08 11.78 50.94
C THR J 391 30.60 11.32 52.30
N GLU J 392 30.29 10.07 52.63
CA GLU J 392 30.75 9.45 53.86
C GLU J 392 31.97 8.58 53.57
N VAL J 393 33.00 8.73 54.40
CA VAL J 393 34.28 8.06 54.21
C VAL J 393 34.67 7.39 55.51
N VAL J 394 35.58 6.40 55.40
CA VAL J 394 35.97 5.55 56.52
C VAL J 394 37.40 5.87 56.91
N SER J 395 37.63 5.99 58.21
CA SER J 395 38.97 6.26 58.75
C SER J 395 39.68 4.94 59.01
N ILE J 396 40.68 4.64 58.19
CA ILE J 396 41.45 3.40 58.30
C ILE J 396 42.93 3.75 58.39
N GLY J 397 43.65 3.05 59.25
CA GLY J 397 45.09 3.25 59.37
C GLY J 397 45.50 4.65 59.73
N GLY J 398 44.61 5.42 60.37
CA GLY J 398 44.89 6.78 60.73
C GLY J 398 44.62 7.82 59.66
N LYS J 399 44.09 7.41 58.49
CA LYS J 399 43.79 8.37 57.45
C LYS J 399 42.47 8.01 56.77
N THR J 400 41.95 8.96 56.01
CA THR J 400 40.64 8.81 55.40
C THR J 400 40.72 8.01 54.10
N TYR J 401 39.68 7.21 53.85
CA TYR J 401 39.57 6.46 52.62
C TYR J 401 38.12 6.46 52.16
N ALA J 402 37.93 6.34 50.85
CA ALA J 402 36.59 6.16 50.31
C ALA J 402 36.03 4.80 50.72
N ALA J 403 34.71 4.70 50.82
CA ALA J 403 34.05 3.48 51.28
C ALA J 403 33.91 2.42 50.18
N SER J 404 34.68 2.49 49.11
CA SER J 404 34.53 1.57 47.98
C SER J 404 34.83 0.11 48.30
N LYS J 405 36.09 -0.21 48.61
CA LYS J 405 36.52 -1.60 48.50
C LYS J 405 36.82 -2.26 49.85
N ALA J 406 37.73 -1.67 50.63
CA ALA J 406 38.42 -2.44 51.67
C ALA J 406 37.50 -2.98 52.76
N GLU J 407 36.35 -2.34 52.99
CA GLU J 407 35.46 -2.83 54.05
C GLU J 407 34.83 -4.15 53.63
N GLY J 408 34.71 -5.07 54.60
CA GLY J 408 34.06 -6.33 54.36
C GLY J 408 34.97 -7.45 53.88
N HIS J 409 36.27 -7.22 53.81
CA HIS J 409 37.21 -8.27 53.42
C HIS J 409 38.59 -7.93 53.94
N ASN J 410 39.41 -8.97 54.10
CA ASN J 410 40.73 -8.82 54.69
C ASN J 410 41.64 -7.98 53.78
N PHE J 411 42.58 -7.27 54.41
CA PHE J 411 43.57 -6.52 53.65
C PHE J 411 44.56 -7.43 52.92
N LYS J 412 44.56 -8.73 53.20
CA LYS J 412 45.40 -9.66 52.45
C LYS J 412 45.02 -9.68 50.98
N ALA J 413 43.73 -9.48 50.68
CA ALA J 413 43.28 -9.40 49.30
C ALA J 413 43.60 -8.04 48.69
N GLN J 414 43.09 -6.97 49.30
CA GLN J 414 43.35 -5.61 48.84
C GLN J 414 44.14 -4.87 49.91
N PRO J 415 45.43 -4.64 49.71
CA PRO J 415 46.25 -4.02 50.77
C PRO J 415 45.93 -2.55 51.00
N ASP J 416 45.77 -1.79 49.92
CA ASP J 416 45.58 -0.35 50.00
C ASP J 416 44.24 0.03 49.40
N LEU J 417 43.55 0.95 50.06
CA LEU J 417 42.25 1.42 49.63
C LEU J 417 42.37 2.80 49.00
N ALA J 418 41.51 3.05 48.00
CA ALA J 418 41.46 4.36 47.37
C ALA J 418 40.88 5.39 48.32
N GLU J 419 41.46 6.58 48.31
CA GLU J 419 41.05 7.67 49.19
C GLU J 419 40.42 8.80 48.38
N ALA J 420 39.58 9.59 49.05
CA ALA J 420 38.95 10.77 48.46
C ALA J 420 39.58 12.02 49.05
N ALA J 421 39.97 12.95 48.19
CA ALA J 421 40.60 14.18 48.66
C ALA J 421 39.62 14.99 49.50
N ALA J 422 40.15 15.64 50.55
CA ALA J 422 39.31 16.41 51.45
C ALA J 422 38.74 17.66 50.79
N THR J 423 39.28 18.07 49.65
CA THR J 423 38.78 19.24 48.93
C THR J 423 38.78 18.95 47.44
N THR J 424 38.61 19.99 46.62
CA THR J 424 38.76 19.80 45.18
C THR J 424 40.19 19.38 44.87
N THR J 425 40.32 18.48 43.90
CA THR J 425 41.60 17.83 43.67
C THR J 425 42.63 18.85 43.17
N GLU J 426 43.89 18.61 43.55
CA GLU J 426 44.95 19.60 43.42
C GLU J 426 45.31 19.89 41.97
N ASN J 427 45.38 21.19 41.65
CA ASN J 427 45.85 21.73 40.37
C ASN J 427 45.11 21.07 39.21
N PRO J 428 43.86 21.46 38.97
CA PRO J 428 43.04 20.72 37.98
C PRO J 428 43.62 20.72 36.57
N LEU J 429 44.24 21.82 36.13
CA LEU J 429 44.79 21.86 34.78
C LEU J 429 45.91 20.83 34.63
N GLN J 430 46.77 20.72 35.64
CA GLN J 430 47.80 19.68 35.62
C GLN J 430 47.21 18.28 35.73
N LYS J 431 45.98 18.14 36.26
CA LYS J 431 45.38 16.81 36.29
C LYS J 431 44.72 16.46 34.97
N ILE J 432 44.25 17.45 34.22
CA ILE J 432 43.91 17.20 32.82
C ILE J 432 45.16 16.79 32.06
N ASP J 433 46.28 17.48 32.31
CA ASP J 433 47.54 17.06 31.73
C ASP J 433 47.92 15.65 32.17
N ALA J 434 47.59 15.28 33.40
CA ALA J 434 47.88 13.93 33.89
C ALA J 434 46.97 12.89 33.25
N ALA J 435 45.73 13.24 32.96
CA ALA J 435 44.86 12.32 32.21
C ALA J 435 45.40 12.13 30.79
N LEU J 436 45.86 13.22 30.17
CA LEU J 436 46.57 13.08 28.89
C LEU J 436 47.83 12.26 29.03
N ALA J 437 48.52 12.34 30.18
CA ALA J 437 49.71 11.52 30.39
C ALA J 437 49.35 10.05 30.58
N GLN J 438 48.19 9.78 31.18
CA GLN J 438 47.68 8.41 31.23
C GLN J 438 47.39 7.90 29.82
N VAL J 439 46.77 8.74 28.98
CA VAL J 439 46.53 8.37 27.60
C VAL J 439 47.86 8.14 26.88
N ASP J 440 48.88 8.93 27.21
CA ASP J 440 50.20 8.76 26.61
C ASP J 440 50.90 7.51 27.11
N THR J 441 50.66 7.09 28.34
CA THR J 441 51.21 5.83 28.83
C THR J 441 50.54 4.66 28.13
N LEU J 442 49.21 4.70 27.98
CA LEU J 442 48.52 3.72 27.16
C LEU J 442 49.00 3.74 25.72
N ARG J 443 49.37 4.94 25.23
CA ARG J 443 49.93 5.06 23.89
C ARG J 443 51.31 4.43 23.80
N SER J 444 52.14 4.59 24.83
CA SER J 444 53.44 3.94 24.85
C SER J 444 53.28 2.42 24.86
N ASP J 445 52.36 1.93 25.69
CA ASP J 445 52.11 0.48 25.72
C ASP J 445 51.59 -0.01 24.37
N LEU J 446 50.62 0.71 23.79
CA LEU J 446 50.10 0.33 22.48
C LEU J 446 51.18 0.34 21.43
N GLY J 447 51.99 1.40 21.38
CA GLY J 447 53.04 1.48 20.38
C GLY J 447 54.03 0.34 20.51
N ALA J 448 54.61 0.17 21.70
CA ALA J 448 55.59 -0.89 21.89
C ALA J 448 54.99 -2.25 21.56
N VAL J 449 53.86 -2.58 22.18
CA VAL J 449 53.24 -3.89 21.98
C VAL J 449 52.94 -4.12 20.50
N GLN J 450 52.21 -3.18 19.89
CA GLN J 450 51.72 -3.39 18.53
C GLN J 450 52.84 -3.41 17.51
N ASN J 451 53.75 -2.42 17.54
CA ASN J 451 54.78 -2.39 16.51
C ASN J 451 55.79 -3.53 16.69
N ARG J 452 56.16 -3.85 17.93
CA ARG J 452 57.17 -4.88 18.10
C ARG J 452 56.55 -6.25 17.88
N PHE J 453 55.24 -6.41 18.12
CA PHE J 453 54.57 -7.64 17.72
C PHE J 453 54.29 -7.72 16.23
N ASN J 454 54.26 -6.57 15.54
CA ASN J 454 54.23 -6.62 14.08
C ASN J 454 55.57 -7.10 13.53
N SER J 455 56.66 -6.56 14.07
CA SER J 455 57.98 -7.09 13.72
C SER J 455 58.13 -8.53 14.19
N ALA J 456 57.40 -8.93 15.23
CA ALA J 456 57.41 -10.32 15.69
C ALA J 456 56.59 -11.22 14.79
N ILE J 457 55.52 -10.71 14.17
CA ILE J 457 54.83 -11.45 13.13
C ILE J 457 55.74 -11.64 11.92
N THR J 458 56.49 -10.59 11.57
CA THR J 458 57.51 -10.73 10.53
C THR J 458 58.57 -11.75 10.93
N ASN J 459 58.98 -11.75 12.20
CA ASN J 459 59.94 -12.73 12.69
C ASN J 459 59.35 -14.15 12.69
N LEU J 460 58.04 -14.26 12.91
CA LEU J 460 57.37 -15.55 12.78
C LEU J 460 57.36 -16.01 11.33
N GLY J 461 57.18 -15.08 10.41
CA GLY J 461 57.35 -15.42 9.00
C GLY J 461 58.76 -15.90 8.69
N ASN J 462 59.75 -15.23 9.27
CA ASN J 462 61.14 -15.69 9.12
C ASN J 462 61.33 -17.07 9.72
N THR J 463 60.72 -17.33 10.87
CA THR J 463 60.82 -18.64 11.50
C THR J 463 60.19 -19.72 10.63
N VAL J 464 59.03 -19.41 10.02
CA VAL J 464 58.42 -20.34 9.09
C VAL J 464 59.29 -20.53 7.86
N ASN J 465 60.00 -19.48 7.43
CA ASN J 465 60.97 -19.62 6.34
C ASN J 465 62.10 -20.57 6.73
N ASN J 466 62.60 -20.46 7.97
CA ASN J 466 63.62 -21.39 8.45
C ASN J 466 63.08 -22.81 8.51
N LEU J 467 61.83 -22.96 8.94
CA LEU J 467 61.20 -24.28 8.97
C LEU J 467 61.08 -24.86 7.57
N THR J 468 60.73 -24.02 6.59
CA THR J 468 60.67 -24.46 5.20
C THR J 468 62.04 -24.86 4.69
N SER J 469 63.07 -24.10 5.05
CA SER J 469 64.44 -24.47 4.67
C SER J 469 64.83 -25.81 5.26
N ALA J 470 64.46 -26.05 6.52
CA ALA J 470 64.72 -27.35 7.15
C ALA J 470 63.95 -28.47 6.44
N ARG J 471 62.70 -28.20 6.07
CA ARG J 471 61.89 -29.19 5.35
C ARG J 471 62.52 -29.53 4.00
N SER J 472 63.03 -28.52 3.29
CA SER J 472 63.76 -28.77 2.06
C SER J 472 65.02 -29.58 2.33
N ARG J 473 65.74 -29.24 3.41
CA ARG J 473 66.89 -30.04 3.82
C ARG J 473 66.47 -31.45 4.24
N ILE J 474 65.36 -31.56 4.95
CA ILE J 474 64.86 -32.85 5.41
C ILE J 474 63.78 -33.38 4.47
#